data_6FHS
#
_entry.id   6FHS
#
_cell.length_a   1.00
_cell.length_b   1.00
_cell.length_c   1.00
_cell.angle_alpha   90.00
_cell.angle_beta   90.00
_cell.angle_gamma   90.00
#
_symmetry.space_group_name_H-M   'P 1'
#
loop_
_entity.id
_entity.type
_entity.pdbx_description
1 polymer 'RuvB-like helicase'
2 polymer 'RuvB-like helicase'
3 polymer Ino80
4 polymer les2
5 polymer les6
6 polymer Arp5
7 non-polymer "ADENOSINE-5'-DIPHOSPHATE"
8 non-polymer "ADENOSINE-5'-TRIPHOSPHATE"
#
loop_
_entity_poly.entity_id
_entity_poly.type
_entity_poly.pdbx_seq_one_letter_code
_entity_poly.pdbx_strand_id
1 'polypeptide(L)'
;MVQISEVRGNTRDHRTAAHTHIKGLGLNSSGIAEKQAAGFVGQCAAREACGVVVDLIKAHKMAGRGVLLAGGPGTGKTAL
ALAISQELGTKIPFCPITGSEIYSTEVKKTEVLMENFRRAIGLRVRETKDVYEGEVTEMTPEEAENPLGGYGKTISTLLI
GLKSARGQKKLRLDPSIYEAIQKERVQVGDVIYIETNTGACKRVGRSDAYATEFDLEAEEYVPIPKGEVHKKKEIVQDVT
LHDLDVANARPQGGQDIISMMGQLMKPKMTEITDKLRMEINKVVQKYINQGVAELIPGVLFIDEAHMLDIECFTYLNKAL
ESPIAPIVVLASNRGIATIRGADDLKAAHGIPPDFLQRLLIIPTHPYEPDEIRRIVRIRAQTEGVQLTDAAVDRVAEHGV
RISLRYCLQLLAPASILARVNGRTQVDVQDIAEAEELFLDARRSANILTSTGESGGLHGFIS
;
A,B,C
2 'polypeptide(L)'
;MAAPLVTSVTETKELRGLNLIAAHSHIRGLGVDADTLEPRPSSQGLVGQEKARKAAAVVLEMIKQGKIAGRAVLIAGPPS
TGKTAIAMGMAQSLGQDVPFTTLAASEIFSLEMSKTEALTQAFRKSIGVRIKEESEIMEGEVVEIQIDRSVTGGAKQGKL
TIKTTDMEAIYDMGSKMIDAMTKERVMAGDIISIDKSSGKITKLGRSYARSRDYDAMGVDTKFLQCPEGELQKRKEVVHT
VSLHEIDVINSRTQGFLALFSGDTGEIRSEIRDQINTKVAEWKEEGKAEIVPGVLFIDEVHMLDIECFSYINRALESDLA
PIVIMASNRGVSRIRGTDYKSPHGLPLDFLDRVVIINTHPYTPDELRQILSIRAQEEEVDLTPDALALLTKIGQEAGLRY
ASNLITTSQLIAAKRRAKQVGVEDVQRSFKLFYDPARSVRFVQESEKRLIGNDGVVDFSYQGAAEAAAPTLPAAAPVDPV
GGEKMDMS
;
D,E,F
3 'polypeptide(L)'
;MTDSYATKASNLKKTAILASKEAKRWQLRTNKGTKDLQARAKRVMRDMMGFWKRNEREERDLRKAAERLELENARKEEAD
REAARQRRKLNFLISQTELYSHFISKKIKTHEVERSTDHPDVATDEKDKIPEPTLNINVPEPTGPIAPKVTDFNSLDFDN
EDESALQAAAMANAQNAIAEAQKKAREFNKDETKLDEDGEMNFQHPELTEFEVAQPKLLNCQLKEYQLKGLNWLVNLYEQ
GINGILADEMGLGKTVQSISVMAYLAERYDIWGPFLVVAPASTLHNWQQEVSKFVPDFKVLPYWGTAADRKVLRKFWDRK
HTTYKKDSPFHVMITSYQLVVSDVAYFQKMKWQYMILDEAQAIKSSQSSRWKCLLGFHCRNRLLLTGTPIQNNMQELWAL
LHFIMPSLFDSHDEFSEWFSKDIESHAQSNTKLNEDQLKRLHMILKPFMLRRVKKHVQKELGDKIEIDVFCELSYRQRAM
YQSLRNQISIMDLIEKATVGDNEDSATLMNLVMQFRKVCNHPDLFERADTSSPFFCGHFAETGSFLREGTNVALGYSTRS
LVEYRLPRLIWCDGGRLDKPGPGNLVAGFRSKYLNHMMNIWTPENIRSSLEGIENFTWLRFVDTSLQEAYRASHTDVFAR
AVDLASKQNRLGHMQIVYDEPEDKKWTPVHALFQICERENPKAVAEITTEGVLRDLMNIARVKYRELGLCRLEKAARPRA
SAPPIEVVCDSRSAVIERENIMFHPAMRKALFGPTPSEIKEASFGPRPVTLYPPRALLPAPDHDKQRFTNITVPSMARFV
TDSGKLAKLDELLRELKEGGHRVLLYFQMTRMIDLMEEYLTYRNYKYCRLDGSTKLEDRRDTVADFQTRPEIFIFLLSTR
AGGLGINLTTADTVIFYDSDWNPTIDSQAMDRAHRLGQTKQVTVYRLITRGTIEERIRKRALQKEEVQRVVITGTGSVDF
SGRRPPENRNRDIAMWLADDEQAEMIERREKELIESGEYDKIMQQRRKGGKRKRGAANGDTVPSLEDMYHEGEGHFDDNK
GSGAATPVDADSLGRGGKRKKAGGSKKAKTTKQRLAIADGEIDDGEIDIDYKDDDDKGTDYKDDDDK
;
G
4 'polypeptide(L)'
;MSTRPRRHAAQRASQAITDLADRDRESDHSHGPISSRMSSFNSSSRSRLPGKGIASVSRSEAGGASDPEHIHLTVKLPSS
KLRQATSSSGIKKAGSVGSSSSSSGGGKAAVKRARGGKRSRVLESSEEEEEENEVEVLGDEDEEEEEEEDEIEVREGEGY
DEDEEDVEDEDEEMQDLGEEDADGEDDEMDVDAEGEEDADGDVNMDAGVVGARATTVRAVPPAIKVTKPPKESPSNGKAA
TASKANDNAVPVKRPAPDSDDESLSSLESEPEEEVNVAGGEDAEGEDDDAEGEVDAEGEEEEEEEEIEVADEDAEGEDVE
QDEDEDEEEEDDDDEMISRAQTPDMSRLTARQRARLGEASGEYLKLSDEVQSKKHFTAEELSMRRAEMARRRRNLSEKRN
EEIKMETVNKLLKKQAPRTTRRAAQAAAAAEEAEEAAKQPKRPDPMMIRWVNNKMGSVVAVPEELLGTHAGVVFGAGPGK
GLPAGKMVEEV
;
H
5 'polypeptide(L)'
;MSNPDAQSAQAAHQALVEQLDLHSIHKTFRNPNWRPNQRRNKTIKAILGESQRKEASSTSAVATPRADDNGGGSGADTPA
NNDNNDGLSTSGTSTPANGNGSGAGTPASNGQPNLAQASRSLQKLVLEKSLASAQAPDKKAANGFASSAPTATYTNIESA
PSLAPMKHYCDVTGLPAPYLDPKTRLRYHNKEIFAMIRNLPQGMGEQFLEARGAHTVLK
;
I
6 'polypeptide(L)'
;MAPSAVAEPPPIPQRDEPWKRLPPPTVYPVKEARFEKYIPPQLDGRERALAQPPGQVAIVIDNGSHSVRAGWNFEDKPRL
AIPPIMSKYRDRKMGKTFSFAGSDCYADTTARSHIRNAFEAGTGIVSNWDVMEHVLDYVFVKLGMNECDGAIDMPIVMTE
AVANLPYSRKSMSEIIFECYGAPSLVYGIDSLFSFRHNQGQTGLVVSSSYSATHVIPVYNRKALLSQAIRLNWGGWHMAE
YMLKLLKLKYYTGFPGKLNSSQTEHMVRDFCYVSLDYDRELAGYLDWTGLEDRERIVQYPYTEEVVVQKTEEELARIAER
KKESGRRLQEQAAKMRLERLMKKEQELEYYKDIQRRMQGESKKEIKRLLDEAELKDEAALERVIRDLERSIKRARQKDLG
EPEEEEVPDFSLLDVPDDQLDEAGLRQKRQQRLLKSNWEARQRAKAEKEAEKARLAEEARLDEERRKNDLEGWLEEKRQL
RLAKLNQLKERERLKADLGNRKSLASQIRMKNIANLASDNPTGSGSRKRRRGGAGADQDDDFGADDADWGVYRSVAIGAN
KGDDSDDEEGEEDLEAAIRSLENDLLRYDKTFSYDMTLDAQRDWSKSLLHAFRYGPRPFDPSSQAETHRVHLNVERIRVP
EVLFQPAAIAGVDQAGLVEIAGDILCQRLPSLPGIQDAPDAFLRDVFLTGGNTLFQNFDERLRQGLMALLPVGAPLRVRR
AQDAILDAWRGAAGWACTEEAKAAWITREEYLEKGGEYIKEHDLGNAFA
;
J
#
loop_
_chem_comp.id
_chem_comp.type
_chem_comp.name
_chem_comp.formula
ADP non-polymer ADENOSINE-5'-DIPHOSPHATE 'C10 H15 N5 O10 P2'
ATP non-polymer ADENOSINE-5'-TRIPHOSPHATE 'C10 H16 N5 O13 P3'
#
# COMPACT_ATOMS: atom_id res chain seq x y z
N HIS A 14 -47.13 -7.84 -0.70
CA HIS A 14 -48.48 -7.52 -1.14
C HIS A 14 -48.55 -6.05 -1.51
N ARG A 15 -47.82 -5.66 -2.55
CA ARG A 15 -47.86 -4.31 -3.09
C ARG A 15 -47.88 -4.43 -4.60
N THR A 16 -48.92 -3.89 -5.23
CA THR A 16 -49.05 -3.95 -6.68
C THR A 16 -48.12 -2.93 -7.30
N ALA A 17 -47.01 -3.39 -7.87
CA ALA A 17 -46.07 -2.53 -8.56
C ALA A 17 -46.55 -2.29 -9.98
N ALA A 18 -45.68 -1.73 -10.82
CA ALA A 18 -46.05 -1.51 -12.22
C ALA A 18 -46.07 -2.81 -13.00
N HIS A 19 -45.30 -3.81 -12.56
CA HIS A 19 -45.20 -5.10 -13.23
C HIS A 19 -45.56 -6.20 -12.23
N THR A 20 -46.84 -6.48 -12.10
CA THR A 20 -47.31 -7.54 -11.21
C THR A 20 -48.15 -8.58 -11.94
N HIS A 21 -48.96 -8.15 -12.91
CA HIS A 21 -49.77 -9.07 -13.70
C HIS A 21 -48.94 -9.94 -14.62
N ILE A 22 -47.71 -9.55 -14.95
CA ILE A 22 -46.85 -10.36 -15.81
C ILE A 22 -46.37 -11.58 -15.04
N LYS A 23 -46.74 -12.77 -15.53
CA LYS A 23 -46.33 -14.02 -14.90
C LYS A 23 -45.57 -14.92 -15.86
N GLY A 24 -45.14 -14.40 -16.99
CA GLY A 24 -44.45 -15.22 -17.97
C GLY A 24 -44.82 -14.84 -19.40
N LEU A 25 -44.20 -15.51 -20.37
CA LEU A 25 -44.48 -15.17 -21.77
C LEU A 25 -45.81 -15.76 -22.23
N GLY A 26 -46.24 -16.87 -21.65
CA GLY A 26 -47.46 -17.52 -22.11
C GLY A 26 -47.30 -18.13 -23.47
N LEU A 27 -46.48 -19.17 -23.57
CA LEU A 27 -46.17 -19.83 -24.83
C LEU A 27 -46.81 -21.22 -24.88
N ASN A 28 -47.05 -21.69 -26.10
CA ASN A 28 -47.58 -23.03 -26.28
C ASN A 28 -46.46 -24.05 -26.24
N SER A 29 -46.81 -25.32 -26.47
CA SER A 29 -45.81 -26.38 -26.49
C SER A 29 -44.92 -26.29 -27.72
N SER A 30 -45.45 -25.80 -28.83
CA SER A 30 -44.70 -25.64 -30.06
C SER A 30 -44.03 -24.28 -30.19
N GLY A 31 -43.92 -23.54 -29.08
CA GLY A 31 -43.23 -22.27 -29.10
C GLY A 31 -43.95 -21.15 -29.80
N ILE A 32 -45.26 -21.25 -29.95
CA ILE A 32 -46.07 -20.23 -30.63
C ILE A 32 -46.78 -19.41 -29.57
N ALA A 33 -46.63 -18.09 -29.64
CA ALA A 33 -47.24 -17.20 -28.67
C ALA A 33 -48.74 -17.07 -28.90
N GLU A 34 -49.52 -17.44 -27.89
CA GLU A 34 -50.97 -17.27 -27.92
C GLU A 34 -51.30 -15.99 -27.19
N LYS A 35 -52.03 -15.10 -27.85
CA LYS A 35 -52.27 -13.76 -27.31
C LYS A 35 -53.28 -13.80 -26.17
N GLN A 36 -53.14 -12.83 -25.26
CA GLN A 36 -53.89 -12.71 -24.00
C GLN A 36 -53.76 -13.99 -23.17
N ALA A 37 -52.52 -14.23 -22.73
CA ALA A 37 -52.23 -15.37 -21.89
C ALA A 37 -51.07 -15.03 -20.97
N ALA A 38 -51.27 -15.29 -19.67
CA ALA A 38 -50.27 -15.12 -18.61
C ALA A 38 -49.76 -13.68 -18.53
N GLY A 39 -50.67 -12.73 -18.68
CA GLY A 39 -50.36 -11.34 -18.40
C GLY A 39 -50.25 -10.44 -19.62
N PHE A 40 -49.60 -10.92 -20.67
CA PHE A 40 -49.43 -10.11 -21.87
C PHE A 40 -50.73 -10.04 -22.66
N VAL A 41 -50.78 -9.05 -23.55
CA VAL A 41 -51.85 -8.91 -24.52
C VAL A 41 -51.22 -8.69 -25.89
N GLY A 42 -51.45 -9.63 -26.81
CA GLY A 42 -50.88 -9.52 -28.13
C GLY A 42 -49.38 -9.72 -28.08
N GLN A 43 -48.67 -8.93 -28.90
CA GLN A 43 -47.21 -8.85 -28.95
C GLN A 43 -46.60 -10.22 -29.26
N CYS A 44 -46.90 -10.69 -30.48
CA CYS A 44 -46.56 -12.05 -30.87
C CYS A 44 -45.09 -12.20 -31.23
N ALA A 45 -44.62 -11.37 -32.16
CA ALA A 45 -43.27 -11.47 -32.71
C ALA A 45 -42.19 -11.10 -31.71
N ALA A 46 -42.53 -10.42 -30.63
CA ALA A 46 -41.54 -10.19 -29.59
C ALA A 46 -41.50 -11.33 -28.58
N ARG A 47 -42.66 -11.90 -28.22
CA ARG A 47 -42.67 -12.96 -27.23
C ARG A 47 -42.17 -14.28 -27.78
N GLU A 48 -42.36 -14.54 -29.07
CA GLU A 48 -41.75 -15.75 -29.65
C GLU A 48 -40.23 -15.64 -29.68
N ALA A 49 -39.71 -14.44 -29.99
CA ALA A 49 -38.27 -14.24 -30.00
C ALA A 49 -37.70 -14.29 -28.58
N CYS A 50 -38.46 -13.81 -27.59
CA CYS A 50 -38.02 -13.93 -26.21
C CYS A 50 -38.04 -15.39 -25.74
N GLY A 51 -38.99 -16.19 -26.23
CA GLY A 51 -38.96 -17.62 -25.93
C GLY A 51 -37.76 -18.31 -26.53
N VAL A 52 -37.36 -17.91 -27.74
CA VAL A 52 -36.13 -18.42 -28.34
C VAL A 52 -34.91 -18.02 -27.51
N VAL A 53 -34.90 -16.79 -26.98
CA VAL A 53 -33.81 -16.35 -26.13
C VAL A 53 -33.77 -17.16 -24.82
N VAL A 54 -34.94 -17.44 -24.24
CA VAL A 54 -35.00 -18.20 -22.99
C VAL A 54 -34.49 -19.63 -23.19
N ASP A 55 -34.88 -20.28 -24.28
CA ASP A 55 -34.33 -21.61 -24.53
C ASP A 55 -32.88 -21.56 -25.02
N LEU A 56 -32.38 -20.41 -25.46
CA LEU A 56 -30.95 -20.26 -25.69
C LEU A 56 -30.19 -20.17 -24.38
N ILE A 57 -30.80 -19.57 -23.36
CA ILE A 57 -30.20 -19.51 -22.03
C ILE A 57 -30.17 -20.89 -21.41
N LYS A 58 -31.26 -21.65 -21.52
CA LYS A 58 -31.37 -22.94 -20.84
C LYS A 58 -30.77 -24.10 -21.64
N ALA A 59 -29.82 -23.83 -22.54
CA ALA A 59 -29.16 -24.89 -23.29
C ALA A 59 -27.64 -24.88 -23.17
N HIS A 60 -27.04 -23.80 -22.64
CA HIS A 60 -25.63 -23.71 -22.23
C HIS A 60 -24.67 -23.86 -23.40
N LYS A 61 -25.09 -23.51 -24.61
CA LYS A 61 -24.19 -23.34 -25.74
C LYS A 61 -23.88 -21.87 -25.99
N MET A 62 -23.91 -21.07 -24.94
CA MET A 62 -23.88 -19.61 -25.02
C MET A 62 -22.61 -19.11 -24.35
N ALA A 63 -21.85 -18.30 -25.06
CA ALA A 63 -20.68 -17.63 -24.49
C ALA A 63 -20.64 -16.19 -24.94
N GLY A 64 -21.78 -15.51 -24.82
CA GLY A 64 -21.88 -14.12 -25.21
C GLY A 64 -22.65 -13.93 -26.48
N ARG A 65 -23.92 -13.58 -26.34
CA ARG A 65 -24.81 -13.29 -27.46
C ARG A 65 -25.53 -11.99 -27.19
N GLY A 66 -25.74 -11.21 -28.24
CA GLY A 66 -26.37 -9.92 -28.08
C GLY A 66 -27.82 -9.91 -28.53
N VAL A 67 -28.72 -9.49 -27.63
CA VAL A 67 -30.16 -9.47 -27.91
C VAL A 67 -30.65 -8.06 -27.61
N LEU A 68 -31.04 -7.33 -28.65
CA LEU A 68 -31.51 -5.95 -28.50
C LEU A 68 -33.03 -5.93 -28.52
N LEU A 69 -33.63 -5.12 -27.65
CA LEU A 69 -35.07 -4.96 -27.58
C LEU A 69 -35.41 -3.52 -27.97
N ALA A 70 -35.71 -3.30 -29.24
CA ALA A 70 -36.01 -1.97 -29.74
C ALA A 70 -37.46 -1.63 -29.45
N GLY A 71 -37.95 -0.56 -30.04
CA GLY A 71 -39.33 -0.18 -29.83
C GLY A 71 -39.44 1.06 -28.96
N GLY A 72 -40.50 1.83 -29.20
CA GLY A 72 -40.70 3.09 -28.53
C GLY A 72 -41.07 2.93 -27.07
N PRO A 73 -41.05 4.03 -26.32
CA PRO A 73 -41.40 3.94 -24.90
C PRO A 73 -42.89 3.72 -24.71
N GLY A 74 -43.22 2.90 -23.71
CA GLY A 74 -44.59 2.52 -23.48
C GLY A 74 -45.08 1.36 -24.32
N THR A 75 -44.17 0.51 -24.79
CA THR A 75 -44.53 -0.63 -25.61
C THR A 75 -44.16 -1.96 -24.97
N GLY A 76 -43.63 -1.96 -23.75
CA GLY A 76 -43.34 -3.19 -23.07
C GLY A 76 -42.01 -3.82 -23.42
N LYS A 77 -40.92 -3.10 -23.20
CA LYS A 77 -39.61 -3.71 -23.35
C LYS A 77 -39.18 -4.43 -22.08
N THR A 78 -39.46 -3.85 -20.92
CA THR A 78 -39.06 -4.46 -19.67
C THR A 78 -40.10 -5.43 -19.12
N ALA A 79 -41.33 -5.39 -19.63
CA ALA A 79 -42.28 -6.45 -19.33
C ALA A 79 -41.80 -7.77 -19.88
N LEU A 80 -41.19 -7.73 -21.07
CA LEU A 80 -40.53 -8.91 -21.62
C LEU A 80 -39.34 -9.34 -20.75
N ALA A 81 -38.66 -8.39 -20.12
CA ALA A 81 -37.53 -8.73 -19.28
C ALA A 81 -37.97 -9.43 -18.00
N LEU A 82 -39.06 -8.96 -17.38
CA LEU A 82 -39.57 -9.67 -16.23
C LEU A 82 -40.21 -11.00 -16.62
N ALA A 83 -40.75 -11.09 -17.85
CA ALA A 83 -41.23 -12.38 -18.34
C ALA A 83 -40.09 -13.38 -18.50
N ILE A 84 -38.95 -12.93 -19.03
CA ILE A 84 -37.78 -13.80 -19.13
C ILE A 84 -37.26 -14.18 -17.74
N SER A 85 -37.20 -13.22 -16.81
CA SER A 85 -36.67 -13.51 -15.49
C SER A 85 -37.59 -14.38 -14.66
N GLN A 86 -38.88 -14.44 -14.99
CA GLN A 86 -39.78 -15.37 -14.34
C GLN A 86 -39.98 -16.66 -15.13
N GLU A 87 -39.48 -16.71 -16.37
CA GLU A 87 -39.51 -17.93 -17.16
C GLU A 87 -38.26 -18.78 -16.96
N LEU A 88 -37.13 -18.14 -16.66
CA LEU A 88 -35.89 -18.89 -16.42
C LEU A 88 -35.97 -19.66 -15.11
N GLY A 89 -36.35 -18.99 -14.03
CA GLY A 89 -36.49 -19.61 -12.74
C GLY A 89 -35.72 -18.86 -11.68
N THR A 90 -35.71 -19.45 -10.49
CA THR A 90 -35.01 -18.83 -9.37
C THR A 90 -33.53 -19.18 -9.39
N LYS A 91 -33.19 -20.41 -9.77
CA LYS A 91 -31.83 -20.92 -9.69
C LYS A 91 -30.98 -20.59 -10.93
N ILE A 92 -31.36 -19.58 -11.71
CA ILE A 92 -30.53 -19.11 -12.81
C ILE A 92 -30.26 -17.63 -12.57
N PRO A 93 -29.01 -17.17 -12.65
CA PRO A 93 -28.71 -15.77 -12.34
C PRO A 93 -29.26 -14.81 -13.37
N PHE A 94 -29.77 -13.69 -12.88
CA PHE A 94 -30.36 -12.65 -13.70
C PHE A 94 -29.98 -11.32 -13.08
N CYS A 95 -29.15 -10.53 -13.75
CA CYS A 95 -28.67 -9.26 -13.21
C CYS A 95 -29.27 -8.11 -14.00
N PRO A 96 -30.29 -7.43 -13.48
CA PRO A 96 -30.78 -6.23 -14.17
C PRO A 96 -30.07 -4.98 -13.72
N ILE A 97 -29.54 -4.20 -14.65
CA ILE A 97 -28.91 -2.93 -14.32
C ILE A 97 -29.50 -1.86 -15.24
N THR A 98 -28.97 -0.65 -15.15
CA THR A 98 -29.30 0.42 -16.08
C THR A 98 -28.02 0.90 -16.76
N GLY A 99 -28.15 1.94 -17.57
CA GLY A 99 -27.01 2.49 -18.28
C GLY A 99 -26.37 3.62 -17.52
N SER A 100 -27.05 4.14 -16.52
CA SER A 100 -26.52 5.19 -15.67
C SER A 100 -25.90 4.66 -14.40
N GLU A 101 -26.06 3.37 -14.11
CA GLU A 101 -25.61 2.81 -12.84
C GLU A 101 -24.10 2.61 -12.81
N ILE A 102 -23.47 2.44 -13.98
CA ILE A 102 -22.06 2.06 -14.01
C ILE A 102 -21.10 3.24 -13.89
N TYR A 103 -21.59 4.47 -13.92
CA TYR A 103 -20.71 5.63 -13.77
C TYR A 103 -20.43 5.80 -12.28
N SER A 104 -19.33 5.21 -11.83
CA SER A 104 -18.96 5.23 -10.43
C SER A 104 -17.88 6.28 -10.17
N THR A 105 -17.47 6.37 -8.91
CA THR A 105 -16.44 7.30 -8.48
C THR A 105 -15.21 6.63 -7.90
N GLU A 106 -15.26 5.34 -7.60
CA GLU A 106 -14.11 4.59 -7.13
C GLU A 106 -13.33 3.90 -8.24
N VAL A 107 -14.03 3.26 -9.16
CA VAL A 107 -13.40 2.45 -10.19
C VAL A 107 -13.79 2.99 -11.56
N LYS A 108 -13.04 2.55 -12.57
CA LYS A 108 -13.44 2.81 -13.94
C LYS A 108 -14.68 2.01 -14.27
N LYS A 109 -15.46 2.50 -15.24
CA LYS A 109 -16.76 1.93 -15.53
C LYS A 109 -16.67 0.56 -16.20
N THR A 110 -15.54 0.25 -16.84
CA THR A 110 -15.34 -1.09 -17.37
C THR A 110 -15.21 -2.12 -16.25
N GLU A 111 -14.70 -1.71 -15.09
CA GLU A 111 -14.71 -2.58 -13.93
C GLU A 111 -16.13 -2.87 -13.47
N VAL A 112 -17.03 -1.88 -13.51
CA VAL A 112 -18.41 -2.13 -13.13
C VAL A 112 -19.10 -3.03 -14.14
N LEU A 113 -18.74 -2.89 -15.43
CA LEU A 113 -19.26 -3.79 -16.46
C LEU A 113 -18.82 -5.23 -16.22
N MET A 114 -17.53 -5.44 -15.94
CA MET A 114 -17.07 -6.81 -15.69
C MET A 114 -17.61 -7.38 -14.38
N GLU A 115 -17.80 -6.53 -13.37
CA GLU A 115 -18.44 -7.00 -12.15
C GLU A 115 -19.88 -7.41 -12.40
N ASN A 116 -20.59 -6.75 -13.32
CA ASN A 116 -21.93 -7.20 -13.64
C ASN A 116 -21.91 -8.48 -14.49
N PHE A 117 -20.94 -8.59 -15.40
CA PHE A 117 -20.78 -9.82 -16.19
C PHE A 117 -20.50 -11.03 -15.32
N ARG A 118 -19.75 -10.84 -14.24
CA ARG A 118 -19.51 -11.97 -13.36
C ARG A 118 -20.47 -12.05 -12.19
N ARG A 119 -21.36 -11.07 -12.01
CA ARG A 119 -22.56 -11.34 -11.24
C ARG A 119 -23.52 -12.22 -12.00
N ALA A 120 -23.49 -12.16 -13.33
CA ALA A 120 -24.45 -12.90 -14.15
C ALA A 120 -23.98 -14.31 -14.49
N ILE A 121 -23.10 -14.91 -13.70
CA ILE A 121 -22.67 -16.30 -13.90
C ILE A 121 -22.66 -16.99 -12.54
N GLY A 122 -23.43 -18.07 -12.42
CA GLY A 122 -23.57 -18.73 -11.13
C GLY A 122 -22.89 -20.08 -11.02
N LEU A 123 -22.71 -20.56 -9.80
CA LEU A 123 -21.99 -21.79 -9.55
C LEU A 123 -22.61 -22.46 -8.32
N ARG A 124 -22.80 -23.77 -8.40
CA ARG A 124 -23.43 -24.53 -7.32
C ARG A 124 -22.40 -25.53 -6.79
N VAL A 125 -21.95 -25.31 -5.55
CA VAL A 125 -20.78 -26.01 -5.01
C VAL A 125 -21.18 -26.77 -3.75
N ARG A 126 -20.73 -28.01 -3.65
CA ARG A 126 -20.85 -28.77 -2.40
C ARG A 126 -19.62 -28.51 -1.53
N GLU A 127 -19.84 -28.35 -0.24
CA GLU A 127 -18.76 -28.12 0.72
C GLU A 127 -18.89 -29.03 1.92
N THR A 128 -17.74 -29.38 2.49
CA THR A 128 -17.67 -30.24 3.67
C THR A 128 -17.02 -29.43 4.80
N LYS A 129 -17.87 -28.87 5.66
CA LYS A 129 -17.39 -28.14 6.82
C LYS A 129 -17.00 -29.13 7.92
N ASP A 130 -15.96 -28.77 8.68
CA ASP A 130 -15.39 -29.60 9.74
C ASP A 130 -15.51 -28.85 11.05
N VAL A 131 -16.64 -28.97 11.69
CA VAL A 131 -16.86 -28.24 12.93
C VAL A 131 -16.33 -29.08 14.10
N TYR A 132 -15.90 -28.38 15.14
CA TYR A 132 -15.62 -28.95 16.46
C TYR A 132 -16.62 -28.32 17.40
N GLU A 133 -17.70 -29.02 17.70
CA GLU A 133 -18.83 -28.43 18.42
C GLU A 133 -18.85 -28.98 19.84
N GLY A 134 -18.33 -28.19 20.77
CA GLY A 134 -18.11 -28.66 22.12
C GLY A 134 -18.44 -27.59 23.17
N GLU A 135 -18.26 -28.00 24.42
CA GLU A 135 -18.39 -27.15 25.59
C GLU A 135 -17.02 -27.07 26.24
N VAL A 136 -16.52 -25.85 26.44
CA VAL A 136 -15.14 -25.66 26.87
C VAL A 136 -15.02 -26.03 28.35
N THR A 137 -14.13 -26.98 28.64
CA THR A 137 -13.97 -27.51 29.99
C THR A 137 -12.77 -26.90 30.71
N GLU A 138 -11.58 -26.99 30.13
CA GLU A 138 -10.36 -26.43 30.72
C GLU A 138 -9.66 -25.59 29.66
N MET A 139 -9.48 -24.31 29.93
CA MET A 139 -8.81 -23.38 29.04
C MET A 139 -7.56 -22.88 29.73
N THR A 140 -6.39 -23.31 29.25
CA THR A 140 -5.13 -22.96 29.88
C THR A 140 -4.07 -22.67 28.84
N PRO A 141 -3.55 -21.44 28.79
CA PRO A 141 -2.49 -21.13 27.81
C PRO A 141 -1.14 -21.66 28.25
N GLU A 142 -0.28 -21.87 27.25
CA GLU A 142 1.07 -22.41 27.46
C GLU A 142 2.02 -21.60 26.59
N GLU A 143 2.61 -20.56 27.16
CA GLU A 143 3.50 -19.70 26.41
C GLU A 143 4.84 -20.40 26.16
N ALA A 144 5.57 -19.89 25.17
CA ALA A 144 6.84 -20.44 24.75
C ALA A 144 7.96 -19.50 25.18
N GLU A 145 9.18 -19.81 24.75
CA GLU A 145 10.31 -18.93 25.01
C GLU A 145 10.16 -17.63 24.23
N ASN A 146 10.55 -16.53 24.88
CA ASN A 146 10.43 -15.19 24.29
C ASN A 146 11.62 -14.36 24.75
N PRO A 147 12.68 -14.29 23.94
CA PRO A 147 13.83 -13.46 24.31
C PRO A 147 13.60 -11.99 24.06
N LEU A 148 14.63 -11.17 24.26
CA LEU A 148 14.51 -9.72 24.16
C LEU A 148 14.35 -9.32 22.70
N GLY A 149 13.11 -9.01 22.32
CA GLY A 149 12.80 -8.58 20.97
C GLY A 149 11.76 -7.49 20.93
N GLY A 150 11.50 -6.88 22.08
CA GLY A 150 10.55 -5.78 22.18
C GLY A 150 9.13 -6.09 22.55
N TYR A 151 8.51 -7.06 21.86
CA TYR A 151 7.10 -7.35 22.09
C TYR A 151 6.86 -8.16 23.35
N GLY A 152 7.85 -8.89 23.85
CA GLY A 152 7.70 -9.61 25.10
C GLY A 152 7.19 -11.03 24.92
N LYS A 153 6.37 -11.50 25.85
CA LYS A 153 5.85 -12.86 25.81
C LYS A 153 4.80 -12.99 24.71
N THR A 154 4.59 -14.24 24.28
CA THR A 154 3.57 -14.55 23.29
C THR A 154 3.04 -15.96 23.54
N ILE A 155 1.72 -16.08 23.63
CA ILE A 155 1.09 -17.38 23.85
C ILE A 155 1.16 -18.20 22.57
N SER A 156 1.64 -19.45 22.69
CA SER A 156 1.95 -20.26 21.52
C SER A 156 1.27 -21.62 21.48
N THR A 157 0.62 -22.07 22.55
CA THR A 157 0.08 -23.42 22.61
C THR A 157 -1.03 -23.43 23.67
N LEU A 158 -2.15 -24.09 23.37
CA LEU A 158 -3.20 -24.25 24.37
C LEU A 158 -3.58 -25.70 24.60
N LEU A 159 -4.52 -25.90 25.51
CA LEU A 159 -4.99 -27.21 25.93
C LEU A 159 -6.51 -27.16 26.13
N ILE A 160 -7.23 -26.64 25.14
CA ILE A 160 -8.68 -26.45 25.29
C ILE A 160 -9.39 -27.79 25.24
N GLY A 161 -10.20 -28.06 26.26
CA GLY A 161 -10.96 -29.30 26.30
C GLY A 161 -12.41 -29.10 25.93
N LEU A 162 -12.83 -29.71 24.82
CA LEU A 162 -14.21 -29.65 24.39
C LEU A 162 -14.96 -30.88 24.89
N LYS A 163 -16.20 -30.67 25.33
CA LYS A 163 -17.00 -31.70 25.98
C LYS A 163 -18.37 -31.75 25.33
N SER A 164 -18.56 -32.67 24.40
CA SER A 164 -19.86 -32.89 23.79
C SER A 164 -20.63 -33.91 24.64
N ALA A 165 -21.73 -34.43 24.10
CA ALA A 165 -22.57 -35.33 24.87
C ALA A 165 -22.02 -36.75 24.92
N ARG A 166 -21.34 -37.19 23.85
CA ARG A 166 -20.86 -38.57 23.75
C ARG A 166 -19.38 -38.55 23.37
N GLY A 167 -18.51 -38.51 24.37
CA GLY A 167 -17.09 -38.58 24.11
C GLY A 167 -16.42 -37.23 24.05
N GLN A 168 -15.66 -36.88 25.08
CA GLN A 168 -14.99 -35.59 25.12
C GLN A 168 -13.67 -35.65 24.37
N LYS A 169 -13.04 -34.49 24.21
CA LYS A 169 -11.77 -34.40 23.51
C LYS A 169 -10.99 -33.24 24.09
N LYS A 170 -9.66 -33.34 24.04
CA LYS A 170 -8.75 -32.42 24.74
C LYS A 170 -7.70 -31.98 23.74
N LEU A 171 -7.94 -30.87 23.05
CA LEU A 171 -7.17 -30.53 21.87
C LEU A 171 -6.26 -29.33 22.09
N ARG A 172 -5.32 -29.19 21.15
CA ARG A 172 -4.17 -28.29 21.26
C ARG A 172 -4.19 -27.34 20.08
N LEU A 173 -3.91 -26.06 20.32
CA LEU A 173 -4.17 -25.04 19.34
C LEU A 173 -2.93 -24.24 18.96
N ASP A 174 -3.01 -23.62 17.80
CA ASP A 174 -2.02 -22.69 17.30
C ASP A 174 -2.18 -21.34 18.00
N PRO A 175 -1.25 -20.40 17.80
CA PRO A 175 -1.53 -19.03 18.29
C PRO A 175 -2.68 -18.35 17.58
N SER A 176 -2.86 -18.59 16.28
CA SER A 176 -3.87 -17.85 15.52
C SER A 176 -5.28 -18.29 15.89
N ILE A 177 -5.48 -19.59 16.11
CA ILE A 177 -6.79 -20.06 16.53
C ILE A 177 -7.05 -19.65 17.98
N TYR A 178 -6.00 -19.48 18.77
CA TYR A 178 -6.17 -18.88 20.09
C TYR A 178 -6.61 -17.42 19.99
N GLU A 179 -6.10 -16.68 19.01
CA GLU A 179 -6.56 -15.30 18.86
C GLU A 179 -7.98 -15.25 18.34
N ALA A 180 -8.38 -16.24 17.54
CA ALA A 180 -9.78 -16.36 17.14
C ALA A 180 -10.67 -16.62 18.34
N ILE A 181 -10.23 -17.47 19.27
CA ILE A 181 -10.92 -17.63 20.55
C ILE A 181 -10.95 -16.32 21.32
N GLN A 182 -9.82 -15.63 21.36
CA GLN A 182 -9.63 -14.51 22.27
C GLN A 182 -10.44 -13.28 21.85
N LYS A 183 -10.67 -13.10 20.55
CA LYS A 183 -11.53 -12.02 20.09
C LYS A 183 -13.01 -12.42 20.08
N GLU A 184 -13.35 -13.51 20.76
CA GLU A 184 -14.74 -13.92 20.93
C GLU A 184 -15.13 -13.97 22.39
N ARG A 185 -14.16 -13.82 23.30
CA ARG A 185 -14.33 -13.82 24.77
C ARG A 185 -14.98 -15.13 25.24
N VAL A 186 -14.26 -16.22 25.05
CA VAL A 186 -14.71 -17.55 25.44
C VAL A 186 -14.18 -17.83 26.85
N GLN A 187 -15.08 -17.91 27.82
CA GLN A 187 -14.72 -18.29 29.17
C GLN A 187 -14.84 -19.80 29.33
N VAL A 188 -14.79 -20.27 30.57
CA VAL A 188 -15.01 -21.67 30.88
C VAL A 188 -16.51 -21.91 31.03
N GLY A 189 -17.07 -22.76 30.18
CA GLY A 189 -18.49 -23.04 30.16
C GLY A 189 -19.18 -22.67 28.87
N ASP A 190 -18.53 -21.86 28.03
CA ASP A 190 -19.13 -21.39 26.79
C ASP A 190 -19.07 -22.51 25.75
N VAL A 191 -20.21 -22.87 25.17
CA VAL A 191 -20.17 -23.79 24.04
C VAL A 191 -19.72 -23.02 22.82
N ILE A 192 -18.89 -23.66 22.00
CA ILE A 192 -18.40 -23.09 20.76
C ILE A 192 -18.43 -24.18 19.70
N TYR A 193 -18.24 -23.78 18.45
CA TYR A 193 -17.78 -24.74 17.45
C TYR A 193 -16.69 -24.11 16.59
N ILE A 194 -15.49 -24.65 16.77
CA ILE A 194 -14.33 -24.23 16.00
C ILE A 194 -14.48 -24.71 14.57
N GLU A 195 -14.47 -23.76 13.64
CA GLU A 195 -14.62 -24.03 12.22
C GLU A 195 -13.23 -24.20 11.64
N THR A 196 -12.82 -25.43 11.36
CA THR A 196 -11.46 -25.67 10.87
C THR A 196 -11.46 -25.68 9.34
N ASN A 197 -11.99 -24.60 8.79
CA ASN A 197 -11.75 -24.22 7.41
C ASN A 197 -11.08 -22.86 7.33
N THR A 198 -11.66 -21.85 7.96
CA THR A 198 -10.95 -20.61 8.23
C THR A 198 -10.14 -20.74 9.51
N GLY A 199 -10.82 -20.97 10.63
CA GLY A 199 -10.22 -20.92 11.93
C GLY A 199 -11.16 -20.21 12.89
N ALA A 200 -12.27 -19.72 12.34
CA ALA A 200 -13.24 -18.95 13.12
C ALA A 200 -13.96 -19.85 14.11
N CYS A 201 -14.54 -19.21 15.13
CA CYS A 201 -15.15 -19.95 16.24
C CYS A 201 -16.17 -19.04 16.92
N LYS A 202 -17.44 -19.27 16.64
CA LYS A 202 -18.50 -18.43 17.19
C LYS A 202 -19.00 -19.00 18.51
N ARG A 203 -18.86 -18.22 19.58
CA ARG A 203 -19.47 -18.54 20.86
C ARG A 203 -20.99 -18.55 20.73
N VAL A 204 -21.62 -19.59 21.27
CA VAL A 204 -23.08 -19.68 21.20
C VAL A 204 -23.71 -19.25 22.52
N GLY A 205 -23.24 -19.77 23.63
CA GLY A 205 -23.75 -19.33 24.92
C GLY A 205 -23.24 -20.19 26.04
N ARG A 206 -23.63 -19.80 27.26
CA ARG A 206 -23.36 -20.61 28.44
C ARG A 206 -24.11 -21.93 28.36
N SER A 207 -23.42 -23.02 28.71
CA SER A 207 -24.07 -24.32 28.72
C SER A 207 -25.05 -24.41 29.89
N ASP A 208 -26.07 -25.24 29.72
CA ASP A 208 -27.16 -25.32 30.70
C ASP A 208 -26.79 -26.01 32.00
N ALA A 209 -25.58 -26.59 32.11
CA ALA A 209 -25.11 -27.09 33.39
C ALA A 209 -24.74 -25.96 34.34
N TYR A 210 -24.48 -24.75 33.81
CA TYR A 210 -24.25 -23.57 34.61
C TYR A 210 -25.45 -22.63 34.61
N ALA A 211 -26.64 -23.16 34.38
CA ALA A 211 -27.83 -22.32 34.26
C ALA A 211 -28.26 -21.79 35.62
N THR A 212 -28.64 -20.52 35.65
CA THR A 212 -29.14 -19.87 36.85
C THR A 212 -30.09 -18.76 36.43
N GLU A 213 -31.31 -18.78 36.96
CA GLU A 213 -32.29 -17.75 36.62
C GLU A 213 -31.94 -16.40 37.24
N PHE A 214 -31.13 -16.38 38.30
CA PHE A 214 -30.63 -15.14 38.87
C PHE A 214 -29.41 -14.71 38.06
N ASP A 215 -29.68 -14.08 36.91
CA ASP A 215 -28.63 -13.70 35.99
C ASP A 215 -28.97 -12.33 35.42
N LEU A 216 -27.95 -11.66 34.87
CA LEU A 216 -28.08 -10.29 34.38
C LEU A 216 -27.46 -10.07 33.00
N GLU A 217 -26.52 -10.91 32.56
CA GLU A 217 -25.84 -10.69 31.30
C GLU A 217 -26.70 -10.92 30.07
N ALA A 218 -27.92 -11.46 30.23
CA ALA A 218 -28.84 -11.82 29.15
C ALA A 218 -28.20 -12.79 28.16
N GLU A 219 -27.59 -13.84 28.71
CA GLU A 219 -26.98 -14.86 27.89
C GLU A 219 -28.04 -15.82 27.35
N GLU A 220 -27.69 -16.50 26.27
CA GLU A 220 -28.57 -17.49 25.64
C GLU A 220 -28.12 -18.88 26.08
N TYR A 221 -28.89 -19.50 26.96
CA TYR A 221 -28.55 -20.83 27.46
C TYR A 221 -29.02 -21.87 26.45
N VAL A 222 -28.07 -22.65 25.93
CA VAL A 222 -28.37 -23.74 25.01
C VAL A 222 -27.85 -25.02 25.63
N PRO A 223 -28.43 -26.19 25.33
CA PRO A 223 -27.92 -27.44 25.89
C PRO A 223 -26.63 -27.87 25.24
N ILE A 224 -26.07 -28.96 25.78
CA ILE A 224 -24.83 -29.54 25.27
C ILE A 224 -25.09 -30.12 23.88
N PRO A 225 -24.24 -29.84 22.89
CA PRO A 225 -24.47 -30.36 21.53
C PRO A 225 -24.32 -31.88 21.48
N LYS A 226 -25.38 -32.55 21.07
CA LYS A 226 -25.37 -34.00 21.01
C LYS A 226 -24.53 -34.48 19.84
N GLY A 227 -24.10 -35.73 19.92
CA GLY A 227 -23.27 -36.31 18.90
C GLY A 227 -21.80 -36.22 19.23
N GLU A 228 -20.99 -36.61 18.24
CA GLU A 228 -19.54 -36.56 18.37
C GLU A 228 -19.08 -35.12 18.36
N VAL A 229 -17.98 -34.84 19.08
CA VAL A 229 -17.46 -33.48 19.14
C VAL A 229 -16.78 -33.09 17.83
N HIS A 230 -16.29 -34.06 17.06
CA HIS A 230 -15.69 -33.78 15.74
C HIS A 230 -16.70 -34.20 14.69
N LYS A 231 -17.61 -33.30 14.37
CA LYS A 231 -18.61 -33.55 13.34
C LYS A 231 -18.01 -33.25 11.97
N LYS A 232 -18.79 -33.54 10.92
CA LYS A 232 -18.39 -33.24 9.56
C LYS A 232 -19.66 -33.20 8.72
N LYS A 233 -19.98 -32.04 8.15
CA LYS A 233 -21.27 -31.87 7.50
C LYS A 233 -21.11 -31.24 6.13
N GLU A 234 -21.89 -31.72 5.17
CA GLU A 234 -21.84 -31.19 3.81
C GLU A 234 -23.06 -30.32 3.55
N ILE A 235 -22.83 -29.23 2.83
CA ILE A 235 -23.86 -28.27 2.47
C ILE A 235 -23.71 -27.94 0.98
N VAL A 236 -24.75 -27.33 0.43
CA VAL A 236 -24.77 -26.85 -0.94
C VAL A 236 -24.84 -25.32 -0.90
N GLN A 237 -24.03 -24.68 -1.75
CA GLN A 237 -23.92 -23.23 -1.76
C GLN A 237 -24.05 -22.71 -3.18
N ASP A 238 -24.69 -21.56 -3.32
CA ASP A 238 -24.90 -20.91 -4.61
C ASP A 238 -24.05 -19.64 -4.64
N VAL A 239 -22.95 -19.69 -5.36
CA VAL A 239 -21.93 -18.64 -5.35
C VAL A 239 -21.70 -18.19 -6.80
N THR A 240 -21.72 -16.89 -7.04
CA THR A 240 -21.39 -16.38 -8.35
C THR A 240 -19.88 -16.17 -8.46
N LEU A 241 -19.40 -15.94 -9.67
CA LEU A 241 -17.96 -15.78 -9.85
C LEU A 241 -17.49 -14.43 -9.30
N HIS A 242 -18.37 -13.43 -9.28
CA HIS A 242 -18.02 -12.15 -8.70
C HIS A 242 -17.85 -12.23 -7.19
N ASP A 243 -18.58 -13.15 -6.54
CA ASP A 243 -18.38 -13.39 -5.12
C ASP A 243 -16.98 -13.93 -4.85
N LEU A 244 -16.50 -14.82 -5.72
CA LEU A 244 -15.14 -15.33 -5.59
C LEU A 244 -14.11 -14.25 -5.89
N ASP A 245 -14.42 -13.35 -6.83
CA ASP A 245 -13.54 -12.22 -7.13
C ASP A 245 -13.39 -11.30 -5.93
N VAL A 246 -14.50 -10.97 -5.28
CA VAL A 246 -14.47 -10.10 -4.11
C VAL A 246 -13.81 -10.82 -2.92
N ALA A 247 -14.00 -12.13 -2.81
CA ALA A 247 -13.41 -12.89 -1.72
C ALA A 247 -11.88 -12.94 -1.85
N ASN A 248 -11.38 -13.22 -3.05
CA ASN A 248 -9.93 -13.24 -3.24
C ASN A 248 -9.32 -11.84 -3.39
N ALA A 249 -10.13 -10.82 -3.65
CA ALA A 249 -9.59 -9.47 -3.79
C ALA A 249 -9.33 -8.84 -2.43
N ARG A 250 -10.39 -8.66 -1.64
CA ARG A 250 -10.27 -8.19 -0.26
C ARG A 250 -10.47 -9.37 0.67
N PRO A 251 -9.42 -9.90 1.28
CA PRO A 251 -9.56 -11.13 2.09
C PRO A 251 -10.19 -10.82 3.43
N GLN A 252 -11.21 -11.62 3.78
CA GLN A 252 -11.88 -11.50 5.07
C GLN A 252 -12.08 -12.88 5.71
N GLY A 253 -11.16 -13.79 5.44
CA GLY A 253 -11.21 -15.11 6.05
C GLY A 253 -9.82 -15.55 6.46
N GLY A 254 -9.76 -16.26 7.56
CA GLY A 254 -8.49 -16.61 8.18
C GLY A 254 -8.27 -15.83 9.46
N GLN A 255 -7.12 -16.08 10.10
CA GLN A 255 -6.84 -15.48 11.39
C GLN A 255 -5.50 -14.75 11.39
N ASP A 256 -5.04 -14.31 10.23
CA ASP A 256 -3.82 -13.51 10.16
C ASP A 256 -4.18 -12.03 10.23
N ILE A 257 -3.24 -11.15 9.90
CA ILE A 257 -3.42 -9.71 10.12
C ILE A 257 -4.02 -9.02 8.90
N ILE A 258 -3.68 -9.47 7.68
CA ILE A 258 -4.27 -8.89 6.48
C ILE A 258 -5.76 -9.17 6.42
N SER A 259 -6.17 -10.37 6.82
CA SER A 259 -7.58 -10.72 6.84
C SER A 259 -8.27 -10.36 8.15
N MET A 260 -7.64 -9.58 9.00
CA MET A 260 -8.32 -9.04 10.17
C MET A 260 -8.34 -7.52 10.16
N MET A 261 -7.22 -6.87 9.88
CA MET A 261 -7.20 -5.44 9.61
C MET A 261 -7.85 -5.06 8.28
N GLY A 262 -8.24 -6.04 7.45
CA GLY A 262 -8.96 -5.78 6.23
C GLY A 262 -10.46 -5.84 6.38
N GLN A 263 -10.97 -6.10 7.58
CA GLN A 263 -12.40 -6.01 7.84
C GLN A 263 -12.72 -4.97 8.90
N LEU A 264 -11.73 -4.19 9.33
CA LEU A 264 -11.96 -3.00 10.13
C LEU A 264 -11.96 -1.73 9.30
N MET A 265 -11.35 -1.76 8.12
CA MET A 265 -11.31 -0.60 7.23
C MET A 265 -12.67 -0.39 6.57
N LYS A 266 -12.79 0.73 5.85
CA LYS A 266 -14.05 0.80 5.14
C LYS A 266 -13.94 0.06 3.81
N PRO A 267 -15.00 -0.64 3.38
CA PRO A 267 -14.91 -1.42 2.14
C PRO A 267 -14.98 -0.51 0.92
N LYS A 268 -14.08 -0.73 -0.02
CA LYS A 268 -14.04 0.05 -1.26
C LYS A 268 -14.09 -0.91 -2.43
N MET A 269 -14.92 -0.57 -3.42
CA MET A 269 -14.86 -1.24 -4.71
C MET A 269 -13.51 -0.97 -5.35
N THR A 270 -12.81 -2.03 -5.71
CA THR A 270 -11.50 -1.91 -6.32
C THR A 270 -11.54 -2.56 -7.70
N GLU A 271 -10.42 -2.48 -8.41
CA GLU A 271 -10.33 -2.92 -9.80
C GLU A 271 -9.73 -4.33 -9.85
N ILE A 272 -10.60 -5.33 -9.82
CA ILE A 272 -10.16 -6.72 -9.92
C ILE A 272 -9.63 -6.95 -11.33
N THR A 273 -8.34 -7.26 -11.44
CA THR A 273 -7.64 -7.24 -12.72
C THR A 273 -7.92 -8.52 -13.52
N ASP A 274 -7.22 -8.65 -14.64
CA ASP A 274 -7.40 -9.78 -15.54
C ASP A 274 -6.83 -11.07 -14.94
N LYS A 275 -5.76 -10.95 -14.16
CA LYS A 275 -5.06 -12.15 -13.67
C LYS A 275 -5.89 -12.86 -12.61
N LEU A 276 -6.58 -12.11 -11.74
CA LEU A 276 -7.46 -12.74 -10.77
C LEU A 276 -8.67 -13.36 -11.44
N ARG A 277 -9.21 -12.69 -12.47
CA ARG A 277 -10.36 -13.21 -13.19
C ARG A 277 -10.03 -14.40 -14.06
N MET A 278 -8.75 -14.65 -14.35
CA MET A 278 -8.35 -15.87 -15.03
C MET A 278 -7.99 -16.98 -14.06
N GLU A 279 -7.35 -16.63 -12.94
CA GLU A 279 -6.98 -17.64 -11.95
C GLU A 279 -8.21 -18.21 -11.26
N ILE A 280 -9.23 -17.39 -11.03
CA ILE A 280 -10.46 -17.91 -10.45
C ILE A 280 -11.21 -18.78 -11.46
N ASN A 281 -11.06 -18.49 -12.75
CA ASN A 281 -11.60 -19.38 -13.78
C ASN A 281 -10.93 -20.74 -13.74
N LYS A 282 -9.61 -20.76 -13.57
CA LYS A 282 -8.90 -22.04 -13.46
C LYS A 282 -9.27 -22.78 -12.17
N VAL A 283 -9.49 -22.06 -11.08
CA VAL A 283 -9.91 -22.69 -9.82
C VAL A 283 -11.31 -23.30 -9.96
N VAL A 284 -12.22 -22.61 -10.64
CA VAL A 284 -13.56 -23.14 -10.85
C VAL A 284 -13.53 -24.35 -11.78
N GLN A 285 -12.64 -24.34 -12.78
CA GLN A 285 -12.47 -25.51 -13.62
C GLN A 285 -11.90 -26.69 -12.84
N LYS A 286 -11.04 -26.41 -11.85
CA LYS A 286 -10.57 -27.46 -10.96
C LYS A 286 -11.70 -28.02 -10.10
N TYR A 287 -12.63 -27.16 -9.67
CA TYR A 287 -13.82 -27.64 -8.96
C TYR A 287 -14.68 -28.53 -9.85
N ILE A 288 -14.87 -28.14 -11.11
CA ILE A 288 -15.74 -28.90 -12.01
C ILE A 288 -15.12 -30.24 -12.35
N ASN A 289 -13.80 -30.30 -12.52
CA ASN A 289 -13.15 -31.57 -12.82
C ASN A 289 -13.13 -32.53 -11.65
N GLN A 290 -13.41 -32.08 -10.43
CA GLN A 290 -13.53 -32.98 -9.30
C GLN A 290 -14.96 -33.47 -9.08
N GLY A 291 -15.88 -33.11 -9.97
CA GLY A 291 -17.25 -33.56 -9.85
C GLY A 291 -18.01 -32.97 -8.68
N VAL A 292 -17.72 -31.72 -8.33
CA VAL A 292 -18.32 -31.07 -7.17
C VAL A 292 -19.23 -29.92 -7.60
N ALA A 293 -18.70 -28.97 -8.37
CA ALA A 293 -19.43 -27.76 -8.71
C ALA A 293 -20.12 -27.88 -10.06
N GLU A 294 -21.22 -27.16 -10.21
CA GLU A 294 -21.96 -27.09 -11.46
C GLU A 294 -22.08 -25.63 -11.89
N LEU A 295 -21.75 -25.36 -13.14
CA LEU A 295 -21.78 -24.01 -13.68
C LEU A 295 -23.14 -23.73 -14.29
N ILE A 296 -23.71 -22.56 -13.99
CA ILE A 296 -25.00 -22.15 -14.54
C ILE A 296 -24.92 -20.69 -15.00
N PRO A 297 -24.72 -20.45 -16.29
CA PRO A 297 -24.62 -19.07 -16.78
C PRO A 297 -25.98 -18.39 -16.83
N GLY A 298 -25.95 -17.06 -16.90
CA GLY A 298 -27.17 -16.29 -16.78
C GLY A 298 -27.30 -15.12 -17.73
N VAL A 299 -28.04 -14.10 -17.31
CA VAL A 299 -28.42 -12.98 -18.15
C VAL A 299 -27.94 -11.69 -17.52
N LEU A 300 -27.36 -10.81 -18.33
CA LEU A 300 -27.16 -9.42 -17.95
C LEU A 300 -28.17 -8.59 -18.73
N PHE A 301 -29.16 -8.04 -18.04
CA PHE A 301 -30.17 -7.18 -18.68
C PHE A 301 -29.77 -5.73 -18.47
N ILE A 302 -29.22 -5.12 -19.52
CA ILE A 302 -28.86 -3.71 -19.48
C ILE A 302 -30.05 -2.94 -20.03
N ASP A 303 -30.85 -2.38 -19.13
CA ASP A 303 -31.88 -1.47 -19.55
C ASP A 303 -31.25 -0.12 -19.85
N GLU A 304 -31.88 0.62 -20.77
CA GLU A 304 -31.46 1.96 -21.21
C GLU A 304 -30.00 1.95 -21.68
N ALA A 305 -29.74 1.13 -22.70
CA ALA A 305 -28.38 0.96 -23.18
C ALA A 305 -27.86 2.18 -23.92
N HIS A 306 -28.74 3.09 -24.36
CA HIS A 306 -28.28 4.29 -25.05
C HIS A 306 -27.61 5.29 -24.12
N MET A 307 -27.76 5.14 -22.81
CA MET A 307 -27.02 5.98 -21.87
C MET A 307 -25.56 5.57 -21.76
N LEU A 308 -25.20 4.38 -22.21
CA LEU A 308 -23.79 3.99 -22.24
C LEU A 308 -23.08 4.78 -23.33
N ASP A 309 -21.89 5.26 -23.02
CA ASP A 309 -21.12 6.00 -24.01
C ASP A 309 -20.21 5.05 -24.78
N ILE A 310 -19.43 5.60 -25.71
CA ILE A 310 -18.69 4.79 -26.68
C ILE A 310 -17.54 4.01 -26.03
N GLU A 311 -17.05 4.47 -24.88
CA GLU A 311 -16.01 3.75 -24.14
C GLU A 311 -16.54 2.47 -23.50
N CYS A 312 -17.84 2.26 -23.46
CA CYS A 312 -18.43 1.03 -22.95
C CYS A 312 -18.79 0.07 -24.06
N PHE A 313 -19.27 0.58 -25.19
CA PHE A 313 -19.50 -0.29 -26.34
C PHE A 313 -18.20 -0.73 -27.00
N THR A 314 -17.11 -0.01 -26.77
CA THR A 314 -15.80 -0.52 -27.17
C THR A 314 -15.41 -1.72 -26.32
N TYR A 315 -15.64 -1.65 -25.02
CA TYR A 315 -15.18 -2.71 -24.13
C TYR A 315 -16.13 -3.91 -24.10
N LEU A 316 -17.40 -3.74 -24.50
CA LEU A 316 -18.30 -4.89 -24.60
C LEU A 316 -17.86 -5.88 -25.67
N ASN A 317 -17.11 -5.44 -26.68
CA ASN A 317 -16.55 -6.38 -27.66
C ASN A 317 -15.61 -7.37 -27.01
N LYS A 318 -14.64 -6.88 -26.23
CA LYS A 318 -13.72 -7.81 -25.58
C LYS A 318 -14.40 -8.55 -24.43
N ALA A 319 -15.41 -7.95 -23.81
CA ALA A 319 -16.14 -8.67 -22.77
C ALA A 319 -17.00 -9.80 -23.34
N LEU A 320 -17.42 -9.70 -24.60
CA LEU A 320 -18.16 -10.78 -25.23
C LEU A 320 -17.29 -11.76 -25.99
N GLU A 321 -16.03 -11.41 -26.28
CA GLU A 321 -15.13 -12.38 -26.92
C GLU A 321 -14.58 -13.42 -25.97
N SER A 322 -14.92 -13.36 -24.69
CA SER A 322 -14.40 -14.30 -23.71
C SER A 322 -15.03 -15.68 -23.92
N PRO A 323 -14.32 -16.76 -23.57
CA PRO A 323 -14.92 -18.09 -23.69
C PRO A 323 -16.01 -18.35 -22.67
N ILE A 324 -16.08 -17.57 -21.59
CA ILE A 324 -17.18 -17.63 -20.64
C ILE A 324 -17.72 -16.21 -20.44
N ALA A 325 -18.95 -15.99 -20.88
CA ALA A 325 -19.59 -14.69 -20.83
C ALA A 325 -21.11 -14.87 -20.92
N PRO A 326 -21.87 -14.25 -20.03
CA PRO A 326 -23.33 -14.42 -20.06
C PRO A 326 -23.94 -13.69 -21.24
N ILE A 327 -25.20 -14.03 -21.50
CA ILE A 327 -25.94 -13.42 -22.61
C ILE A 327 -26.40 -12.03 -22.19
N VAL A 328 -26.26 -11.07 -23.10
CA VAL A 328 -26.59 -9.68 -22.83
C VAL A 328 -27.93 -9.38 -23.48
N VAL A 329 -28.82 -8.72 -22.74
CA VAL A 329 -30.10 -8.28 -23.27
C VAL A 329 -30.15 -6.77 -23.10
N LEU A 330 -30.05 -6.04 -24.21
CA LEU A 330 -30.02 -4.59 -24.19
C LEU A 330 -31.41 -4.04 -24.47
N ALA A 331 -31.76 -2.94 -23.81
CA ALA A 331 -33.00 -2.23 -24.11
C ALA A 331 -32.66 -0.79 -24.48
N SER A 332 -33.26 -0.28 -25.56
CA SER A 332 -32.94 1.06 -26.03
C SER A 332 -34.14 1.63 -26.78
N ASN A 333 -34.80 2.61 -26.17
CA ASN A 333 -35.95 3.27 -26.79
C ASN A 333 -35.58 4.56 -27.52
N ARG A 334 -34.60 4.48 -28.43
CA ARG A 334 -34.18 5.66 -29.18
C ARG A 334 -34.21 5.38 -30.67
N GLY A 335 -34.49 6.42 -31.44
CA GLY A 335 -34.46 6.34 -32.89
C GLY A 335 -33.08 6.68 -33.40
N ILE A 336 -32.99 7.50 -34.45
CA ILE A 336 -31.70 8.01 -34.87
C ILE A 336 -31.22 9.02 -33.85
N ALA A 337 -30.13 8.72 -33.15
CA ALA A 337 -29.67 9.55 -32.06
C ALA A 337 -28.15 9.62 -32.07
N THR A 338 -27.64 10.50 -31.21
CA THR A 338 -26.21 10.75 -31.09
C THR A 338 -25.65 9.96 -29.92
N ILE A 339 -24.54 9.26 -30.16
CA ILE A 339 -23.88 8.47 -29.13
C ILE A 339 -23.28 9.41 -28.08
N ARG A 340 -23.34 9.00 -26.81
CA ARG A 340 -22.96 9.86 -25.70
C ARG A 340 -21.47 10.20 -25.70
N GLY A 341 -20.62 9.25 -26.10
CA GLY A 341 -19.20 9.46 -26.03
C GLY A 341 -18.67 10.46 -27.03
N ALA A 342 -18.72 10.12 -28.31
CA ALA A 342 -18.32 11.02 -29.39
C ALA A 342 -19.57 11.62 -30.01
N ASP A 343 -19.66 12.94 -30.02
CA ASP A 343 -20.87 13.64 -30.44
C ASP A 343 -20.88 13.97 -31.93
N ASP A 344 -20.16 13.20 -32.75
CA ASP A 344 -20.05 13.51 -34.17
C ASP A 344 -20.42 12.33 -35.07
N LEU A 345 -20.88 11.22 -34.52
CA LEU A 345 -21.44 10.14 -35.33
C LEU A 345 -22.81 9.80 -34.79
N LYS A 346 -23.82 9.88 -35.67
CA LYS A 346 -25.17 9.52 -35.32
C LYS A 346 -25.45 8.10 -35.79
N ALA A 347 -26.31 7.41 -35.06
CA ALA A 347 -26.61 6.02 -35.41
C ALA A 347 -27.99 5.67 -34.89
N ALA A 348 -28.48 4.51 -35.29
CA ALA A 348 -29.73 4.00 -34.76
C ALA A 348 -29.54 3.57 -33.33
N HIS A 349 -30.54 3.85 -32.50
CA HIS A 349 -30.72 3.41 -31.12
C HIS A 349 -29.70 3.95 -30.14
N GLY A 350 -28.73 4.76 -30.58
CA GLY A 350 -27.59 5.09 -29.76
C GLY A 350 -26.47 4.06 -29.80
N ILE A 351 -26.74 2.86 -30.27
CA ILE A 351 -25.73 1.82 -30.43
C ILE A 351 -24.79 2.22 -31.56
N PRO A 352 -23.47 2.06 -31.41
CA PRO A 352 -22.56 2.37 -32.52
C PRO A 352 -22.74 1.41 -33.67
N PRO A 353 -22.45 1.84 -34.90
CA PRO A 353 -22.69 0.96 -36.06
C PRO A 353 -21.76 -0.23 -36.15
N ASP A 354 -20.71 -0.30 -35.34
CA ASP A 354 -19.86 -1.49 -35.30
C ASP A 354 -20.36 -2.51 -34.29
N PHE A 355 -20.79 -2.05 -33.11
CA PHE A 355 -21.30 -2.95 -32.09
C PHE A 355 -22.69 -3.48 -32.45
N LEU A 356 -23.41 -2.80 -33.34
CA LEU A 356 -24.79 -3.18 -33.63
C LEU A 356 -24.88 -4.49 -34.40
N GLN A 357 -23.81 -4.93 -35.06
CA GLN A 357 -23.86 -6.16 -35.84
C GLN A 357 -23.85 -7.42 -34.98
N ARG A 358 -23.39 -7.34 -33.74
CA ARG A 358 -23.47 -8.50 -32.85
C ARG A 358 -24.90 -8.82 -32.46
N LEU A 359 -25.77 -7.82 -32.47
CA LEU A 359 -27.05 -7.93 -31.81
C LEU A 359 -28.09 -8.64 -32.69
N LEU A 360 -28.88 -9.50 -32.06
CA LEU A 360 -30.08 -10.07 -32.67
C LEU A 360 -31.24 -9.17 -32.29
N ILE A 361 -31.56 -8.23 -33.16
CA ILE A 361 -32.45 -7.12 -32.81
C ILE A 361 -33.90 -7.60 -32.86
N ILE A 362 -34.59 -7.49 -31.72
CA ILE A 362 -36.01 -7.80 -31.61
C ILE A 362 -36.78 -6.50 -31.66
N PRO A 363 -37.69 -6.31 -32.61
CA PRO A 363 -38.53 -5.11 -32.61
C PRO A 363 -39.64 -5.22 -31.58
N THR A 364 -40.37 -4.11 -31.42
CA THR A 364 -41.54 -4.09 -30.55
C THR A 364 -42.50 -3.05 -31.11
N HIS A 365 -43.67 -3.48 -31.43
CA HIS A 365 -44.61 -2.63 -32.14
C HIS A 365 -45.62 -2.01 -31.19
N PRO A 366 -46.21 -0.85 -31.56
CA PRO A 366 -47.23 -0.23 -30.69
C PRO A 366 -48.53 -1.02 -30.64
N TYR A 367 -49.49 -0.52 -29.86
CA TYR A 367 -50.69 -1.28 -29.56
C TYR A 367 -51.88 -0.81 -30.38
N GLU A 368 -53.05 -1.36 -30.06
CA GLU A 368 -54.30 -1.22 -30.79
C GLU A 368 -55.38 -0.79 -29.81
N PRO A 369 -56.49 -0.19 -30.29
CA PRO A 369 -57.53 0.26 -29.35
C PRO A 369 -58.31 -0.86 -28.65
N ASP A 370 -58.10 -2.13 -28.99
CA ASP A 370 -58.68 -3.21 -28.20
C ASP A 370 -57.68 -3.85 -27.26
N GLU A 371 -56.41 -3.88 -27.66
CA GLU A 371 -55.35 -4.37 -26.78
C GLU A 371 -55.18 -3.47 -25.56
N ILE A 372 -55.39 -2.17 -25.73
CA ILE A 372 -55.39 -1.25 -24.59
C ILE A 372 -56.55 -1.57 -23.66
N ARG A 373 -57.70 -1.94 -24.20
CA ARG A 373 -58.84 -2.33 -23.38
C ARG A 373 -58.55 -3.60 -22.59
N ARG A 374 -57.88 -4.57 -23.21
CA ARG A 374 -57.52 -5.79 -22.51
C ARG A 374 -56.49 -5.54 -21.42
N ILE A 375 -55.51 -4.65 -21.68
CA ILE A 375 -54.49 -4.35 -20.68
C ILE A 375 -55.12 -3.58 -19.50
N VAL A 376 -56.07 -2.70 -19.78
CA VAL A 376 -56.77 -1.99 -18.71
C VAL A 376 -57.60 -2.95 -17.88
N ARG A 377 -58.24 -3.94 -18.52
CA ARG A 377 -59.01 -4.93 -17.77
C ARG A 377 -58.12 -5.81 -16.90
N ILE A 378 -56.96 -6.25 -17.43
CA ILE A 378 -56.04 -7.06 -16.65
C ILE A 378 -55.45 -6.27 -15.49
N ARG A 379 -55.06 -5.02 -15.74
CA ARG A 379 -54.51 -4.17 -14.70
C ARG A 379 -55.55 -3.83 -13.62
N ALA A 380 -56.82 -3.71 -14.02
CA ALA A 380 -57.86 -3.44 -13.05
C ALA A 380 -58.16 -4.66 -12.19
N GLN A 381 -58.15 -5.87 -12.80
CA GLN A 381 -58.37 -7.05 -11.99
C GLN A 381 -57.12 -7.51 -11.25
N THR A 382 -55.97 -6.88 -11.51
CA THR A 382 -54.75 -7.16 -10.76
C THR A 382 -54.65 -6.29 -9.51
N GLU A 383 -54.90 -4.98 -9.65
CA GLU A 383 -54.82 -4.08 -8.51
C GLU A 383 -55.94 -4.32 -7.51
N GLY A 384 -57.10 -4.73 -7.96
CA GLY A 384 -58.25 -4.90 -7.12
C GLY A 384 -59.33 -3.86 -7.29
N VAL A 385 -59.42 -3.23 -8.45
CA VAL A 385 -60.41 -2.19 -8.72
C VAL A 385 -61.37 -2.73 -9.76
N GLN A 386 -62.59 -3.03 -9.34
CA GLN A 386 -63.64 -3.47 -10.26
C GLN A 386 -64.44 -2.25 -10.71
N LEU A 387 -64.96 -2.33 -11.94
CA LEU A 387 -65.54 -1.17 -12.59
C LEU A 387 -66.48 -1.64 -13.70
N THR A 388 -67.14 -0.68 -14.34
CA THR A 388 -68.14 -0.96 -15.37
C THR A 388 -67.52 -0.81 -16.75
N ASP A 389 -68.27 -1.29 -17.76
CA ASP A 389 -67.73 -1.36 -19.12
C ASP A 389 -67.66 0.02 -19.78
N ALA A 390 -68.55 0.94 -19.40
CA ALA A 390 -68.47 2.30 -19.92
C ALA A 390 -67.22 2.99 -19.39
N ALA A 391 -66.86 2.70 -18.14
CA ALA A 391 -65.63 3.26 -17.56
C ALA A 391 -64.39 2.65 -18.23
N VAL A 392 -64.47 1.37 -18.59
CA VAL A 392 -63.39 0.72 -19.33
C VAL A 392 -63.24 1.36 -20.71
N ASP A 393 -64.35 1.68 -21.36
CA ASP A 393 -64.30 2.37 -22.65
C ASP A 393 -63.75 3.79 -22.52
N ARG A 394 -64.06 4.46 -21.41
CA ARG A 394 -63.52 5.79 -21.16
C ARG A 394 -62.01 5.76 -20.95
N VAL A 395 -61.53 4.81 -20.16
CA VAL A 395 -60.09 4.68 -19.92
C VAL A 395 -59.37 4.24 -21.20
N ALA A 396 -60.00 3.40 -22.02
CA ALA A 396 -59.40 3.05 -23.31
C ALA A 396 -59.40 4.22 -24.28
N GLU A 397 -60.39 5.12 -24.17
CA GLU A 397 -60.39 6.34 -24.98
C GLU A 397 -59.22 7.23 -24.60
N HIS A 398 -58.98 7.37 -23.29
CA HIS A 398 -57.77 8.08 -22.83
C HIS A 398 -56.50 7.37 -23.25
N GLY A 399 -56.53 6.04 -23.35
CA GLY A 399 -55.36 5.31 -23.76
C GLY A 399 -55.04 5.50 -25.23
N VAL A 400 -56.06 5.57 -26.07
CA VAL A 400 -55.85 5.84 -27.48
C VAL A 400 -55.39 7.27 -27.69
N ARG A 401 -56.02 8.23 -26.98
CA ARG A 401 -55.72 9.63 -27.25
C ARG A 401 -54.39 10.07 -26.63
N ILE A 402 -54.15 9.73 -25.36
CA ILE A 402 -53.05 10.36 -24.63
C ILE A 402 -51.80 9.50 -24.58
N SER A 403 -51.87 8.33 -23.96
CA SER A 403 -50.72 7.45 -23.74
C SER A 403 -51.22 6.11 -23.22
N LEU A 404 -50.33 5.13 -23.21
CA LEU A 404 -50.69 3.83 -22.64
C LEU A 404 -50.52 3.79 -21.12
N ARG A 405 -49.37 4.22 -20.61
CA ARG A 405 -49.13 4.17 -19.18
C ARG A 405 -49.54 5.45 -18.46
N TYR A 406 -50.36 6.28 -19.11
CA TYR A 406 -51.12 7.31 -18.42
C TYR A 406 -52.51 6.82 -18.00
N CYS A 407 -53.20 6.09 -18.89
CA CYS A 407 -54.55 5.66 -18.58
C CYS A 407 -54.58 4.54 -17.56
N LEU A 408 -53.47 3.81 -17.38
CA LEU A 408 -53.41 2.84 -16.30
C LEU A 408 -53.35 3.51 -14.94
N GLN A 409 -52.79 4.71 -14.86
CA GLN A 409 -52.63 5.42 -13.62
C GLN A 409 -53.86 6.24 -13.22
N LEU A 410 -54.90 6.25 -14.05
CA LEU A 410 -56.16 6.87 -13.67
C LEU A 410 -57.11 5.89 -13.00
N LEU A 411 -56.61 4.73 -12.57
CA LEU A 411 -57.41 3.76 -11.86
C LEU A 411 -57.23 3.83 -10.35
N ALA A 412 -56.07 4.30 -9.89
CA ALA A 412 -55.77 4.37 -8.47
C ALA A 412 -56.42 5.58 -7.77
N PRO A 413 -56.47 6.79 -8.35
CA PRO A 413 -57.34 7.80 -7.71
C PRO A 413 -58.82 7.48 -7.87
N ALA A 414 -59.22 6.93 -9.01
CA ALA A 414 -60.64 6.70 -9.29
C ALA A 414 -61.23 5.61 -8.42
N SER A 415 -60.41 4.74 -7.83
CA SER A 415 -60.92 3.88 -6.77
C SER A 415 -61.21 4.68 -5.52
N ILE A 416 -60.25 5.51 -5.11
CA ILE A 416 -60.32 6.21 -3.82
C ILE A 416 -61.47 7.20 -3.80
N LEU A 417 -61.62 7.97 -4.89
CA LEU A 417 -62.76 8.86 -5.05
C LEU A 417 -64.08 8.10 -5.05
N ALA A 418 -64.07 6.87 -5.60
CA ALA A 418 -65.24 6.00 -5.51
C ALA A 418 -65.55 5.67 -4.06
N ARG A 419 -64.51 5.37 -3.27
CA ARG A 419 -64.70 5.11 -1.86
C ARG A 419 -65.08 6.38 -1.10
N VAL A 420 -64.84 7.56 -1.70
CA VAL A 420 -65.38 8.79 -1.15
C VAL A 420 -66.89 8.80 -1.25
N ASN A 421 -67.44 8.39 -2.39
CA ASN A 421 -68.86 8.53 -2.65
C ASN A 421 -69.66 7.29 -2.26
N GLY A 422 -69.10 6.44 -1.39
CA GLY A 422 -69.80 5.27 -0.90
C GLY A 422 -69.96 4.15 -1.91
N ARG A 423 -69.37 4.26 -3.09
CA ARG A 423 -69.51 3.25 -4.12
C ARG A 423 -68.50 2.12 -3.89
N THR A 424 -68.66 1.05 -4.66
CA THR A 424 -67.68 -0.02 -4.74
C THR A 424 -67.05 -0.11 -6.11
N GLN A 425 -67.86 -0.16 -7.16
CA GLN A 425 -67.38 -0.14 -8.53
C GLN A 425 -67.20 1.31 -9.00
N VAL A 426 -66.31 1.48 -9.96
CA VAL A 426 -65.95 2.79 -10.48
C VAL A 426 -66.81 3.09 -11.68
N ASP A 427 -67.55 4.20 -11.65
CA ASP A 427 -68.42 4.61 -12.72
C ASP A 427 -67.76 5.71 -13.55
N VAL A 428 -68.56 6.32 -14.44
CA VAL A 428 -68.04 7.32 -15.36
C VAL A 428 -67.70 8.62 -14.63
N GLN A 429 -68.44 8.93 -13.56
CA GLN A 429 -68.27 10.20 -12.87
C GLN A 429 -66.94 10.27 -12.13
N ASP A 430 -66.50 9.16 -11.56
CA ASP A 430 -65.24 9.15 -10.81
C ASP A 430 -64.04 9.34 -11.72
N ILE A 431 -64.07 8.71 -12.90
CA ILE A 431 -62.98 8.91 -13.85
C ILE A 431 -63.09 10.29 -14.51
N ALA A 432 -64.31 10.80 -14.68
CA ALA A 432 -64.48 12.16 -15.21
C ALA A 432 -64.05 13.23 -14.21
N GLU A 433 -63.97 12.90 -12.92
CA GLU A 433 -63.40 13.81 -11.94
C GLU A 433 -61.90 13.63 -11.79
N ALA A 434 -61.42 12.38 -11.87
CA ALA A 434 -59.99 12.11 -11.73
C ALA A 434 -59.21 12.54 -12.97
N GLU A 435 -59.86 12.68 -14.11
CA GLU A 435 -59.21 13.24 -15.29
C GLU A 435 -59.07 14.75 -15.19
N GLU A 436 -59.79 15.39 -14.28
CA GLU A 436 -59.67 16.81 -14.03
C GLU A 436 -58.76 17.14 -12.86
N LEU A 437 -58.73 16.29 -11.83
CA LEU A 437 -57.80 16.54 -10.72
C LEU A 437 -56.37 16.25 -11.13
N PHE A 438 -56.13 15.12 -11.78
CA PHE A 438 -54.80 14.65 -12.14
C PHE A 438 -54.61 14.77 -13.64
N LEU A 439 -53.58 15.49 -14.06
CA LEU A 439 -53.37 15.78 -15.47
C LEU A 439 -52.20 14.99 -16.04
N ASP A 440 -52.13 14.96 -17.37
CA ASP A 440 -51.06 14.33 -18.11
C ASP A 440 -49.95 15.34 -18.38
N ALA A 441 -49.03 14.99 -19.28
CA ALA A 441 -47.94 15.90 -19.64
C ALA A 441 -48.32 16.83 -20.79
N ARG A 442 -49.16 16.38 -21.71
CA ARG A 442 -49.47 17.17 -22.90
C ARG A 442 -50.35 18.37 -22.58
N ARG A 443 -51.43 18.14 -21.83
CA ARG A 443 -52.28 19.26 -21.44
C ARG A 443 -51.58 20.18 -20.44
N SER A 444 -50.67 19.64 -19.63
CA SER A 444 -49.87 20.48 -18.75
C SER A 444 -48.93 21.38 -19.54
N ALA A 445 -48.33 20.85 -20.61
CA ALA A 445 -47.49 21.68 -21.47
C ALA A 445 -48.32 22.70 -22.23
N ASN A 446 -49.57 22.36 -22.57
CA ASN A 446 -50.45 23.32 -23.23
C ASN A 446 -50.82 24.46 -22.28
N ILE A 447 -51.15 24.14 -21.03
CA ILE A 447 -51.40 25.17 -20.01
C ILE A 447 -50.15 26.00 -19.76
N LEU A 448 -48.98 25.34 -19.78
CA LEU A 448 -47.70 26.02 -19.59
C LEU A 448 -47.46 27.07 -20.69
N THR A 449 -47.62 26.66 -21.95
CA THR A 449 -47.38 27.57 -23.06
C THR A 449 -48.44 28.67 -23.13
N SER A 450 -49.69 28.36 -22.82
CA SER A 450 -50.75 29.34 -22.92
C SER A 450 -50.69 30.37 -21.79
N THR A 451 -50.68 29.89 -20.54
CA THR A 451 -50.70 30.81 -19.39
C THR A 451 -49.34 31.48 -19.21
N GLY A 452 -48.25 30.74 -19.34
CA GLY A 452 -46.93 31.33 -19.21
C GLY A 452 -46.53 32.14 -20.43
N GLU A 453 -47.19 33.28 -20.63
CA GLU A 453 -46.92 34.13 -21.78
C GLU A 453 -45.65 34.94 -21.58
N SER A 454 -45.56 35.65 -20.46
CA SER A 454 -44.43 36.51 -20.16
C SER A 454 -43.88 36.16 -18.78
N GLY A 455 -42.56 36.29 -18.65
CA GLY A 455 -41.94 36.12 -17.34
C GLY A 455 -42.21 37.33 -16.46
N GLY A 456 -42.40 37.07 -15.18
CA GLY A 456 -42.72 38.12 -14.23
C GLY A 456 -43.15 37.59 -12.88
N LEU A 457 -44.27 38.09 -12.37
CA LEU A 457 -44.75 37.65 -11.07
C LEU A 457 -45.54 36.35 -11.19
N HIS A 458 -46.50 36.30 -12.11
CA HIS A 458 -47.34 35.12 -12.30
C HIS A 458 -46.91 34.31 -13.51
N GLY A 459 -45.62 34.31 -13.83
CA GLY A 459 -45.09 33.58 -14.96
C GLY A 459 -44.23 32.40 -14.54
N PHE A 460 -43.62 31.79 -15.54
CA PHE A 460 -42.71 30.67 -15.33
C PHE A 460 -41.28 31.09 -15.65
N ILE A 461 -40.34 30.51 -14.94
CA ILE A 461 -38.92 30.77 -15.20
C ILE A 461 -38.54 30.02 -16.48
N SER A 462 -38.27 30.77 -17.55
CA SER A 462 -37.96 30.15 -18.84
C SER A 462 -36.49 29.73 -18.91
N HIS B 14 21.97 -8.07 -27.12
CA HIS B 14 22.08 -7.19 -28.27
C HIS B 14 20.85 -7.32 -29.17
N ARG B 15 19.83 -6.51 -28.90
CA ARG B 15 18.63 -6.46 -29.72
C ARG B 15 18.46 -5.06 -30.29
N THR B 16 17.95 -4.99 -31.51
CA THR B 16 17.90 -3.74 -32.25
C THR B 16 16.71 -2.89 -31.81
N ALA B 17 16.98 -1.65 -31.45
CA ALA B 17 15.95 -0.65 -31.22
C ALA B 17 15.95 0.34 -32.38
N ALA B 18 15.15 1.39 -32.26
CA ALA B 18 15.13 2.42 -33.29
C ALA B 18 16.36 3.32 -33.23
N HIS B 19 17.15 3.26 -32.16
CA HIS B 19 18.38 4.05 -32.05
C HIS B 19 19.51 3.19 -31.53
N THR B 20 19.67 2.00 -32.12
CA THR B 20 20.81 1.17 -31.76
C THR B 20 22.09 1.70 -32.39
N HIS B 21 22.00 2.20 -33.62
CA HIS B 21 23.18 2.64 -34.34
C HIS B 21 23.70 4.00 -33.88
N ILE B 22 23.03 4.67 -32.95
CA ILE B 22 23.53 5.91 -32.38
C ILE B 22 24.51 5.56 -31.29
N LYS B 23 25.79 5.90 -31.50
CA LYS B 23 26.82 5.70 -30.49
C LYS B 23 27.27 6.99 -29.85
N GLY B 24 27.47 8.04 -30.64
CA GLY B 24 27.84 9.33 -30.11
C GLY B 24 27.59 10.39 -31.16
N LEU B 25 27.92 11.63 -30.80
CA LEU B 25 27.73 12.74 -31.73
C LEU B 25 28.72 12.69 -32.89
N GLY B 26 29.90 12.10 -32.67
CA GLY B 26 30.88 12.00 -33.73
C GLY B 26 31.48 13.35 -34.08
N LEU B 27 32.25 13.91 -33.16
CA LEU B 27 32.83 15.23 -33.35
C LEU B 27 34.34 15.11 -33.51
N ASN B 28 34.97 16.23 -33.88
CA ASN B 28 36.42 16.30 -33.94
C ASN B 28 36.99 16.63 -32.57
N SER B 29 38.27 16.99 -32.53
CA SER B 29 38.84 17.53 -31.29
C SER B 29 38.55 19.02 -31.15
N SER B 30 38.28 19.71 -32.26
CA SER B 30 37.99 21.14 -32.25
C SER B 30 36.50 21.43 -32.27
N GLY B 31 35.66 20.44 -31.97
CA GLY B 31 34.24 20.67 -31.89
C GLY B 31 33.54 20.92 -33.20
N ILE B 32 33.98 20.27 -34.27
CA ILE B 32 33.36 20.39 -35.59
C ILE B 32 32.86 19.01 -36.00
N ALA B 33 31.59 18.94 -36.37
CA ALA B 33 31.00 17.67 -36.78
C ALA B 33 31.51 17.24 -38.14
N GLU B 34 31.67 15.93 -38.30
CA GLU B 34 32.16 15.32 -39.53
C GLU B 34 31.09 14.37 -40.05
N LYS B 35 30.90 14.35 -41.36
CA LYS B 35 29.78 13.62 -41.94
C LYS B 35 30.05 12.11 -41.91
N GLN B 36 28.98 11.36 -41.64
CA GLN B 36 28.99 9.90 -41.48
C GLN B 36 29.99 9.48 -40.40
N ALA B 37 29.66 9.89 -39.18
CA ALA B 37 30.48 9.61 -38.01
C ALA B 37 29.60 9.12 -36.88
N ALA B 38 30.00 8.00 -36.26
CA ALA B 38 29.41 7.43 -35.04
C ALA B 38 27.93 7.08 -35.18
N GLY B 39 27.43 6.88 -36.40
CA GLY B 39 26.06 6.49 -36.63
C GLY B 39 25.22 7.55 -37.31
N PHE B 40 25.53 8.82 -37.09
CA PHE B 40 24.80 9.89 -37.76
C PHE B 40 25.23 10.01 -39.21
N VAL B 41 24.35 10.57 -40.03
CA VAL B 41 24.63 10.88 -41.42
C VAL B 41 24.23 12.34 -41.65
N GLY B 42 25.21 13.18 -41.95
CA GLY B 42 24.92 14.60 -42.14
C GLY B 42 24.54 15.24 -40.81
N GLN B 43 23.60 16.20 -40.90
CA GLN B 43 23.04 16.92 -39.76
C GLN B 43 24.15 17.61 -38.95
N CYS B 44 24.81 18.57 -39.61
CA CYS B 44 26.05 19.11 -39.09
C CYS B 44 25.83 20.07 -37.94
N ALA B 45 25.08 21.15 -38.18
CA ALA B 45 24.96 22.24 -37.21
C ALA B 45 24.24 21.81 -35.95
N ALA B 46 23.28 20.89 -36.07
CA ALA B 46 22.60 20.38 -34.88
C ALA B 46 23.53 19.53 -34.02
N ARG B 47 24.42 18.75 -34.64
CA ARG B 47 25.38 17.99 -33.84
C ARG B 47 26.45 18.88 -33.24
N GLU B 48 26.84 19.96 -33.93
CA GLU B 48 27.77 20.92 -33.34
C GLU B 48 27.14 21.63 -32.14
N ALA B 49 25.87 22.00 -32.25
CA ALA B 49 25.19 22.67 -31.15
C ALA B 49 24.97 21.72 -29.99
N CYS B 50 24.64 20.45 -30.25
CA CYS B 50 24.51 19.50 -29.16
C CYS B 50 25.86 19.16 -28.53
N GLY B 51 26.95 19.24 -29.29
CA GLY B 51 28.26 19.10 -28.68
C GLY B 51 28.59 20.24 -27.74
N VAL B 52 28.21 21.47 -28.12
CA VAL B 52 28.35 22.61 -27.23
C VAL B 52 27.47 22.44 -25.99
N VAL B 53 26.29 21.84 -26.15
CA VAL B 53 25.42 21.57 -25.01
C VAL B 53 26.05 20.54 -24.06
N VAL B 54 26.65 19.48 -24.61
CA VAL B 54 27.31 18.46 -23.79
C VAL B 54 28.48 19.06 -23.02
N ASP B 55 29.25 19.95 -23.66
CA ASP B 55 30.34 20.62 -22.96
C ASP B 55 29.82 21.57 -21.89
N LEU B 56 28.64 22.17 -22.09
CA LEU B 56 28.06 23.02 -21.07
C LEU B 56 27.60 22.21 -19.87
N ILE B 57 27.10 21.01 -20.12
CA ILE B 57 26.67 20.13 -19.03
C ILE B 57 27.89 19.65 -18.24
N LYS B 58 28.98 19.34 -18.93
CA LYS B 58 30.17 18.89 -18.22
C LYS B 58 30.95 20.03 -17.55
N ALA B 59 30.72 21.28 -17.95
CA ALA B 59 31.50 22.38 -17.39
C ALA B 59 31.09 22.77 -15.97
N HIS B 60 29.89 22.38 -15.52
CA HIS B 60 29.35 22.66 -14.18
C HIS B 60 29.27 24.16 -13.90
N LYS B 61 28.66 24.90 -14.82
CA LYS B 61 28.37 26.33 -14.67
C LYS B 61 26.94 26.60 -15.09
N MET B 62 26.02 25.79 -14.57
CA MET B 62 24.68 25.68 -15.11
C MET B 62 23.70 25.50 -13.97
N ALA B 63 22.74 26.41 -13.84
CA ALA B 63 21.71 26.33 -12.82
C ALA B 63 20.34 26.52 -13.46
N GLY B 64 20.11 25.85 -14.57
CA GLY B 64 18.87 25.97 -15.29
C GLY B 64 19.06 26.62 -16.64
N ARG B 65 19.14 25.80 -17.68
CA ARG B 65 19.20 26.26 -19.06
C ARG B 65 18.21 25.46 -19.87
N GLY B 66 17.57 26.11 -20.83
CA GLY B 66 16.58 25.46 -21.67
C GLY B 66 17.05 25.40 -23.10
N VAL B 67 16.88 24.24 -23.73
CA VAL B 67 17.30 24.01 -25.10
C VAL B 67 16.14 23.38 -25.85
N LEU B 68 15.65 24.07 -26.88
CA LEU B 68 14.56 23.58 -27.71
C LEU B 68 15.11 23.07 -29.02
N LEU B 69 14.49 22.02 -29.54
CA LEU B 69 14.90 21.40 -30.80
C LEU B 69 13.73 21.50 -31.78
N ALA B 70 13.90 22.28 -32.84
CA ALA B 70 12.87 22.46 -33.85
C ALA B 70 12.94 21.31 -34.85
N GLY B 71 12.22 21.43 -35.95
CA GLY B 71 12.23 20.41 -36.97
C GLY B 71 11.04 19.48 -36.88
N GLY B 72 10.56 19.05 -38.04
CA GLY B 72 9.36 18.26 -38.10
C GLY B 72 9.59 16.82 -37.72
N PRO B 73 8.51 16.03 -37.77
CA PRO B 73 8.65 14.60 -37.54
C PRO B 73 9.35 13.94 -38.71
N GLY B 74 10.09 12.89 -38.40
CA GLY B 74 10.94 12.21 -39.34
C GLY B 74 12.39 12.65 -39.29
N THR B 75 12.64 13.86 -38.84
CA THR B 75 14.01 14.33 -38.66
C THR B 75 14.56 13.82 -37.33
N GLY B 76 15.87 13.97 -37.16
CA GLY B 76 16.54 13.40 -36.02
C GLY B 76 16.58 14.28 -34.79
N LYS B 77 15.46 14.43 -34.10
CA LYS B 77 15.47 15.19 -32.87
C LYS B 77 15.91 14.33 -31.69
N THR B 78 15.26 13.18 -31.49
CA THR B 78 15.58 12.35 -30.33
C THR B 78 16.86 11.55 -30.52
N ALA B 79 17.33 11.39 -31.76
CA ALA B 79 18.65 10.82 -31.98
C ALA B 79 19.73 11.71 -31.41
N LEU B 80 19.54 13.04 -31.48
CA LEU B 80 20.46 13.96 -30.82
C LEU B 80 20.41 13.79 -29.31
N ALA B 81 19.24 13.51 -28.75
CA ALA B 81 19.12 13.37 -27.30
C ALA B 81 19.77 12.08 -26.82
N LEU B 82 19.58 10.97 -27.55
CA LEU B 82 20.28 9.74 -27.16
C LEU B 82 21.77 9.83 -27.44
N ALA B 83 22.17 10.64 -28.42
CA ALA B 83 23.59 10.91 -28.62
C ALA B 83 24.19 11.66 -27.44
N ILE B 84 23.48 12.65 -26.91
CA ILE B 84 23.90 13.35 -25.70
C ILE B 84 23.94 12.39 -24.51
N SER B 85 22.95 11.50 -24.42
CA SER B 85 22.87 10.59 -23.29
C SER B 85 23.98 9.54 -23.29
N GLN B 86 24.45 9.15 -24.47
CA GLN B 86 25.60 8.25 -24.53
C GLN B 86 26.92 9.00 -24.63
N GLU B 87 26.89 10.31 -24.85
CA GLU B 87 28.10 11.11 -24.83
C GLU B 87 28.49 11.50 -23.41
N LEU B 88 27.50 11.73 -22.55
CA LEU B 88 27.79 11.99 -21.14
C LEU B 88 28.31 10.74 -20.44
N GLY B 89 27.70 9.61 -20.71
CA GLY B 89 28.11 8.35 -20.10
C GLY B 89 27.11 7.90 -19.05
N THR B 90 27.52 6.90 -18.30
CA THR B 90 26.70 6.36 -17.23
C THR B 90 26.74 7.23 -15.98
N LYS B 91 27.74 8.10 -15.88
CA LYS B 91 27.96 8.88 -14.66
C LYS B 91 26.88 9.93 -14.46
N ILE B 92 26.78 10.88 -15.39
CA ILE B 92 25.87 12.02 -15.22
C ILE B 92 24.45 11.56 -15.50
N PRO B 93 23.49 11.84 -14.62
CA PRO B 93 22.13 11.33 -14.80
C PRO B 93 21.41 12.01 -15.95
N PHE B 94 20.54 11.23 -16.59
CA PHE B 94 19.78 11.68 -17.75
C PHE B 94 18.36 11.16 -17.56
N CYS B 95 17.39 12.06 -17.48
CA CYS B 95 16.01 11.66 -17.24
C CYS B 95 15.16 12.01 -18.46
N PRO B 96 14.87 11.06 -19.33
CA PRO B 96 13.94 11.34 -20.43
C PRO B 96 12.48 11.12 -20.04
N ILE B 97 11.66 12.16 -20.09
CA ILE B 97 10.23 12.01 -19.87
C ILE B 97 9.48 12.69 -21.01
N THR B 98 8.37 12.10 -21.41
CA THR B 98 7.46 12.74 -22.34
C THR B 98 6.62 13.76 -21.59
N GLY B 99 5.93 14.60 -22.36
CA GLY B 99 5.08 15.61 -21.73
C GLY B 99 3.88 15.00 -21.04
N SER B 100 3.29 13.97 -21.65
CA SER B 100 2.05 13.38 -21.16
C SER B 100 2.21 12.66 -19.83
N GLU B 101 3.45 12.39 -19.41
CA GLU B 101 3.67 11.81 -18.09
C GLU B 101 3.48 12.80 -16.95
N ILE B 102 3.28 14.09 -17.21
CA ILE B 102 3.15 15.02 -16.09
C ILE B 102 1.79 14.97 -15.42
N TYR B 103 0.81 14.28 -16.02
CA TYR B 103 -0.54 14.26 -15.48
C TYR B 103 -0.70 13.06 -14.55
N SER B 104 -1.19 13.30 -13.35
CA SER B 104 -1.47 12.24 -12.40
C SER B 104 -2.86 12.43 -11.82
N THR B 105 -3.26 11.50 -10.97
CA THR B 105 -4.52 11.58 -10.24
C THR B 105 -4.31 11.60 -8.73
N GLU B 106 -3.07 11.84 -8.29
CA GLU B 106 -2.74 11.83 -6.87
C GLU B 106 -1.99 13.10 -6.48
N VAL B 107 -1.32 13.73 -7.45
CA VAL B 107 -0.59 14.96 -7.22
C VAL B 107 -0.93 15.96 -8.31
N LYS B 108 -0.62 17.22 -8.05
CA LYS B 108 -0.73 18.27 -9.04
C LYS B 108 0.40 18.13 -10.07
N LYS B 109 0.21 18.77 -11.21
CA LYS B 109 1.14 18.61 -12.33
C LYS B 109 2.27 19.63 -12.33
N THR B 110 2.31 20.52 -11.35
CA THR B 110 3.49 21.34 -11.10
C THR B 110 4.38 20.75 -10.04
N GLU B 111 4.09 19.53 -9.60
CA GLU B 111 4.92 18.80 -8.67
C GLU B 111 5.66 17.64 -9.30
N VAL B 112 5.10 17.06 -10.37
CA VAL B 112 5.81 16.02 -11.12
C VAL B 112 6.98 16.63 -11.88
N LEU B 113 6.88 17.91 -12.27
CA LEU B 113 8.02 18.61 -12.84
C LEU B 113 9.16 18.72 -11.84
N MET B 114 8.87 19.13 -10.60
CA MET B 114 9.92 19.19 -9.60
C MET B 114 10.43 17.82 -9.19
N GLU B 115 9.58 16.79 -9.26
CA GLU B 115 10.08 15.43 -9.06
C GLU B 115 11.05 15.03 -10.16
N ASN B 116 10.81 15.47 -11.40
CA ASN B 116 11.77 15.19 -12.45
C ASN B 116 13.04 16.02 -12.31
N PHE B 117 12.93 17.26 -11.83
CA PHE B 117 14.13 18.05 -11.56
C PHE B 117 14.97 17.43 -10.43
N ARG B 118 14.33 16.87 -9.42
CA ARG B 118 15.07 16.22 -8.37
C ARG B 118 15.50 14.80 -8.70
N ARG B 119 14.92 14.19 -9.75
CA ARG B 119 15.52 12.98 -10.29
C ARG B 119 16.68 13.27 -11.23
N ALA B 120 16.80 14.51 -11.71
CA ALA B 120 17.89 14.80 -12.63
C ALA B 120 19.24 14.97 -11.93
N ILE B 121 19.26 15.53 -10.72
CA ILE B 121 20.52 15.85 -10.06
C ILE B 121 21.07 14.60 -9.40
N GLY B 122 22.37 14.37 -9.53
CA GLY B 122 23.02 13.16 -9.04
C GLY B 122 23.97 13.42 -7.89
N LEU B 123 24.08 12.44 -7.01
CA LEU B 123 24.91 12.53 -5.82
C LEU B 123 25.68 11.23 -5.69
N ARG B 124 26.97 11.27 -5.97
CA ARG B 124 27.81 10.07 -6.04
C ARG B 124 28.53 9.85 -4.72
N VAL B 125 28.37 8.68 -4.12
CA VAL B 125 29.01 8.30 -2.87
C VAL B 125 29.88 7.08 -3.13
N ARG B 126 31.09 7.11 -2.60
CA ARG B 126 32.01 5.98 -2.65
C ARG B 126 31.94 5.23 -1.33
N GLU B 127 31.85 3.90 -1.39
CA GLU B 127 31.81 3.07 -0.19
C GLU B 127 32.81 1.93 -0.29
N THR B 128 33.25 1.45 0.86
CA THR B 128 34.13 0.31 0.98
C THR B 128 33.42 -0.74 1.83
N LYS B 129 32.59 -1.55 1.19
CA LYS B 129 31.77 -2.52 1.90
C LYS B 129 32.62 -3.73 2.31
N ASP B 130 32.60 -4.04 3.60
CA ASP B 130 33.37 -5.16 4.16
C ASP B 130 32.38 -6.28 4.45
N VAL B 131 32.25 -7.21 3.54
CA VAL B 131 31.24 -8.24 3.67
C VAL B 131 31.83 -9.45 4.37
N TYR B 132 30.98 -10.18 5.08
CA TYR B 132 31.35 -11.36 5.86
C TYR B 132 30.44 -12.51 5.50
N GLU B 133 30.87 -13.37 4.61
CA GLU B 133 30.19 -14.63 4.36
C GLU B 133 30.76 -15.68 5.30
N GLY B 134 29.91 -16.53 5.84
CA GLY B 134 30.47 -17.70 6.50
C GLY B 134 29.54 -18.31 7.52
N GLU B 135 29.96 -19.48 7.99
CA GLU B 135 29.19 -20.26 8.94
C GLU B 135 29.44 -19.79 10.36
N VAL B 136 28.36 -19.62 11.12
CA VAL B 136 28.47 -19.26 12.53
C VAL B 136 29.07 -20.42 13.31
N THR B 137 30.14 -20.15 14.05
CA THR B 137 30.76 -21.17 14.89
C THR B 137 30.20 -21.15 16.31
N GLU B 138 30.11 -19.98 16.93
CA GLU B 138 29.49 -19.89 18.24
C GLU B 138 28.72 -18.57 18.35
N MET B 139 27.78 -18.55 19.30
CA MET B 139 26.96 -17.38 19.62
C MET B 139 27.13 -17.11 21.11
N THR B 140 28.18 -16.40 21.47
CA THR B 140 28.56 -16.26 22.88
C THR B 140 28.29 -14.85 23.37
N PRO B 141 27.27 -14.63 24.20
CA PRO B 141 27.10 -13.31 24.82
C PRO B 141 28.16 -13.03 25.88
N GLU B 142 28.99 -12.02 25.62
CA GLU B 142 30.14 -11.76 26.47
C GLU B 142 29.73 -11.07 27.77
N GLU B 143 29.18 -9.86 27.67
CA GLU B 143 28.92 -9.03 28.83
C GLU B 143 27.48 -9.17 29.30
N ALA B 144 27.25 -8.77 30.55
CA ALA B 144 25.92 -8.83 31.14
C ALA B 144 25.69 -7.62 32.04
N SER B 156 24.15 -7.67 25.44
CA SER B 156 25.31 -6.83 25.22
C SER B 156 26.16 -7.35 24.05
N THR B 157 27.48 -7.18 24.18
CA THR B 157 28.39 -7.58 23.11
C THR B 157 28.43 -9.10 23.00
N LEU B 158 28.29 -9.60 21.77
CA LEU B 158 28.21 -11.03 21.53
C LEU B 158 29.16 -11.40 20.39
N LEU B 159 30.18 -12.18 20.70
CA LEU B 159 31.13 -12.61 19.67
C LEU B 159 30.50 -13.65 18.76
N ILE B 160 30.90 -13.62 17.49
CA ILE B 160 30.49 -14.61 16.50
C ILE B 160 31.72 -15.04 15.72
N GLY B 161 31.98 -16.35 15.71
CA GLY B 161 33.04 -16.88 14.87
C GLY B 161 32.50 -17.27 13.52
N LEU B 162 33.03 -16.67 12.46
CA LEU B 162 32.54 -16.93 11.11
C LEU B 162 33.51 -17.87 10.40
N LYS B 163 33.16 -19.15 10.36
CA LYS B 163 34.01 -20.15 9.73
C LYS B 163 33.77 -20.18 8.23
N SER B 164 34.83 -20.00 7.46
CA SER B 164 34.81 -20.17 6.02
C SER B 164 35.47 -21.49 5.69
N ALA B 165 35.72 -21.72 4.40
CA ALA B 165 36.58 -22.82 3.98
C ALA B 165 38.05 -22.44 3.94
N ARG B 166 38.39 -21.22 4.37
CA ARG B 166 39.78 -20.79 4.47
C ARG B 166 40.19 -20.50 5.91
N GLY B 167 39.26 -20.30 6.82
CA GLY B 167 39.57 -20.15 8.23
C GLY B 167 38.51 -19.35 8.95
N GLN B 168 38.35 -19.66 10.23
CA GLN B 168 37.37 -18.92 11.02
C GLN B 168 37.98 -17.60 11.50
N LYS B 169 37.11 -16.75 12.06
CA LYS B 169 37.53 -15.41 12.44
C LYS B 169 36.56 -14.88 13.48
N LYS B 170 37.10 -14.37 14.59
CA LYS B 170 36.27 -13.79 15.62
C LYS B 170 35.73 -12.44 15.17
N LEU B 171 34.62 -12.03 15.78
CA LEU B 171 33.93 -10.81 15.37
C LEU B 171 33.10 -10.29 16.53
N ARG B 172 33.38 -9.06 16.96
CA ARG B 172 32.66 -8.45 18.07
C ARG B 172 31.52 -7.60 17.51
N LEU B 173 30.32 -7.85 18.01
CA LEU B 173 29.11 -7.20 17.50
C LEU B 173 28.61 -6.13 18.45
N ASP B 174 28.07 -5.06 17.86
CA ASP B 174 27.35 -4.04 18.59
C ASP B 174 26.08 -4.64 19.20
N PRO B 175 25.59 -4.11 20.32
CA PRO B 175 24.31 -4.61 20.86
C PRO B 175 23.07 -4.17 20.11
N SER B 176 23.21 -3.53 18.96
CA SER B 176 22.07 -3.25 18.08
C SER B 176 22.09 -4.06 16.80
N ILE B 177 23.26 -4.46 16.31
CA ILE B 177 23.31 -5.37 15.18
C ILE B 177 22.95 -6.78 15.63
N TYR B 178 23.15 -7.11 16.91
CA TYR B 178 22.73 -8.41 17.41
C TYR B 178 21.21 -8.52 17.49
N GLU B 179 20.52 -7.39 17.70
CA GLU B 179 19.07 -7.41 17.65
C GLU B 179 18.54 -7.40 16.22
N ALA B 180 19.40 -7.27 15.22
CA ALA B 180 19.05 -7.54 13.83
C ALA B 180 19.41 -8.96 13.41
N ILE B 181 20.46 -9.54 14.00
CA ILE B 181 20.74 -10.96 13.83
C ILE B 181 19.62 -11.80 14.46
N GLN B 182 19.16 -11.39 15.64
CA GLN B 182 18.24 -12.19 16.45
C GLN B 182 16.83 -12.18 15.90
N LYS B 183 16.43 -11.13 15.18
CA LYS B 183 15.14 -11.12 14.51
C LYS B 183 15.11 -12.15 13.38
N GLU B 184 16.21 -12.25 12.64
CA GLU B 184 16.44 -13.38 11.77
C GLU B 184 16.64 -14.63 12.63
N ARG B 185 16.35 -15.80 12.07
CA ARG B 185 16.39 -17.02 12.86
C ARG B 185 17.72 -17.72 12.66
N VAL B 186 18.74 -17.22 13.34
CA VAL B 186 20.10 -17.75 13.29
C VAL B 186 20.40 -18.40 14.64
N GLN B 187 20.68 -19.70 14.65
CA GLN B 187 20.80 -20.42 15.91
C GLN B 187 22.20 -20.95 16.19
N VAL B 188 22.73 -21.86 15.37
CA VAL B 188 23.97 -22.55 15.70
C VAL B 188 24.96 -22.48 14.55
N GLY B 189 24.57 -23.02 13.40
CA GLY B 189 25.48 -23.19 12.29
C GLY B 189 24.93 -22.70 10.98
N ASP B 190 24.14 -21.64 11.02
CA ASP B 190 23.62 -21.03 9.81
C ASP B 190 24.68 -20.16 9.18
N VAL B 191 24.88 -20.30 7.87
CA VAL B 191 25.77 -19.37 7.18
C VAL B 191 25.07 -18.03 7.06
N ILE B 192 25.81 -16.96 7.31
CA ILE B 192 25.27 -15.62 7.30
C ILE B 192 26.16 -14.72 6.46
N TYR B 193 25.66 -13.52 6.21
CA TYR B 193 26.26 -12.52 5.33
C TYR B 193 26.14 -11.18 6.06
N ILE B 194 27.14 -10.85 6.87
CA ILE B 194 27.12 -9.61 7.64
C ILE B 194 27.81 -8.52 6.84
N GLU B 195 27.09 -7.42 6.62
CA GLU B 195 27.73 -6.19 6.20
C GLU B 195 28.34 -5.51 7.42
N THR B 196 29.61 -5.16 7.33
CA THR B 196 30.25 -4.50 8.47
C THR B 196 29.84 -3.03 8.55
N ASN B 197 29.86 -2.33 7.42
CA ASN B 197 29.58 -0.89 7.43
C ASN B 197 28.10 -0.61 7.65
N THR B 198 27.26 -1.05 6.71
CA THR B 198 25.85 -0.69 6.77
C THR B 198 25.06 -1.55 7.76
N GLY B 199 25.65 -2.61 8.28
CA GLY B 199 24.98 -3.46 9.25
C GLY B 199 23.80 -4.22 8.69
N ALA B 200 23.95 -4.79 7.50
CA ALA B 200 22.88 -5.50 6.84
C ALA B 200 23.20 -6.99 6.84
N CYS B 201 22.24 -7.81 7.25
CA CYS B 201 22.49 -9.24 7.44
C CYS B 201 21.42 -10.05 6.73
N LYS B 202 21.85 -11.16 6.14
CA LYS B 202 20.96 -12.11 5.48
C LYS B 202 21.37 -13.51 5.86
N ARG B 203 20.40 -14.35 6.21
CA ARG B 203 20.64 -15.76 6.47
C ARG B 203 20.56 -16.51 5.14
N VAL B 204 21.70 -17.02 4.66
CA VAL B 204 21.71 -17.71 3.38
C VAL B 204 21.11 -19.10 3.52
N GLY B 205 21.54 -19.85 4.53
CA GLY B 205 20.99 -21.17 4.75
C GLY B 205 21.69 -21.86 5.89
N ARG B 206 21.42 -23.15 6.02
CA ARG B 206 22.07 -24.03 7.00
C ARG B 206 23.21 -24.75 6.29
N SER B 207 24.36 -24.86 6.95
CA SER B 207 25.54 -25.41 6.29
C SER B 207 25.42 -26.92 6.13
N ASP B 208 26.05 -27.45 5.08
CA ASP B 208 25.90 -28.86 4.73
C ASP B 208 26.68 -29.79 5.63
N ALA B 209 27.51 -29.28 6.54
CA ALA B 209 28.10 -30.15 7.55
C ALA B 209 27.06 -30.57 8.57
N TYR B 210 26.11 -29.69 8.87
CA TYR B 210 24.97 -30.01 9.73
C TYR B 210 23.75 -30.40 8.92
N ALA B 211 23.95 -30.97 7.73
CA ALA B 211 22.82 -31.29 6.86
C ALA B 211 22.04 -32.47 7.39
N THR B 212 22.69 -33.62 7.52
CA THR B 212 22.04 -34.84 7.99
C THR B 212 22.11 -35.00 9.51
N GLU B 213 21.73 -33.95 10.23
CA GLU B 213 21.52 -34.09 11.66
C GLU B 213 20.25 -34.87 11.93
N PHE B 214 19.13 -34.34 11.50
CA PHE B 214 17.91 -35.11 11.33
C PHE B 214 17.83 -35.53 9.87
N ASP B 215 16.70 -36.09 9.45
CA ASP B 215 16.62 -36.66 8.12
C ASP B 215 15.61 -35.98 7.22
N LEU B 216 14.56 -35.37 7.77
CA LEU B 216 13.65 -34.53 7.00
C LEU B 216 13.46 -33.17 7.67
N GLU B 217 14.56 -32.52 8.02
CA GLU B 217 14.45 -31.09 8.29
C GLU B 217 14.17 -30.33 7.00
N ALA B 218 13.67 -29.11 7.14
CA ALA B 218 13.32 -28.26 6.01
C ALA B 218 14.11 -26.97 6.12
N GLU B 219 15.33 -26.98 5.60
CA GLU B 219 16.12 -25.78 5.39
C GLU B 219 16.75 -25.83 4.00
N GLU B 220 17.45 -24.76 3.65
CA GLU B 220 18.17 -24.68 2.38
C GLU B 220 19.64 -25.00 2.65
N TYR B 221 20.04 -26.23 2.39
CA TYR B 221 21.39 -26.69 2.69
C TYR B 221 22.34 -26.22 1.60
N VAL B 222 23.24 -25.31 1.96
CA VAL B 222 24.17 -24.70 1.03
C VAL B 222 25.60 -25.00 1.50
N PRO B 223 26.58 -25.11 0.61
CA PRO B 223 27.93 -25.42 1.05
C PRO B 223 28.65 -24.20 1.62
N ILE B 224 29.69 -24.48 2.38
CA ILE B 224 30.54 -23.46 3.01
C ILE B 224 31.31 -22.72 1.91
N PRO B 225 31.36 -21.39 1.94
CA PRO B 225 32.02 -20.65 0.85
C PRO B 225 33.52 -20.88 0.80
N LYS B 226 34.02 -21.23 -0.38
CA LYS B 226 35.43 -21.53 -0.57
C LYS B 226 36.25 -20.29 -0.97
N GLY B 227 36.05 -19.21 -0.24
CA GLY B 227 36.79 -17.99 -0.45
C GLY B 227 37.30 -17.44 0.88
N GLU B 228 37.43 -16.13 0.93
CA GLU B 228 37.83 -15.46 2.16
C GLU B 228 36.64 -15.43 3.11
N VAL B 229 36.88 -14.94 4.33
CA VAL B 229 35.77 -14.63 5.21
C VAL B 229 35.59 -13.12 5.19
N HIS B 230 36.67 -12.39 4.92
CA HIS B 230 36.68 -10.92 4.92
C HIS B 230 36.99 -10.45 3.50
N LYS B 231 35.95 -10.20 2.73
CA LYS B 231 36.10 -9.66 1.39
C LYS B 231 35.94 -8.14 1.45
N LYS B 232 36.96 -7.42 0.99
CA LYS B 232 36.96 -5.97 1.00
C LYS B 232 36.90 -5.46 -0.44
N LYS B 233 35.80 -4.83 -0.80
CA LYS B 233 35.59 -4.29 -2.13
C LYS B 233 34.98 -2.90 -2.01
N GLU B 234 35.24 -2.07 -3.02
CA GLU B 234 34.70 -0.71 -3.04
C GLU B 234 33.72 -0.56 -4.19
N ILE B 235 32.71 0.28 -3.95
CA ILE B 235 31.60 0.48 -4.88
C ILE B 235 31.34 1.98 -4.97
N VAL B 236 31.38 2.52 -6.18
CA VAL B 236 30.88 3.86 -6.46
C VAL B 236 29.41 3.75 -6.81
N GLN B 237 28.59 4.63 -6.23
CA GLN B 237 27.14 4.45 -6.37
C GLN B 237 26.41 5.77 -6.22
N ASP B 238 25.37 5.93 -7.03
CA ASP B 238 24.66 7.20 -7.18
C ASP B 238 23.35 7.19 -6.42
N VAL B 239 22.94 8.38 -6.00
CA VAL B 239 21.63 8.64 -5.40
C VAL B 239 21.09 9.91 -6.05
N THR B 240 19.85 9.85 -6.54
CA THR B 240 19.19 11.06 -7.00
C THR B 240 18.53 11.76 -5.82
N LEU B 241 18.42 13.10 -5.93
CA LEU B 241 17.90 13.88 -4.81
C LEU B 241 16.41 13.64 -4.57
N HIS B 242 15.68 13.17 -5.59
CA HIS B 242 14.27 12.82 -5.38
C HIS B 242 14.12 11.61 -4.48
N ASP B 243 15.08 10.69 -4.52
CA ASP B 243 15.05 9.57 -3.60
C ASP B 243 15.33 10.02 -2.18
N LEU B 244 16.18 11.04 -2.00
CA LEU B 244 16.34 11.67 -0.69
C LEU B 244 15.05 12.34 -0.23
N ASP B 245 14.32 12.99 -1.15
CA ASP B 245 13.06 13.64 -0.79
C ASP B 245 12.03 12.63 -0.33
N VAL B 246 11.91 11.52 -1.05
CA VAL B 246 10.92 10.50 -0.69
C VAL B 246 11.33 9.79 0.59
N ALA B 247 12.62 9.47 0.74
CA ALA B 247 13.07 8.75 1.93
C ALA B 247 13.06 9.63 3.17
N ASN B 248 13.08 10.96 3.03
CA ASN B 248 12.96 11.81 4.20
C ASN B 248 11.53 12.24 4.47
N ALA B 249 10.64 12.14 3.48
CA ALA B 249 9.24 12.49 3.72
C ALA B 249 8.49 11.38 4.42
N ARG B 250 8.39 10.21 3.79
CA ARG B 250 7.61 9.08 4.26
C ARG B 250 8.52 7.90 4.54
N PRO B 251 8.22 7.06 5.54
CA PRO B 251 8.99 5.82 5.73
C PRO B 251 8.80 4.88 4.54
N GLN B 252 9.91 4.35 4.05
CA GLN B 252 9.95 3.62 2.79
C GLN B 252 10.49 2.21 3.01
N GLY B 253 9.74 1.21 2.55
CA GLY B 253 10.28 -0.12 2.34
C GLY B 253 10.56 -0.95 3.57
N GLY B 254 11.50 -0.51 4.41
CA GLY B 254 11.97 -1.31 5.52
C GLY B 254 10.96 -1.56 6.62
N GLN B 255 10.60 -0.53 7.36
CA GLN B 255 9.55 -0.63 8.38
C GLN B 255 8.39 0.25 7.90
N ASP B 256 7.59 -0.31 7.00
CA ASP B 256 6.37 0.32 6.51
C ASP B 256 5.33 -0.77 6.32
N ILE B 257 5.20 -1.63 7.33
CA ILE B 257 4.47 -2.89 7.20
C ILE B 257 2.96 -2.68 7.12
N ILE B 258 2.47 -1.50 7.51
CA ILE B 258 1.04 -1.21 7.41
C ILE B 258 0.60 -0.94 5.98
N SER B 259 1.54 -0.84 5.03
CA SER B 259 1.20 -0.63 3.62
C SER B 259 0.61 -1.86 2.95
N MET B 260 0.54 -3.01 3.62
CA MET B 260 -0.03 -4.20 3.03
C MET B 260 -1.55 -4.17 2.99
N MET B 261 -2.18 -3.17 3.63
CA MET B 261 -3.62 -2.98 3.47
C MET B 261 -3.96 -2.51 2.06
N GLY B 262 -3.43 -1.37 1.66
CA GLY B 262 -3.46 -0.97 0.26
C GLY B 262 -4.31 0.23 -0.08
N GLN B 263 -5.44 0.40 0.58
CA GLN B 263 -6.42 1.40 0.15
C GLN B 263 -5.99 2.82 0.44
N LEU B 264 -5.85 3.17 1.71
CA LEU B 264 -5.43 4.50 2.11
C LEU B 264 -3.98 4.54 2.54
N MET B 265 -3.41 3.38 2.89
CA MET B 265 -2.13 3.29 3.55
C MET B 265 -1.00 2.93 2.59
N LYS B 266 -1.26 2.97 1.29
CA LYS B 266 -0.22 2.68 0.31
C LYS B 266 0.70 3.88 0.16
N PRO B 267 1.93 3.70 -0.37
CA PRO B 267 2.80 4.86 -0.59
C PRO B 267 2.34 5.79 -1.70
N LYS B 268 1.28 6.54 -1.43
CA LYS B 268 0.76 7.50 -2.39
C LYS B 268 1.69 8.70 -2.49
N MET B 269 1.88 9.20 -3.72
CA MET B 269 2.72 10.36 -3.94
C MET B 269 2.10 11.58 -3.28
N THR B 270 2.89 12.27 -2.45
CA THR B 270 2.35 13.37 -1.67
C THR B 270 3.06 14.67 -2.05
N GLU B 271 2.42 15.77 -1.72
CA GLU B 271 2.86 17.10 -2.15
C GLU B 271 4.07 17.54 -1.34
N ILE B 272 5.26 17.26 -1.85
CA ILE B 272 6.50 17.57 -1.15
C ILE B 272 6.68 19.08 -1.12
N THR B 273 6.61 19.67 0.07
CA THR B 273 6.62 21.11 0.18
C THR B 273 8.04 21.66 -0.04
N ASP B 274 8.12 22.98 -0.22
CA ASP B 274 9.38 23.64 -0.49
C ASP B 274 10.30 23.64 0.72
N LYS B 275 9.73 23.53 1.93
CA LYS B 275 10.54 23.53 3.14
C LYS B 275 11.38 22.26 3.25
N LEU B 276 10.82 21.13 2.83
CA LEU B 276 11.56 19.87 2.88
C LEU B 276 12.73 19.87 1.90
N ARG B 277 12.51 20.38 0.69
CA ARG B 277 13.60 20.48 -0.29
C ARG B 277 14.64 21.49 0.17
N MET B 278 14.20 22.57 0.81
CA MET B 278 15.10 23.60 1.31
C MET B 278 15.95 23.10 2.48
N GLU B 279 15.47 22.10 3.22
CA GLU B 279 16.33 21.50 4.25
C GLU B 279 17.22 20.39 3.70
N ILE B 280 16.73 19.62 2.73
CA ILE B 280 17.57 18.57 2.14
C ILE B 280 18.74 19.16 1.37
N ASN B 281 18.58 20.39 0.85
CA ASN B 281 19.73 21.08 0.28
C ASN B 281 20.78 21.40 1.34
N LYS B 282 20.34 21.76 2.55
CA LYS B 282 21.28 22.03 3.65
C LYS B 282 22.03 20.78 4.05
N VAL B 283 21.33 19.65 4.15
CA VAL B 283 21.97 18.41 4.61
C VAL B 283 22.93 17.87 3.55
N VAL B 284 22.54 17.94 2.27
CA VAL B 284 23.43 17.47 1.22
C VAL B 284 24.65 18.39 1.08
N GLN B 285 24.48 19.71 1.28
CA GLN B 285 25.66 20.58 1.24
C GLN B 285 26.56 20.36 2.45
N LYS B 286 25.98 19.93 3.58
CA LYS B 286 26.79 19.53 4.73
C LYS B 286 27.62 18.30 4.43
N TYR B 287 27.02 17.28 3.82
CA TYR B 287 27.78 16.08 3.49
C TYR B 287 28.66 16.23 2.25
N ILE B 288 28.51 17.31 1.50
CA ILE B 288 29.49 17.63 0.46
C ILE B 288 30.68 18.38 1.04
N ASN B 289 30.44 19.24 2.04
CA ASN B 289 31.53 19.98 2.66
C ASN B 289 32.47 19.08 3.47
N GLN B 290 31.99 17.93 3.93
CA GLN B 290 32.87 16.97 4.58
C GLN B 290 33.68 16.14 3.60
N GLY B 291 33.50 16.34 2.30
CA GLY B 291 34.23 15.55 1.32
C GLY B 291 33.77 14.13 1.17
N VAL B 292 32.59 13.79 1.68
CA VAL B 292 32.08 12.43 1.56
C VAL B 292 31.53 12.21 0.15
N ALA B 293 30.54 13.00 -0.24
CA ALA B 293 29.83 12.80 -1.49
C ALA B 293 30.34 13.77 -2.56
N GLU B 294 29.94 13.51 -3.80
CA GLU B 294 30.19 14.39 -4.92
C GLU B 294 28.87 14.75 -5.58
N LEU B 295 28.83 15.93 -6.18
CA LEU B 295 27.63 16.42 -6.85
C LEU B 295 27.85 16.41 -8.36
N ILE B 296 26.85 15.92 -9.10
CA ILE B 296 26.88 15.93 -10.55
C ILE B 296 25.55 16.43 -11.10
N PRO B 297 25.52 17.55 -11.82
CA PRO B 297 24.24 18.05 -12.35
C PRO B 297 23.85 17.34 -13.64
N GLY B 298 22.58 17.00 -13.74
CA GLY B 298 22.09 16.12 -14.76
C GLY B 298 21.37 16.84 -15.88
N VAL B 299 20.63 16.07 -16.67
CA VAL B 299 19.90 16.54 -17.84
C VAL B 299 18.48 16.04 -17.74
N LEU B 300 17.51 16.91 -17.97
CA LEU B 300 16.11 16.53 -18.08
C LEU B 300 15.69 16.70 -19.54
N PHE B 301 15.37 15.59 -20.20
CA PHE B 301 14.93 15.63 -21.59
C PHE B 301 13.43 15.50 -21.63
N ILE B 302 12.74 16.62 -21.85
CA ILE B 302 11.29 16.62 -21.98
C ILE B 302 10.97 16.55 -23.46
N ASP B 303 10.39 15.45 -23.87
CA ASP B 303 10.10 15.19 -25.27
C ASP B 303 8.64 15.46 -25.55
N GLU B 304 8.39 16.02 -26.74
CA GLU B 304 7.05 16.42 -27.21
C GLU B 304 6.41 17.38 -26.23
N ALA B 305 7.05 18.56 -26.15
CA ALA B 305 6.73 19.63 -25.22
C ALA B 305 5.43 20.34 -25.52
N HIS B 306 4.74 20.01 -26.60
CA HIS B 306 3.42 20.58 -26.83
C HIS B 306 2.39 20.03 -25.85
N MET B 307 2.59 18.82 -25.33
CA MET B 307 1.68 18.28 -24.34
C MET B 307 1.77 18.98 -22.99
N LEU B 308 2.88 19.65 -22.71
CA LEU B 308 2.93 20.58 -21.60
C LEU B 308 1.99 21.73 -21.89
N ASP B 309 1.07 22.00 -20.97
CA ASP B 309 0.12 23.08 -21.16
C ASP B 309 0.62 24.35 -20.46
N ILE B 310 -0.22 25.39 -20.47
CA ILE B 310 0.22 26.70 -19.99
C ILE B 310 0.27 26.78 -18.47
N GLU B 311 -0.31 25.81 -17.76
CA GLU B 311 -0.14 25.72 -16.32
C GLU B 311 1.16 25.03 -15.93
N CYS B 312 2.06 24.76 -16.88
CA CYS B 312 3.39 24.27 -16.56
C CYS B 312 4.51 25.08 -17.19
N PHE B 313 4.26 25.82 -18.27
CA PHE B 313 5.24 26.80 -18.71
C PHE B 313 5.27 28.03 -17.84
N THR B 314 4.26 28.22 -16.99
CA THR B 314 4.35 29.22 -15.94
C THR B 314 5.25 28.75 -14.82
N TYR B 315 5.15 27.49 -14.43
CA TYR B 315 5.92 26.99 -13.30
C TYR B 315 7.37 26.69 -13.67
N LEU B 316 7.63 26.33 -14.94
CA LEU B 316 9.02 26.15 -15.37
C LEU B 316 9.77 27.47 -15.36
N ASN B 317 9.09 28.56 -15.71
CA ASN B 317 9.72 29.88 -15.73
C ASN B 317 10.13 30.35 -14.34
N LYS B 318 9.54 29.79 -13.28
CA LYS B 318 10.07 30.01 -11.95
C LYS B 318 11.11 28.97 -11.57
N ALA B 319 10.82 27.68 -11.80
CA ALA B 319 11.65 26.61 -11.29
C ALA B 319 13.00 26.50 -11.99
N LEU B 320 13.18 27.09 -13.16
CA LEU B 320 14.50 27.11 -13.76
C LEU B 320 15.40 28.19 -13.18
N GLU B 321 14.86 29.12 -12.41
CA GLU B 321 15.64 30.21 -11.84
C GLU B 321 16.20 29.88 -10.47
N SER B 322 16.03 28.65 -10.00
CA SER B 322 16.70 28.20 -8.80
C SER B 322 18.20 28.05 -9.06
N PRO B 323 19.04 28.13 -8.02
CA PRO B 323 20.48 27.95 -8.25
C PRO B 323 20.92 26.50 -8.28
N ILE B 324 19.97 25.58 -8.45
CA ILE B 324 20.22 24.14 -8.31
C ILE B 324 19.65 23.41 -9.52
N ALA B 325 18.95 24.15 -10.38
CA ALA B 325 18.18 23.52 -11.45
C ALA B 325 19.07 22.91 -12.53
N PRO B 326 18.69 21.77 -13.08
CA PRO B 326 19.46 21.15 -14.15
C PRO B 326 19.06 21.70 -15.51
N ILE B 327 19.85 21.34 -16.52
CA ILE B 327 19.55 21.73 -17.89
C ILE B 327 18.36 20.93 -18.41
N VAL B 328 17.52 21.59 -19.20
CA VAL B 328 16.29 21.01 -19.73
C VAL B 328 16.38 21.07 -21.24
N VAL B 329 16.45 19.91 -21.88
CA VAL B 329 16.36 19.83 -23.33
C VAL B 329 14.91 19.53 -23.69
N LEU B 330 14.23 20.52 -24.24
CA LEU B 330 12.87 20.35 -24.73
C LEU B 330 12.90 19.95 -26.20
N ALA B 331 11.92 19.14 -26.59
CA ALA B 331 11.77 18.76 -27.99
C ALA B 331 10.35 19.05 -28.43
N SER B 332 10.21 19.69 -29.59
CA SER B 332 8.88 20.03 -30.11
C SER B 332 8.93 20.08 -31.62
N ASN B 333 7.93 19.47 -32.25
CA ASN B 333 7.90 19.33 -33.70
C ASN B 333 6.84 20.15 -34.39
N ARG B 334 5.99 20.86 -33.65
CA ARG B 334 4.83 21.49 -34.26
C ARG B 334 5.18 22.87 -34.81
N GLY B 335 4.30 23.36 -35.68
CA GLY B 335 4.40 24.70 -36.20
C GLY B 335 3.63 25.65 -35.33
N ILE B 336 2.95 26.62 -35.93
CA ILE B 336 2.14 27.56 -35.16
C ILE B 336 0.86 26.83 -34.78
N ALA B 337 0.80 26.36 -33.54
CA ALA B 337 -0.31 25.56 -33.04
C ALA B 337 -0.93 26.25 -31.83
N THR B 338 -1.97 25.61 -31.29
CA THR B 338 -2.71 26.14 -30.15
C THR B 338 -2.09 25.63 -28.86
N ILE B 339 -1.72 26.56 -27.97
CA ILE B 339 -1.22 26.18 -26.66
C ILE B 339 -2.35 25.57 -25.85
N ARG B 340 -2.10 24.38 -25.31
CA ARG B 340 -3.12 23.64 -24.57
C ARG B 340 -3.49 24.37 -23.29
N GLY B 341 -4.76 24.30 -22.92
CA GLY B 341 -5.24 24.96 -21.72
C GLY B 341 -5.59 26.42 -21.87
N ALA B 342 -5.24 27.04 -23.00
CA ALA B 342 -5.60 28.43 -23.26
C ALA B 342 -5.78 28.56 -24.77
N ASP B 343 -7.03 28.47 -25.22
CA ASP B 343 -7.32 28.25 -26.63
C ASP B 343 -7.28 29.52 -27.46
N ASP B 344 -7.06 30.69 -26.87
CA ASP B 344 -7.17 31.95 -27.59
C ASP B 344 -5.81 32.61 -27.83
N LEU B 345 -4.76 31.82 -27.96
CA LEU B 345 -3.49 32.33 -28.44
C LEU B 345 -2.78 31.24 -29.22
N LYS B 346 -2.19 31.62 -30.35
CA LYS B 346 -1.35 30.74 -31.13
C LYS B 346 0.10 31.15 -30.95
N ALA B 347 0.99 30.17 -30.98
CA ALA B 347 2.40 30.45 -30.83
C ALA B 347 3.20 29.42 -31.59
N ALA B 348 4.45 29.77 -31.89
CA ALA B 348 5.36 28.83 -32.53
C ALA B 348 5.69 27.71 -31.56
N HIS B 349 5.81 26.49 -32.10
CA HIS B 349 6.27 25.28 -31.43
C HIS B 349 5.36 24.80 -30.31
N GLY B 350 4.18 25.41 -30.13
CA GLY B 350 3.40 25.13 -28.95
C GLY B 350 4.00 25.66 -27.67
N ILE B 351 4.91 26.62 -27.76
CA ILE B 351 5.64 27.15 -26.62
C ILE B 351 5.23 28.61 -26.47
N PRO B 352 4.82 29.07 -25.29
CA PRO B 352 4.43 30.47 -25.13
C PRO B 352 5.63 31.39 -25.25
N PRO B 353 5.47 32.56 -25.88
CA PRO B 353 6.60 33.49 -26.03
C PRO B 353 7.04 34.12 -24.72
N ASP B 354 6.26 33.97 -23.65
CA ASP B 354 6.76 34.27 -22.31
C ASP B 354 7.91 33.35 -21.95
N PHE B 355 7.85 32.10 -22.41
CA PHE B 355 8.87 31.11 -22.11
C PHE B 355 9.84 30.89 -23.27
N LEU B 356 9.44 31.20 -24.49
CA LEU B 356 10.24 30.88 -25.67
C LEU B 356 11.50 31.73 -25.76
N GLN B 357 11.53 32.89 -25.09
CA GLN B 357 12.74 33.70 -25.11
C GLN B 357 13.85 33.12 -24.25
N ARG B 358 13.52 32.27 -23.27
CA ARG B 358 14.55 31.62 -22.47
C ARG B 358 15.33 30.61 -23.29
N LEU B 359 14.66 29.91 -24.20
CA LEU B 359 15.21 28.72 -24.81
C LEU B 359 16.26 29.05 -25.85
N LEU B 360 17.28 28.21 -25.91
CA LEU B 360 18.20 28.19 -27.04
C LEU B 360 17.65 27.21 -28.06
N ILE B 361 17.24 27.72 -29.22
CA ILE B 361 16.52 26.92 -30.21
C ILE B 361 17.52 26.44 -31.26
N ILE B 362 17.55 25.15 -31.50
CA ILE B 362 18.46 24.52 -32.46
C ILE B 362 17.61 23.97 -33.60
N PRO B 363 17.93 24.31 -34.85
CA PRO B 363 17.16 23.79 -35.97
C PRO B 363 17.53 22.34 -36.28
N THR B 364 16.62 21.67 -36.99
CA THR B 364 16.84 20.28 -37.42
C THR B 364 16.23 20.15 -38.82
N HIS B 365 17.07 20.26 -39.83
CA HIS B 365 16.64 20.32 -41.21
C HIS B 365 16.34 18.92 -41.77
N PRO B 366 15.57 18.83 -42.87
CA PRO B 366 15.30 17.50 -43.47
C PRO B 366 16.50 16.89 -44.18
N TYR B 367 16.28 15.76 -44.85
CA TYR B 367 17.36 14.97 -45.42
C TYR B 367 17.33 15.00 -46.95
N GLU B 368 18.50 15.21 -47.53
CA GLU B 368 18.68 15.15 -48.96
C GLU B 368 18.62 13.70 -49.45
N PRO B 369 18.33 13.47 -50.74
CA PRO B 369 18.26 12.08 -51.24
C PRO B 369 19.59 11.34 -51.25
N ASP B 370 20.72 12.03 -51.25
CA ASP B 370 22.00 11.35 -51.15
C ASP B 370 22.44 11.12 -49.72
N GLU B 371 21.63 11.52 -48.74
CA GLU B 371 21.91 11.28 -47.33
C GLU B 371 20.94 10.30 -46.70
N ILE B 372 20.15 9.59 -47.50
CA ILE B 372 19.21 8.61 -46.99
C ILE B 372 19.80 7.22 -47.22
N ARG B 373 20.59 7.08 -48.30
CA ARG B 373 21.22 5.80 -48.62
C ARG B 373 22.17 5.35 -47.52
N ARG B 374 22.91 6.29 -46.95
CA ARG B 374 23.86 5.94 -45.89
C ARG B 374 23.13 5.55 -44.61
N ILE B 375 21.97 6.16 -44.35
CA ILE B 375 21.16 5.74 -43.21
C ILE B 375 20.62 4.33 -43.44
N VAL B 376 20.27 4.00 -44.68
CA VAL B 376 19.81 2.65 -45.00
C VAL B 376 20.94 1.65 -44.82
N ARG B 377 22.17 2.00 -45.22
CA ARG B 377 23.30 1.08 -45.06
C ARG B 377 23.65 0.88 -43.59
N ILE B 378 23.62 1.95 -42.79
CA ILE B 378 23.95 1.84 -41.38
C ILE B 378 22.87 1.07 -40.63
N ARG B 379 21.60 1.33 -40.94
CA ARG B 379 20.51 0.58 -40.33
C ARG B 379 20.49 -0.87 -40.79
N ALA B 380 21.01 -1.15 -41.99
CA ALA B 380 21.06 -2.52 -42.48
C ALA B 380 22.19 -3.30 -41.83
N GLN B 381 23.35 -2.69 -41.64
CA GLN B 381 24.44 -3.37 -40.96
C GLN B 381 24.36 -3.27 -39.45
N THR B 382 23.31 -2.62 -38.92
CA THR B 382 23.02 -2.74 -37.50
C THR B 382 22.22 -4.01 -37.21
N GLU B 383 21.19 -4.28 -38.02
CA GLU B 383 20.36 -5.47 -37.84
C GLU B 383 21.00 -6.74 -38.40
N GLY B 384 22.16 -6.63 -39.05
CA GLY B 384 22.77 -7.77 -39.69
C GLY B 384 22.20 -8.12 -41.05
N VAL B 385 21.18 -7.39 -41.51
CA VAL B 385 20.54 -7.68 -42.79
C VAL B 385 21.44 -7.14 -43.90
N GLN B 386 22.08 -8.05 -44.63
CA GLN B 386 22.90 -7.66 -45.75
C GLN B 386 22.09 -7.73 -47.04
N LEU B 387 22.41 -6.84 -47.97
CA LEU B 387 21.59 -6.70 -49.17
C LEU B 387 22.42 -6.08 -50.28
N THR B 388 21.99 -6.34 -51.51
CA THR B 388 22.73 -5.87 -52.69
C THR B 388 22.48 -4.38 -52.92
N ASP B 389 23.29 -3.80 -53.81
CA ASP B 389 23.20 -2.38 -54.11
C ASP B 389 22.02 -2.03 -55.01
N ALA B 390 21.38 -3.02 -55.63
CA ALA B 390 20.17 -2.76 -56.41
C ALA B 390 18.93 -2.63 -55.54
N ALA B 391 19.01 -3.02 -54.28
CA ALA B 391 17.91 -2.91 -53.34
C ALA B 391 18.04 -1.72 -52.41
N VAL B 392 19.27 -1.26 -52.17
CA VAL B 392 19.51 -0.04 -51.40
C VAL B 392 18.91 1.15 -52.13
N ASP B 393 19.00 1.17 -53.45
CA ASP B 393 18.38 2.22 -54.25
C ASP B 393 16.85 2.18 -54.15
N ARG B 394 16.27 0.99 -54.02
CA ARG B 394 14.82 0.91 -53.92
C ARG B 394 14.33 1.35 -52.54
N VAL B 395 15.07 0.98 -51.49
CA VAL B 395 14.73 1.46 -50.15
C VAL B 395 14.94 2.97 -50.06
N ALA B 396 15.94 3.51 -50.77
CA ALA B 396 16.10 4.95 -50.82
C ALA B 396 15.02 5.63 -51.64
N GLU B 397 14.48 4.93 -52.65
CA GLU B 397 13.34 5.47 -53.40
C GLU B 397 12.10 5.57 -52.51
N HIS B 398 11.85 4.53 -51.71
CA HIS B 398 10.75 4.62 -50.74
C HIS B 398 11.05 5.62 -49.62
N GLY B 399 12.33 5.88 -49.34
CA GLY B 399 12.66 6.87 -48.34
C GLY B 399 12.45 8.29 -48.84
N VAL B 400 12.73 8.54 -50.12
CA VAL B 400 12.50 9.85 -50.69
C VAL B 400 11.02 10.08 -50.92
N ARG B 401 10.35 9.13 -51.56
CA ARG B 401 8.99 9.38 -52.04
C ARG B 401 7.93 9.26 -50.94
N ILE B 402 8.22 8.55 -49.85
CA ILE B 402 7.19 8.41 -48.82
C ILE B 402 7.62 9.07 -47.51
N SER B 403 8.63 8.53 -46.86
CA SER B 403 9.02 8.92 -45.50
C SER B 403 10.29 8.17 -45.13
N LEU B 404 10.92 8.62 -44.05
CA LEU B 404 12.14 7.99 -43.57
C LEU B 404 11.88 6.91 -42.53
N ARG B 405 10.86 7.08 -41.68
CA ARG B 405 10.51 6.06 -40.70
C ARG B 405 9.95 4.81 -41.34
N TYR B 406 9.37 4.91 -42.53
CA TYR B 406 8.76 3.77 -43.20
C TYR B 406 9.76 2.95 -43.99
N CYS B 407 10.74 3.59 -44.64
CA CYS B 407 11.70 2.84 -45.45
C CYS B 407 12.64 2.04 -44.58
N LEU B 408 12.92 2.50 -43.36
CA LEU B 408 13.76 1.76 -42.44
C LEU B 408 13.03 0.60 -41.78
N GLN B 409 11.70 0.53 -41.90
CA GLN B 409 10.92 -0.58 -41.36
C GLN B 409 10.52 -1.58 -42.43
N LEU B 410 11.29 -1.65 -43.51
CA LEU B 410 11.19 -2.75 -44.45
C LEU B 410 12.47 -3.56 -44.54
N LEU B 411 13.53 -3.16 -43.85
CA LEU B 411 14.75 -3.94 -43.86
C LEU B 411 14.63 -5.18 -43.00
N ALA B 412 13.87 -5.11 -41.92
CA ALA B 412 13.67 -6.26 -41.04
C ALA B 412 12.58 -7.26 -41.51
N PRO B 413 11.41 -6.85 -42.03
CA PRO B 413 10.50 -7.88 -42.56
C PRO B 413 11.00 -8.56 -43.82
N ALA B 414 11.70 -7.84 -44.71
CA ALA B 414 12.14 -8.44 -45.97
C ALA B 414 13.19 -9.52 -45.75
N SER B 415 14.01 -9.38 -44.69
CA SER B 415 14.92 -10.45 -44.32
C SER B 415 14.16 -11.70 -43.90
N ILE B 416 12.99 -11.53 -43.29
CA ILE B 416 12.13 -12.67 -42.99
C ILE B 416 11.61 -13.27 -44.28
N LEU B 417 11.44 -12.46 -45.33
CA LEU B 417 11.11 -12.98 -46.65
C LEU B 417 12.33 -13.40 -47.44
N ALA B 418 13.52 -13.36 -46.83
CA ALA B 418 14.75 -13.75 -47.53
C ALA B 418 15.22 -15.14 -47.15
N ARG B 419 15.30 -15.43 -45.85
CA ARG B 419 15.78 -16.73 -45.40
C ARG B 419 14.72 -17.82 -45.52
N VAL B 420 13.46 -17.47 -45.70
CA VAL B 420 12.41 -18.46 -45.94
C VAL B 420 12.48 -19.00 -47.36
N ASN B 421 12.72 -18.13 -48.34
CA ASN B 421 12.75 -18.53 -49.74
C ASN B 421 14.12 -19.04 -50.19
N GLY B 422 14.95 -19.53 -49.26
CA GLY B 422 16.19 -20.16 -49.62
C GLY B 422 17.32 -19.22 -49.97
N ARG B 423 17.30 -18.00 -49.44
CA ARG B 423 18.33 -17.01 -49.73
C ARG B 423 18.97 -16.56 -48.43
N THR B 424 20.01 -15.74 -48.56
CA THR B 424 20.66 -15.10 -47.42
C THR B 424 20.61 -13.59 -47.48
N GLN B 425 20.86 -13.01 -48.65
CA GLN B 425 20.85 -11.56 -48.81
C GLN B 425 19.54 -11.12 -49.46
N VAL B 426 19.18 -9.86 -49.23
CA VAL B 426 17.90 -9.33 -49.66
C VAL B 426 18.07 -8.73 -51.05
N ASP B 427 17.25 -9.18 -51.99
CA ASP B 427 17.24 -8.69 -53.36
C ASP B 427 16.08 -7.73 -53.57
N VAL B 428 15.84 -7.35 -54.82
CA VAL B 428 14.76 -6.43 -55.16
C VAL B 428 13.41 -7.10 -55.01
N GLN B 429 13.34 -8.42 -55.21
CA GLN B 429 12.07 -9.13 -55.23
C GLN B 429 11.44 -9.20 -53.84
N ASP B 430 12.26 -9.36 -52.79
CA ASP B 430 11.71 -9.40 -51.43
C ASP B 430 11.16 -8.06 -51.01
N ILE B 431 11.78 -6.96 -51.43
CA ILE B 431 11.26 -5.64 -51.09
C ILE B 431 10.03 -5.30 -51.95
N ALA B 432 10.00 -5.77 -53.19
CA ALA B 432 8.80 -5.61 -54.02
C ALA B 432 7.64 -6.44 -53.49
N GLU B 433 7.92 -7.53 -52.76
CA GLU B 433 6.86 -8.26 -52.09
C GLU B 433 6.47 -7.58 -50.77
N ALA B 434 7.44 -7.02 -50.06
CA ALA B 434 7.16 -6.38 -48.78
C ALA B 434 6.44 -5.05 -48.93
N GLU B 435 6.57 -4.37 -50.08
CA GLU B 435 5.81 -3.15 -50.27
C GLU B 435 4.33 -3.42 -50.50
N GLU B 436 3.97 -4.64 -50.88
CA GLU B 436 2.58 -5.05 -51.04
C GLU B 436 2.04 -5.73 -49.80
N LEU B 437 2.89 -6.44 -49.06
CA LEU B 437 2.43 -7.04 -47.82
C LEU B 437 2.30 -6.02 -46.71
N PHE B 438 3.06 -4.93 -46.76
CA PHE B 438 3.15 -3.96 -45.67
C PHE B 438 2.93 -2.55 -46.22
N LEU B 439 1.67 -2.14 -46.28
CA LEU B 439 1.34 -0.83 -46.81
C LEU B 439 1.59 0.26 -45.78
N ASP B 440 1.99 1.44 -46.27
CA ASP B 440 2.26 2.61 -45.43
C ASP B 440 0.98 3.33 -45.06
N ALA B 441 1.10 4.56 -44.55
CA ALA B 441 -0.10 5.33 -44.21
C ALA B 441 -0.72 6.03 -45.41
N ARG B 442 0.09 6.37 -46.42
CA ARG B 442 -0.40 7.17 -47.54
C ARG B 442 -1.27 6.33 -48.47
N ARG B 443 -0.78 5.17 -48.87
CA ARG B 443 -1.56 4.29 -49.74
C ARG B 443 -2.75 3.71 -48.99
N SER B 444 -2.63 3.53 -47.67
CA SER B 444 -3.79 3.15 -46.88
C SER B 444 -4.83 4.26 -46.81
N ALA B 445 -4.38 5.52 -46.81
CA ALA B 445 -5.34 6.63 -46.87
C ALA B 445 -6.03 6.69 -48.24
N ASN B 446 -5.29 6.38 -49.31
CA ASN B 446 -5.90 6.36 -50.64
C ASN B 446 -6.91 5.22 -50.77
N ILE B 447 -6.59 4.04 -50.22
CA ILE B 447 -7.56 2.94 -50.19
C ILE B 447 -8.74 3.27 -49.29
N LEU B 448 -8.49 4.00 -48.19
CA LEU B 448 -9.53 4.34 -47.24
C LEU B 448 -10.51 5.35 -47.84
N THR B 449 -10.03 6.25 -48.68
CA THR B 449 -10.89 7.26 -49.28
C THR B 449 -11.52 6.76 -50.59
N SER B 450 -10.70 6.40 -51.57
CA SER B 450 -11.21 6.16 -52.92
C SER B 450 -11.88 4.78 -53.02
N THR B 451 -11.20 3.73 -52.58
CA THR B 451 -11.76 2.38 -52.69
C THR B 451 -12.90 2.19 -51.69
N GLY B 452 -12.71 2.62 -50.45
CA GLY B 452 -13.80 2.63 -49.49
C GLY B 452 -14.73 3.80 -49.72
N GLU B 453 -15.52 3.72 -50.78
CA GLU B 453 -16.31 4.87 -51.23
C GLU B 453 -17.61 4.99 -50.45
N SER B 454 -18.48 3.99 -50.54
CA SER B 454 -19.81 4.07 -49.97
C SER B 454 -19.80 3.58 -48.53
N GLY B 455 -20.48 4.32 -47.65
CA GLY B 455 -20.62 3.90 -46.28
C GLY B 455 -21.85 3.03 -46.09
N GLY B 456 -21.67 1.72 -46.09
CA GLY B 456 -22.77 0.80 -45.95
C GLY B 456 -22.45 -0.37 -45.05
N LEU B 457 -22.69 -1.59 -45.55
CA LEU B 457 -22.42 -2.78 -44.75
C LEU B 457 -20.95 -3.15 -44.79
N HIS B 458 -20.34 -3.08 -45.97
CA HIS B 458 -18.94 -3.45 -46.17
C HIS B 458 -18.08 -2.21 -46.39
N GLY B 459 -18.37 -1.15 -45.67
CA GLY B 459 -17.58 0.07 -45.77
C GLY B 459 -17.07 0.54 -44.43
N PHE B 460 -16.11 1.45 -44.44
CA PHE B 460 -15.57 1.99 -43.21
C PHE B 460 -16.59 2.94 -42.58
N ILE B 461 -16.49 3.09 -41.26
CA ILE B 461 -17.45 3.91 -40.53
C ILE B 461 -16.79 5.18 -40.01
N SER B 462 -16.88 6.25 -40.80
CA SER B 462 -16.30 7.53 -40.42
C SER B 462 -17.11 8.21 -39.34
N ILE C 4 10.37 31.19 31.10
CA ILE C 4 11.33 30.92 30.04
C ILE C 4 11.28 32.00 28.97
N SER C 5 10.09 32.22 28.41
CA SER C 5 9.93 33.12 27.28
C SER C 5 10.08 34.57 27.71
N GLU C 6 11.10 35.23 27.18
CA GLU C 6 11.40 36.61 27.57
C GLU C 6 10.37 37.57 26.97
N VAL C 7 9.89 38.49 27.80
CA VAL C 7 8.82 39.41 27.43
C VAL C 7 9.44 40.73 26.98
N ARG C 8 9.00 41.22 25.82
CA ARG C 8 9.51 42.46 25.27
C ARG C 8 8.64 43.64 25.71
N GLY C 9 9.28 44.71 26.17
CA GLY C 9 8.57 45.90 26.59
C GLY C 9 8.45 46.94 25.49
N ASN C 10 7.75 46.59 24.41
CA ASN C 10 7.56 47.48 23.28
C ASN C 10 6.16 48.09 23.31
N THR C 11 5.80 48.79 22.23
CA THR C 11 4.50 49.43 22.10
C THR C 11 3.49 48.43 21.54
N ARG C 12 2.34 48.32 22.19
CA ARG C 12 1.30 47.36 21.79
C ARG C 12 0.27 48.10 20.93
N ASP C 13 0.64 48.36 19.69
CA ASP C 13 -0.24 49.05 18.75
C ASP C 13 -1.06 48.02 17.96
N HIS C 14 -1.72 48.48 16.89
CA HIS C 14 -2.47 47.58 16.02
C HIS C 14 -2.21 47.97 14.58
N ARG C 15 -2.73 47.17 13.66
CA ARG C 15 -2.46 47.34 12.24
C ARG C 15 -3.68 47.94 11.54
N THR C 16 -3.41 48.68 10.47
CA THR C 16 -4.45 49.38 9.72
C THR C 16 -4.93 48.50 8.57
N ALA C 17 -6.17 48.04 8.65
CA ALA C 17 -6.80 47.34 7.55
C ALA C 17 -7.62 48.32 6.72
N ALA C 18 -8.35 47.79 5.74
CA ALA C 18 -9.20 48.66 4.92
C ALA C 18 -10.48 49.06 5.63
N HIS C 19 -10.89 48.32 6.66
CA HIS C 19 -12.07 48.64 7.43
C HIS C 19 -11.74 48.85 8.90
N THR C 20 -10.65 49.58 9.15
CA THR C 20 -10.25 49.86 10.53
C THR C 20 -11.13 50.95 11.14
N HIS C 21 -11.42 52.00 10.36
CA HIS C 21 -12.15 53.16 10.88
C HIS C 21 -13.61 52.86 11.18
N ILE C 22 -14.16 51.79 10.62
CA ILE C 22 -15.55 51.42 10.89
C ILE C 22 -15.66 50.93 12.33
N LYS C 23 -16.55 51.54 13.10
CA LYS C 23 -16.75 51.17 14.49
C LYS C 23 -18.22 50.88 14.81
N GLY C 24 -19.08 50.88 13.82
CA GLY C 24 -20.50 50.67 14.05
C GLY C 24 -21.31 51.43 13.03
N LEU C 25 -22.64 51.31 13.17
CA LEU C 25 -23.55 51.95 12.23
C LEU C 25 -23.69 53.44 12.51
N GLY C 26 -23.79 53.82 13.77
CA GLY C 26 -23.95 55.22 14.11
C GLY C 26 -25.34 55.74 13.87
N LEU C 27 -26.32 55.18 14.58
CA LEU C 27 -27.72 55.55 14.43
C LEU C 27 -28.14 56.47 15.56
N ASN C 28 -29.40 56.88 15.52
CA ASN C 28 -30.02 57.61 16.62
C ASN C 28 -30.68 56.61 17.57
N SER C 29 -31.50 57.11 18.49
CA SER C 29 -32.33 56.24 19.31
C SER C 29 -33.66 55.93 18.64
N SER C 30 -33.91 56.45 17.44
CA SER C 30 -35.13 56.19 16.71
C SER C 30 -34.89 55.46 15.39
N GLY C 31 -33.64 55.23 15.01
CA GLY C 31 -33.32 54.50 13.79
C GLY C 31 -32.92 55.36 12.62
N ILE C 32 -33.14 56.67 12.70
CA ILE C 32 -32.74 57.57 11.61
C ILE C 32 -31.23 57.72 11.63
N ALA C 33 -30.60 57.46 10.49
CA ALA C 33 -29.15 57.57 10.38
C ALA C 33 -28.70 59.02 10.44
N GLU C 34 -27.42 59.20 10.75
CA GLU C 34 -26.83 60.53 10.84
C GLU C 34 -25.47 60.49 10.18
N LYS C 35 -25.20 61.46 9.31
CA LYS C 35 -23.99 61.44 8.51
C LYS C 35 -22.77 61.85 9.34
N GLN C 36 -21.62 61.28 8.96
CA GLN C 36 -20.33 61.43 9.64
C GLN C 36 -20.43 61.04 11.12
N ALA C 37 -20.68 59.75 11.31
CA ALA C 37 -20.78 59.19 12.66
C ALA C 37 -20.31 57.76 12.63
N ALA C 38 -19.39 57.42 13.55
CA ALA C 38 -18.84 56.08 13.73
C ALA C 38 -18.18 55.54 12.46
N GLY C 39 -17.47 56.41 11.74
CA GLY C 39 -16.69 55.96 10.61
C GLY C 39 -17.32 56.20 9.26
N PHE C 40 -18.63 56.01 9.15
CA PHE C 40 -19.32 56.19 7.89
C PHE C 40 -19.41 57.66 7.52
N VAL C 41 -19.56 57.92 6.22
CA VAL C 41 -19.89 59.23 5.70
C VAL C 41 -21.09 59.05 4.76
N GLY C 42 -22.21 59.65 5.14
CA GLY C 42 -23.40 59.51 4.32
C GLY C 42 -23.97 58.11 4.39
N GLN C 43 -24.51 57.65 3.26
CA GLN C 43 -25.09 56.31 3.06
C GLN C 43 -26.22 56.07 4.07
N CYS C 44 -27.27 56.88 3.93
CA CYS C 44 -28.27 56.99 4.98
C CYS C 44 -29.23 55.81 4.98
N ALA C 45 -29.85 55.52 3.83
CA ALA C 45 -30.90 54.50 3.77
C ALA C 45 -30.34 53.11 3.99
N ALA C 46 -29.11 52.86 3.51
CA ALA C 46 -28.49 51.57 3.74
C ALA C 46 -28.17 51.35 5.21
N ARG C 47 -27.72 52.40 5.91
CA ARG C 47 -27.46 52.23 7.33
C ARG C 47 -28.75 52.12 8.14
N GLU C 48 -29.83 52.77 7.72
CA GLU C 48 -31.11 52.60 8.39
C GLU C 48 -31.65 51.18 8.19
N ALA C 49 -31.53 50.65 6.97
CA ALA C 49 -31.98 49.29 6.71
C ALA C 49 -31.13 48.27 7.43
N CYS C 50 -29.81 48.51 7.51
CA CYS C 50 -28.95 47.61 8.27
C CYS C 50 -29.22 47.69 9.77
N GLY C 51 -29.65 48.86 10.26
CA GLY C 51 -30.06 48.94 11.64
C GLY C 51 -31.32 48.14 11.91
N VAL C 52 -32.24 48.13 10.95
CA VAL C 52 -33.42 47.27 11.06
C VAL C 52 -33.02 45.79 11.03
N VAL C 53 -32.00 45.45 10.22
CA VAL C 53 -31.50 44.07 10.19
C VAL C 53 -30.86 43.68 11.53
N VAL C 54 -30.07 44.59 12.12
CA VAL C 54 -29.45 44.35 13.42
C VAL C 54 -30.51 44.16 14.50
N ASP C 55 -31.59 44.95 14.44
CA ASP C 55 -32.68 44.78 15.38
C ASP C 55 -33.40 43.45 15.17
N LEU C 56 -33.51 43.01 13.91
CA LEU C 56 -34.12 41.71 13.62
C LEU C 56 -33.28 40.57 14.17
N ILE C 57 -31.96 40.73 14.13
CA ILE C 57 -31.07 39.68 14.64
C ILE C 57 -31.10 39.64 16.15
N LYS C 58 -31.04 40.80 16.80
CA LYS C 58 -31.05 40.80 18.27
C LYS C 58 -32.43 40.58 18.86
N ALA C 59 -33.50 40.64 18.06
CA ALA C 59 -34.84 40.42 18.60
C ALA C 59 -35.27 38.95 18.58
N HIS C 60 -34.45 38.06 18.00
CA HIS C 60 -34.71 36.62 17.89
C HIS C 60 -36.03 36.29 17.19
N LYS C 61 -36.45 37.13 16.25
CA LYS C 61 -37.58 36.83 15.39
C LYS C 61 -37.16 36.31 14.02
N MET C 62 -35.92 36.57 13.63
CA MET C 62 -35.35 35.99 12.43
C MET C 62 -35.20 34.48 12.58
N ALA C 63 -35.77 33.74 11.66
CA ALA C 63 -35.66 32.29 11.65
C ALA C 63 -35.46 31.78 10.23
N GLY C 64 -34.58 32.43 9.48
CA GLY C 64 -34.37 32.01 8.12
C GLY C 64 -34.70 33.07 7.07
N ARG C 65 -34.44 34.33 7.39
CA ARG C 65 -34.61 35.40 6.42
C ARG C 65 -33.39 35.45 5.49
N GLY C 66 -33.36 36.43 4.61
CA GLY C 66 -32.25 36.61 3.70
C GLY C 66 -32.20 38.04 3.20
N VAL C 67 -31.01 38.64 3.22
CA VAL C 67 -30.85 40.07 2.93
C VAL C 67 -29.80 40.21 1.83
N LEU C 68 -30.15 40.92 0.77
CA LEU C 68 -29.21 41.18 -0.31
C LEU C 68 -28.65 42.58 -0.20
N LEU C 69 -27.38 42.73 -0.53
CA LEU C 69 -26.72 44.04 -0.61
C LEU C 69 -26.31 44.25 -2.06
N ALA C 70 -27.06 45.06 -2.78
CA ALA C 70 -26.75 45.36 -4.17
C ALA C 70 -25.74 46.50 -4.24
N GLY C 71 -25.53 47.07 -5.42
CA GLY C 71 -24.66 48.21 -5.56
C GLY C 71 -23.31 47.85 -6.16
N GLY C 72 -22.67 48.86 -6.74
CA GLY C 72 -21.46 48.64 -7.50
C GLY C 72 -20.25 48.39 -6.62
N PRO C 73 -19.10 48.15 -7.27
CA PRO C 73 -17.89 47.88 -6.50
C PRO C 73 -17.33 49.14 -5.86
N GLY C 74 -16.83 48.99 -4.64
CA GLY C 74 -16.27 50.12 -3.93
C GLY C 74 -17.30 51.11 -3.44
N THR C 75 -18.43 50.63 -2.93
CA THR C 75 -19.46 51.50 -2.38
C THR C 75 -19.85 51.18 -0.95
N GLY C 76 -19.46 50.04 -0.39
CA GLY C 76 -19.58 49.84 1.03
C GLY C 76 -20.38 48.67 1.53
N LYS C 77 -20.47 47.59 0.74
CA LYS C 77 -21.24 46.43 1.18
C LYS C 77 -20.52 45.68 2.29
N THR C 78 -19.23 45.39 2.10
CA THR C 78 -18.45 44.76 3.15
C THR C 78 -18.26 45.67 4.35
N ALA C 79 -18.29 46.99 4.12
CA ALA C 79 -18.26 47.94 5.23
C ALA C 79 -19.51 47.83 6.09
N LEU C 80 -20.68 47.70 5.45
CA LEU C 80 -21.91 47.48 6.21
C LEU C 80 -21.90 46.12 6.89
N ALA C 81 -21.25 45.13 6.28
CA ALA C 81 -21.17 43.81 6.92
C ALA C 81 -20.33 43.85 8.18
N LEU C 82 -19.15 44.49 8.12
CA LEU C 82 -18.33 44.61 9.32
C LEU C 82 -18.95 45.55 10.34
N ALA C 83 -19.75 46.52 9.89
CA ALA C 83 -20.48 47.37 10.82
C ALA C 83 -21.55 46.59 11.57
N ILE C 84 -22.26 45.69 10.89
CA ILE C 84 -23.23 44.83 11.56
C ILE C 84 -22.52 43.87 12.50
N SER C 85 -21.36 43.34 12.10
CA SER C 85 -20.64 42.39 12.95
C SER C 85 -20.07 43.06 14.20
N GLN C 86 -19.70 44.34 14.12
CA GLN C 86 -19.26 45.06 15.30
C GLN C 86 -20.42 45.67 16.08
N GLU C 87 -21.61 45.76 15.48
CA GLU C 87 -22.77 46.25 16.21
C GLU C 87 -23.42 45.14 17.03
N LEU C 88 -23.42 43.91 16.49
CA LEU C 88 -23.98 42.79 17.24
C LEU C 88 -23.09 42.40 18.41
N GLY C 89 -21.78 42.59 18.28
CA GLY C 89 -20.88 42.30 19.38
C GLY C 89 -19.93 41.17 19.07
N THR C 90 -19.74 40.28 20.05
CA THR C 90 -18.83 39.16 19.89
C THR C 90 -19.55 37.89 20.32
N LYS C 91 -20.53 38.03 21.19
CA LYS C 91 -21.25 36.88 21.72
C LYS C 91 -22.37 36.40 20.81
N ILE C 92 -22.50 36.95 19.61
CA ILE C 92 -23.41 36.44 18.59
C ILE C 92 -22.56 36.08 17.38
N PRO C 93 -22.70 34.89 16.82
CA PRO C 93 -21.74 34.42 15.81
C PRO C 93 -21.83 35.17 14.49
N PHE C 94 -20.76 35.06 13.71
CA PHE C 94 -20.64 35.78 12.45
C PHE C 94 -19.61 35.04 11.62
N CYS C 95 -20.05 34.42 10.51
CA CYS C 95 -19.21 33.56 9.69
C CYS C 95 -19.11 34.15 8.30
N PRO C 96 -18.08 34.95 8.02
CA PRO C 96 -17.98 35.64 6.71
C PRO C 96 -17.29 34.86 5.60
N ILE C 97 -18.00 33.86 5.06
CA ILE C 97 -17.46 33.07 3.97
C ILE C 97 -17.60 33.84 2.67
N THR C 98 -16.95 33.36 1.61
CA THR C 98 -17.09 33.91 0.29
C THR C 98 -17.81 32.92 -0.61
N GLY C 99 -18.12 33.36 -1.83
CA GLY C 99 -18.73 32.47 -2.79
C GLY C 99 -17.74 31.43 -3.29
N SER C 100 -16.48 31.81 -3.41
CA SER C 100 -15.45 30.87 -3.85
C SER C 100 -14.77 30.19 -2.66
N GLU C 101 -15.58 29.66 -1.75
CA GLU C 101 -15.07 28.94 -0.60
C GLU C 101 -15.94 27.72 -0.31
N ILE C 102 -16.97 27.49 -1.11
CA ILE C 102 -17.76 26.26 -1.01
C ILE C 102 -17.20 25.16 -1.88
N TYR C 103 -16.41 25.49 -2.89
CA TYR C 103 -15.80 24.49 -3.77
C TYR C 103 -14.70 23.76 -3.02
N SER C 104 -14.96 22.52 -2.65
CA SER C 104 -14.00 21.67 -1.98
C SER C 104 -13.66 20.47 -2.86
N THR C 105 -12.72 19.65 -2.40
CA THR C 105 -12.34 18.43 -3.11
C THR C 105 -12.50 17.18 -2.25
N GLU C 106 -13.09 17.30 -1.06
CA GLU C 106 -13.42 16.14 -0.25
C GLU C 106 -14.91 15.89 -0.13
N VAL C 107 -15.73 16.93 -0.24
CA VAL C 107 -17.18 16.83 -0.12
C VAL C 107 -17.81 17.56 -1.29
N LYS C 108 -19.10 17.30 -1.47
CA LYS C 108 -19.89 18.05 -2.42
C LYS C 108 -20.04 19.50 -1.97
N LYS C 109 -20.19 20.40 -2.93
CA LYS C 109 -20.21 21.82 -2.63
C LYS C 109 -21.54 22.30 -2.06
N THR C 110 -22.56 21.45 -2.00
CA THR C 110 -23.80 21.73 -1.30
C THR C 110 -23.78 21.16 0.10
N GLU C 111 -22.60 21.06 0.70
CA GLU C 111 -22.44 20.53 2.05
C GLU C 111 -21.64 21.53 2.87
N VAL C 112 -20.69 22.21 2.22
CA VAL C 112 -19.92 23.25 2.88
C VAL C 112 -20.83 24.43 3.23
N LEU C 113 -21.87 24.66 2.43
CA LEU C 113 -22.90 25.62 2.78
C LEU C 113 -23.60 25.26 4.09
N MET C 114 -23.98 23.99 4.25
CA MET C 114 -24.69 23.60 5.47
C MET C 114 -23.77 23.62 6.68
N GLU C 115 -22.49 23.25 6.48
CA GLU C 115 -21.54 23.36 7.58
C GLU C 115 -21.29 24.82 7.96
N ASN C 116 -21.38 25.74 7.00
CA ASN C 116 -21.26 27.15 7.35
C ASN C 116 -22.51 27.69 8.02
N PHE C 117 -23.69 27.16 7.68
CA PHE C 117 -24.89 27.45 8.47
C PHE C 117 -24.71 27.01 9.91
N ARG C 118 -24.16 25.82 10.11
CA ARG C 118 -23.99 25.33 11.48
C ARG C 118 -22.87 26.07 12.20
N ARG C 119 -21.90 26.62 11.46
CA ARG C 119 -20.95 27.53 12.09
C ARG C 119 -21.60 28.85 12.48
N ALA C 120 -22.62 29.27 11.74
CA ALA C 120 -23.23 30.56 12.03
C ALA C 120 -24.21 30.52 13.20
N ILE C 121 -24.57 29.36 13.72
CA ILE C 121 -25.52 29.26 14.81
C ILE C 121 -24.76 28.95 16.09
N GLY C 122 -25.05 29.70 17.15
CA GLY C 122 -24.42 29.44 18.43
C GLY C 122 -25.38 28.85 19.45
N LEU C 123 -24.83 28.21 20.48
CA LEU C 123 -25.62 27.60 21.54
C LEU C 123 -24.91 27.89 22.86
N ARG C 124 -25.60 28.54 23.78
CA ARG C 124 -25.03 28.93 25.06
C ARG C 124 -25.58 28.04 26.16
N VAL C 125 -24.69 27.42 26.93
CA VAL C 125 -25.04 26.48 27.97
C VAL C 125 -24.46 26.97 29.30
N ARG C 126 -25.31 27.07 30.32
CA ARG C 126 -24.90 27.50 31.65
C ARG C 126 -24.94 26.31 32.58
N GLU C 127 -23.78 25.95 33.14
CA GLU C 127 -23.68 24.79 34.03
C GLU C 127 -22.80 25.09 35.23
N THR C 128 -22.59 24.07 36.06
CA THR C 128 -21.80 24.18 37.28
C THR C 128 -20.60 23.25 37.21
N LYS C 129 -19.62 23.53 38.07
CA LYS C 129 -18.36 22.81 38.10
C LYS C 129 -17.97 22.67 39.56
N ASP C 130 -18.02 21.46 40.10
CA ASP C 130 -17.71 21.15 41.49
C ASP C 130 -16.48 20.24 41.50
N VAL C 131 -15.32 20.81 41.80
CA VAL C 131 -14.09 20.01 41.85
C VAL C 131 -13.30 20.28 43.13
N TYR C 132 -12.73 19.22 43.66
CA TYR C 132 -11.64 19.31 44.63
C TYR C 132 -10.34 19.47 43.86
N GLU C 133 -9.42 20.25 44.41
CA GLU C 133 -8.31 20.73 43.61
C GLU C 133 -7.05 20.85 44.44
N GLY C 134 -5.91 20.48 43.87
CA GLY C 134 -4.68 20.98 44.43
C GLY C 134 -3.63 19.90 44.59
N GLU C 135 -2.59 20.26 45.33
CA GLU C 135 -1.45 19.38 45.55
C GLU C 135 -1.71 18.44 46.72
N VAL C 136 -1.35 17.17 46.52
CA VAL C 136 -1.57 16.15 47.55
C VAL C 136 -0.45 16.25 48.59
N THR C 137 -0.84 16.29 49.86
CA THR C 137 0.12 16.26 50.96
C THR C 137 0.21 14.90 51.64
N GLU C 138 -0.93 14.30 51.98
CA GLU C 138 -0.97 12.96 52.56
C GLU C 138 -1.88 12.06 51.75
N MET C 139 -1.55 10.76 51.76
CA MET C 139 -2.46 9.70 51.34
C MET C 139 -2.44 8.67 52.46
N THR C 140 -3.27 8.90 53.48
CA THR C 140 -3.25 8.07 54.67
C THR C 140 -4.55 7.30 54.79
N PRO C 141 -4.53 5.98 54.78
CA PRO C 141 -5.76 5.20 54.88
C PRO C 141 -6.24 5.12 56.33
N GLU C 142 -7.37 4.44 56.51
CA GLU C 142 -7.96 4.23 57.83
C GLU C 142 -8.56 2.84 57.88
N GLU C 143 -8.20 2.08 58.91
CA GLU C 143 -8.65 0.71 59.04
C GLU C 143 -10.13 0.66 59.40
N ALA C 144 -10.84 -0.32 58.85
CA ALA C 144 -12.26 -0.44 59.09
C ALA C 144 -12.55 -0.96 60.48
N GLU C 145 -13.81 -0.80 60.90
CA GLU C 145 -14.24 -1.30 62.20
C GLU C 145 -14.45 -2.80 62.18
N ASN C 146 -14.92 -3.35 61.07
CA ASN C 146 -15.19 -4.78 60.94
C ASN C 146 -14.46 -5.30 59.71
N PRO C 147 -13.27 -5.88 59.87
CA PRO C 147 -12.55 -6.42 58.71
C PRO C 147 -13.20 -7.67 58.16
N LEU C 148 -13.14 -7.81 56.84
CA LEU C 148 -13.69 -8.99 56.19
C LEU C 148 -12.78 -10.19 56.43
N GLY C 149 -13.40 -11.31 56.82
CA GLY C 149 -12.63 -12.51 57.12
C GLY C 149 -12.11 -13.16 55.86
N GLY C 150 -10.83 -13.52 55.87
CA GLY C 150 -10.18 -14.10 54.71
C GLY C 150 -9.27 -13.17 53.95
N TYR C 151 -9.25 -11.89 54.29
CA TYR C 151 -8.42 -10.90 53.63
C TYR C 151 -7.43 -10.31 54.63
N GLY C 152 -6.60 -9.39 54.12
CA GLY C 152 -5.61 -8.74 54.95
C GLY C 152 -6.09 -7.39 55.42
N LYS C 153 -5.60 -6.32 54.79
CA LYS C 153 -6.04 -4.98 55.12
C LYS C 153 -7.49 -4.76 54.69
N THR C 154 -8.25 -4.08 55.54
CA THR C 154 -9.63 -3.69 55.25
C THR C 154 -9.76 -2.21 55.58
N ILE C 155 -9.83 -1.38 54.56
CA ILE C 155 -9.72 0.07 54.70
C ILE C 155 -11.06 0.71 54.37
N SER C 156 -11.56 1.54 55.28
CA SER C 156 -12.92 2.04 55.19
C SER C 156 -13.03 3.46 54.68
N THR C 157 -12.01 4.30 54.89
CA THR C 157 -12.08 5.69 54.46
C THR C 157 -10.66 6.16 54.17
N LEU C 158 -10.44 6.68 52.97
CA LEU C 158 -9.09 7.10 52.57
C LEU C 158 -8.98 8.61 52.70
N LEU C 159 -7.94 9.07 53.39
CA LEU C 159 -7.76 10.48 53.69
C LEU C 159 -6.73 11.09 52.75
N ILE C 160 -7.07 12.25 52.19
CA ILE C 160 -6.20 12.98 51.28
C ILE C 160 -6.12 14.42 51.76
N GLY C 161 -4.90 14.93 51.94
CA GLY C 161 -4.74 16.32 52.29
C GLY C 161 -4.41 17.18 51.09
N LEU C 162 -5.36 17.96 50.60
CA LEU C 162 -5.17 18.75 49.40
C LEU C 162 -4.85 20.19 49.79
N LYS C 163 -3.76 20.71 49.23
CA LYS C 163 -3.27 22.05 49.55
C LYS C 163 -3.24 22.89 48.30
N SER C 164 -4.11 23.88 48.24
CA SER C 164 -4.10 24.86 47.14
C SER C 164 -3.12 25.97 47.48
N ALA C 165 -3.14 27.05 46.71
CA ALA C 165 -2.26 28.18 47.01
C ALA C 165 -2.87 29.16 48.00
N ARG C 166 -4.11 28.95 48.43
CA ARG C 166 -4.73 29.81 49.41
C ARG C 166 -4.94 29.11 50.75
N GLY C 167 -5.48 27.89 50.73
CA GLY C 167 -5.68 27.14 51.95
C GLY C 167 -5.71 25.65 51.68
N GLN C 168 -5.30 24.88 52.68
CA GLN C 168 -5.29 23.43 52.60
C GLN C 168 -6.51 22.87 53.31
N LYS C 169 -6.78 21.58 53.06
CA LYS C 169 -7.99 20.95 53.57
C LYS C 169 -7.79 19.44 53.61
N LYS C 170 -8.19 18.83 54.71
CA LYS C 170 -8.26 17.38 54.80
C LYS C 170 -9.55 16.89 54.16
N LEU C 171 -9.48 15.72 53.53
CA LEU C 171 -10.62 15.17 52.78
C LEU C 171 -10.75 13.69 53.07
N ARG C 172 -11.92 13.30 53.54
CA ARG C 172 -12.28 11.89 53.68
C ARG C 172 -12.96 11.44 52.40
N LEU C 173 -12.55 10.29 51.88
CA LEU C 173 -13.11 9.79 50.64
C LEU C 173 -13.46 8.31 50.74
N ASP C 174 -14.41 7.91 49.90
CA ASP C 174 -14.70 6.52 49.62
C ASP C 174 -13.43 5.81 49.14
N PRO C 175 -13.20 4.57 49.54
CA PRO C 175 -11.90 3.93 49.24
C PRO C 175 -11.70 3.60 47.78
N SER C 176 -12.75 3.57 46.96
CA SER C 176 -12.54 3.31 45.54
C SER C 176 -12.12 4.58 44.80
N ILE C 177 -11.15 5.29 45.39
CA ILE C 177 -10.24 6.18 44.71
C ILE C 177 -8.91 5.48 44.47
N TYR C 178 -8.71 4.30 45.08
CA TYR C 178 -7.44 3.59 44.98
C TYR C 178 -7.12 3.21 43.54
N GLU C 179 -8.15 2.83 42.78
CA GLU C 179 -8.00 2.46 41.38
C GLU C 179 -7.57 3.66 40.53
N ALA C 180 -7.89 4.87 40.97
CA ALA C 180 -7.29 6.03 40.34
C ALA C 180 -5.80 6.11 40.67
N ILE C 181 -5.47 6.01 41.97
CA ILE C 181 -4.14 6.37 42.45
C ILE C 181 -3.07 5.39 41.97
N GLN C 182 -3.43 4.12 41.83
CA GLN C 182 -2.49 3.15 41.28
C GLN C 182 -2.36 3.31 39.76
N LYS C 183 -3.44 3.70 39.08
CA LYS C 183 -3.40 3.71 37.62
C LYS C 183 -2.76 4.98 37.09
N GLU C 184 -2.91 6.08 37.81
CA GLU C 184 -2.40 7.38 37.38
C GLU C 184 -1.05 7.70 38.02
N ARG C 185 -0.63 6.91 39.01
CA ARG C 185 0.62 7.07 39.76
C ARG C 185 0.67 8.44 40.44
N VAL C 186 -0.25 8.64 41.37
CA VAL C 186 -0.32 9.87 42.16
C VAL C 186 0.51 9.67 43.42
N GLN C 187 1.42 10.60 43.68
CA GLN C 187 2.26 10.53 44.87
C GLN C 187 2.16 11.82 45.67
N VAL C 188 2.99 11.95 46.70
CA VAL C 188 3.02 13.19 47.47
C VAL C 188 3.74 14.25 46.66
N GLY C 189 3.05 15.35 46.38
CA GLY C 189 3.60 16.40 45.56
C GLY C 189 3.11 16.42 44.13
N ASP C 190 1.89 15.97 43.87
CA ASP C 190 1.33 15.91 42.53
C ASP C 190 -0.04 16.53 42.57
N VAL C 191 -0.27 17.57 41.75
CA VAL C 191 -1.57 18.23 41.76
C VAL C 191 -2.59 17.35 41.06
N ILE C 192 -3.76 17.22 41.67
CA ILE C 192 -4.85 16.43 41.12
C ILE C 192 -6.12 17.26 41.21
N TYR C 193 -7.16 16.79 40.51
CA TYR C 193 -8.50 17.30 40.68
C TYR C 193 -9.43 16.11 40.85
N ILE C 194 -10.34 16.21 41.81
CA ILE C 194 -11.33 15.18 42.08
C ILE C 194 -12.69 15.75 41.69
N GLU C 195 -13.37 15.09 40.76
CA GLU C 195 -14.68 15.57 40.34
C GLU C 195 -15.73 15.08 41.34
N THR C 196 -16.99 15.34 41.05
CA THR C 196 -18.07 15.06 41.97
C THR C 196 -19.05 14.01 41.44
N ASN C 197 -19.29 14.00 40.13
CA ASN C 197 -20.25 13.06 39.56
C ASN C 197 -19.74 11.63 39.58
N THR C 198 -18.44 11.43 39.39
CA THR C 198 -17.83 10.10 39.51
C THR C 198 -16.84 10.01 40.65
N GLY C 199 -15.90 10.95 40.75
CA GLY C 199 -14.92 10.91 41.81
C GLY C 199 -13.73 10.04 41.50
N ALA C 200 -13.00 10.37 40.43
CA ALA C 200 -11.79 9.66 40.04
C ALA C 200 -10.72 10.70 39.73
N CYS C 201 -9.71 10.78 40.60
CA CYS C 201 -8.71 11.83 40.49
C CYS C 201 -7.76 11.57 39.32
N LYS C 202 -7.35 12.64 38.65
CA LYS C 202 -6.45 12.56 37.52
C LYS C 202 -5.31 13.54 37.73
N ARG C 203 -4.07 13.02 37.75
CA ARG C 203 -2.89 13.82 38.02
C ARG C 203 -2.61 14.79 36.88
N VAL C 204 -2.34 16.04 37.22
CA VAL C 204 -1.86 17.01 36.25
C VAL C 204 -0.34 17.00 36.17
N GLY C 205 0.35 17.10 37.29
CA GLY C 205 1.80 17.02 37.25
C GLY C 205 2.41 17.23 38.62
N ARG C 206 3.72 17.01 38.67
CA ARG C 206 4.53 17.28 39.84
C ARG C 206 4.54 18.77 40.13
N SER C 207 4.49 19.13 41.41
CA SER C 207 4.43 20.55 41.76
C SER C 207 5.80 21.20 41.61
N ASP C 208 5.81 22.53 41.71
CA ASP C 208 7.04 23.29 41.52
C ASP C 208 7.88 23.40 42.78
N ALA C 209 7.30 23.16 43.95
CA ALA C 209 8.06 23.20 45.19
C ALA C 209 9.02 22.02 45.29
N TYR C 210 8.69 20.90 44.66
CA TYR C 210 9.53 19.71 44.64
C TYR C 210 10.33 19.60 43.36
N ALA C 211 10.71 20.73 42.77
CA ALA C 211 11.45 20.74 41.52
C ALA C 211 12.96 20.66 41.73
N THR C 212 13.42 20.46 42.96
CA THR C 212 14.85 20.41 43.22
C THR C 212 15.24 19.33 44.23
N GLU C 213 14.31 18.44 44.63
CA GLU C 213 14.68 17.34 45.50
C GLU C 213 15.59 16.35 44.78
N PHE C 214 15.34 16.13 43.50
CA PHE C 214 16.23 15.38 42.64
C PHE C 214 17.03 16.38 41.83
N ASP C 215 17.82 15.89 40.88
CA ASP C 215 18.55 16.80 40.00
C ASP C 215 18.17 16.62 38.54
N LEU C 216 18.21 15.40 38.01
CA LEU C 216 17.99 15.18 36.59
C LEU C 216 16.59 14.66 36.26
N GLU C 217 15.92 14.00 37.20
CA GLU C 217 14.66 13.37 36.85
C GLU C 217 13.58 14.42 36.73
N ALA C 218 13.30 14.81 35.50
CA ALA C 218 12.46 15.95 35.22
C ALA C 218 11.28 15.54 34.36
N GLU C 219 10.17 16.22 34.60
CA GLU C 219 9.01 16.19 33.74
C GLU C 219 8.50 17.63 33.70
N GLU C 220 7.24 17.82 33.29
CA GLU C 220 6.61 19.12 33.50
C GLU C 220 6.53 19.41 35.00
N TYR C 221 6.84 20.64 35.36
CA TYR C 221 6.76 21.09 36.75
C TYR C 221 5.72 22.19 36.79
N VAL C 222 4.46 21.78 36.94
CA VAL C 222 3.32 22.69 36.94
C VAL C 222 3.27 23.37 38.30
N PRO C 223 2.80 24.61 38.40
CA PRO C 223 2.77 25.29 39.69
C PRO C 223 1.57 24.85 40.52
N ILE C 224 1.54 25.36 41.75
CA ILE C 224 0.42 25.16 42.66
C ILE C 224 -0.81 25.87 42.09
N PRO C 225 -2.02 25.27 42.18
CA PRO C 225 -3.20 25.96 41.64
C PRO C 225 -3.56 27.22 42.40
N LYS C 226 -3.29 28.37 41.79
CA LYS C 226 -3.47 29.65 42.46
C LYS C 226 -4.94 30.05 42.36
N GLY C 227 -5.72 29.48 43.27
CA GLY C 227 -7.16 29.65 43.24
C GLY C 227 -7.81 29.06 44.47
N GLU C 228 -8.89 28.31 44.26
CA GLU C 228 -9.64 27.73 45.35
C GLU C 228 -9.19 26.30 45.60
N VAL C 229 -9.74 25.67 46.64
CA VAL C 229 -9.57 24.25 46.87
C VAL C 229 -10.87 23.49 46.65
N HIS C 230 -12.01 24.16 46.65
CA HIS C 230 -13.33 23.57 46.43
C HIS C 230 -14.05 24.48 45.44
N LYS C 231 -13.86 24.22 44.15
CA LYS C 231 -14.54 25.04 43.14
C LYS C 231 -15.99 24.62 43.02
N LYS C 232 -16.89 25.60 43.21
CA LYS C 232 -18.32 25.46 42.97
C LYS C 232 -18.68 26.52 41.93
N LYS C 233 -17.90 26.56 40.86
CA LYS C 233 -17.92 27.68 39.93
C LYS C 233 -18.84 27.38 38.76
N GLU C 234 -19.65 28.38 38.37
CA GLU C 234 -20.54 28.22 37.23
C GLU C 234 -19.86 28.71 35.95
N ILE C 235 -20.23 28.08 34.84
CA ILE C 235 -19.58 28.27 33.56
C ILE C 235 -20.65 28.55 32.51
N VAL C 236 -20.48 29.65 31.78
CA VAL C 236 -21.16 29.85 30.51
C VAL C 236 -20.27 29.27 29.41
N GLN C 237 -20.88 28.60 28.45
CA GLN C 237 -20.11 27.85 27.47
C GLN C 237 -20.78 27.93 26.11
N ASP C 238 -20.07 28.47 25.13
CA ASP C 238 -20.62 28.72 23.80
C ASP C 238 -20.09 27.67 22.84
N VAL C 239 -21.00 26.88 22.28
CA VAL C 239 -20.67 25.85 21.31
C VAL C 239 -21.51 26.08 20.07
N THR C 240 -20.87 26.16 18.91
CA THR C 240 -21.61 26.23 17.66
C THR C 240 -22.11 24.84 17.28
N LEU C 241 -23.19 24.81 16.50
CA LEU C 241 -23.76 23.51 16.13
C LEU C 241 -22.90 22.75 15.15
N HIS C 242 -22.00 23.43 14.45
CA HIS C 242 -20.98 22.75 13.65
C HIS C 242 -20.09 21.89 14.51
N ASP C 243 -19.76 22.36 15.72
CA ASP C 243 -18.91 21.58 16.62
C ASP C 243 -19.64 20.35 17.12
N LEU C 244 -20.95 20.45 17.36
CA LEU C 244 -21.72 19.28 17.75
C LEU C 244 -21.85 18.28 16.61
N ASP C 245 -22.00 18.78 15.37
CA ASP C 245 -22.07 17.89 14.22
C ASP C 245 -20.75 17.16 14.01
N VAL C 246 -19.63 17.85 14.18
CA VAL C 246 -18.32 17.20 14.02
C VAL C 246 -18.06 16.21 15.15
N ALA C 247 -18.35 16.60 16.39
CA ALA C 247 -18.09 15.71 17.52
C ALA C 247 -19.03 14.51 17.57
N ASN C 248 -20.21 14.60 16.95
CA ASN C 248 -21.05 13.42 16.83
C ASN C 248 -20.70 12.58 15.62
N ALA C 249 -20.26 13.20 14.53
CA ALA C 249 -19.90 12.44 13.33
C ALA C 249 -18.56 11.75 13.51
N ARG C 250 -17.51 12.53 13.77
CA ARG C 250 -16.17 11.99 13.99
C ARG C 250 -15.80 12.19 15.45
N PRO C 251 -15.85 11.13 16.27
CA PRO C 251 -15.51 11.28 17.69
C PRO C 251 -14.03 11.57 17.88
N GLN C 252 -13.73 12.42 18.85
CA GLN C 252 -12.36 12.93 19.02
C GLN C 252 -11.47 11.88 19.68
N GLY C 253 -11.79 11.49 20.91
CA GLY C 253 -10.91 10.62 21.67
C GLY C 253 -11.46 9.25 21.96
N GLY C 254 -10.86 8.23 21.34
CA GLY C 254 -11.21 6.85 21.59
C GLY C 254 -10.01 6.06 22.09
N GLN C 255 -10.28 4.80 22.45
CA GLN C 255 -9.25 3.91 22.98
C GLN C 255 -9.27 2.60 22.21
N ASP C 256 -8.61 2.60 21.05
CA ASP C 256 -8.42 1.44 20.19
C ASP C 256 -7.30 1.77 19.21
N ILE C 257 -7.15 0.96 18.18
CA ILE C 257 -6.15 1.22 17.15
C ILE C 257 -6.69 2.16 16.07
N ILE C 258 -7.91 1.91 15.60
CA ILE C 258 -8.34 2.59 14.39
C ILE C 258 -8.81 4.02 14.65
N SER C 259 -9.31 4.34 15.85
CA SER C 259 -9.53 5.74 16.18
C SER C 259 -8.25 6.44 16.61
N MET C 260 -7.22 5.69 16.97
CA MET C 260 -5.88 6.25 17.14
C MET C 260 -5.08 6.26 15.86
N MET C 261 -5.67 5.81 14.76
CA MET C 261 -5.18 6.13 13.43
C MET C 261 -6.00 7.21 12.75
N GLY C 262 -7.27 7.34 13.13
CA GLY C 262 -8.11 8.36 12.54
C GLY C 262 -7.69 9.76 12.95
N GLN C 263 -7.36 9.94 14.23
CA GLN C 263 -6.80 11.21 14.66
C GLN C 263 -5.32 11.33 14.33
N LEU C 264 -4.69 10.24 13.94
CA LEU C 264 -3.28 10.26 13.57
C LEU C 264 -3.09 10.51 12.08
N MET C 265 -3.99 10.02 11.24
CA MET C 265 -4.05 10.43 9.86
C MET C 265 -4.80 11.75 9.76
N LYS C 266 -4.86 12.31 8.55
CA LYS C 266 -5.42 13.64 8.37
C LYS C 266 -6.94 13.60 8.55
N PRO C 267 -7.52 14.61 9.19
CA PRO C 267 -8.98 14.67 9.31
C PRO C 267 -9.58 15.09 7.98
N LYS C 268 -10.52 14.28 7.49
CA LYS C 268 -11.18 14.53 6.21
C LYS C 268 -12.57 15.06 6.47
N MET C 269 -12.92 16.16 5.79
CA MET C 269 -14.31 16.58 5.74
C MET C 269 -15.14 15.49 5.09
N THR C 270 -16.17 15.05 5.78
CA THR C 270 -17.10 14.08 5.24
C THR C 270 -18.50 14.67 5.23
N GLU C 271 -19.31 14.22 4.28
CA GLU C 271 -20.68 14.70 4.20
C GLU C 271 -21.48 14.09 5.35
N ILE C 272 -22.43 14.86 5.87
CA ILE C 272 -23.14 14.48 7.09
C ILE C 272 -24.58 14.15 6.69
N THR C 273 -25.05 12.99 7.14
CA THR C 273 -26.40 12.56 6.81
C THR C 273 -27.41 13.39 7.57
N ASP C 274 -28.61 13.51 6.99
CA ASP C 274 -29.60 14.46 7.48
C ASP C 274 -30.32 13.96 8.72
N LYS C 275 -30.27 12.64 8.99
CA LYS C 275 -30.86 12.12 10.22
C LYS C 275 -30.11 12.60 11.44
N LEU C 276 -28.79 12.77 11.34
CA LEU C 276 -28.01 13.29 12.45
C LEU C 276 -28.38 14.73 12.76
N ARG C 277 -28.53 15.55 11.72
CA ARG C 277 -28.90 16.95 11.93
C ARG C 277 -30.33 17.07 12.46
N MET C 278 -31.23 16.19 12.00
CA MET C 278 -32.59 16.18 12.49
C MET C 278 -32.64 15.80 13.97
N GLU C 279 -31.83 14.81 14.37
CA GLU C 279 -31.79 14.41 15.77
C GLU C 279 -31.19 15.49 16.66
N ILE C 280 -30.13 16.15 16.20
CA ILE C 280 -29.50 17.21 16.98
C ILE C 280 -30.43 18.41 17.12
N ASN C 281 -31.18 18.73 16.06
CA ASN C 281 -32.18 19.80 16.18
C ASN C 281 -33.30 19.40 17.14
N LYS C 282 -33.72 18.13 17.10
CA LYS C 282 -34.80 17.65 17.96
C LYS C 282 -34.39 17.60 19.43
N VAL C 283 -33.10 17.47 19.72
CA VAL C 283 -32.66 17.41 21.11
C VAL C 283 -32.26 18.79 21.62
N VAL C 284 -31.75 19.66 20.75
CA VAL C 284 -31.52 21.05 21.14
C VAL C 284 -32.84 21.75 21.42
N GLN C 285 -33.89 21.48 20.61
CA GLN C 285 -35.20 22.05 20.88
C GLN C 285 -35.87 21.45 22.11
N LYS C 286 -35.35 20.35 22.64
CA LYS C 286 -35.82 19.79 23.91
C LYS C 286 -35.09 20.40 25.09
N TYR C 287 -33.78 20.60 24.98
CA TYR C 287 -33.03 21.24 26.05
C TYR C 287 -33.31 22.73 26.15
N ILE C 288 -33.79 23.37 25.09
CA ILE C 288 -34.28 24.73 25.23
C ILE C 288 -35.58 24.74 26.02
N ASN C 289 -36.46 23.76 25.76
CA ASN C 289 -37.74 23.70 26.45
C ASN C 289 -37.58 23.30 27.91
N GLN C 290 -36.51 22.59 28.25
CA GLN C 290 -36.20 22.39 29.66
C GLN C 290 -35.70 23.66 30.33
N GLY C 291 -35.18 24.61 29.55
CA GLY C 291 -34.71 25.87 30.10
C GLY C 291 -33.29 25.80 30.60
N VAL C 292 -32.41 25.19 29.81
CA VAL C 292 -30.99 25.08 30.13
C VAL C 292 -30.13 25.80 29.11
N ALA C 293 -30.34 25.51 27.83
CA ALA C 293 -29.52 26.05 26.76
C ALA C 293 -30.29 27.12 25.98
N GLU C 294 -29.57 28.15 25.55
CA GLU C 294 -30.13 29.22 24.74
C GLU C 294 -29.60 29.10 23.31
N LEU C 295 -30.50 29.19 22.34
CA LEU C 295 -30.12 29.22 20.94
C LEU C 295 -29.88 30.66 20.53
N ILE C 296 -28.75 30.94 19.88
CA ILE C 296 -28.51 32.28 19.38
C ILE C 296 -28.16 32.23 17.89
N PRO C 297 -29.04 32.72 17.02
CA PRO C 297 -28.73 32.74 15.59
C PRO C 297 -27.81 33.89 15.23
N GLY C 298 -27.03 33.67 14.18
CA GLY C 298 -26.04 34.65 13.78
C GLY C 298 -26.19 35.10 12.35
N VAL C 299 -25.10 35.51 11.72
CA VAL C 299 -25.09 36.02 10.36
C VAL C 299 -24.15 35.17 9.53
N LEU C 300 -24.61 34.71 8.37
CA LEU C 300 -23.76 34.05 7.40
C LEU C 300 -23.57 35.04 6.24
N PHE C 301 -22.58 35.91 6.36
CA PHE C 301 -22.33 36.91 5.33
C PHE C 301 -21.61 36.23 4.18
N ILE C 302 -22.39 35.77 3.19
CA ILE C 302 -21.79 35.14 2.01
C ILE C 302 -21.37 36.25 1.07
N ASP C 303 -20.11 36.67 1.17
CA ASP C 303 -19.58 37.70 0.29
C ASP C 303 -19.41 37.13 -1.12
N GLU C 304 -19.53 38.01 -2.11
CA GLU C 304 -19.46 37.69 -3.54
C GLU C 304 -20.44 36.59 -3.90
N ALA C 305 -21.73 36.89 -3.74
CA ALA C 305 -22.79 35.91 -3.90
C ALA C 305 -23.04 35.50 -5.34
N HIS C 306 -22.35 36.10 -6.30
CA HIS C 306 -22.46 35.70 -7.69
C HIS C 306 -21.49 34.60 -8.09
N MET C 307 -20.67 34.12 -7.15
CA MET C 307 -19.83 32.96 -7.41
C MET C 307 -20.53 31.65 -7.08
N LEU C 308 -21.56 31.69 -6.25
CA LEU C 308 -22.41 30.52 -6.06
C LEU C 308 -23.15 30.23 -7.35
N ASP C 309 -23.04 28.99 -7.83
CA ASP C 309 -23.73 28.62 -9.05
C ASP C 309 -25.16 28.17 -8.73
N ILE C 310 -25.89 27.79 -9.78
CA ILE C 310 -27.32 27.51 -9.65
C ILE C 310 -27.57 26.22 -8.88
N GLU C 311 -26.57 25.35 -8.73
CA GLU C 311 -26.72 24.17 -7.89
C GLU C 311 -26.65 24.50 -6.40
N CYS C 312 -26.23 25.70 -6.02
CA CYS C 312 -26.15 26.06 -4.61
C CYS C 312 -27.39 26.77 -4.09
N PHE C 313 -28.05 27.60 -4.91
CA PHE C 313 -29.24 28.29 -4.45
C PHE C 313 -30.41 27.33 -4.26
N THR C 314 -30.43 26.24 -5.02
CA THR C 314 -31.42 25.19 -4.83
C THR C 314 -31.28 24.56 -3.44
N TYR C 315 -30.05 24.32 -3.01
CA TYR C 315 -29.84 23.81 -1.66
C TYR C 315 -30.10 24.89 -0.61
N LEU C 316 -29.83 26.15 -0.96
CA LEU C 316 -30.10 27.24 -0.02
C LEU C 316 -31.58 27.41 0.24
N ASN C 317 -32.44 27.12 -0.74
CA ASN C 317 -33.88 27.19 -0.48
C ASN C 317 -34.31 26.18 0.58
N LYS C 318 -33.83 24.93 0.46
CA LYS C 318 -34.09 23.91 1.49
C LYS C 318 -33.52 24.32 2.84
N ALA C 319 -32.27 24.79 2.85
CA ALA C 319 -31.62 25.12 4.13
C ALA C 319 -32.26 26.32 4.80
N LEU C 320 -32.78 27.28 4.03
CA LEU C 320 -33.49 28.41 4.61
C LEU C 320 -34.91 28.05 5.02
N GLU C 321 -35.52 27.01 4.45
CA GLU C 321 -36.83 26.61 4.95
C GLU C 321 -36.77 25.78 6.23
N SER C 322 -35.57 25.52 6.76
CA SER C 322 -35.44 24.77 8.01
C SER C 322 -35.92 25.63 9.19
N PRO C 323 -36.42 25.00 10.26
CA PRO C 323 -36.89 25.78 11.42
C PRO C 323 -35.78 26.38 12.24
N ILE C 324 -34.52 25.99 12.04
CA ILE C 324 -33.39 26.52 12.78
C ILE C 324 -32.33 26.93 11.77
N ALA C 325 -32.20 28.23 11.52
CA ALA C 325 -31.34 28.75 10.48
C ALA C 325 -30.98 30.18 10.81
N PRO C 326 -29.78 30.63 10.47
CA PRO C 326 -29.41 32.03 10.71
C PRO C 326 -29.83 32.91 9.55
N ILE C 327 -29.52 34.19 9.61
CA ILE C 327 -29.78 35.09 8.49
C ILE C 327 -28.67 34.93 7.47
N VAL C 328 -28.99 35.17 6.21
CA VAL C 328 -28.03 35.03 5.12
C VAL C 328 -27.92 36.40 4.46
N VAL C 329 -26.88 37.15 4.81
CA VAL C 329 -26.64 38.46 4.22
C VAL C 329 -25.74 38.23 3.00
N LEU C 330 -26.33 38.26 1.82
CA LEU C 330 -25.55 38.10 0.60
C LEU C 330 -24.87 39.41 0.23
N ALA C 331 -24.07 39.40 -0.82
CA ALA C 331 -23.37 40.61 -1.24
C ALA C 331 -23.06 40.47 -2.73
N SER C 332 -23.84 41.14 -3.57
CA SER C 332 -23.71 41.01 -5.01
C SER C 332 -23.47 42.37 -5.63
N ASN C 333 -22.52 42.44 -6.56
CA ASN C 333 -22.14 43.67 -7.23
C ASN C 333 -22.14 43.51 -8.73
N ARG C 334 -23.13 42.80 -9.26
CA ARG C 334 -23.26 42.63 -10.69
C ARG C 334 -24.64 43.06 -11.15
N GLY C 335 -24.74 43.41 -12.43
CA GLY C 335 -26.02 43.81 -13.00
C GLY C 335 -26.72 42.63 -13.63
N ILE C 336 -26.89 42.67 -14.95
CA ILE C 336 -27.39 41.51 -15.67
C ILE C 336 -26.21 40.57 -15.89
N ALA C 337 -26.25 39.40 -15.26
CA ALA C 337 -25.12 38.47 -15.28
C ALA C 337 -25.61 37.09 -15.64
N THR C 338 -24.70 36.29 -16.19
CA THR C 338 -24.95 34.89 -16.48
C THR C 338 -24.66 34.08 -15.22
N ILE C 339 -25.64 33.29 -14.79
CA ILE C 339 -25.46 32.42 -13.64
C ILE C 339 -24.44 31.34 -13.99
N ARG C 340 -23.57 31.01 -13.02
CA ARG C 340 -22.37 30.22 -13.32
C ARG C 340 -22.69 28.79 -13.71
N GLY C 341 -23.67 28.17 -13.06
CA GLY C 341 -24.02 26.80 -13.36
C GLY C 341 -24.72 26.64 -14.70
N ALA C 342 -25.93 27.18 -14.81
CA ALA C 342 -26.70 27.11 -16.05
C ALA C 342 -26.35 28.33 -16.90
N ASP C 343 -25.67 28.10 -18.03
CA ASP C 343 -25.29 29.20 -18.91
C ASP C 343 -26.40 29.51 -19.91
N ASP C 344 -27.61 29.71 -19.42
CA ASP C 344 -28.78 29.94 -20.24
C ASP C 344 -29.42 31.29 -19.97
N LEU C 345 -29.73 31.57 -18.71
CA LEU C 345 -30.56 32.70 -18.33
C LEU C 345 -29.67 33.83 -17.81
N LYS C 346 -29.89 35.03 -18.34
CA LYS C 346 -29.20 36.23 -17.87
C LYS C 346 -30.07 36.89 -16.82
N ALA C 347 -29.69 36.77 -15.55
CA ALA C 347 -30.54 37.23 -14.47
C ALA C 347 -29.91 38.41 -13.76
N ALA C 348 -30.72 39.11 -12.98
CA ALA C 348 -30.23 40.24 -12.21
C ALA C 348 -29.37 39.75 -11.06
N HIS C 349 -28.24 40.44 -10.84
CA HIS C 349 -27.29 40.29 -9.74
C HIS C 349 -26.55 38.96 -9.72
N GLY C 350 -26.70 38.12 -10.75
CA GLY C 350 -26.21 36.77 -10.67
C GLY C 350 -27.07 35.84 -9.84
N ILE C 351 -28.20 36.30 -9.33
CA ILE C 351 -29.09 35.54 -8.47
C ILE C 351 -30.23 35.02 -9.35
N PRO C 352 -30.65 33.76 -9.19
CA PRO C 352 -31.79 33.27 -9.98
C PRO C 352 -33.08 33.96 -9.57
N PRO C 353 -34.03 34.10 -10.50
CA PRO C 353 -35.28 34.81 -10.16
C PRO C 353 -36.17 34.06 -9.18
N ASP C 354 -35.98 32.76 -9.01
CA ASP C 354 -36.74 32.04 -8.00
C ASP C 354 -36.22 32.35 -6.60
N PHE C 355 -34.89 32.45 -6.46
CA PHE C 355 -34.29 32.70 -5.17
C PHE C 355 -34.36 34.17 -4.78
N LEU C 356 -34.46 35.06 -5.76
CA LEU C 356 -34.38 36.50 -5.50
C LEU C 356 -35.61 37.03 -4.77
N GLN C 357 -36.74 36.32 -4.85
CA GLN C 357 -37.94 36.80 -4.16
C GLN C 357 -37.83 36.65 -2.64
N ARG C 358 -36.95 35.78 -2.15
CA ARG C 358 -36.78 35.65 -0.71
C ARG C 358 -36.05 36.83 -0.10
N LEU C 359 -35.32 37.59 -0.89
CA LEU C 359 -34.30 38.50 -0.38
C LEU C 359 -34.85 39.90 -0.16
N LEU C 360 -34.63 40.43 1.03
CA LEU C 360 -34.79 41.86 1.29
C LEU C 360 -33.63 42.59 0.63
N ILE C 361 -33.87 43.18 -0.54
CA ILE C 361 -32.80 43.79 -1.32
C ILE C 361 -32.54 45.20 -0.79
N ILE C 362 -31.36 45.40 -0.24
CA ILE C 362 -30.91 46.72 0.22
C ILE C 362 -30.01 47.32 -0.86
N PRO C 363 -30.28 48.52 -1.34
CA PRO C 363 -29.42 49.12 -2.37
C PRO C 363 -28.15 49.67 -1.75
N THR C 364 -27.25 50.11 -2.62
CA THR C 364 -26.08 50.86 -2.19
C THR C 364 -25.68 51.80 -3.31
N HIS C 365 -25.66 53.08 -3.03
CA HIS C 365 -25.53 54.13 -4.02
C HIS C 365 -24.09 54.63 -4.12
N PRO C 366 -23.72 55.23 -5.25
CA PRO C 366 -22.39 55.86 -5.35
C PRO C 366 -22.30 57.09 -4.46
N TYR C 367 -21.08 57.55 -4.27
CA TYR C 367 -20.78 58.63 -3.34
C TYR C 367 -20.71 59.97 -4.04
N GLU C 368 -21.18 61.00 -3.35
CA GLU C 368 -21.14 62.36 -3.86
C GLU C 368 -19.70 62.86 -3.92
N PRO C 369 -19.40 63.82 -4.80
CA PRO C 369 -18.03 64.37 -4.87
C PRO C 369 -17.65 65.32 -3.75
N ASP C 370 -18.44 65.45 -2.69
CA ASP C 370 -18.03 66.16 -1.48
C ASP C 370 -18.07 65.27 -0.24
N GLU C 371 -18.28 63.97 -0.43
CA GLU C 371 -18.18 63.01 0.67
C GLU C 371 -16.92 62.16 0.59
N ILE C 372 -16.31 62.07 -0.61
CA ILE C 372 -15.04 61.38 -0.75
C ILE C 372 -13.96 62.08 0.07
N ARG C 373 -14.00 63.41 0.15
CA ARG C 373 -13.02 64.12 0.96
C ARG C 373 -13.25 63.90 2.46
N ARG C 374 -14.49 63.68 2.89
CA ARG C 374 -14.72 63.35 4.29
C ARG C 374 -14.22 61.96 4.61
N ILE C 375 -14.39 61.02 3.68
CA ILE C 375 -13.83 59.68 3.84
C ILE C 375 -12.29 59.76 3.86
N VAL C 376 -11.71 60.66 3.08
CA VAL C 376 -10.26 60.85 3.08
C VAL C 376 -9.79 61.43 4.42
N ARG C 377 -10.55 62.37 4.99
CA ARG C 377 -10.18 62.92 6.30
C ARG C 377 -10.26 61.87 7.40
N ILE C 378 -11.31 61.04 7.38
CA ILE C 378 -11.45 59.99 8.40
C ILE C 378 -10.38 58.92 8.24
N ARG C 379 -10.08 58.53 7.00
CA ARG C 379 -9.04 57.54 6.75
C ARG C 379 -7.65 58.08 7.10
N ALA C 380 -7.43 59.38 6.92
CA ALA C 380 -6.14 59.97 7.23
C ALA C 380 -5.94 60.12 8.73
N GLN C 381 -7.00 60.47 9.46
CA GLN C 381 -6.86 60.54 10.91
C GLN C 381 -6.96 59.17 11.57
N THR C 382 -7.34 58.13 10.83
CA THR C 382 -7.28 56.77 11.35
C THR C 382 -5.85 56.26 11.36
N GLU C 383 -5.14 56.39 10.23
CA GLU C 383 -3.76 55.93 10.14
C GLU C 383 -2.81 56.81 10.93
N GLY C 384 -3.20 58.04 11.23
CA GLY C 384 -2.31 59.01 11.85
C GLY C 384 -1.63 59.93 10.86
N VAL C 385 -1.78 59.68 9.56
CA VAL C 385 -1.14 60.49 8.54
C VAL C 385 -1.89 61.82 8.44
N GLN C 386 -1.27 62.90 8.88
CA GLN C 386 -1.85 64.23 8.80
C GLN C 386 -1.34 64.95 7.57
N LEU C 387 -2.17 65.85 7.03
CA LEU C 387 -1.89 66.46 5.74
C LEU C 387 -2.67 67.75 5.61
N THR C 388 -2.15 68.65 4.78
CA THR C 388 -2.75 69.97 4.60
C THR C 388 -4.01 69.89 3.75
N ASP C 389 -4.76 70.99 3.71
CA ASP C 389 -6.09 70.99 3.10
C ASP C 389 -6.02 70.96 1.58
N ALA C 390 -5.01 71.58 0.97
CA ALA C 390 -4.85 71.48 -0.47
C ALA C 390 -4.49 70.07 -0.90
N ALA C 391 -3.75 69.35 -0.05
CA ALA C 391 -3.49 67.94 -0.29
C ALA C 391 -4.77 67.11 -0.22
N VAL C 392 -5.66 67.44 0.73
CA VAL C 392 -6.95 66.77 0.83
C VAL C 392 -7.78 67.03 -0.42
N ASP C 393 -7.73 68.26 -0.93
CA ASP C 393 -8.49 68.58 -2.13
C ASP C 393 -7.92 67.89 -3.36
N ARG C 394 -6.60 67.71 -3.43
CA ARG C 394 -6.02 66.98 -4.56
C ARG C 394 -6.34 65.49 -4.49
N VAL C 395 -6.33 64.92 -3.29
CA VAL C 395 -6.70 63.51 -3.14
C VAL C 395 -8.19 63.32 -3.44
N ALA C 396 -9.02 64.30 -3.11
CA ALA C 396 -10.43 64.22 -3.48
C ALA C 396 -10.63 64.37 -4.99
N GLU C 397 -9.78 65.16 -5.65
CA GLU C 397 -9.82 65.26 -7.11
C GLU C 397 -9.48 63.91 -7.75
N HIS C 398 -8.42 63.26 -7.26
CA HIS C 398 -8.11 61.91 -7.74
C HIS C 398 -9.18 60.89 -7.36
N GLY C 399 -9.91 61.13 -6.28
CA GLY C 399 -10.95 60.20 -5.88
C GLY C 399 -12.19 60.31 -6.76
N VAL C 400 -12.56 61.53 -7.13
CA VAL C 400 -13.71 61.71 -7.99
C VAL C 400 -13.37 61.30 -9.42
N ARG C 401 -12.20 61.67 -9.91
CA ARG C 401 -11.91 61.43 -11.32
C ARG C 401 -11.46 60.00 -11.62
N ILE C 402 -10.98 59.24 -10.64
CA ILE C 402 -10.47 57.91 -10.95
C ILE C 402 -11.23 56.82 -10.22
N SER C 403 -11.16 56.78 -8.90
CA SER C 403 -11.74 55.68 -8.12
C SER C 403 -11.78 56.07 -6.65
N LEU C 404 -12.59 55.33 -5.89
CA LEU C 404 -12.62 55.54 -4.44
C LEU C 404 -11.50 54.79 -3.74
N ARG C 405 -11.24 53.54 -4.13
CA ARG C 405 -10.19 52.75 -3.53
C ARG C 405 -8.79 53.26 -3.86
N TYR C 406 -8.65 54.13 -4.87
CA TYR C 406 -7.36 54.64 -5.25
C TYR C 406 -6.96 55.88 -4.47
N CYS C 407 -7.93 56.71 -4.06
CA CYS C 407 -7.57 57.87 -3.24
C CYS C 407 -7.32 57.50 -1.79
N LEU C 408 -7.73 56.31 -1.37
CA LEU C 408 -7.38 55.82 -0.04
C LEU C 408 -6.06 55.05 -0.04
N GLN C 409 -5.39 54.97 -1.18
CA GLN C 409 -4.10 54.30 -1.28
C GLN C 409 -2.98 55.22 -1.71
N LEU C 410 -3.26 56.50 -1.93
CA LEU C 410 -2.23 57.51 -2.10
C LEU C 410 -1.87 58.19 -0.79
N LEU C 411 -2.21 57.59 0.34
CA LEU C 411 -1.87 58.14 1.65
C LEU C 411 -0.67 57.48 2.27
N ALA C 412 -0.41 56.21 1.97
CA ALA C 412 0.74 55.52 2.52
C ALA C 412 2.05 55.83 1.78
N PRO C 413 2.15 55.79 0.43
CA PRO C 413 3.43 56.23 -0.18
C PRO C 413 3.69 57.71 -0.03
N ALA C 414 2.64 58.53 0.06
CA ALA C 414 2.83 59.95 0.34
C ALA C 414 3.39 60.16 1.74
N SER C 415 2.95 59.36 2.72
CA SER C 415 3.49 59.49 4.06
C SER C 415 4.93 59.00 4.14
N ILE C 416 5.24 57.93 3.42
CA ILE C 416 6.62 57.43 3.39
C ILE C 416 7.56 58.45 2.74
N LEU C 417 7.16 59.02 1.59
CA LEU C 417 7.97 60.05 0.95
C LEU C 417 8.01 61.34 1.75
N ALA C 418 6.99 61.60 2.57
CA ALA C 418 7.00 62.76 3.43
C ALA C 418 8.02 62.61 4.55
N ARG C 419 8.01 61.49 5.26
CA ARG C 419 8.97 61.34 6.35
C ARG C 419 10.34 60.89 5.86
N VAL C 420 10.52 60.61 4.57
CA VAL C 420 11.85 60.46 4.00
C VAL C 420 12.41 61.81 3.53
N ASN C 421 11.57 62.66 2.94
CA ASN C 421 12.03 63.96 2.45
C ASN C 421 12.43 64.88 3.60
N GLY C 422 11.85 64.70 4.78
CA GLY C 422 12.29 65.44 5.95
C GLY C 422 11.21 66.26 6.61
N ARG C 423 9.96 65.86 6.42
CA ARG C 423 8.82 66.57 6.98
C ARG C 423 8.02 65.63 7.88
N THR C 424 6.96 66.18 8.48
CA THR C 424 6.06 65.41 9.32
C THR C 424 4.65 65.29 8.76
N GLN C 425 4.22 66.25 7.96
CA GLN C 425 2.90 66.21 7.34
C GLN C 425 3.03 66.18 5.82
N VAL C 426 1.98 65.71 5.17
CA VAL C 426 1.99 65.48 3.74
C VAL C 426 1.49 66.74 3.03
N ASP C 427 2.26 67.21 2.05
CA ASP C 427 1.92 68.37 1.26
C ASP C 427 1.49 67.94 -0.14
N VAL C 428 1.29 68.93 -1.02
CA VAL C 428 0.85 68.66 -2.39
C VAL C 428 1.98 68.02 -3.19
N GLN C 429 3.23 68.36 -2.88
CA GLN C 429 4.37 67.87 -3.62
C GLN C 429 4.57 66.37 -3.44
N ASP C 430 4.31 65.87 -2.23
CA ASP C 430 4.50 64.45 -1.96
C ASP C 430 3.44 63.60 -2.67
N ILE C 431 2.22 64.10 -2.77
CA ILE C 431 1.19 63.35 -3.48
C ILE C 431 1.38 63.48 -4.99
N ALA C 432 1.84 64.64 -5.47
CA ALA C 432 2.14 64.78 -6.90
C ALA C 432 3.37 64.00 -7.31
N GLU C 433 4.24 63.65 -6.37
CA GLU C 433 5.34 62.75 -6.67
C GLU C 433 4.95 61.29 -6.52
N ALA C 434 4.07 60.97 -5.58
CA ALA C 434 3.62 59.59 -5.38
C ALA C 434 2.54 59.16 -6.35
N GLU C 435 1.98 60.08 -7.13
CA GLU C 435 0.98 59.72 -8.12
C GLU C 435 1.58 59.17 -9.40
N GLU C 436 2.91 59.25 -9.55
CA GLU C 436 3.58 58.71 -10.73
C GLU C 436 4.43 57.49 -10.42
N LEU C 437 4.60 57.14 -9.16
CA LEU C 437 5.21 55.87 -8.81
C LEU C 437 4.18 54.77 -8.65
N PHE C 438 2.90 55.11 -8.56
CA PHE C 438 1.82 54.15 -8.32
C PHE C 438 0.66 54.53 -9.23
N LEU C 439 0.65 53.97 -10.43
CA LEU C 439 -0.37 54.30 -11.41
C LEU C 439 -1.66 53.54 -11.09
N ASP C 440 -2.77 54.11 -11.55
CA ASP C 440 -4.09 53.50 -11.39
C ASP C 440 -4.33 52.43 -12.44
N ALA C 441 -5.56 51.97 -12.58
CA ALA C 441 -5.87 51.03 -13.66
C ALA C 441 -6.04 51.75 -15.00
N ARG C 442 -6.44 53.03 -14.98
CA ARG C 442 -6.78 53.75 -16.20
C ARG C 442 -5.54 54.10 -17.00
N ARG C 443 -4.54 54.72 -16.36
CA ARG C 443 -3.31 55.02 -17.05
C ARG C 443 -2.52 53.76 -17.38
N SER C 444 -2.71 52.70 -16.59
CA SER C 444 -2.10 51.41 -16.93
C SER C 444 -2.69 50.84 -18.21
N ALA C 445 -4.02 50.92 -18.37
CA ALA C 445 -4.63 50.47 -19.61
C ALA C 445 -4.28 51.40 -20.78
N ASN C 446 -4.05 52.69 -20.50
CA ASN C 446 -3.62 53.60 -21.56
C ASN C 446 -2.22 53.27 -22.05
N ILE C 447 -1.29 52.98 -21.12
CA ILE C 447 0.04 52.51 -21.50
C ILE C 447 -0.04 51.15 -22.19
N LEU C 448 -0.98 50.31 -21.76
CA LEU C 448 -1.09 48.95 -22.29
C LEU C 448 -1.60 48.95 -23.73
N THR C 449 -2.52 49.86 -24.06
CA THR C 449 -3.06 49.94 -25.40
C THR C 449 -2.21 50.79 -26.33
N SER C 450 -1.82 51.99 -25.86
CA SER C 450 -1.14 52.95 -26.73
C SER C 450 0.29 52.50 -27.03
N THR C 451 1.12 52.34 -26.00
CA THR C 451 2.50 51.93 -26.21
C THR C 451 2.59 50.45 -26.56
N GLY C 452 1.80 49.61 -25.89
CA GLY C 452 1.73 48.20 -26.21
C GLY C 452 0.85 47.94 -27.41
N GLU C 453 1.38 48.22 -28.60
CA GLU C 453 0.59 48.14 -29.84
C GLU C 453 0.24 46.70 -30.17
N SER C 454 1.24 45.85 -30.36
CA SER C 454 1.01 44.46 -30.71
C SER C 454 2.14 43.60 -30.16
N GLY C 455 1.98 42.29 -30.29
CA GLY C 455 3.00 41.36 -29.85
C GLY C 455 4.21 41.33 -30.75
N GLY C 456 5.32 41.86 -30.27
CA GLY C 456 6.57 41.85 -31.02
C GLY C 456 7.74 41.57 -30.11
N LEU C 457 8.81 42.35 -30.25
CA LEU C 457 9.94 42.23 -29.32
C LEU C 457 9.67 42.97 -28.03
N HIS C 458 9.54 44.29 -28.10
CA HIS C 458 9.30 45.11 -26.93
C HIS C 458 7.80 45.39 -26.81
N GLY C 459 7.05 44.33 -26.55
CA GLY C 459 5.62 44.43 -26.46
C GLY C 459 5.05 43.37 -25.54
N PHE C 460 3.79 43.57 -25.16
CA PHE C 460 3.08 42.66 -24.27
C PHE C 460 2.67 41.40 -25.01
N ILE C 461 2.11 40.45 -24.28
CA ILE C 461 1.66 39.18 -24.85
C ILE C 461 0.14 39.16 -24.74
N SER C 462 -0.55 39.48 -25.83
CA SER C 462 -2.00 39.48 -25.82
C SER C 462 -2.56 38.07 -25.91
N LEU D 20 -38.56 28.12 16.58
CA LEU D 20 -38.88 29.48 16.15
C LEU D 20 -39.98 29.51 15.09
N ILE D 21 -40.12 30.65 14.42
CA ILE D 21 -41.18 30.85 13.45
C ILE D 21 -40.56 30.89 12.06
N ALA D 22 -40.54 29.74 11.39
CA ALA D 22 -40.01 29.64 10.04
C ALA D 22 -41.08 30.03 9.03
N ALA D 23 -40.83 29.77 7.74
CA ALA D 23 -41.77 30.14 6.70
C ALA D 23 -42.90 29.14 6.52
N HIS D 24 -42.88 28.02 7.24
CA HIS D 24 -43.96 27.03 7.17
C HIS D 24 -44.29 26.52 8.56
N SER D 25 -44.39 27.42 9.53
CA SER D 25 -44.75 27.02 10.89
C SER D 25 -46.23 27.19 11.19
N HIS D 26 -46.94 28.01 10.42
CA HIS D 26 -48.38 28.16 10.64
C HIS D 26 -49.17 26.98 10.12
N ILE D 27 -48.58 26.17 9.24
CA ILE D 27 -49.29 25.05 8.63
C ILE D 27 -49.39 23.91 9.63
N ARG D 28 -50.60 23.39 9.82
CA ARG D 28 -50.88 22.29 10.74
C ARG D 28 -51.60 21.18 9.97
N GLY D 29 -51.05 20.82 8.82
CA GLY D 29 -51.63 19.75 8.03
C GLY D 29 -52.09 20.21 6.67
N LEU D 30 -52.91 19.39 6.01
CA LEU D 30 -53.39 19.69 4.67
C LEU D 30 -54.77 20.35 4.67
N GLY D 31 -55.62 19.99 5.62
CA GLY D 31 -56.88 20.68 5.80
C GLY D 31 -57.99 20.25 4.86
N VAL D 32 -58.30 18.96 4.83
CA VAL D 32 -59.42 18.43 4.07
C VAL D 32 -60.28 17.60 5.01
N ASP D 33 -61.42 17.16 4.48
CA ASP D 33 -62.33 16.33 5.25
C ASP D 33 -61.79 14.89 5.30
N ALA D 34 -62.27 14.13 6.27
CA ALA D 34 -61.88 12.73 6.41
C ALA D 34 -62.83 11.78 5.70
N ASP D 35 -64.08 12.16 5.50
CA ASP D 35 -65.07 11.31 4.85
C ASP D 35 -65.29 11.64 3.39
N THR D 36 -65.24 12.93 3.03
CA THR D 36 -65.45 13.36 1.65
C THR D 36 -64.22 13.98 1.01
N LEU D 37 -63.22 14.39 1.80
CA LEU D 37 -61.96 15.03 1.36
C LEU D 37 -62.20 16.23 0.44
N GLU D 38 -63.27 16.97 0.70
CA GLU D 38 -63.52 18.18 -0.06
C GLU D 38 -62.61 19.30 0.44
N PRO D 39 -62.07 20.12 -0.46
CA PRO D 39 -61.19 21.20 -0.03
C PRO D 39 -61.94 22.34 0.66
N ARG D 40 -61.68 22.51 1.96
CA ARG D 40 -62.28 23.62 2.67
C ARG D 40 -61.60 24.93 2.25
N PRO D 41 -62.35 26.01 2.08
CA PRO D 41 -61.74 27.28 1.63
C PRO D 41 -60.85 27.93 2.67
N SER D 42 -60.99 27.60 3.95
CA SER D 42 -60.14 28.18 4.99
C SER D 42 -60.07 27.17 6.14
N SER D 43 -58.97 26.40 6.18
CA SER D 43 -58.81 25.38 7.22
C SER D 43 -57.34 24.99 7.33
N GLN D 44 -56.80 25.11 8.54
CA GLN D 44 -55.47 24.60 8.92
C GLN D 44 -54.36 25.21 8.08
N GLY D 45 -54.31 26.54 8.06
CA GLY D 45 -53.21 27.24 7.43
C GLY D 45 -53.24 27.32 5.92
N LEU D 46 -53.38 26.17 5.24
CA LEU D 46 -53.37 26.14 3.78
C LEU D 46 -54.68 26.71 3.25
N VAL D 47 -54.74 28.03 3.10
CA VAL D 47 -55.97 28.74 2.81
C VAL D 47 -55.82 29.42 1.46
N GLY D 48 -56.72 29.09 0.54
CA GLY D 48 -56.81 29.86 -0.69
C GLY D 48 -56.66 29.07 -1.98
N GLN D 49 -56.74 27.75 -1.90
CA GLN D 49 -56.58 26.92 -3.08
C GLN D 49 -57.33 25.62 -2.86
N GLU D 50 -57.95 25.10 -3.92
CA GLU D 50 -58.87 23.99 -3.77
C GLU D 50 -58.53 22.78 -4.61
N LYS D 51 -58.04 22.98 -5.84
CA LYS D 51 -57.79 21.86 -6.76
C LYS D 51 -56.58 21.05 -6.31
N ALA D 52 -55.46 21.72 -6.07
CA ALA D 52 -54.23 21.02 -5.72
C ALA D 52 -54.30 20.39 -4.34
N ARG D 53 -55.03 21.02 -3.40
CA ARG D 53 -55.19 20.42 -2.08
C ARG D 53 -56.08 19.19 -2.11
N LYS D 54 -57.08 19.16 -2.99
CA LYS D 54 -57.91 17.97 -3.14
C LYS D 54 -57.13 16.84 -3.79
N ALA D 55 -56.34 17.16 -4.82
CA ALA D 55 -55.51 16.14 -5.44
C ALA D 55 -54.43 15.61 -4.50
N ALA D 56 -53.87 16.50 -3.67
CA ALA D 56 -52.91 16.06 -2.67
C ALA D 56 -53.57 15.25 -1.57
N ALA D 57 -54.86 15.50 -1.30
CA ALA D 57 -55.59 14.65 -0.36
C ALA D 57 -55.79 13.25 -0.91
N VAL D 58 -56.05 13.14 -2.21
CA VAL D 58 -56.16 11.83 -2.85
C VAL D 58 -54.81 11.10 -2.82
N VAL D 59 -53.72 11.83 -3.07
CA VAL D 59 -52.38 11.24 -3.00
C VAL D 59 -52.05 10.80 -1.57
N LEU D 60 -52.43 11.62 -0.58
CA LEU D 60 -52.23 11.28 0.82
C LEU D 60 -53.02 10.04 1.21
N GLU D 61 -54.23 9.89 0.68
CA GLU D 61 -55.04 8.73 1.01
C GLU D 61 -54.48 7.46 0.37
N MET D 62 -53.93 7.56 -0.84
CA MET D 62 -53.32 6.36 -1.40
C MET D 62 -51.91 6.11 -0.87
N ILE D 63 -51.32 7.06 -0.15
CA ILE D 63 -50.10 6.77 0.61
C ILE D 63 -50.44 6.08 1.93
N LYS D 64 -51.50 6.55 2.60
CA LYS D 64 -51.93 5.92 3.85
C LYS D 64 -52.50 4.52 3.65
N GLN D 65 -52.94 4.19 2.42
CA GLN D 65 -53.32 2.82 2.13
C GLN D 65 -52.11 1.91 2.12
N GLY D 66 -51.00 2.39 1.54
CA GLY D 66 -49.74 1.68 1.53
C GLY D 66 -49.65 0.55 0.52
N LYS D 67 -50.68 0.32 -0.28
CA LYS D 67 -50.69 -0.81 -1.19
C LYS D 67 -50.00 -0.49 -2.51
N ILE D 68 -50.32 0.66 -3.10
CA ILE D 68 -49.90 0.98 -4.46
C ILE D 68 -48.50 1.55 -4.43
N ALA D 69 -47.60 0.94 -5.20
CA ALA D 69 -46.17 1.21 -5.11
C ALA D 69 -45.64 1.78 -6.41
N GLY D 70 -44.77 2.78 -6.29
CA GLY D 70 -44.05 3.30 -7.44
C GLY D 70 -44.84 4.23 -8.33
N ARG D 71 -45.24 5.39 -7.80
CA ARG D 71 -45.89 6.41 -8.60
C ARG D 71 -45.01 7.65 -8.66
N ALA D 72 -45.52 8.71 -9.27
CA ALA D 72 -44.75 9.93 -9.44
C ALA D 72 -45.72 11.09 -9.57
N VAL D 73 -45.63 12.05 -8.64
CA VAL D 73 -46.52 13.20 -8.60
C VAL D 73 -45.67 14.45 -8.77
N LEU D 74 -46.03 15.29 -9.74
CA LEU D 74 -45.24 16.46 -10.11
C LEU D 74 -46.09 17.71 -9.87
N ILE D 75 -45.79 18.45 -8.80
CA ILE D 75 -46.57 19.63 -8.44
C ILE D 75 -45.97 20.79 -9.24
N ALA D 76 -46.54 21.06 -10.41
CA ALA D 76 -46.03 22.10 -11.28
C ALA D 76 -46.83 23.38 -11.09
N GLY D 77 -46.17 24.51 -11.33
CA GLY D 77 -46.82 25.78 -11.22
C GLY D 77 -45.85 26.93 -11.06
N PRO D 78 -46.38 28.16 -11.06
CA PRO D 78 -45.52 29.35 -10.90
C PRO D 78 -44.92 29.40 -9.51
N PRO D 79 -43.82 30.14 -9.33
CA PRO D 79 -43.23 30.25 -7.99
C PRO D 79 -44.09 31.10 -7.07
N SER D 80 -43.83 30.93 -5.77
CA SER D 80 -44.55 31.60 -4.68
C SER D 80 -46.06 31.31 -4.74
N THR D 81 -46.42 30.05 -5.00
CA THR D 81 -47.81 29.64 -5.05
C THR D 81 -48.13 28.51 -4.08
N GLY D 82 -47.20 28.14 -3.22
CA GLY D 82 -47.49 27.21 -2.15
C GLY D 82 -47.27 25.75 -2.46
N LYS D 83 -46.28 25.42 -3.27
CA LYS D 83 -45.99 24.02 -3.59
C LYS D 83 -45.32 23.32 -2.43
N THR D 84 -44.28 23.95 -1.87
CA THR D 84 -43.65 23.44 -0.66
C THR D 84 -44.61 23.52 0.52
N ALA D 85 -45.56 24.45 0.48
CA ALA D 85 -46.59 24.50 1.51
C ALA D 85 -47.51 23.28 1.46
N ILE D 86 -47.88 22.83 0.26
CA ILE D 86 -48.67 21.61 0.13
C ILE D 86 -47.85 20.38 0.53
N ALA D 87 -46.55 20.40 0.24
CA ALA D 87 -45.69 19.29 0.65
C ALA D 87 -45.55 19.22 2.18
N MET D 88 -45.37 20.35 2.84
CA MET D 88 -45.34 20.35 4.30
C MET D 88 -46.72 20.08 4.89
N GLY D 89 -47.79 20.40 4.17
CA GLY D 89 -49.12 20.02 4.62
C GLY D 89 -49.32 18.51 4.61
N MET D 90 -48.78 17.84 3.59
CA MET D 90 -48.79 16.38 3.62
C MET D 90 -47.82 15.84 4.67
N ALA D 91 -46.74 16.57 4.96
CA ALA D 91 -45.77 16.11 5.94
C ALA D 91 -46.33 16.19 7.36
N GLN D 92 -47.08 17.24 7.68
CA GLN D 92 -47.68 17.36 9.00
C GLN D 92 -48.87 16.43 9.19
N SER D 93 -49.43 15.90 8.11
CA SER D 93 -50.63 15.09 8.18
C SER D 93 -50.35 13.60 8.36
N LEU D 94 -49.13 13.16 8.09
CA LEU D 94 -48.75 11.77 8.33
C LEU D 94 -48.23 11.53 9.73
N GLY D 95 -47.75 12.57 10.42
CA GLY D 95 -47.21 12.41 11.75
C GLY D 95 -45.83 11.78 11.72
N GLN D 96 -45.31 11.51 12.92
CA GLN D 96 -43.99 10.92 13.06
C GLN D 96 -44.05 9.39 13.06
N ASP D 97 -44.73 8.83 12.07
CA ASP D 97 -44.81 7.39 11.88
C ASP D 97 -44.25 6.96 10.53
N VAL D 98 -44.73 7.57 9.46
CA VAL D 98 -44.33 7.25 8.09
C VAL D 98 -43.11 8.11 7.76
N PRO D 99 -42.07 7.54 7.15
CA PRO D 99 -40.92 8.36 6.75
C PRO D 99 -41.28 9.36 5.68
N PHE D 100 -40.62 10.52 5.73
CA PHE D 100 -40.86 11.60 4.77
C PHE D 100 -39.51 12.27 4.51
N THR D 101 -38.83 11.84 3.46
CA THR D 101 -37.53 12.41 3.13
C THR D 101 -37.73 13.73 2.38
N THR D 102 -37.17 14.81 2.93
CA THR D 102 -37.26 16.13 2.31
C THR D 102 -36.06 16.40 1.42
N LEU D 103 -35.81 15.51 0.47
CA LEU D 103 -34.63 15.59 -0.38
C LEU D 103 -34.72 16.78 -1.32
N ALA D 104 -33.64 17.57 -1.38
CA ALA D 104 -33.47 18.55 -2.42
C ALA D 104 -32.67 17.92 -3.56
N ALA D 105 -32.89 18.41 -4.77
CA ALA D 105 -32.31 17.78 -5.95
C ALA D 105 -30.82 18.05 -6.11
N SER D 106 -30.24 18.95 -5.31
CA SER D 106 -28.82 19.25 -5.42
C SER D 106 -27.97 18.42 -4.47
N GLU D 107 -28.57 17.71 -3.52
CA GLU D 107 -27.79 16.92 -2.58
C GLU D 107 -27.21 15.66 -3.21
N ILE D 108 -27.73 15.25 -4.35
CA ILE D 108 -27.36 13.97 -4.95
C ILE D 108 -25.98 14.05 -5.59
N PHE D 109 -25.57 15.23 -6.06
CA PHE D 109 -24.31 15.38 -6.78
C PHE D 109 -23.11 15.31 -5.86
N SER D 110 -22.83 14.13 -5.31
CA SER D 110 -21.73 13.98 -4.37
C SER D 110 -20.40 13.86 -5.10
N LEU D 111 -19.31 13.92 -4.32
CA LEU D 111 -18.00 13.54 -4.81
C LEU D 111 -17.47 12.26 -4.19
N GLU D 112 -18.02 11.83 -3.06
CA GLU D 112 -17.62 10.55 -2.49
C GLU D 112 -18.19 9.40 -3.30
N MET D 113 -19.51 9.29 -3.36
CA MET D 113 -20.20 8.21 -4.02
C MET D 113 -20.76 8.66 -5.35
N SER D 114 -21.27 7.71 -6.12
CA SER D 114 -21.74 8.01 -7.45
C SER D 114 -23.07 8.75 -7.41
N LYS D 115 -23.46 9.26 -8.57
CA LYS D 115 -24.70 10.03 -8.65
C LYS D 115 -25.93 9.13 -8.62
N THR D 116 -25.78 7.88 -9.05
CA THR D 116 -26.90 6.94 -9.05
C THR D 116 -27.09 6.30 -7.68
N GLU D 117 -26.00 6.04 -6.97
CA GLU D 117 -26.12 5.37 -5.68
C GLU D 117 -26.71 6.32 -4.63
N ALA D 118 -26.52 7.63 -4.80
CA ALA D 118 -27.17 8.58 -3.92
C ALA D 118 -28.69 8.57 -4.13
N LEU D 119 -29.12 8.42 -5.38
CA LEU D 119 -30.55 8.23 -5.65
C LEU D 119 -31.07 6.93 -5.05
N THR D 120 -30.30 5.85 -5.15
CA THR D 120 -30.73 4.57 -4.60
C THR D 120 -30.86 4.63 -3.08
N GLN D 121 -29.93 5.32 -2.42
CA GLN D 121 -30.05 5.56 -0.99
C GLN D 121 -31.23 6.47 -0.67
N ALA D 122 -31.50 7.45 -1.54
CA ALA D 122 -32.62 8.35 -1.29
C ALA D 122 -33.97 7.64 -1.43
N PHE D 123 -34.03 6.61 -2.28
CA PHE D 123 -35.24 5.79 -2.32
C PHE D 123 -35.32 4.88 -1.10
N ARG D 124 -34.21 4.24 -0.74
CA ARG D 124 -34.26 3.26 0.34
C ARG D 124 -34.27 3.90 1.73
N LYS D 125 -34.13 5.21 1.84
CA LYS D 125 -34.34 5.87 3.13
C LYS D 125 -35.82 6.07 3.44
N SER D 126 -36.72 5.83 2.49
CA SER D 126 -38.13 6.17 2.67
C SER D 126 -39.01 4.93 2.67
N ILE D 127 -38.46 3.79 3.10
CA ILE D 127 -39.23 2.56 3.30
C ILE D 127 -38.91 2.11 4.71
N GLY D 128 -39.79 2.46 5.66
CA GLY D 128 -39.55 2.07 7.03
C GLY D 128 -39.82 0.59 7.24
N VAL D 129 -39.02 -0.02 8.11
CA VAL D 129 -39.24 -1.36 8.60
C VAL D 129 -39.47 -1.24 10.09
N ARG D 130 -40.63 -1.70 10.54
CA ARG D 130 -41.06 -1.54 11.91
C ARG D 130 -41.03 -2.91 12.56
N ILE D 131 -40.04 -3.12 13.44
CA ILE D 131 -39.85 -4.40 14.10
C ILE D 131 -40.26 -4.24 15.55
N LYS D 132 -40.52 -5.37 16.19
CA LYS D 132 -40.98 -5.41 17.57
C LYS D 132 -40.15 -6.43 18.32
N GLU D 133 -39.59 -6.03 19.45
CA GLU D 133 -38.74 -6.94 20.21
C GLU D 133 -39.02 -6.82 21.70
N GLU D 134 -38.76 -7.91 22.42
CA GLU D 134 -38.98 -7.96 23.86
C GLU D 134 -37.68 -7.69 24.59
N SER D 135 -37.69 -6.68 25.44
CA SER D 135 -36.63 -6.41 26.39
C SER D 135 -37.10 -6.80 27.78
N GLU D 136 -36.14 -6.87 28.70
CA GLU D 136 -36.41 -7.29 30.07
C GLU D 136 -35.89 -6.20 31.00
N ILE D 137 -36.79 -5.47 31.63
CA ILE D 137 -36.41 -4.36 32.50
C ILE D 137 -36.52 -4.80 33.95
N MET D 138 -35.62 -4.25 34.76
CA MET D 138 -35.58 -4.45 36.20
C MET D 138 -36.09 -3.20 36.91
N GLU D 139 -36.31 -3.34 38.22
CA GLU D 139 -36.78 -2.24 39.04
C GLU D 139 -36.47 -2.58 40.49
N GLY D 140 -36.06 -1.59 41.27
CA GLY D 140 -35.85 -1.84 42.68
C GLY D 140 -34.71 -1.08 43.33
N GLU D 141 -34.54 -1.29 44.63
CA GLU D 141 -33.55 -0.57 45.42
C GLU D 141 -32.28 -1.40 45.53
N VAL D 142 -31.14 -0.79 45.18
CA VAL D 142 -29.86 -1.45 45.30
C VAL D 142 -29.45 -1.52 46.77
N VAL D 143 -29.17 -2.73 47.24
CA VAL D 143 -28.72 -2.94 48.61
C VAL D 143 -27.21 -2.97 48.71
N GLU D 144 -26.53 -3.80 47.91
CA GLU D 144 -25.07 -3.67 47.90
C GLU D 144 -24.47 -3.97 46.54
N ILE D 145 -23.34 -3.29 46.29
CA ILE D 145 -22.47 -3.51 45.14
C ILE D 145 -21.25 -4.28 45.64
N GLN D 146 -20.76 -5.22 44.83
CA GLN D 146 -19.55 -5.94 45.18
C GLN D 146 -18.73 -6.11 43.90
N ILE D 147 -17.63 -5.37 43.80
CA ILE D 147 -16.81 -5.34 42.59
C ILE D 147 -15.41 -5.84 42.93
N ASP D 148 -14.95 -6.85 42.23
CA ASP D 148 -13.60 -7.37 42.33
C ASP D 148 -12.83 -6.94 41.11
N ARG D 149 -11.70 -6.26 41.31
CA ARG D 149 -10.89 -5.73 40.23
C ARG D 149 -9.49 -6.31 40.30
N SER D 150 -8.88 -6.47 39.13
CA SER D 150 -7.51 -6.97 39.06
C SER D 150 -6.55 -5.80 39.22
N VAL D 151 -5.26 -6.07 39.08
CA VAL D 151 -4.21 -5.04 39.16
C VAL D 151 -3.50 -5.01 37.82
N THR D 152 -3.45 -3.82 37.20
CA THR D 152 -2.81 -3.53 35.92
C THR D 152 -3.38 -4.45 34.81
N GLY D 153 -4.64 -4.20 34.51
CA GLY D 153 -5.31 -4.87 33.42
C GLY D 153 -5.83 -6.24 33.79
N GLY D 154 -7.06 -6.52 33.44
CA GLY D 154 -7.64 -7.82 33.71
C GLY D 154 -9.15 -7.71 33.84
N ALA D 155 -9.76 -8.88 34.11
CA ALA D 155 -11.20 -8.99 34.17
C ALA D 155 -11.73 -8.43 35.49
N LYS D 156 -13.05 -8.38 35.60
CA LYS D 156 -13.73 -7.87 36.77
C LYS D 156 -14.83 -8.85 37.17
N GLN D 157 -15.20 -8.81 38.45
CA GLN D 157 -16.24 -9.67 38.98
C GLN D 157 -17.26 -8.82 39.73
N GLY D 158 -18.53 -9.20 39.66
CA GLY D 158 -19.54 -8.36 40.28
C GLY D 158 -20.74 -9.09 40.86
N LYS D 159 -21.11 -8.72 42.09
CA LYS D 159 -22.31 -9.24 42.74
C LYS D 159 -23.16 -8.07 43.20
N LEU D 160 -24.42 -8.06 42.77
CA LEU D 160 -25.35 -6.97 43.05
C LEU D 160 -26.53 -7.53 43.84
N THR D 161 -26.69 -7.09 45.08
CA THR D 161 -27.85 -7.48 45.87
C THR D 161 -28.86 -6.35 45.77
N ILE D 162 -30.06 -6.68 45.26
CA ILE D 162 -31.12 -5.74 45.00
C ILE D 162 -32.39 -6.24 45.68
N LYS D 163 -33.20 -5.31 46.18
CA LYS D 163 -34.41 -5.65 46.93
C LYS D 163 -35.54 -4.69 46.58
N THR D 164 -36.68 -5.26 46.20
CA THR D 164 -37.95 -4.55 46.19
C THR D 164 -38.65 -4.80 47.53
N THR D 165 -39.95 -4.49 47.60
CA THR D 165 -40.71 -4.80 48.81
C THR D 165 -40.97 -6.30 48.98
N ASP D 166 -40.78 -7.10 47.93
CA ASP D 166 -41.07 -8.53 47.99
C ASP D 166 -39.81 -9.38 47.83
N MET D 167 -39.07 -9.22 46.74
CA MET D 167 -37.96 -10.12 46.46
C MET D 167 -36.64 -9.54 46.95
N GLU D 168 -35.68 -10.45 47.16
CA GLU D 168 -34.34 -10.11 47.65
C GLU D 168 -33.35 -10.93 46.81
N ALA D 169 -32.87 -10.36 45.71
CA ALA D 169 -32.06 -11.13 44.77
C ALA D 169 -30.59 -10.75 44.86
N ILE D 170 -29.74 -11.72 44.56
CA ILE D 170 -28.29 -11.53 44.51
C ILE D 170 -27.87 -11.92 43.10
N TYR D 171 -27.80 -10.94 42.22
CA TYR D 171 -27.46 -11.14 40.82
C TYR D 171 -25.95 -11.07 40.61
N ASP D 172 -25.50 -11.62 39.50
CA ASP D 172 -24.12 -11.52 39.07
C ASP D 172 -23.98 -10.48 37.97
N MET D 173 -22.74 -10.09 37.69
CA MET D 173 -22.45 -9.09 36.69
C MET D 173 -21.24 -9.50 35.87
N GLY D 174 -21.20 -9.01 34.63
CA GLY D 174 -20.06 -9.16 33.76
C GLY D 174 -19.24 -7.89 33.67
N SER D 175 -18.42 -7.80 32.62
CA SER D 175 -17.53 -6.67 32.47
C SER D 175 -18.27 -5.41 32.03
N LYS D 176 -19.22 -5.54 31.10
CA LYS D 176 -19.95 -4.37 30.61
C LYS D 176 -20.89 -3.81 31.67
N MET D 177 -21.44 -4.67 32.52
CA MET D 177 -22.33 -4.19 33.58
C MET D 177 -21.55 -3.41 34.63
N ILE D 178 -20.33 -3.84 34.96
CA ILE D 178 -19.51 -3.08 35.89
C ILE D 178 -19.00 -1.79 35.25
N ASP D 179 -18.71 -1.84 33.94
CA ASP D 179 -18.34 -0.62 33.23
C ASP D 179 -19.49 0.38 33.13
N ALA D 180 -20.73 -0.09 33.21
CA ALA D 180 -21.87 0.83 33.31
C ALA D 180 -22.13 1.29 34.74
N MET D 181 -21.91 0.42 35.73
CA MET D 181 -22.09 0.79 37.14
C MET D 181 -21.11 1.87 37.56
N THR D 182 -19.83 1.70 37.21
CA THR D 182 -18.83 2.71 37.55
C THR D 182 -19.00 3.99 36.75
N LYS D 183 -19.60 3.91 35.57
CA LYS D 183 -19.92 5.12 34.82
C LYS D 183 -21.09 5.85 35.45
N GLU D 184 -22.03 5.12 36.04
CA GLU D 184 -23.20 5.75 36.65
C GLU D 184 -22.97 6.10 38.11
N ARG D 185 -21.99 5.48 38.77
CA ARG D 185 -21.71 5.59 40.21
C ARG D 185 -22.96 5.24 41.03
N VAL D 186 -23.32 3.97 40.94
CA VAL D 186 -24.49 3.44 41.62
C VAL D 186 -24.07 2.99 43.02
N MET D 187 -24.46 3.76 44.02
CA MET D 187 -24.13 3.45 45.41
C MET D 187 -25.25 2.64 46.05
N ALA D 188 -25.09 2.36 47.33
CA ALA D 188 -26.08 1.61 48.09
C ALA D 188 -27.26 2.52 48.42
N GLY D 189 -28.46 2.11 47.99
CA GLY D 189 -29.64 2.92 48.23
C GLY D 189 -30.03 3.77 47.04
N ASP D 190 -30.07 3.17 45.86
CA ASP D 190 -30.48 3.84 44.63
C ASP D 190 -31.59 3.05 43.97
N ILE D 191 -32.52 3.77 43.36
CA ILE D 191 -33.63 3.16 42.62
C ILE D 191 -33.20 3.17 41.16
N ILE D 192 -32.61 2.07 40.71
CA ILE D 192 -32.16 1.98 39.33
C ILE D 192 -33.05 0.98 38.60
N SER D 193 -33.06 1.12 37.27
CA SER D 193 -33.81 0.23 36.39
C SER D 193 -32.88 -0.18 35.27
N ILE D 194 -32.54 -1.47 35.23
CA ILE D 194 -31.60 -2.00 34.26
C ILE D 194 -32.38 -2.73 33.18
N ASP D 195 -32.22 -2.29 31.94
CA ASP D 195 -32.63 -3.10 30.80
C ASP D 195 -31.65 -4.26 30.68
N LYS D 196 -32.16 -5.50 30.72
CA LYS D 196 -31.28 -6.65 30.68
C LYS D 196 -30.71 -6.89 29.29
N SER D 197 -31.48 -6.57 28.24
CA SER D 197 -31.02 -6.81 26.88
C SER D 197 -30.01 -5.76 26.43
N SER D 198 -30.43 -4.48 26.43
CA SER D 198 -29.56 -3.43 25.91
C SER D 198 -28.43 -3.10 26.88
N GLY D 199 -28.74 -3.04 28.17
CA GLY D 199 -27.71 -2.79 29.16
C GLY D 199 -27.46 -1.34 29.46
N LYS D 200 -28.52 -0.58 29.72
CA LYS D 200 -28.39 0.80 30.18
C LYS D 200 -28.86 0.89 31.63
N ILE D 201 -28.37 1.90 32.33
CA ILE D 201 -28.67 2.11 33.74
C ILE D 201 -29.17 3.54 33.91
N THR D 202 -30.39 3.68 34.39
CA THR D 202 -31.00 4.99 34.64
C THR D 202 -31.36 5.08 36.12
N LYS D 203 -30.62 5.89 36.87
CA LYS D 203 -30.97 6.13 38.26
C LYS D 203 -32.23 6.97 38.34
N LEU D 204 -33.20 6.53 39.13
CA LEU D 204 -34.44 7.27 39.30
C LEU D 204 -34.46 8.12 40.56
N GLY D 205 -33.63 7.81 41.54
CA GLY D 205 -33.59 8.57 42.77
C GLY D 205 -33.09 7.70 43.90
N ARG D 206 -33.33 8.14 45.13
CA ARG D 206 -32.87 7.46 46.32
C ARG D 206 -34.02 7.27 47.29
N SER D 207 -33.80 6.38 48.25
CA SER D 207 -34.74 6.15 49.35
C SER D 207 -34.20 6.58 50.70
N TYR D 208 -32.90 6.48 50.92
CA TYR D 208 -32.26 7.02 52.11
C TYR D 208 -31.85 8.47 51.85
N ALA D 209 -31.06 9.01 52.77
CA ALA D 209 -30.50 10.35 52.60
C ALA D 209 -29.02 10.25 52.25
N ARG D 210 -28.39 11.41 52.13
CA ARG D 210 -26.96 11.46 51.81
C ARG D 210 -26.14 11.25 53.08
N SER D 211 -25.08 10.46 52.95
CA SER D 211 -24.24 10.13 54.09
C SER D 211 -23.42 11.34 54.54
N ARG D 212 -23.01 11.30 55.81
CA ARG D 212 -22.23 12.38 56.39
C ARG D 212 -20.85 11.82 56.74
N ASP D 213 -20.28 11.05 55.83
CA ASP D 213 -18.99 10.43 56.12
C ASP D 213 -17.99 10.67 55.00
N TYR D 214 -18.49 10.88 53.78
CA TYR D 214 -17.65 11.08 52.62
C TYR D 214 -17.89 12.46 52.03
N ASP D 215 -16.90 12.97 51.31
CA ASP D 215 -16.98 14.31 50.74
C ASP D 215 -17.46 14.29 49.30
N ALA D 216 -16.74 13.60 48.41
CA ALA D 216 -17.08 13.55 46.99
C ALA D 216 -18.17 12.52 46.77
N MET D 217 -19.39 12.88 47.16
CA MET D 217 -20.55 12.01 47.00
C MET D 217 -21.40 12.41 45.79
N GLY D 218 -21.86 13.64 45.75
CA GLY D 218 -22.67 14.10 44.65
C GLY D 218 -23.81 15.02 45.06
N VAL D 219 -24.92 14.92 44.34
CA VAL D 219 -26.08 15.77 44.56
C VAL D 219 -27.23 14.89 45.05
N ASP D 220 -27.93 15.35 46.07
CA ASP D 220 -29.09 14.62 46.59
C ASP D 220 -30.20 14.64 45.55
N THR D 221 -30.61 13.45 45.12
CA THR D 221 -31.56 13.27 44.03
C THR D 221 -32.99 13.24 44.57
N LYS D 222 -33.92 12.81 43.72
CA LYS D 222 -35.33 12.80 44.08
C LYS D 222 -35.63 11.70 45.09
N PHE D 223 -36.52 12.00 46.03
CA PHE D 223 -36.89 11.07 47.09
C PHE D 223 -38.02 10.18 46.59
N LEU D 224 -37.68 8.95 46.20
CA LEU D 224 -38.65 7.95 45.80
C LEU D 224 -38.66 6.81 46.81
N GLN D 225 -39.81 6.17 46.95
CA GLN D 225 -39.95 5.06 47.87
C GLN D 225 -39.50 3.77 47.19
N CYS D 226 -39.57 2.67 47.93
CA CYS D 226 -39.19 1.37 47.37
C CYS D 226 -40.27 0.89 46.42
N PRO D 227 -39.92 0.53 45.18
CA PRO D 227 -40.94 0.07 44.23
C PRO D 227 -41.47 -1.32 44.59
N GLU D 228 -42.75 -1.52 44.29
CA GLU D 228 -43.40 -2.80 44.54
C GLU D 228 -43.46 -3.61 43.26
N GLY D 229 -44.07 -4.78 43.35
CA GLY D 229 -44.26 -5.63 42.19
C GLY D 229 -43.20 -6.72 42.11
N GLU D 230 -42.56 -6.84 40.95
CA GLU D 230 -41.57 -7.88 40.69
C GLU D 230 -40.31 -7.26 40.14
N LEU D 231 -39.24 -8.07 40.12
CA LEU D 231 -37.97 -7.61 39.57
C LEU D 231 -37.94 -7.73 38.06
N GLN D 232 -38.03 -8.96 37.55
CA GLN D 232 -37.92 -9.22 36.12
C GLN D 232 -39.25 -8.92 35.46
N LYS D 233 -39.39 -7.71 34.92
CA LYS D 233 -40.56 -7.37 34.14
C LYS D 233 -40.19 -7.35 32.66
N ARG D 234 -41.17 -7.65 31.81
CA ARG D 234 -40.94 -7.71 30.38
C ARG D 234 -41.62 -6.53 29.69
N LYS D 235 -41.04 -6.12 28.56
CA LYS D 235 -41.51 -4.97 27.82
C LYS D 235 -41.38 -5.26 26.34
N GLU D 236 -42.34 -4.80 25.55
CA GLU D 236 -42.37 -5.04 24.12
C GLU D 236 -42.23 -3.71 23.40
N VAL D 237 -41.03 -3.44 22.89
CA VAL D 237 -40.73 -2.16 22.30
C VAL D 237 -40.77 -2.28 20.79
N VAL D 238 -41.00 -1.13 20.14
CA VAL D 238 -41.20 -1.02 18.70
C VAL D 238 -40.11 -0.13 18.15
N HIS D 239 -39.33 -0.65 17.20
CA HIS D 239 -38.19 0.06 16.62
C HIS D 239 -38.39 0.19 15.12
N THR D 240 -38.28 1.41 14.61
CA THR D 240 -38.49 1.69 13.19
C THR D 240 -37.17 2.13 12.58
N VAL D 241 -36.65 1.35 11.65
CA VAL D 241 -35.42 1.68 10.95
C VAL D 241 -35.70 1.74 9.45
N SER D 242 -35.02 2.65 8.76
CA SER D 242 -35.18 2.67 7.31
C SER D 242 -34.36 1.55 6.70
N LEU D 243 -34.61 1.29 5.40
CA LEU D 243 -33.84 0.26 4.73
C LEU D 243 -32.39 0.65 4.52
N HIS D 244 -32.10 1.96 4.46
CA HIS D 244 -30.71 2.41 4.34
C HIS D 244 -29.91 2.08 5.58
N GLU D 245 -30.53 2.14 6.76
CA GLU D 245 -29.81 1.80 7.98
C GLU D 245 -29.51 0.30 8.03
N ILE D 246 -30.44 -0.52 7.54
CA ILE D 246 -30.20 -1.96 7.46
C ILE D 246 -29.11 -2.26 6.45
N ASP D 247 -29.07 -1.51 5.35
CA ASP D 247 -28.02 -1.67 4.34
C ASP D 247 -26.64 -1.32 4.91
N VAL D 248 -26.57 -0.25 5.70
CA VAL D 248 -25.26 0.14 6.24
C VAL D 248 -24.81 -0.79 7.36
N ILE D 249 -25.73 -1.23 8.23
CA ILE D 249 -25.30 -2.14 9.28
C ILE D 249 -25.04 -3.54 8.76
N ASN D 250 -25.51 -3.89 7.56
CA ASN D 250 -25.21 -5.20 7.01
C ASN D 250 -24.21 -5.16 5.87
N SER D 251 -23.70 -3.99 5.51
CA SER D 251 -22.69 -3.88 4.47
C SER D 251 -21.27 -3.85 5.01
N ARG D 252 -21.08 -3.69 6.31
CA ARG D 252 -19.76 -3.47 6.89
C ARG D 252 -19.55 -4.34 8.11
N THR D 253 -18.34 -4.86 8.25
CA THR D 253 -18.05 -5.80 9.32
C THR D 253 -17.91 -5.08 10.66
N GLN D 254 -17.04 -4.08 10.73
CA GLN D 254 -16.84 -3.29 11.93
C GLN D 254 -17.21 -1.83 11.74
N GLY D 255 -17.16 -1.31 10.52
CA GLY D 255 -17.39 0.09 10.26
C GLY D 255 -18.84 0.54 10.37
N PHE D 256 -19.42 0.37 11.56
CA PHE D 256 -20.72 0.93 11.88
C PHE D 256 -20.57 2.42 12.17
N LEU D 257 -21.71 3.08 12.42
CA LEU D 257 -21.88 4.52 12.66
C LEU D 257 -21.61 5.35 11.40
N ALA D 258 -21.25 4.74 10.28
CA ALA D 258 -21.11 5.47 9.02
C ALA D 258 -22.44 5.83 8.40
N LEU D 259 -23.56 5.37 8.95
CA LEU D 259 -24.88 5.83 8.55
C LEU D 259 -25.25 7.17 9.17
N PHE D 260 -24.40 7.70 10.06
CA PHE D 260 -24.54 9.06 10.56
C PHE D 260 -23.55 10.02 9.91
N SER D 261 -22.27 9.65 9.87
CA SER D 261 -21.23 10.52 9.36
C SER D 261 -21.04 10.43 7.86
N GLY D 262 -21.97 9.79 7.14
CA GLY D 262 -21.98 9.78 5.69
C GLY D 262 -20.79 9.14 5.03
N ASP D 263 -20.05 8.30 5.74
CA ASP D 263 -18.81 7.72 5.25
C ASP D 263 -19.05 6.47 4.40
N THR D 264 -20.28 6.20 4.02
CA THR D 264 -20.60 5.03 3.21
C THR D 264 -20.16 5.25 1.77
N GLY D 265 -19.15 4.51 1.34
CA GLY D 265 -18.65 4.66 -0.01
C GLY D 265 -19.59 4.10 -1.05
N GLU D 266 -19.71 2.78 -1.10
CA GLU D 266 -20.59 2.09 -2.04
C GLU D 266 -21.13 0.84 -1.38
N ILE D 267 -22.39 0.54 -1.63
CA ILE D 267 -22.98 -0.72 -1.23
C ILE D 267 -23.23 -1.52 -2.50
N ARG D 268 -22.64 -2.70 -2.58
CA ARG D 268 -22.75 -3.53 -3.77
C ARG D 268 -24.15 -4.11 -3.88
N SER D 269 -24.48 -4.62 -5.07
CA SER D 269 -25.83 -5.15 -5.30
C SER D 269 -26.05 -6.49 -4.62
N GLU D 270 -24.99 -7.23 -4.28
CA GLU D 270 -25.15 -8.49 -3.56
C GLU D 270 -25.67 -8.28 -2.15
N ILE D 271 -25.47 -7.09 -1.58
CA ILE D 271 -25.98 -6.83 -0.23
C ILE D 271 -27.45 -6.44 -0.29
N ARG D 272 -27.83 -5.60 -1.26
CA ARG D 272 -29.21 -5.17 -1.37
C ARG D 272 -30.12 -6.32 -1.83
N ASP D 273 -29.63 -7.18 -2.72
CA ASP D 273 -30.45 -8.29 -3.18
C ASP D 273 -30.61 -9.40 -2.15
N GLN D 274 -29.83 -9.38 -1.07
CA GLN D 274 -30.06 -10.24 0.08
C GLN D 274 -30.94 -9.58 1.13
N ILE D 275 -30.79 -8.26 1.33
CA ILE D 275 -31.58 -7.58 2.33
C ILE D 275 -33.03 -7.45 1.87
N ASN D 276 -33.29 -7.35 0.57
CA ASN D 276 -34.66 -7.35 0.08
C ASN D 276 -35.36 -8.67 0.36
N THR D 277 -34.64 -9.78 0.16
CA THR D 277 -35.19 -11.11 0.43
C THR D 277 -35.39 -11.33 1.93
N LYS D 278 -34.45 -10.88 2.76
CA LYS D 278 -34.62 -11.03 4.20
C LYS D 278 -35.71 -10.14 4.75
N VAL D 279 -35.94 -8.97 4.17
CA VAL D 279 -37.06 -8.13 4.61
C VAL D 279 -38.38 -8.73 4.17
N ALA D 280 -38.42 -9.38 3.00
CA ALA D 280 -39.62 -10.12 2.60
C ALA D 280 -39.88 -11.30 3.54
N GLU D 281 -38.82 -11.98 3.98
CA GLU D 281 -38.99 -13.07 4.94
C GLU D 281 -39.45 -12.55 6.30
N TRP D 282 -38.93 -11.39 6.72
CA TRP D 282 -39.40 -10.79 7.97
C TRP D 282 -40.83 -10.33 7.86
N LYS D 283 -41.27 -9.95 6.66
CA LYS D 283 -42.67 -9.58 6.45
C LYS D 283 -43.57 -10.81 6.54
N GLU D 284 -43.11 -11.95 5.99
CA GLU D 284 -43.93 -13.16 6.08
C GLU D 284 -43.93 -13.77 7.47
N GLU D 285 -42.84 -13.65 8.23
CA GLU D 285 -42.76 -14.28 9.54
C GLU D 285 -43.53 -13.55 10.63
N GLY D 286 -44.05 -12.36 10.36
CA GLY D 286 -44.69 -11.59 11.40
C GLY D 286 -43.73 -10.85 12.31
N LYS D 287 -42.44 -10.86 11.99
CA LYS D 287 -41.47 -10.10 12.78
C LYS D 287 -41.59 -8.61 12.49
N ALA D 288 -41.46 -8.24 11.22
CA ALA D 288 -41.41 -6.85 10.80
C ALA D 288 -42.65 -6.48 10.01
N GLU D 289 -42.88 -5.18 9.89
CA GLU D 289 -43.91 -4.64 8.99
C GLU D 289 -43.30 -3.53 8.16
N ILE D 290 -43.53 -3.59 6.85
CA ILE D 290 -43.01 -2.58 5.93
C ILE D 290 -43.99 -1.42 5.87
N VAL D 291 -43.54 -0.25 6.31
CA VAL D 291 -44.31 0.99 6.21
C VAL D 291 -43.76 1.78 5.02
N PRO D 292 -44.46 1.82 3.90
CA PRO D 292 -43.97 2.60 2.76
C PRO D 292 -44.13 4.09 2.99
N GLY D 293 -43.18 4.85 2.46
CA GLY D 293 -43.12 6.26 2.75
C GLY D 293 -43.14 7.17 1.55
N VAL D 294 -42.81 8.44 1.77
CA VAL D 294 -42.89 9.48 0.75
C VAL D 294 -41.49 10.03 0.52
N LEU D 295 -41.10 10.12 -0.74
CA LEU D 295 -39.86 10.77 -1.13
C LEU D 295 -40.24 12.08 -1.82
N PHE D 296 -40.02 13.19 -1.15
CA PHE D 296 -40.30 14.50 -1.72
C PHE D 296 -39.01 15.07 -2.30
N ILE D 297 -39.06 15.42 -3.58
CA ILE D 297 -37.91 15.99 -4.27
C ILE D 297 -38.26 17.44 -4.58
N ASP D 298 -37.61 18.36 -3.88
CA ASP D 298 -37.87 19.78 -4.03
C ASP D 298 -37.04 20.29 -5.20
N GLU D 299 -37.71 20.89 -6.18
CA GLU D 299 -37.12 21.51 -7.37
C GLU D 299 -36.30 20.49 -8.17
N VAL D 300 -37.03 19.51 -8.73
CA VAL D 300 -36.44 18.37 -9.43
C VAL D 300 -35.79 18.76 -10.76
N HIS D 301 -36.02 20.00 -11.23
CA HIS D 301 -35.49 20.46 -12.51
C HIS D 301 -33.97 20.59 -12.55
N MET D 302 -33.28 20.45 -11.41
CA MET D 302 -31.83 20.52 -11.36
C MET D 302 -31.15 19.21 -11.71
N LEU D 303 -31.86 18.09 -11.63
CA LEU D 303 -31.28 16.80 -11.98
C LEU D 303 -31.06 16.71 -13.48
N ASP D 304 -29.97 16.08 -13.88
CA ASP D 304 -29.67 15.87 -15.28
C ASP D 304 -30.26 14.54 -15.74
N ILE D 305 -30.12 14.23 -17.04
CA ILE D 305 -30.82 13.11 -17.66
C ILE D 305 -30.29 11.76 -17.15
N GLU D 306 -29.05 11.74 -16.66
CA GLU D 306 -28.47 10.54 -16.07
C GLU D 306 -29.15 10.17 -14.76
N CYS D 307 -29.82 11.13 -14.11
CA CYS D 307 -30.63 10.83 -12.94
C CYS D 307 -32.02 10.34 -13.31
N PHE D 308 -32.64 10.92 -14.34
CA PHE D 308 -33.97 10.49 -14.74
C PHE D 308 -33.97 9.08 -15.32
N SER D 309 -32.88 8.72 -16.01
CA SER D 309 -32.75 7.37 -16.55
C SER D 309 -32.58 6.30 -15.48
N TYR D 310 -32.42 6.66 -14.21
CA TYR D 310 -32.52 5.72 -13.12
C TYR D 310 -33.80 5.89 -12.31
N ILE D 311 -34.32 7.12 -12.20
CA ILE D 311 -35.55 7.33 -11.43
C ILE D 311 -36.73 6.67 -12.12
N ASN D 312 -36.73 6.62 -13.47
CA ASN D 312 -37.83 5.96 -14.17
C ASN D 312 -37.85 4.45 -13.97
N ARG D 313 -36.72 3.84 -13.64
CA ARG D 313 -36.64 2.39 -13.50
C ARG D 313 -36.53 1.92 -12.05
N ALA D 314 -36.27 2.82 -11.11
CA ALA D 314 -36.37 2.43 -9.71
C ALA D 314 -37.81 2.36 -9.24
N LEU D 315 -38.75 2.93 -9.98
CA LEU D 315 -40.17 2.85 -9.68
C LEU D 315 -40.82 1.66 -10.37
N GLU D 316 -40.20 0.50 -10.22
CA GLU D 316 -40.63 -0.71 -10.91
C GLU D 316 -40.73 -1.91 -9.98
N SER D 317 -40.44 -1.74 -8.70
CA SER D 317 -40.37 -2.85 -7.76
C SER D 317 -41.31 -2.60 -6.59
N ASP D 318 -41.42 -3.61 -5.73
CA ASP D 318 -42.28 -3.52 -4.56
C ASP D 318 -41.71 -2.65 -3.45
N LEU D 319 -40.46 -2.21 -3.57
CA LEU D 319 -39.82 -1.45 -2.52
C LEU D 319 -39.41 -0.07 -3.01
N ALA D 320 -40.32 0.60 -3.70
CA ALA D 320 -40.12 1.96 -4.15
C ALA D 320 -41.10 2.89 -3.46
N PRO D 321 -40.67 4.07 -3.03
CA PRO D 321 -41.57 5.02 -2.39
C PRO D 321 -42.32 5.86 -3.40
N ILE D 322 -43.48 6.37 -2.97
CA ILE D 322 -44.35 7.18 -3.82
C ILE D 322 -43.74 8.57 -3.91
N VAL D 323 -43.14 8.88 -5.06
CA VAL D 323 -42.34 10.08 -5.20
C VAL D 323 -43.25 11.27 -5.46
N ILE D 324 -43.12 12.30 -4.63
CA ILE D 324 -43.79 13.57 -4.84
C ILE D 324 -42.70 14.61 -5.07
N MET D 325 -42.84 15.41 -6.11
CA MET D 325 -41.75 16.31 -6.45
C MET D 325 -42.28 17.59 -7.07
N ALA D 326 -41.49 18.66 -6.93
CA ALA D 326 -41.92 19.99 -7.32
C ALA D 326 -41.14 20.46 -8.53
N SER D 327 -41.60 21.58 -9.11
CA SER D 327 -40.96 22.18 -10.28
C SER D 327 -41.39 23.62 -10.39
N ASN D 328 -40.61 24.40 -11.14
CA ASN D 328 -40.87 25.82 -11.34
C ASN D 328 -40.83 26.28 -12.78
N ARG D 329 -40.21 25.52 -13.68
CA ARG D 329 -39.75 26.06 -14.94
C ARG D 329 -40.71 25.77 -16.08
N GLY D 330 -40.66 26.62 -17.10
CA GLY D 330 -41.43 26.44 -18.31
C GLY D 330 -40.72 25.52 -19.28
N VAL D 331 -40.62 25.94 -20.54
CA VAL D 331 -39.85 25.17 -21.52
C VAL D 331 -38.38 25.44 -21.21
N SER D 332 -37.75 24.50 -20.51
CA SER D 332 -36.36 24.62 -20.11
C SER D 332 -35.54 23.54 -20.78
N ARG D 333 -34.23 23.75 -20.85
CA ARG D 333 -33.37 22.73 -21.40
C ARG D 333 -32.88 21.80 -20.28
N ILE D 334 -32.89 20.51 -20.58
CA ILE D 334 -32.49 19.52 -19.60
C ILE D 334 -30.98 19.55 -19.47
N ARG D 335 -30.48 19.55 -18.24
CA ARG D 335 -29.05 19.60 -18.00
C ARG D 335 -28.38 18.32 -18.48
N GLY D 336 -27.15 18.45 -18.96
CA GLY D 336 -26.47 17.31 -19.54
C GLY D 336 -26.92 16.94 -20.93
N THR D 337 -27.76 17.76 -21.56
CA THR D 337 -28.24 17.53 -22.92
C THR D 337 -28.14 18.84 -23.68
N ASP D 338 -28.78 18.88 -24.86
CA ASP D 338 -28.69 20.03 -25.74
C ASP D 338 -30.06 20.54 -26.19
N TYR D 339 -31.14 20.10 -25.55
CA TYR D 339 -32.47 20.36 -26.06
C TYR D 339 -33.42 20.70 -24.92
N LYS D 340 -34.56 21.29 -25.29
CA LYS D 340 -35.53 21.77 -24.33
C LYS D 340 -36.72 20.82 -24.23
N SER D 341 -37.52 21.05 -23.19
CA SER D 341 -38.65 20.21 -22.83
C SER D 341 -39.49 20.97 -21.82
N PRO D 342 -40.78 20.63 -21.68
CA PRO D 342 -41.58 21.26 -20.63
C PRO D 342 -41.12 20.79 -19.25
N HIS D 343 -41.00 21.76 -18.34
CA HIS D 343 -40.58 21.63 -16.93
C HIS D 343 -39.13 21.17 -16.78
N GLY D 344 -38.36 21.10 -17.85
CA GLY D 344 -37.01 20.60 -17.76
C GLY D 344 -36.88 19.10 -17.57
N LEU D 345 -37.95 18.36 -17.84
CA LEU D 345 -37.98 16.91 -17.66
C LEU D 345 -38.15 16.20 -18.99
N PRO D 346 -37.51 15.06 -19.20
CA PRO D 346 -37.59 14.39 -20.51
C PRO D 346 -38.95 13.77 -20.76
N LEU D 347 -39.30 13.68 -22.04
CA LEU D 347 -40.62 13.20 -22.42
C LEU D 347 -40.75 11.68 -22.41
N ASP D 348 -39.72 10.94 -22.04
CA ASP D 348 -39.91 9.55 -21.67
C ASP D 348 -40.15 9.39 -20.18
N PHE D 349 -39.85 10.43 -19.39
CA PHE D 349 -40.12 10.45 -17.96
C PHE D 349 -41.41 11.17 -17.62
N LEU D 350 -41.86 12.11 -18.46
CA LEU D 350 -43.13 12.77 -18.22
C LEU D 350 -44.32 11.89 -18.54
N ASP D 351 -44.14 10.77 -19.23
CA ASP D 351 -45.24 9.82 -19.37
C ASP D 351 -45.56 9.14 -18.03
N ARG D 352 -44.52 8.82 -17.25
CA ARG D 352 -44.73 8.13 -15.99
C ARG D 352 -45.37 9.01 -14.94
N VAL D 353 -45.05 10.30 -14.94
CA VAL D 353 -45.47 11.18 -13.87
C VAL D 353 -46.92 11.58 -14.04
N VAL D 354 -47.48 12.19 -13.01
CA VAL D 354 -48.81 12.77 -13.04
C VAL D 354 -48.70 14.20 -12.53
N ILE D 355 -49.08 15.16 -13.35
CA ILE D 355 -48.79 16.57 -13.08
C ILE D 355 -50.01 17.23 -12.46
N ILE D 356 -49.83 17.85 -11.29
CA ILE D 356 -50.86 18.64 -10.62
C ILE D 356 -50.47 20.11 -10.77
N ASN D 357 -51.35 20.89 -11.39
CA ASN D 357 -51.07 22.32 -11.54
C ASN D 357 -51.48 23.10 -10.31
N THR D 358 -50.78 24.20 -10.07
CA THR D 358 -51.15 25.19 -9.07
C THR D 358 -51.34 26.54 -9.75
N HIS D 359 -52.25 27.34 -9.20
CA HIS D 359 -52.59 28.60 -9.83
C HIS D 359 -52.07 29.78 -9.01
N PRO D 360 -51.82 30.92 -9.65
CA PRO D 360 -51.53 32.13 -8.88
C PRO D 360 -52.76 32.60 -8.11
N TYR D 361 -52.50 33.43 -7.12
CA TYR D 361 -53.50 33.79 -6.13
C TYR D 361 -54.32 35.01 -6.56
N THR D 362 -55.42 35.22 -5.85
CA THR D 362 -56.32 36.35 -5.93
C THR D 362 -56.20 37.21 -4.67
N PRO D 363 -56.45 38.53 -4.76
CA PRO D 363 -56.18 39.40 -3.60
C PRO D 363 -57.04 39.13 -2.38
N ASP D 364 -58.27 38.64 -2.55
CA ASP D 364 -59.09 38.27 -1.41
C ASP D 364 -58.58 37.00 -0.73
N GLU D 365 -57.67 36.26 -1.36
CA GLU D 365 -56.96 35.17 -0.73
C GLU D 365 -55.60 35.59 -0.18
N LEU D 366 -54.93 36.55 -0.84
CA LEU D 366 -53.69 37.10 -0.31
C LEU D 366 -53.93 37.84 0.99
N ARG D 367 -55.10 38.46 1.14
CA ARG D 367 -55.46 39.15 2.37
C ARG D 367 -55.50 38.18 3.55
N GLN D 368 -56.17 37.05 3.39
CA GLN D 368 -56.25 36.11 4.50
C GLN D 368 -54.98 35.31 4.69
N ILE D 369 -54.18 35.12 3.64
CA ILE D 369 -52.86 34.49 3.83
C ILE D 369 -51.94 35.40 4.62
N LEU D 370 -51.93 36.71 4.32
CA LEU D 370 -51.16 37.65 5.12
C LEU D 370 -51.72 37.80 6.52
N SER D 371 -53.03 37.62 6.69
CA SER D 371 -53.61 37.62 8.03
C SER D 371 -53.13 36.44 8.86
N ILE D 372 -53.04 35.25 8.24
CA ILE D 372 -52.51 34.08 8.94
C ILE D 372 -51.03 34.26 9.27
N ARG D 373 -50.25 34.78 8.31
CA ARG D 373 -48.83 35.03 8.56
C ARG D 373 -48.60 36.13 9.60
N ALA D 374 -49.54 37.06 9.72
CA ALA D 374 -49.42 38.10 10.74
C ALA D 374 -49.82 37.58 12.12
N GLN D 375 -50.85 36.74 12.18
CA GLN D 375 -51.24 36.17 13.47
C GLN D 375 -50.27 35.11 13.95
N GLU D 376 -49.47 34.53 13.06
CA GLU D 376 -48.48 33.55 13.50
C GLU D 376 -47.26 34.24 14.12
N GLU D 377 -46.78 35.33 13.51
CA GLU D 377 -45.60 36.03 14.01
C GLU D 377 -45.92 37.03 15.12
N GLU D 378 -47.16 37.00 15.65
CA GLU D 378 -47.63 37.84 16.75
C GLU D 378 -47.50 39.33 16.42
N VAL D 379 -48.11 39.73 15.32
CA VAL D 379 -48.11 41.10 14.83
C VAL D 379 -49.55 41.57 14.72
N ASP D 380 -49.87 42.69 15.36
CA ASP D 380 -51.21 43.26 15.31
C ASP D 380 -51.25 44.35 14.25
N LEU D 381 -52.37 44.42 13.53
CA LEU D 381 -52.51 45.34 12.41
C LEU D 381 -53.78 46.15 12.55
N THR D 382 -53.85 47.22 11.76
CA THR D 382 -54.93 48.11 11.41
C THR D 382 -55.38 47.81 9.99
N PRO D 383 -56.69 47.94 9.69
CA PRO D 383 -57.19 47.54 8.37
C PRO D 383 -56.68 48.38 7.20
N ASP D 384 -56.30 49.64 7.44
CA ASP D 384 -55.70 50.44 6.38
C ASP D 384 -54.31 49.91 6.03
N ALA D 385 -53.55 49.51 7.05
CA ALA D 385 -52.23 48.93 6.80
C ALA D 385 -52.34 47.58 6.12
N LEU D 386 -53.36 46.80 6.48
CA LEU D 386 -53.58 45.52 5.81
C LEU D 386 -54.03 45.71 4.37
N ALA D 387 -54.80 46.77 4.09
CA ALA D 387 -55.20 47.06 2.72
C ALA D 387 -54.01 47.49 1.87
N LEU D 388 -53.14 48.36 2.42
CA LEU D 388 -51.93 48.74 1.72
C LEU D 388 -50.99 47.56 1.53
N LEU D 389 -50.94 46.66 2.51
CA LEU D 389 -50.10 45.48 2.42
C LEU D 389 -50.61 44.52 1.35
N THR D 390 -51.93 44.39 1.23
CA THR D 390 -52.51 43.58 0.16
C THR D 390 -52.26 44.21 -1.20
N LYS D 391 -52.28 45.54 -1.27
CA LYS D 391 -51.95 46.23 -2.52
C LYS D 391 -50.50 46.00 -2.92
N ILE D 392 -49.60 45.94 -1.94
CA ILE D 392 -48.21 45.62 -2.24
C ILE D 392 -48.06 44.16 -2.64
N GLY D 393 -48.79 43.26 -1.97
CA GLY D 393 -48.72 41.84 -2.26
C GLY D 393 -49.33 41.45 -3.59
N GLN D 394 -50.22 42.28 -4.14
CA GLN D 394 -50.68 42.06 -5.52
C GLN D 394 -49.54 42.22 -6.52
N GLU D 395 -48.58 43.08 -6.22
CA GLU D 395 -47.55 43.47 -7.18
C GLU D 395 -46.18 42.90 -6.89
N ALA D 396 -45.94 42.37 -5.70
CA ALA D 396 -44.61 41.86 -5.36
C ALA D 396 -44.65 40.47 -4.74
N GLY D 397 -45.80 39.81 -4.71
CA GLY D 397 -45.87 38.46 -4.18
C GLY D 397 -45.91 38.42 -2.66
N LEU D 398 -46.08 37.20 -2.15
CA LEU D 398 -46.10 36.99 -0.71
C LEU D 398 -44.73 37.10 -0.07
N ARG D 399 -43.69 36.73 -0.82
CA ARG D 399 -42.33 36.68 -0.31
C ARG D 399 -41.78 38.06 0.04
N TYR D 400 -42.34 39.12 -0.52
CA TYR D 400 -42.00 40.47 -0.09
C TYR D 400 -42.94 40.97 1.00
N ALA D 401 -44.20 40.53 0.98
CA ALA D 401 -45.18 41.05 1.93
C ALA D 401 -44.95 40.52 3.34
N SER D 402 -44.54 39.25 3.47
CA SER D 402 -44.29 38.70 4.80
C SER D 402 -43.06 39.33 5.44
N ASN D 403 -42.04 39.61 4.62
CA ASN D 403 -40.86 40.32 5.10
C ASN D 403 -41.23 41.74 5.50
N LEU D 404 -42.15 42.38 4.76
CA LEU D 404 -42.66 43.69 5.20
C LEU D 404 -43.43 43.60 6.51
N ILE D 405 -44.12 42.49 6.76
CA ILE D 405 -44.83 42.31 8.03
C ILE D 405 -43.85 42.31 9.20
N THR D 406 -42.81 41.48 9.10
CA THR D 406 -41.84 41.40 10.20
C THR D 406 -41.06 42.70 10.37
N THR D 407 -40.66 43.31 9.25
CA THR D 407 -39.92 44.58 9.30
C THR D 407 -40.78 45.71 9.86
N SER D 408 -42.06 45.77 9.49
CA SER D 408 -42.95 46.79 10.03
C SER D 408 -43.24 46.56 11.50
N GLN D 409 -43.26 45.30 11.95
CA GLN D 409 -43.36 45.02 13.37
C GLN D 409 -42.17 45.59 14.14
N LEU D 410 -40.96 45.39 13.63
CA LEU D 410 -39.83 45.92 14.38
C LEU D 410 -39.66 47.42 14.25
N ILE D 411 -40.08 48.03 13.13
CA ILE D 411 -40.04 49.48 13.04
C ILE D 411 -41.10 50.12 13.94
N ALA D 412 -42.26 49.48 14.08
CA ALA D 412 -43.25 49.93 15.06
C ALA D 412 -42.75 49.72 16.48
N ALA D 413 -41.89 48.72 16.70
CA ALA D 413 -41.29 48.56 18.01
C ALA D 413 -40.22 49.60 18.28
N LYS D 414 -39.57 50.13 17.24
CA LYS D 414 -38.54 51.14 17.45
C LYS D 414 -39.12 52.48 17.86
N ARG D 415 -40.21 52.90 17.24
CA ARG D 415 -40.82 54.19 17.55
C ARG D 415 -41.88 54.09 18.65
N ARG D 416 -41.97 52.94 19.32
CA ARG D 416 -42.84 52.68 20.47
C ARG D 416 -44.31 52.92 20.12
N ALA D 417 -44.81 52.10 19.20
CA ALA D 417 -46.21 52.08 18.83
C ALA D 417 -46.79 50.70 19.13
N LYS D 418 -48.07 50.68 19.49
CA LYS D 418 -48.72 49.41 19.84
C LYS D 418 -48.96 48.56 18.60
N GLN D 419 -49.73 49.08 17.66
CA GLN D 419 -50.05 48.37 16.42
C GLN D 419 -49.30 49.02 15.26
N VAL D 420 -49.03 48.22 14.23
CA VAL D 420 -48.39 48.77 13.04
C VAL D 420 -49.39 49.63 12.26
N GLY D 421 -48.86 50.51 11.43
CA GLY D 421 -49.70 51.43 10.70
C GLY D 421 -49.37 51.55 9.23
N VAL D 422 -49.96 52.54 8.58
CA VAL D 422 -49.64 52.80 7.18
C VAL D 422 -48.22 53.35 7.04
N GLU D 423 -47.79 54.16 8.02
CA GLU D 423 -46.48 54.78 7.97
C GLU D 423 -45.35 53.77 8.12
N ASP D 424 -45.56 52.72 8.91
CA ASP D 424 -44.55 51.67 9.07
C ASP D 424 -44.39 50.87 7.79
N VAL D 425 -45.51 50.56 7.13
CA VAL D 425 -45.46 49.80 5.88
C VAL D 425 -44.82 50.66 4.78
N GLN D 426 -45.11 51.97 4.76
CA GLN D 426 -44.47 52.84 3.78
C GLN D 426 -42.98 52.99 4.07
N ARG D 427 -42.59 53.00 5.34
CA ARG D 427 -41.18 53.05 5.72
C ARG D 427 -40.45 51.78 5.27
N SER D 428 -41.06 50.62 5.52
CA SER D 428 -40.46 49.35 5.12
C SER D 428 -40.42 49.20 3.60
N PHE D 429 -41.42 49.74 2.90
CA PHE D 429 -41.42 49.71 1.44
C PHE D 429 -40.39 50.67 0.88
N LYS D 430 -40.10 51.75 1.59
CA LYS D 430 -39.08 52.69 1.14
C LYS D 430 -37.68 52.14 1.36
N LEU D 431 -37.46 51.46 2.49
CA LEU D 431 -36.12 50.98 2.81
C LEU D 431 -35.75 49.77 1.97
N PHE D 432 -36.57 48.72 1.99
CA PHE D 432 -36.25 47.45 1.38
C PHE D 432 -36.97 47.32 0.04
N TYR D 433 -36.22 47.23 -1.04
CA TYR D 433 -36.83 47.11 -2.35
C TYR D 433 -37.38 45.71 -2.58
N ASP D 434 -38.53 45.64 -3.25
CA ASP D 434 -38.98 44.42 -3.88
C ASP D 434 -38.14 44.15 -5.13
N PRO D 435 -38.12 42.91 -5.63
CA PRO D 435 -37.33 42.64 -6.85
C PRO D 435 -37.80 43.39 -8.09
N ALA D 436 -39.07 43.79 -8.14
CA ALA D 436 -39.58 44.54 -9.28
C ALA D 436 -38.96 45.93 -9.38
N ARG D 437 -38.48 46.48 -8.27
CA ARG D 437 -37.72 47.73 -8.33
C ARG D 437 -36.22 47.50 -8.40
N SER D 438 -35.72 46.36 -7.95
CA SER D 438 -34.29 46.10 -8.08
C SER D 438 -33.92 45.82 -9.53
N VAL D 439 -34.84 45.24 -10.30
CA VAL D 439 -34.60 45.07 -11.74
C VAL D 439 -34.46 46.43 -12.42
N ARG D 440 -35.33 47.37 -12.07
CA ARG D 440 -35.21 48.73 -12.60
C ARG D 440 -33.96 49.42 -12.09
N PHE D 441 -33.55 49.13 -10.86
CA PHE D 441 -32.31 49.71 -10.32
C PHE D 441 -31.09 49.17 -11.04
N VAL D 442 -31.12 47.91 -11.47
CA VAL D 442 -30.07 47.38 -12.33
C VAL D 442 -30.10 48.06 -13.69
N GLN D 443 -31.29 48.17 -14.29
CA GLN D 443 -31.41 48.68 -15.65
C GLN D 443 -31.19 50.19 -15.75
N GLU D 444 -31.22 50.93 -14.65
CA GLU D 444 -30.90 52.36 -14.72
C GLU D 444 -29.40 52.60 -14.73
N SER D 445 -28.71 52.21 -13.66
CA SER D 445 -27.27 52.41 -13.55
C SER D 445 -26.58 51.14 -14.02
N GLU D 446 -26.32 51.06 -15.32
CA GLU D 446 -25.64 49.93 -15.91
C GLU D 446 -24.13 50.14 -16.04
N LYS D 447 -23.66 51.35 -15.80
CA LYS D 447 -22.24 51.65 -15.94
C LYS D 447 -21.47 51.50 -14.64
N ARG D 448 -22.14 51.39 -13.49
CA ARG D 448 -21.42 51.11 -12.27
C ARG D 448 -21.94 49.80 -11.69
N LEU D 449 -22.08 48.80 -12.56
CA LEU D 449 -22.32 47.42 -12.16
C LEU D 449 -21.59 46.53 -13.14
N ILE D 450 -20.96 45.48 -12.62
CA ILE D 450 -20.17 44.58 -13.46
C ILE D 450 -21.13 43.68 -14.22
N GLY D 451 -21.26 43.91 -15.52
CA GLY D 451 -22.11 43.05 -16.34
C GLY D 451 -21.35 41.84 -16.81
N ASN D 452 -21.34 41.60 -18.11
CA ASN D 452 -20.44 40.62 -18.72
C ASN D 452 -19.21 41.29 -19.31
N ASP D 453 -18.93 42.53 -18.90
CA ASP D 453 -17.97 43.41 -19.54
C ASP D 453 -17.28 44.24 -18.46
N GLY D 454 -16.64 45.32 -18.86
CA GLY D 454 -15.98 46.20 -17.93
C GLY D 454 -16.95 47.10 -17.16
N VAL D 455 -16.36 47.87 -16.24
CA VAL D 455 -17.10 48.80 -15.40
C VAL D 455 -16.22 50.04 -15.22
N VAL D 456 -16.85 51.17 -14.94
CA VAL D 456 -16.15 52.42 -14.73
C VAL D 456 -16.40 52.92 -13.31
N ASP D 457 -15.61 53.89 -12.88
CA ASP D 457 -15.71 54.47 -11.54
C ASP D 457 -15.84 55.99 -11.67
N PHE D 458 -17.07 56.47 -11.53
CA PHE D 458 -17.50 57.84 -11.81
C PHE D 458 -17.04 58.33 -13.18
N GLY E 17 -17.74 -27.16 -19.15
CA GLY E 17 -17.12 -26.47 -18.04
C GLY E 17 -16.11 -25.42 -18.46
N LEU E 18 -16.60 -24.18 -18.56
CA LEU E 18 -15.80 -22.98 -18.90
C LEU E 18 -15.12 -23.09 -20.26
N ASN E 19 -15.72 -23.86 -21.17
CA ASN E 19 -15.33 -23.90 -22.57
C ASN E 19 -16.57 -23.74 -23.43
N LEU E 20 -17.40 -22.77 -23.05
CA LEU E 20 -18.61 -22.47 -23.78
C LEU E 20 -18.26 -21.84 -25.12
N ILE E 21 -19.03 -22.18 -26.15
CA ILE E 21 -18.65 -21.87 -27.54
C ILE E 21 -18.84 -20.37 -27.77
N ALA E 22 -17.72 -19.65 -27.92
CA ALA E 22 -17.74 -18.22 -28.15
C ALA E 22 -17.73 -17.94 -29.65
N ALA E 23 -17.49 -16.68 -30.02
CA ALA E 23 -17.43 -16.30 -31.42
C ALA E 23 -16.06 -16.51 -32.04
N HIS E 24 -15.09 -17.03 -31.28
CA HIS E 24 -13.77 -17.33 -31.83
C HIS E 24 -13.21 -18.63 -31.26
N SER E 25 -14.07 -19.58 -30.94
CA SER E 25 -13.64 -20.86 -30.40
C SER E 25 -13.36 -21.90 -31.49
N HIS E 26 -13.29 -21.48 -32.75
CA HIS E 26 -12.96 -22.39 -33.84
C HIS E 26 -11.59 -22.12 -34.45
N ILE E 27 -10.86 -21.14 -33.94
CA ILE E 27 -9.56 -20.77 -34.49
C ILE E 27 -8.48 -21.46 -33.66
N ARG E 28 -7.74 -22.37 -34.28
CA ARG E 28 -6.68 -23.13 -33.63
C ARG E 28 -5.31 -22.77 -34.19
N GLY E 29 -5.07 -21.48 -34.41
CA GLY E 29 -3.81 -21.00 -34.91
C GLY E 29 -3.99 -20.11 -36.11
N LEU E 30 -2.87 -19.66 -36.65
CA LEU E 30 -2.92 -18.80 -37.82
C LEU E 30 -3.18 -19.59 -39.09
N GLY E 31 -2.81 -20.86 -39.11
CA GLY E 31 -3.17 -21.75 -40.20
C GLY E 31 -2.26 -21.72 -41.40
N VAL E 32 -1.28 -20.85 -41.43
CA VAL E 32 -0.39 -20.73 -42.58
C VAL E 32 0.73 -21.76 -42.47
N ASP E 33 1.39 -22.00 -43.59
CA ASP E 33 2.57 -22.85 -43.60
C ASP E 33 3.73 -22.12 -42.92
N ALA E 34 4.60 -22.89 -42.29
CA ALA E 34 5.74 -22.35 -41.57
C ALA E 34 7.06 -22.63 -42.28
N ASP E 35 7.01 -23.08 -43.53
CA ASP E 35 8.23 -23.37 -44.29
C ASP E 35 8.42 -22.46 -45.49
N THR E 36 7.37 -22.19 -46.26
CA THR E 36 7.43 -21.23 -47.34
C THR E 36 6.47 -20.07 -47.14
N LEU E 37 5.84 -19.97 -45.96
CA LEU E 37 4.91 -18.92 -45.57
C LEU E 37 3.72 -18.80 -46.52
N GLU E 38 3.26 -19.92 -47.04
CA GLU E 38 2.11 -19.87 -47.94
C GLU E 38 0.82 -19.97 -47.15
N PRO E 39 -0.11 -19.04 -47.32
CA PRO E 39 -1.40 -19.14 -46.65
C PRO E 39 -2.30 -20.17 -47.31
N ARG E 40 -2.21 -21.43 -46.89
CA ARG E 40 -3.11 -22.45 -47.42
C ARG E 40 -4.55 -22.12 -47.04
N PRO E 41 -5.50 -22.25 -47.97
CA PRO E 41 -6.76 -21.50 -47.85
C PRO E 41 -7.71 -21.98 -46.78
N SER E 42 -7.53 -23.17 -46.23
CA SER E 42 -8.46 -23.65 -45.20
C SER E 42 -7.69 -24.57 -44.25
N SER E 43 -7.24 -24.01 -43.14
CA SER E 43 -6.53 -24.78 -42.12
C SER E 43 -6.61 -24.03 -40.81
N GLN E 44 -6.88 -24.79 -39.73
CA GLN E 44 -6.90 -24.32 -38.35
C GLN E 44 -7.96 -23.25 -38.09
N GLY E 45 -8.93 -23.10 -38.99
CA GLY E 45 -10.02 -22.18 -38.77
C GLY E 45 -10.02 -20.95 -39.66
N LEU E 46 -8.86 -20.32 -39.84
CA LEU E 46 -8.80 -19.10 -40.64
C LEU E 46 -8.90 -19.44 -42.12
N VAL E 47 -10.01 -19.06 -42.74
CA VAL E 47 -10.32 -19.46 -44.10
C VAL E 47 -10.61 -18.23 -44.93
N GLY E 48 -9.82 -18.03 -46.00
CA GLY E 48 -10.16 -17.05 -47.02
C GLY E 48 -9.23 -15.89 -47.16
N GLN E 49 -8.76 -15.33 -46.04
CA GLN E 49 -7.93 -14.13 -46.06
C GLN E 49 -6.50 -14.59 -46.38
N GLU E 50 -5.92 -14.05 -47.44
CA GLU E 50 -4.63 -14.58 -47.87
C GLU E 50 -3.48 -13.61 -47.58
N LYS E 51 -3.55 -12.40 -48.12
CA LYS E 51 -2.44 -11.46 -48.04
C LYS E 51 -2.23 -10.97 -46.62
N ALA E 52 -3.32 -10.71 -45.90
CA ALA E 52 -3.22 -10.28 -44.51
C ALA E 52 -2.67 -11.39 -43.63
N ARG E 53 -3.02 -12.64 -43.91
CA ARG E 53 -2.48 -13.74 -43.12
C ARG E 53 -1.01 -14.02 -43.45
N LYS E 54 -0.57 -13.75 -44.68
CA LYS E 54 0.86 -13.88 -44.95
C LYS E 54 1.66 -12.78 -44.26
N ALA E 55 1.13 -11.55 -44.24
CA ALA E 55 1.80 -10.48 -43.53
C ALA E 55 1.81 -10.72 -42.01
N ALA E 56 0.72 -11.30 -41.49
CA ALA E 56 0.70 -11.68 -40.09
C ALA E 56 1.64 -12.84 -39.81
N ALA E 57 1.88 -13.70 -40.79
CA ALA E 57 2.88 -14.76 -40.63
C ALA E 57 4.29 -14.19 -40.55
N VAL E 58 4.57 -13.18 -41.38
CA VAL E 58 5.89 -12.52 -41.34
C VAL E 58 6.10 -11.82 -40.00
N VAL E 59 5.07 -11.13 -39.51
CA VAL E 59 5.15 -10.48 -38.20
C VAL E 59 5.31 -11.49 -37.09
N LEU E 60 4.58 -12.62 -37.17
CA LEU E 60 4.69 -13.66 -36.15
C LEU E 60 6.07 -14.30 -36.14
N GLU E 61 6.66 -14.49 -37.32
CA GLU E 61 8.00 -15.06 -37.36
C GLU E 61 9.08 -14.07 -36.99
N MET E 62 8.80 -12.76 -37.00
CA MET E 62 9.76 -11.83 -36.44
C MET E 62 9.48 -11.48 -34.98
N ILE E 63 8.38 -11.97 -34.40
CA ILE E 63 8.21 -11.89 -32.96
C ILE E 63 9.05 -12.95 -32.26
N LYS E 64 9.01 -14.19 -32.75
CA LYS E 64 9.76 -15.28 -32.13
C LYS E 64 11.26 -15.16 -32.36
N GLN E 65 11.69 -14.32 -33.29
CA GLN E 65 13.11 -14.07 -33.47
C GLN E 65 13.69 -13.33 -32.27
N GLY E 66 13.05 -12.24 -31.86
CA GLY E 66 13.48 -11.47 -30.73
C GLY E 66 14.44 -10.34 -31.04
N LYS E 67 15.03 -10.34 -32.23
CA LYS E 67 16.05 -9.36 -32.59
C LYS E 67 15.41 -8.19 -33.34
N ILE E 68 14.42 -7.57 -32.68
CA ILE E 68 13.77 -6.37 -33.19
C ILE E 68 13.12 -5.68 -31.99
N ALA E 69 12.86 -4.38 -32.13
CA ALA E 69 12.32 -3.58 -31.04
C ALA E 69 10.82 -3.80 -30.85
N GLY E 70 10.20 -2.89 -30.11
CA GLY E 70 8.76 -2.83 -30.12
C GLY E 70 8.29 -2.01 -31.29
N ARG E 71 7.80 -2.66 -32.33
CA ARG E 71 7.25 -1.97 -33.49
C ARG E 71 5.73 -2.06 -33.47
N ALA E 72 5.11 -1.44 -34.46
CA ALA E 72 3.67 -1.23 -34.46
C ALA E 72 3.09 -1.63 -35.80
N VAL E 73 2.20 -2.63 -35.78
CA VAL E 73 1.52 -3.10 -36.97
C VAL E 73 0.02 -2.89 -36.77
N LEU E 74 -0.59 -2.18 -37.70
CA LEU E 74 -1.98 -1.74 -37.61
C LEU E 74 -2.83 -2.60 -38.54
N ILE E 75 -3.71 -3.42 -37.98
CA ILE E 75 -4.60 -4.27 -38.78
C ILE E 75 -5.83 -3.41 -39.09
N ALA E 76 -5.77 -2.69 -40.20
CA ALA E 76 -6.90 -1.88 -40.60
C ALA E 76 -7.82 -2.63 -41.55
N GLY E 77 -9.10 -2.31 -41.49
CA GLY E 77 -10.07 -2.96 -42.34
C GLY E 77 -11.50 -2.68 -41.93
N PRO E 78 -12.45 -3.08 -42.79
CA PRO E 78 -13.87 -2.84 -42.53
C PRO E 78 -14.37 -3.69 -41.37
N PRO E 79 -15.56 -3.40 -40.83
CA PRO E 79 -16.11 -4.26 -39.78
C PRO E 79 -16.43 -5.66 -40.28
N SER E 80 -16.15 -6.64 -39.40
CA SER E 80 -16.45 -8.07 -39.61
C SER E 80 -15.72 -8.63 -40.84
N THR E 81 -14.44 -8.29 -40.97
CA THR E 81 -13.60 -8.84 -42.02
C THR E 81 -12.43 -9.64 -41.43
N GLY E 82 -12.52 -10.06 -40.18
CA GLY E 82 -11.51 -10.94 -39.62
C GLY E 82 -10.23 -10.25 -39.21
N LYS E 83 -10.30 -9.36 -38.22
CA LYS E 83 -9.13 -8.72 -37.63
C LYS E 83 -8.84 -9.25 -36.25
N THR E 84 -9.87 -9.35 -35.41
CA THR E 84 -9.75 -10.07 -34.14
C THR E 84 -9.52 -11.56 -34.39
N ALA E 85 -9.98 -12.06 -35.54
CA ALA E 85 -9.69 -13.45 -35.91
C ALA E 85 -8.21 -13.66 -36.17
N ILE E 86 -7.56 -12.74 -36.89
CA ILE E 86 -6.12 -12.84 -37.13
C ILE E 86 -5.35 -12.66 -35.82
N ALA E 87 -5.83 -11.76 -34.96
CA ALA E 87 -5.17 -11.56 -33.67
C ALA E 87 -5.30 -12.79 -32.77
N MET E 88 -6.46 -13.44 -32.79
CA MET E 88 -6.63 -14.64 -31.98
C MET E 88 -5.87 -15.82 -32.59
N GLY E 89 -5.69 -15.83 -33.91
CA GLY E 89 -4.82 -16.82 -34.52
C GLY E 89 -3.37 -16.66 -34.10
N MET E 90 -2.88 -15.42 -34.06
CA MET E 90 -1.52 -15.18 -33.55
C MET E 90 -1.42 -15.48 -32.05
N ALA E 91 -2.51 -15.33 -31.32
CA ALA E 91 -2.49 -15.69 -29.91
C ALA E 91 -2.43 -17.20 -29.71
N GLN E 92 -3.14 -17.96 -30.55
CA GLN E 92 -3.13 -19.40 -30.42
C GLN E 92 -1.87 -20.04 -31.02
N SER E 93 -1.21 -19.36 -31.94
CA SER E 93 -0.02 -19.90 -32.58
C SER E 93 1.27 -19.51 -31.87
N LEU E 94 1.22 -19.29 -30.56
CA LEU E 94 2.42 -19.08 -29.76
C LEU E 94 2.47 -19.93 -28.49
N GLY E 95 1.34 -20.45 -28.02
CA GLY E 95 1.34 -21.22 -26.80
C GLY E 95 1.50 -20.32 -25.58
N GLN E 96 1.71 -20.97 -24.43
CA GLN E 96 1.93 -20.26 -23.18
C GLN E 96 3.42 -20.03 -22.94
N ASP E 97 4.11 -19.49 -23.96
CA ASP E 97 5.54 -19.25 -23.88
C ASP E 97 5.86 -17.77 -24.00
N VAL E 98 5.43 -17.12 -25.07
CA VAL E 98 5.69 -15.71 -25.31
C VAL E 98 4.45 -14.93 -24.88
N PRO E 99 4.58 -13.96 -23.97
CA PRO E 99 3.39 -13.38 -23.33
C PRO E 99 2.54 -12.52 -24.25
N PHE E 100 1.33 -12.98 -24.54
CA PHE E 100 0.36 -12.24 -25.34
C PHE E 100 -0.60 -11.54 -24.39
N THR E 101 -0.76 -10.23 -24.55
CA THR E 101 -1.63 -9.45 -23.66
C THR E 101 -2.64 -8.68 -24.49
N THR E 102 -3.92 -8.96 -24.27
CA THR E 102 -4.98 -8.21 -24.91
C THR E 102 -5.25 -6.92 -24.14
N LEU E 103 -5.63 -5.88 -24.89
CA LEU E 103 -5.88 -4.58 -24.28
C LEU E 103 -6.96 -3.89 -25.11
N ALA E 104 -8.21 -4.00 -24.67
CA ALA E 104 -9.23 -3.14 -25.24
C ALA E 104 -9.00 -1.73 -24.73
N ALA E 105 -8.97 -0.76 -25.65
CA ALA E 105 -8.51 0.57 -25.29
C ALA E 105 -9.58 1.40 -24.60
N SER E 106 -10.18 0.84 -23.55
CA SER E 106 -10.95 1.60 -22.58
C SER E 106 -10.65 1.12 -21.18
N GLU E 107 -9.73 0.17 -21.02
CA GLU E 107 -9.18 -0.18 -19.71
C GLU E 107 -8.14 0.83 -19.23
N ILE E 108 -7.75 1.77 -20.09
CA ILE E 108 -6.72 2.73 -19.73
C ILE E 108 -7.30 3.88 -18.92
N PHE E 109 -8.53 4.31 -19.25
CA PHE E 109 -9.16 5.44 -18.59
C PHE E 109 -9.69 5.02 -17.22
N SER E 110 -8.78 4.92 -16.27
CA SER E 110 -9.10 4.46 -14.93
C SER E 110 -9.21 5.64 -13.98
N LEU E 111 -9.51 5.34 -12.71
CA LEU E 111 -9.51 6.33 -11.65
C LEU E 111 -8.61 5.98 -10.49
N GLU E 112 -8.07 4.77 -10.44
CA GLU E 112 -7.12 4.41 -9.39
C GLU E 112 -5.76 5.07 -9.60
N MET E 113 -5.48 5.51 -10.82
CA MET E 113 -4.17 6.00 -11.22
C MET E 113 -4.37 6.89 -12.43
N SER E 114 -3.26 7.35 -13.01
CA SER E 114 -3.36 8.20 -14.19
C SER E 114 -3.57 7.31 -15.42
N LYS E 115 -3.41 7.92 -16.58
CA LYS E 115 -3.73 7.29 -17.83
C LYS E 115 -2.49 6.83 -18.59
N THR E 116 -1.47 7.70 -18.67
CA THR E 116 -0.19 7.32 -19.25
C THR E 116 0.50 6.23 -18.44
N GLU E 117 0.34 6.24 -17.11
CA GLU E 117 0.96 5.19 -16.31
C GLU E 117 0.21 3.88 -16.46
N ALA E 118 -1.11 3.95 -16.64
CA ALA E 118 -1.90 2.76 -16.95
C ALA E 118 -1.51 2.18 -18.31
N LEU E 119 -1.05 3.03 -19.21
CA LEU E 119 -0.52 2.53 -20.48
C LEU E 119 0.88 1.94 -20.31
N THR E 120 1.68 2.53 -19.42
CA THR E 120 3.04 2.05 -19.20
C THR E 120 3.02 0.67 -18.56
N GLN E 121 2.09 0.43 -17.63
CA GLN E 121 1.95 -0.90 -17.04
C GLN E 121 1.57 -1.94 -18.08
N ALA E 122 0.74 -1.56 -19.05
CA ALA E 122 0.40 -2.48 -20.13
C ALA E 122 1.56 -2.72 -21.08
N PHE E 123 2.50 -1.78 -21.20
CA PHE E 123 3.73 -2.10 -21.90
C PHE E 123 4.63 -3.03 -21.09
N ARG E 124 4.72 -2.82 -19.77
CA ARG E 124 5.60 -3.63 -18.95
C ARG E 124 5.07 -5.03 -18.71
N LYS E 125 3.77 -5.28 -18.94
CA LYS E 125 3.22 -6.62 -18.74
C LYS E 125 3.63 -7.61 -19.83
N SER E 126 4.24 -7.17 -20.92
CA SER E 126 4.49 -8.04 -22.05
C SER E 126 5.98 -8.19 -22.34
N ILE E 127 6.82 -8.13 -21.32
CA ILE E 127 8.26 -8.38 -21.46
C ILE E 127 8.60 -9.40 -20.38
N GLY E 128 8.59 -10.67 -20.74
CA GLY E 128 8.83 -11.69 -19.75
C GLY E 128 10.30 -11.91 -19.45
N VAL E 129 10.56 -12.36 -18.23
CA VAL E 129 11.84 -12.89 -17.82
C VAL E 129 11.64 -14.36 -17.52
N ARG E 130 12.43 -15.21 -18.16
CA ARG E 130 12.29 -16.66 -18.10
C ARG E 130 13.50 -17.25 -17.41
N ILE E 131 13.33 -17.73 -16.18
CA ILE E 131 14.43 -18.34 -15.45
C ILE E 131 14.06 -19.75 -15.02
N LYS E 132 15.06 -20.62 -15.01
CA LYS E 132 14.89 -22.06 -14.82
C LYS E 132 15.80 -22.50 -13.68
N GLU E 133 15.21 -22.90 -12.55
CA GLU E 133 15.98 -23.39 -11.42
C GLU E 133 15.30 -24.63 -10.86
N GLU E 134 16.07 -25.42 -10.10
CA GLU E 134 15.69 -26.77 -9.73
C GLU E 134 15.14 -26.84 -8.31
N SER E 135 14.32 -27.86 -8.06
CA SER E 135 13.83 -28.19 -6.74
C SER E 135 14.00 -29.69 -6.50
N GLU E 136 13.90 -30.10 -5.24
CA GLU E 136 14.01 -31.51 -4.87
C GLU E 136 12.73 -31.93 -4.19
N ILE E 137 12.01 -32.87 -4.81
CA ILE E 137 10.70 -33.28 -4.32
C ILE E 137 10.69 -34.79 -4.04
N MET E 138 9.65 -35.21 -3.34
CA MET E 138 9.48 -36.58 -2.88
C MET E 138 8.05 -37.02 -3.17
N GLU E 139 7.89 -38.11 -3.90
CA GLU E 139 6.58 -38.67 -4.16
C GLU E 139 6.23 -39.66 -3.05
N GLY E 140 5.21 -40.48 -3.26
CA GLY E 140 5.06 -41.69 -2.46
C GLY E 140 3.91 -41.78 -1.49
N GLU E 141 3.44 -43.00 -1.25
CA GLU E 141 2.41 -43.25 -0.24
C GLU E 141 3.05 -43.32 1.14
N VAL E 142 2.46 -42.61 2.10
CA VAL E 142 2.87 -42.76 3.49
C VAL E 142 2.39 -44.10 4.02
N VAL E 143 3.31 -44.95 4.44
CA VAL E 143 2.91 -46.19 5.10
C VAL E 143 2.44 -45.90 6.52
N GLU E 144 3.29 -45.27 7.34
CA GLU E 144 2.81 -44.83 8.65
C GLU E 144 3.63 -43.67 9.19
N ILE E 145 2.99 -42.93 10.10
CA ILE E 145 3.57 -41.81 10.82
C ILE E 145 3.49 -42.11 12.30
N GLN E 146 4.61 -41.94 13.01
CA GLN E 146 4.62 -41.98 14.46
C GLN E 146 5.23 -40.70 14.98
N ILE E 147 4.51 -40.02 15.87
CA ILE E 147 4.94 -38.74 16.41
C ILE E 147 5.01 -38.87 17.92
N ASP E 148 6.18 -38.56 18.49
CA ASP E 148 6.40 -38.70 19.93
C ASP E 148 5.97 -37.43 20.65
N ARG E 149 4.65 -37.25 20.71
CA ARG E 149 4.03 -36.21 21.52
C ARG E 149 3.50 -36.87 22.78
N SER E 150 4.40 -37.03 23.76
CA SER E 150 4.07 -37.71 25.00
C SER E 150 4.94 -37.22 26.14
N THR E 152 3.55 -34.50 29.70
CA THR E 152 3.36 -33.58 28.60
C THR E 152 4.63 -33.48 27.75
N GLY E 153 4.52 -33.86 26.48
CA GLY E 153 5.63 -33.75 25.56
C GLY E 153 5.42 -32.68 24.52
N GLY E 154 5.82 -32.96 23.29
CA GLY E 154 5.65 -31.99 22.22
C GLY E 154 6.17 -32.53 20.91
N ALA E 155 6.13 -31.68 19.89
CA ALA E 155 6.63 -32.02 18.57
C ALA E 155 8.14 -31.98 18.61
N LYS E 156 8.75 -33.10 18.96
CA LYS E 156 10.20 -33.19 19.11
C LYS E 156 10.83 -34.20 18.16
N GLN E 157 10.31 -35.42 18.11
CA GLN E 157 10.89 -36.46 17.28
C GLN E 157 9.79 -37.36 16.76
N GLY E 158 10.03 -37.98 15.61
CA GLY E 158 9.04 -38.84 15.01
C GLY E 158 9.61 -39.56 13.81
N LYS E 159 8.92 -40.62 13.41
CA LYS E 159 9.35 -41.48 12.31
C LYS E 159 8.29 -41.49 11.21
N LEU E 160 8.76 -41.45 9.97
CA LEU E 160 7.93 -41.41 8.77
C LEU E 160 8.36 -42.55 7.86
N THR E 161 7.49 -43.54 7.67
CA THR E 161 7.78 -44.64 6.77
C THR E 161 6.91 -44.48 5.54
N ILE E 162 7.54 -44.32 4.38
CA ILE E 162 6.85 -44.11 3.12
C ILE E 162 7.35 -45.13 2.11
N LYS E 163 6.73 -45.12 0.92
CA LYS E 163 7.10 -46.03 -0.15
C LYS E 163 6.55 -45.50 -1.47
N THR E 164 7.22 -45.84 -2.55
CA THR E 164 6.67 -45.82 -3.88
C THR E 164 6.38 -47.26 -4.29
N THR E 165 6.10 -47.49 -5.58
CA THR E 165 6.06 -48.85 -6.08
C THR E 165 7.42 -49.52 -6.00
N ASP E 166 8.50 -48.75 -6.17
CA ASP E 166 9.86 -49.29 -6.12
C ASP E 166 10.49 -49.14 -4.74
N MET E 167 10.63 -47.91 -4.26
CA MET E 167 11.36 -47.63 -3.04
C MET E 167 10.53 -47.97 -1.80
N GLU E 168 11.14 -47.76 -0.64
CA GLU E 168 10.53 -47.71 0.68
C GLU E 168 11.58 -47.13 1.62
N ALA E 169 11.16 -46.28 2.55
CA ALA E 169 12.15 -45.56 3.34
C ALA E 169 11.57 -45.12 4.68
N ILE E 170 12.48 -44.87 5.62
CA ILE E 170 12.18 -44.28 6.92
C ILE E 170 12.97 -42.99 7.03
N TYR E 171 12.30 -41.93 7.45
CA TYR E 171 12.96 -40.68 7.75
C TYR E 171 12.62 -40.25 9.17
N ASP E 172 13.58 -39.58 9.81
CA ASP E 172 13.33 -38.86 11.04
C ASP E 172 13.10 -37.39 10.71
N MET E 173 12.33 -36.72 11.58
CA MET E 173 11.81 -35.41 11.24
C MET E 173 12.24 -34.38 12.28
N GLY E 174 12.52 -33.17 11.80
CA GLY E 174 12.76 -32.05 12.68
C GLY E 174 11.49 -31.54 13.31
N SER E 175 11.65 -30.60 14.24
CA SER E 175 10.49 -30.03 14.92
C SER E 175 9.65 -29.18 13.97
N LYS E 176 10.32 -28.45 13.07
CA LYS E 176 9.65 -27.63 12.07
C LYS E 176 9.23 -28.43 10.84
N MET E 177 9.31 -29.76 10.90
CA MET E 177 8.64 -30.64 9.96
C MET E 177 7.49 -31.40 10.60
N ILE E 178 7.62 -31.79 11.86
CA ILE E 178 6.50 -32.36 12.59
C ILE E 178 5.41 -31.32 12.78
N ASP E 179 5.79 -30.06 12.96
CA ASP E 179 4.81 -28.97 12.94
C ASP E 179 4.24 -28.70 11.56
N ALA E 180 4.79 -29.30 10.50
CA ALA E 180 4.18 -29.28 9.19
C ALA E 180 3.43 -30.57 8.86
N MET E 181 3.63 -31.64 9.64
CA MET E 181 2.90 -32.88 9.43
C MET E 181 1.55 -32.89 10.13
N THR E 182 1.47 -32.32 11.33
CA THR E 182 0.18 -32.10 11.96
C THR E 182 -0.53 -30.87 11.43
N LYS E 183 0.14 -30.08 10.61
CA LYS E 183 -0.49 -28.93 9.95
C LYS E 183 -1.34 -29.38 8.77
N GLU E 184 -0.82 -30.28 7.94
CA GLU E 184 -1.57 -30.84 6.84
C GLU E 184 -2.32 -32.12 7.20
N ARG E 185 -2.08 -32.65 8.40
CA ARG E 185 -2.71 -33.88 8.91
C ARG E 185 -2.45 -35.07 7.99
N VAL E 186 -1.18 -35.44 7.86
CA VAL E 186 -0.81 -36.52 6.96
C VAL E 186 -1.19 -37.86 7.58
N MET E 187 -2.07 -38.58 6.92
CA MET E 187 -2.58 -39.85 7.42
C MET E 187 -1.65 -40.99 7.02
N ALA E 188 -2.12 -42.22 7.23
CA ALA E 188 -1.41 -43.41 6.80
C ALA E 188 -2.04 -43.87 5.49
N GLY E 189 -1.54 -43.34 4.38
CA GLY E 189 -2.06 -43.71 3.09
C GLY E 189 -2.16 -42.54 2.12
N ASP E 190 -1.77 -41.36 2.57
CA ASP E 190 -1.83 -40.19 1.70
C ASP E 190 -0.72 -40.22 0.66
N ILE E 191 -0.95 -39.52 -0.44
CA ILE E 191 0.04 -39.39 -1.49
C ILE E 191 0.58 -37.96 -1.46
N ILE E 192 1.66 -37.72 -0.74
CA ILE E 192 2.08 -36.38 -0.42
C ILE E 192 3.31 -36.01 -1.25
N SER E 193 3.62 -34.72 -1.29
CA SER E 193 4.79 -34.20 -2.00
C SER E 193 5.53 -33.27 -1.06
N ILE E 194 6.47 -33.82 -0.29
CA ILE E 194 7.26 -33.02 0.63
C ILE E 194 8.31 -32.27 -0.19
N ASP E 195 8.08 -31.00 -0.45
CA ASP E 195 9.13 -30.18 -1.05
C ASP E 195 10.21 -29.95 -0.02
N LYS E 196 11.42 -30.43 -0.29
CA LYS E 196 12.44 -30.53 0.74
C LYS E 196 13.04 -29.17 1.10
N SER E 197 13.12 -28.25 0.14
CA SER E 197 13.78 -26.98 0.42
C SER E 197 12.93 -26.03 1.25
N SER E 198 11.60 -26.16 1.20
CA SER E 198 10.72 -25.31 1.98
C SER E 198 9.98 -26.07 3.07
N GLY E 199 9.26 -27.12 2.71
CA GLY E 199 8.59 -27.93 3.69
C GLY E 199 7.09 -28.03 3.51
N LYS E 200 6.57 -27.48 2.41
CA LYS E 200 5.14 -27.56 2.17
C LYS E 200 4.76 -28.96 1.70
N ILE E 201 3.51 -29.33 1.97
CA ILE E 201 3.00 -30.67 1.70
C ILE E 201 1.73 -30.51 0.87
N THR E 202 1.78 -30.92 -0.38
CA THR E 202 0.61 -30.92 -1.25
C THR E 202 0.18 -32.36 -1.44
N LYS E 203 -0.91 -32.74 -0.78
CA LYS E 203 -1.43 -34.10 -0.90
C LYS E 203 -2.02 -34.29 -2.29
N LEU E 204 -1.34 -35.08 -3.12
CA LEU E 204 -1.78 -35.31 -4.49
C LEU E 204 -3.06 -36.11 -4.56
N GLY E 205 -3.39 -36.87 -3.51
CA GLY E 205 -4.60 -37.66 -3.50
C GLY E 205 -4.59 -38.65 -2.37
N ARG E 206 -5.35 -39.72 -2.55
CA ARG E 206 -5.41 -40.81 -1.58
C ARG E 206 -5.09 -42.11 -2.29
N SER E 207 -4.39 -43.01 -1.59
CA SER E 207 -4.08 -44.31 -2.17
C SER E 207 -5.30 -45.21 -2.13
N TYR E 208 -5.44 -46.05 -3.15
CA TYR E 208 -6.62 -46.90 -3.25
C TYR E 208 -6.58 -48.05 -2.25
N ALA E 209 -5.38 -48.57 -1.98
CA ALA E 209 -5.19 -49.78 -1.17
C ALA E 209 -5.59 -49.62 0.29
N ARG E 210 -5.75 -48.40 0.77
CA ARG E 210 -6.26 -48.14 2.11
C ARG E 210 -7.67 -47.54 2.06
N SER E 211 -8.48 -48.00 1.11
CA SER E 211 -9.83 -47.49 0.96
C SER E 211 -10.71 -47.82 2.16
N ARG E 212 -10.39 -48.90 2.87
CA ARG E 212 -11.10 -49.22 4.11
C ARG E 212 -10.73 -48.25 5.22
N ASP E 213 -9.55 -47.66 5.17
CA ASP E 213 -8.98 -46.94 6.30
C ASP E 213 -9.45 -45.48 6.34
N TYR E 214 -10.41 -45.09 5.51
CA TYR E 214 -10.87 -43.71 5.41
C TYR E 214 -12.37 -43.68 5.71
N ASP E 215 -12.73 -43.12 6.86
CA ASP E 215 -14.12 -43.05 7.27
C ASP E 215 -14.71 -41.65 7.16
N ALA E 216 -13.90 -40.62 7.41
CA ALA E 216 -14.38 -39.23 7.35
C ALA E 216 -14.13 -38.64 5.96
N MET E 217 -14.66 -39.33 4.96
CA MET E 217 -14.63 -38.88 3.58
C MET E 217 -16.02 -39.04 2.99
N GLY E 218 -16.20 -38.48 1.79
CA GLY E 218 -17.46 -38.64 1.10
C GLY E 218 -17.65 -40.06 0.58
N VAL E 219 -18.89 -40.36 0.20
CA VAL E 219 -19.17 -41.67 -0.38
C VAL E 219 -18.55 -41.78 -1.77
N ASP E 220 -18.62 -40.70 -2.55
CA ASP E 220 -17.92 -40.61 -3.83
C ASP E 220 -16.62 -39.86 -3.59
N THR E 221 -15.50 -40.58 -3.62
CA THR E 221 -14.19 -40.00 -3.38
C THR E 221 -13.19 -40.65 -4.33
N LYS E 222 -12.38 -39.82 -4.98
CA LYS E 222 -11.37 -40.32 -5.89
C LYS E 222 -10.21 -40.94 -5.12
N PHE E 223 -9.57 -41.93 -5.75
CA PHE E 223 -8.41 -42.60 -5.19
C PHE E 223 -7.38 -42.81 -6.29
N LEU E 224 -6.12 -42.60 -5.97
CA LEU E 224 -5.05 -42.72 -6.94
C LEU E 224 -4.32 -44.06 -6.75
N GLN E 225 -3.26 -44.24 -7.52
CA GLN E 225 -2.33 -45.34 -7.34
C GLN E 225 -1.04 -44.82 -6.74
N CYS E 226 -0.14 -45.74 -6.40
CA CYS E 226 1.15 -45.35 -5.86
C CYS E 226 2.01 -44.74 -6.97
N PRO E 227 2.84 -43.76 -6.65
CA PRO E 227 3.72 -43.17 -7.67
C PRO E 227 4.79 -44.13 -8.11
N GLU E 228 5.13 -44.06 -9.39
CA GLU E 228 6.07 -44.98 -10.01
C GLU E 228 7.42 -44.30 -10.18
N GLY E 229 8.48 -45.03 -9.93
CA GLY E 229 9.83 -44.51 -10.04
C GLY E 229 10.47 -44.30 -8.68
N GLU E 230 11.55 -43.54 -8.69
CA GLU E 230 12.28 -43.26 -7.46
C GLU E 230 11.52 -42.26 -6.60
N LEU E 231 12.01 -42.07 -5.38
CA LEU E 231 11.30 -41.35 -4.34
C LEU E 231 11.92 -39.99 -4.04
N GLN E 232 13.03 -39.64 -4.71
CA GLN E 232 13.77 -38.43 -4.38
C GLN E 232 14.31 -37.87 -5.70
N LYS E 233 13.60 -36.89 -6.28
CA LYS E 233 14.00 -36.46 -7.62
C LYS E 233 13.98 -34.95 -7.73
N ARG E 234 14.73 -34.45 -8.72
CA ARG E 234 14.94 -33.03 -8.93
C ARG E 234 14.16 -32.56 -10.16
N LYS E 235 13.38 -31.50 -9.99
CA LYS E 235 12.58 -30.92 -11.06
C LYS E 235 13.21 -29.63 -11.55
N GLU E 236 13.22 -29.47 -12.88
CA GLU E 236 13.71 -28.26 -13.55
C GLU E 236 12.51 -27.43 -13.98
N VAL E 237 11.89 -26.75 -13.02
CA VAL E 237 10.75 -25.91 -13.32
C VAL E 237 11.22 -24.61 -13.98
N VAL E 238 10.39 -24.09 -14.88
CA VAL E 238 10.72 -22.91 -15.68
C VAL E 238 9.67 -21.86 -15.39
N HIS E 239 10.07 -20.74 -14.79
CA HIS E 239 9.15 -19.67 -14.50
C HIS E 239 9.36 -18.52 -15.48
N THR E 240 8.30 -17.77 -15.73
CA THR E 240 8.36 -16.64 -16.66
C THR E 240 7.43 -15.56 -16.11
N VAL E 241 8.01 -14.48 -15.59
CA VAL E 241 7.22 -13.37 -15.05
C VAL E 241 7.63 -12.08 -15.72
N SER E 242 6.68 -11.18 -15.90
CA SER E 242 6.94 -9.98 -16.67
C SER E 242 7.60 -8.91 -15.79
N LEU E 243 7.92 -7.77 -16.40
CA LEU E 243 8.55 -6.69 -15.64
C LEU E 243 7.54 -5.95 -14.78
N HIS E 244 6.27 -5.91 -15.18
CA HIS E 244 5.23 -5.35 -14.34
C HIS E 244 5.02 -6.16 -13.08
N GLU E 245 5.24 -7.48 -13.16
CA GLU E 245 5.19 -8.34 -11.97
C GLU E 245 6.23 -7.90 -10.94
N ILE E 246 7.47 -7.68 -11.40
CA ILE E 246 8.55 -7.30 -10.49
C ILE E 246 8.34 -5.89 -9.98
N ASP E 247 7.79 -5.00 -10.83
CA ASP E 247 7.48 -3.64 -10.42
C ASP E 247 6.44 -3.59 -9.32
N VAL E 248 5.39 -4.41 -9.42
CA VAL E 248 4.36 -4.39 -8.39
C VAL E 248 4.82 -5.11 -7.13
N ILE E 249 5.67 -6.14 -7.27
CA ILE E 249 6.23 -6.82 -6.11
C ILE E 249 7.12 -5.87 -5.31
N ASN E 250 7.99 -5.12 -5.99
CA ASN E 250 8.88 -4.20 -5.28
C ASN E 250 8.29 -2.81 -5.14
N SER E 251 7.07 -2.72 -4.60
CA SER E 251 6.37 -1.45 -4.49
C SER E 251 5.78 -1.18 -3.12
N ARG E 252 5.55 -2.19 -2.30
CA ARG E 252 4.97 -2.02 -0.97
C ARG E 252 5.72 -2.94 -0.03
N THR E 253 5.15 -3.16 1.15
CA THR E 253 5.66 -4.22 2.02
C THR E 253 5.34 -5.59 1.45
N GLN E 254 4.06 -5.91 1.32
CA GLN E 254 3.61 -7.14 0.70
C GLN E 254 2.69 -6.71 -0.44
N GLY E 255 3.29 -6.44 -1.60
CA GLY E 255 2.61 -5.71 -2.64
C GLY E 255 2.14 -6.50 -3.84
N PHE E 256 2.46 -7.80 -3.89
CA PHE E 256 2.02 -8.61 -5.02
C PHE E 256 0.50 -8.78 -5.04
N LEU E 257 -0.15 -8.67 -3.87
CA LEU E 257 -1.60 -8.63 -3.78
C LEU E 257 -2.19 -7.51 -4.63
N ALA E 258 -1.44 -6.41 -4.81
CA ALA E 258 -1.88 -5.31 -5.66
C ALA E 258 -2.11 -5.78 -7.08
N LEU E 259 -1.25 -6.65 -7.61
CA LEU E 259 -1.50 -7.08 -8.98
C LEU E 259 -2.59 -8.14 -9.08
N PHE E 260 -3.17 -8.56 -7.95
CA PHE E 260 -4.40 -9.33 -8.00
C PHE E 260 -5.61 -8.50 -7.62
N SER E 261 -5.43 -7.24 -7.20
CA SER E 261 -6.58 -6.44 -6.81
C SER E 261 -6.58 -5.05 -7.45
N GLY E 262 -5.59 -4.74 -8.28
CA GLY E 262 -5.54 -3.47 -8.99
C GLY E 262 -5.31 -2.25 -8.12
N ASP E 263 -5.01 -2.43 -6.84
CA ASP E 263 -4.87 -1.34 -5.90
C ASP E 263 -3.49 -0.68 -5.98
N THR E 264 -2.68 -1.07 -6.96
CA THR E 264 -1.44 -0.37 -7.22
C THR E 264 -1.72 1.04 -7.70
N GLY E 265 -0.84 1.96 -7.35
CA GLY E 265 -1.03 3.34 -7.72
C GLY E 265 0.03 3.80 -8.70
N GLU E 266 0.42 5.06 -8.59
CA GLU E 266 1.52 5.59 -9.39
C GLU E 266 2.82 5.00 -8.88
N ILE E 267 3.36 4.04 -9.62
CA ILE E 267 4.65 3.47 -9.27
C ILE E 267 5.74 4.45 -9.68
N ARG E 268 6.61 4.78 -8.73
CA ARG E 268 7.71 5.71 -8.96
C ARG E 268 8.66 5.14 -10.00
N SER E 269 9.24 6.03 -10.80
CA SER E 269 10.01 5.60 -11.96
C SER E 269 11.40 5.08 -11.60
N GLU E 270 11.92 5.39 -10.40
CA GLU E 270 13.24 4.88 -10.04
C GLU E 270 13.20 3.38 -9.80
N ILE E 271 12.05 2.84 -9.36
CA ILE E 271 11.90 1.40 -9.21
C ILE E 271 11.96 0.71 -10.56
N ARG E 272 11.29 1.27 -11.56
CA ARG E 272 11.32 0.70 -12.90
C ARG E 272 12.70 0.82 -13.53
N ASP E 273 13.42 1.92 -13.24
CA ASP E 273 14.77 2.06 -13.75
C ASP E 273 15.72 1.04 -13.11
N GLN E 274 15.60 0.82 -11.80
CA GLN E 274 16.48 -0.15 -11.15
C GLN E 274 16.15 -1.57 -11.57
N ILE E 275 14.89 -1.88 -11.86
CA ILE E 275 14.57 -3.22 -12.33
C ILE E 275 15.01 -3.40 -13.78
N ASN E 276 14.95 -2.34 -14.60
CA ASN E 276 15.55 -2.41 -15.93
C ASN E 276 17.07 -2.54 -15.89
N THR E 277 17.71 -2.11 -14.81
CA THR E 277 19.14 -2.36 -14.66
C THR E 277 19.43 -3.78 -14.21
N LYS E 278 18.68 -4.29 -13.22
CA LYS E 278 18.95 -5.64 -12.72
C LYS E 278 18.57 -6.73 -13.70
N VAL E 279 17.63 -6.49 -14.61
CA VAL E 279 17.33 -7.49 -15.63
C VAL E 279 18.50 -7.61 -16.62
N ALA E 280 19.15 -6.49 -16.94
CA ALA E 280 20.33 -6.54 -17.78
C ALA E 280 21.51 -7.19 -17.06
N GLU E 281 21.65 -6.93 -15.76
CA GLU E 281 22.71 -7.59 -15.00
C GLU E 281 22.45 -9.07 -14.81
N TRP E 282 21.17 -9.48 -14.78
CA TRP E 282 20.84 -10.89 -14.78
C TRP E 282 21.10 -11.55 -16.12
N LYS E 283 20.88 -10.81 -17.21
CA LYS E 283 21.12 -11.38 -18.53
C LYS E 283 22.61 -11.55 -18.80
N GLU E 284 23.43 -10.58 -18.39
CA GLU E 284 24.86 -10.67 -18.66
C GLU E 284 25.56 -11.72 -17.80
N GLU E 285 24.99 -12.09 -16.65
CA GLU E 285 25.53 -13.16 -15.84
C GLU E 285 25.02 -14.53 -16.25
N GLY E 286 24.11 -14.60 -17.23
CA GLY E 286 23.56 -15.86 -17.64
C GLY E 286 22.50 -16.45 -16.74
N LYS E 287 22.09 -15.72 -15.70
CA LYS E 287 21.05 -16.21 -14.80
C LYS E 287 19.65 -16.07 -15.36
N ALA E 288 19.45 -15.29 -16.42
CA ALA E 288 18.12 -15.00 -16.91
C ALA E 288 18.10 -14.98 -18.43
N GLU E 289 16.91 -14.68 -18.96
CA GLU E 289 16.68 -14.64 -20.40
C GLU E 289 15.43 -13.81 -20.64
N ILE E 290 15.52 -12.87 -21.59
CA ILE E 290 14.45 -11.90 -21.82
C ILE E 290 13.61 -12.36 -23.01
N VAL E 291 12.30 -12.42 -22.82
CA VAL E 291 11.39 -12.83 -23.89
C VAL E 291 10.46 -11.66 -24.22
N PRO E 292 10.58 -11.05 -25.41
CA PRO E 292 9.66 -9.96 -25.78
C PRO E 292 8.33 -10.52 -26.23
N GLY E 293 7.26 -10.02 -25.63
CA GLY E 293 5.92 -10.49 -25.91
C GLY E 293 5.20 -9.68 -26.94
N VAL E 294 3.87 -9.85 -26.98
CA VAL E 294 3.00 -9.17 -27.92
C VAL E 294 1.93 -8.43 -27.14
N LEU E 295 1.68 -7.18 -27.51
CA LEU E 295 0.61 -6.38 -26.92
C LEU E 295 -0.41 -6.05 -28.00
N PHE E 296 -1.64 -6.50 -27.83
CA PHE E 296 -2.70 -6.26 -28.81
C PHE E 296 -3.63 -5.18 -28.27
N ILE E 297 -3.48 -3.98 -28.81
CA ILE E 297 -4.35 -2.85 -28.46
C ILE E 297 -5.56 -2.93 -29.36
N ASP E 298 -6.60 -3.60 -28.86
CA ASP E 298 -7.85 -3.67 -29.60
C ASP E 298 -8.53 -2.31 -29.59
N GLU E 299 -9.03 -1.91 -30.77
CA GLU E 299 -9.77 -0.66 -30.99
C GLU E 299 -8.93 0.55 -30.60
N VAL E 300 -7.85 0.75 -31.35
CA VAL E 300 -6.86 1.77 -31.00
C VAL E 300 -7.35 3.18 -31.28
N HIS E 301 -8.47 3.34 -31.98
CA HIS E 301 -9.02 4.67 -32.23
C HIS E 301 -9.65 5.29 -30.99
N MET E 302 -9.84 4.53 -29.92
CA MET E 302 -10.40 5.02 -28.68
C MET E 302 -9.36 5.60 -27.75
N LEU E 303 -8.22 6.02 -28.27
CA LEU E 303 -7.20 6.70 -27.52
C LEU E 303 -7.17 8.17 -27.93
N ASP E 304 -6.96 9.05 -26.96
CA ASP E 304 -6.77 10.46 -27.27
C ASP E 304 -5.31 10.71 -27.60
N ILE E 305 -4.98 11.94 -28.00
CA ILE E 305 -3.64 12.27 -28.48
C ILE E 305 -2.61 12.22 -27.36
N GLU E 306 -3.08 12.32 -26.10
CA GLU E 306 -2.23 12.13 -24.94
C GLU E 306 -1.71 10.70 -24.84
N CYS E 307 -2.41 9.71 -25.41
CA CYS E 307 -1.88 8.36 -25.48
C CYS E 307 -0.85 8.22 -26.59
N PHE E 308 -1.09 8.83 -27.75
CA PHE E 308 -0.20 8.62 -28.88
C PHE E 308 1.11 9.35 -28.68
N SER E 309 1.10 10.46 -27.94
CA SER E 309 2.33 11.13 -27.60
C SER E 309 3.15 10.39 -26.54
N TYR E 310 2.66 9.27 -26.04
CA TYR E 310 3.45 8.35 -25.22
C TYR E 310 3.75 7.04 -25.92
N ILE E 311 2.86 6.54 -26.76
CA ILE E 311 3.17 5.33 -27.54
C ILE E 311 4.25 5.65 -28.57
N ASN E 312 4.34 6.90 -29.01
CA ASN E 312 5.41 7.30 -29.92
C ASN E 312 6.79 7.22 -29.28
N ARG E 313 6.89 7.21 -27.95
CA ARG E 313 8.19 7.10 -27.29
C ARG E 313 8.37 5.84 -26.48
N ALA E 314 7.30 5.10 -26.17
CA ALA E 314 7.46 3.80 -25.52
C ALA E 314 7.85 2.72 -26.51
N LEU E 315 7.73 2.99 -27.82
CA LEU E 315 8.17 2.08 -28.86
C LEU E 315 9.58 2.39 -29.33
N GLU E 316 10.42 2.90 -28.44
CA GLU E 316 11.77 3.29 -28.77
C GLU E 316 12.83 2.54 -27.99
N SER E 317 12.54 2.11 -26.77
CA SER E 317 13.53 1.49 -25.93
C SER E 317 13.79 0.05 -26.36
N ASP E 318 14.85 -0.54 -25.80
CA ASP E 318 15.16 -1.94 -26.07
C ASP E 318 14.07 -2.84 -25.51
N LEU E 319 13.55 -2.50 -24.34
CA LEU E 319 12.53 -3.31 -23.67
C LEU E 319 11.17 -2.75 -24.05
N ALA E 320 10.66 -3.20 -25.19
CA ALA E 320 9.36 -2.80 -25.66
C ALA E 320 8.76 -3.96 -26.44
N PRO E 321 7.55 -4.39 -26.12
CA PRO E 321 6.92 -5.48 -26.87
C PRO E 321 6.38 -4.96 -28.19
N ILE E 322 6.21 -5.89 -29.13
CA ILE E 322 5.63 -5.53 -30.41
C ILE E 322 4.14 -5.31 -30.25
N VAL E 323 3.66 -4.17 -30.74
CA VAL E 323 2.29 -3.74 -30.60
C VAL E 323 1.54 -4.07 -31.88
N ILE E 324 0.45 -4.82 -31.75
CA ILE E 324 -0.47 -5.11 -32.83
C ILE E 324 -1.80 -4.47 -32.46
N MET E 325 -2.43 -3.80 -33.42
CA MET E 325 -3.54 -2.91 -33.14
C MET E 325 -4.50 -2.89 -34.33
N ALA E 326 -5.77 -2.60 -34.04
CA ALA E 326 -6.82 -2.77 -35.03
C ALA E 326 -7.75 -1.57 -35.03
N SER E 327 -8.00 -1.01 -36.22
CA SER E 327 -8.78 0.20 -36.37
C SER E 327 -9.88 -0.01 -37.39
N ASN E 328 -11.08 0.48 -37.09
CA ASN E 328 -12.24 0.40 -37.97
C ASN E 328 -12.52 1.68 -38.73
N ARG E 329 -12.34 2.83 -38.09
CA ARG E 329 -12.83 4.10 -38.61
C ARG E 329 -12.06 4.53 -39.86
N GLY E 330 -12.74 5.30 -40.69
CA GLY E 330 -12.13 5.87 -41.87
C GLY E 330 -11.47 7.19 -41.55
N VAL E 331 -11.87 8.26 -42.24
CA VAL E 331 -11.43 9.60 -41.88
C VAL E 331 -12.31 10.06 -40.73
N SER E 332 -11.75 10.06 -39.52
CA SER E 332 -12.54 10.36 -38.34
C SER E 332 -11.79 11.34 -37.45
N ARG E 333 -12.44 11.77 -36.38
CA ARG E 333 -11.82 12.72 -35.46
C ARG E 333 -10.97 11.99 -34.44
N ILE E 334 -9.98 12.69 -33.94
CA ILE E 334 -9.11 12.20 -32.88
C ILE E 334 -9.70 12.69 -31.56
N ARG E 335 -9.74 11.82 -30.56
CA ARG E 335 -10.24 12.23 -29.27
C ARG E 335 -9.28 13.19 -28.60
N GLY E 336 -9.83 14.11 -27.82
CA GLY E 336 -9.07 15.18 -27.21
C GLY E 336 -8.96 16.42 -28.07
N THR E 337 -8.70 16.24 -29.37
CA THR E 337 -8.60 17.32 -30.33
C THR E 337 -9.88 17.40 -31.14
N ASP E 338 -9.87 18.20 -32.20
CA ASP E 338 -11.04 18.40 -33.03
C ASP E 338 -10.82 18.12 -34.51
N TYR E 339 -9.59 17.87 -34.94
CA TYR E 339 -9.28 17.74 -36.36
C TYR E 339 -9.29 16.27 -36.78
N LYS E 340 -9.78 16.02 -37.98
CA LYS E 340 -9.90 14.66 -38.47
C LYS E 340 -8.58 14.16 -39.07
N SER E 341 -8.53 12.85 -39.26
CA SER E 341 -7.31 12.15 -39.65
C SER E 341 -7.72 10.75 -40.13
N PRO E 342 -6.89 10.08 -40.95
CA PRO E 342 -7.22 8.71 -41.33
C PRO E 342 -7.06 7.76 -40.16
N HIS E 343 -7.95 6.76 -40.11
CA HIS E 343 -8.01 5.68 -39.14
C HIS E 343 -8.15 6.14 -37.69
N GLY E 344 -8.50 7.41 -37.47
CA GLY E 344 -8.56 7.91 -36.11
C GLY E 344 -7.22 8.06 -35.42
N LEU E 345 -6.13 8.13 -36.18
CA LEU E 345 -4.80 8.19 -35.59
C LEU E 345 -4.07 9.42 -36.12
N PRO E 346 -3.23 10.05 -35.30
CA PRO E 346 -2.46 11.20 -35.79
C PRO E 346 -1.39 10.78 -36.78
N LEU E 347 -0.97 11.73 -37.62
CA LEU E 347 -0.06 11.41 -38.71
C LEU E 347 1.37 11.19 -38.23
N ASP E 348 1.80 11.88 -37.17
CA ASP E 348 3.11 11.63 -36.60
C ASP E 348 3.19 10.27 -35.92
N PHE E 349 2.05 9.68 -35.57
CA PHE E 349 1.99 8.30 -35.10
C PHE E 349 1.72 7.32 -36.23
N LEU E 350 1.07 7.75 -37.31
CA LEU E 350 0.94 6.89 -38.47
C LEU E 350 2.25 6.76 -39.25
N ASP E 351 3.23 7.64 -39.02
CA ASP E 351 4.56 7.39 -39.55
C ASP E 351 5.21 6.18 -38.89
N ARG E 352 4.88 5.92 -37.62
CA ARG E 352 5.49 4.80 -36.92
C ARG E 352 4.91 3.47 -37.38
N VAL E 353 3.59 3.39 -37.52
CA VAL E 353 2.92 2.11 -37.71
C VAL E 353 3.11 1.64 -39.15
N VAL E 354 2.87 0.35 -39.35
CA VAL E 354 2.87 -0.29 -40.66
C VAL E 354 1.55 -1.01 -40.81
N ILE E 355 0.82 -0.73 -41.89
CA ILE E 355 -0.60 -1.02 -41.99
C ILE E 355 -0.83 -2.26 -42.85
N ILE E 356 -1.63 -3.19 -42.35
CA ILE E 356 -2.13 -4.34 -43.10
C ILE E 356 -3.61 -4.10 -43.38
N ASN E 357 -3.97 -4.03 -44.65
CA ASN E 357 -5.36 -3.84 -45.05
C ASN E 357 -6.02 -5.19 -45.36
N THR E 358 -7.24 -5.37 -44.88
CA THR E 358 -8.02 -6.54 -45.18
C THR E 358 -9.05 -6.22 -46.26
N HIS E 359 -9.83 -7.22 -46.63
CA HIS E 359 -10.80 -7.12 -47.71
C HIS E 359 -12.08 -7.79 -47.30
N PRO E 360 -13.22 -7.40 -47.89
CA PRO E 360 -14.46 -8.15 -47.66
C PRO E 360 -14.41 -9.54 -48.31
N TYR E 361 -15.37 -10.37 -47.92
CA TYR E 361 -15.34 -11.79 -48.21
C TYR E 361 -16.19 -12.14 -49.43
N THR E 362 -15.62 -12.97 -50.31
CA THR E 362 -16.35 -13.55 -51.43
C THR E 362 -17.38 -14.56 -50.91
N PRO E 363 -18.46 -14.82 -51.67
CA PRO E 363 -19.55 -15.64 -51.13
C PRO E 363 -19.22 -17.10 -50.86
N ASP E 364 -18.29 -17.71 -51.62
CA ASP E 364 -17.89 -19.08 -51.29
C ASP E 364 -17.10 -19.13 -49.98
N GLU E 365 -16.30 -18.11 -49.72
CA GLU E 365 -15.63 -17.99 -48.43
C GLU E 365 -16.63 -17.76 -47.32
N LEU E 366 -17.70 -17.01 -47.59
CA LEU E 366 -18.78 -16.86 -46.62
C LEU E 366 -19.43 -18.21 -46.31
N ARG E 367 -19.64 -19.02 -47.35
CA ARG E 367 -20.27 -20.33 -47.19
C ARG E 367 -19.40 -21.26 -46.36
N GLN E 368 -18.10 -21.27 -46.61
CA GLN E 368 -17.27 -22.19 -45.83
C GLN E 368 -16.93 -21.66 -44.43
N ILE E 369 -16.97 -20.34 -44.21
CA ILE E 369 -16.89 -19.82 -42.84
C ILE E 369 -18.13 -20.20 -42.06
N LEU E 370 -19.31 -20.11 -42.69
CA LEU E 370 -20.53 -20.60 -42.05
C LEU E 370 -20.50 -22.11 -41.85
N SER E 371 -19.81 -22.85 -42.73
CA SER E 371 -19.67 -24.29 -42.54
C SER E 371 -18.78 -24.60 -41.34
N ILE E 372 -17.70 -23.85 -41.15
CA ILE E 372 -16.83 -24.04 -39.99
C ILE E 372 -17.56 -23.66 -38.70
N ARG E 373 -18.31 -22.55 -38.72
CA ARG E 373 -19.10 -22.16 -37.56
C ARG E 373 -20.26 -23.12 -37.29
N ALA E 374 -20.73 -23.85 -38.30
CA ALA E 374 -21.74 -24.86 -38.07
C ALA E 374 -21.13 -26.13 -37.50
N GLN E 375 -19.95 -26.53 -38.00
CA GLN E 375 -19.29 -27.71 -37.47
C GLN E 375 -18.70 -27.49 -36.09
N GLU E 376 -18.50 -26.23 -35.68
CA GLU E 376 -17.98 -25.97 -34.35
C GLU E 376 -19.04 -26.20 -33.27
N GLU E 377 -20.27 -25.78 -33.52
CA GLU E 377 -21.36 -25.97 -32.59
C GLU E 377 -22.04 -27.33 -32.74
N GLU E 378 -21.63 -28.12 -33.74
CA GLU E 378 -22.20 -29.43 -34.09
C GLU E 378 -23.70 -29.32 -34.36
N VAL E 379 -24.00 -28.57 -35.43
CA VAL E 379 -25.35 -28.38 -35.93
C VAL E 379 -25.39 -28.92 -37.35
N ASP E 380 -26.32 -29.84 -37.61
CA ASP E 380 -26.46 -30.42 -38.94
C ASP E 380 -27.22 -29.48 -39.85
N LEU E 381 -26.75 -29.33 -41.08
CA LEU E 381 -27.37 -28.44 -42.05
C LEU E 381 -27.60 -29.17 -43.37
N THR E 382 -28.78 -28.98 -43.95
CA THR E 382 -29.01 -29.37 -45.33
C THR E 382 -28.34 -28.35 -46.25
N PRO E 383 -27.91 -28.77 -47.45
CA PRO E 383 -27.25 -27.82 -48.36
C PRO E 383 -28.16 -26.72 -48.89
N ASP E 384 -29.48 -26.95 -48.95
CA ASP E 384 -30.40 -25.88 -49.33
C ASP E 384 -30.44 -24.78 -48.26
N ALA E 385 -30.47 -25.18 -46.99
CA ALA E 385 -30.42 -24.21 -45.90
C ALA E 385 -29.08 -23.49 -45.86
N LEU E 386 -27.99 -24.18 -46.21
CA LEU E 386 -26.69 -23.53 -46.26
C LEU E 386 -26.62 -22.53 -47.42
N ALA E 387 -27.27 -22.83 -48.54
CA ALA E 387 -27.34 -21.88 -49.65
C ALA E 387 -28.16 -20.65 -49.27
N LEU E 388 -29.29 -20.86 -48.57
CA LEU E 388 -30.09 -19.74 -48.09
C LEU E 388 -29.33 -18.91 -47.06
N LEU E 389 -28.51 -19.57 -46.24
CA LEU E 389 -27.77 -18.87 -45.21
C LEU E 389 -26.61 -18.07 -45.82
N THR E 390 -25.99 -18.59 -46.87
CA THR E 390 -25.00 -17.82 -47.62
C THR E 390 -25.65 -16.63 -48.31
N LYS E 391 -26.88 -16.82 -48.82
CA LYS E 391 -27.60 -15.71 -49.44
C LYS E 391 -27.96 -14.63 -48.42
N ILE E 392 -28.25 -15.02 -47.18
CA ILE E 392 -28.49 -14.04 -46.13
C ILE E 392 -27.18 -13.33 -45.76
N GLY E 393 -26.10 -14.09 -45.62
CA GLY E 393 -24.81 -13.51 -45.27
C GLY E 393 -24.20 -12.62 -46.32
N GLN E 394 -24.61 -12.76 -47.58
CA GLN E 394 -24.23 -11.79 -48.60
C GLN E 394 -24.82 -10.42 -48.33
N GLU E 395 -25.98 -10.37 -47.68
CA GLU E 395 -26.72 -9.12 -47.52
C GLU E 395 -26.78 -8.61 -46.09
N ALA E 396 -26.28 -9.38 -45.12
CA ALA E 396 -26.39 -8.94 -43.73
C ALA E 396 -25.14 -9.23 -42.90
N GLY E 397 -24.05 -9.70 -43.50
CA GLY E 397 -22.81 -9.87 -42.78
C GLY E 397 -22.68 -11.22 -42.11
N LEU E 398 -21.49 -11.47 -41.58
CA LEU E 398 -21.17 -12.76 -40.97
C LEU E 398 -21.81 -12.95 -39.60
N ARG E 399 -21.89 -11.88 -38.80
CA ARG E 399 -22.37 -12.01 -37.43
C ARG E 399 -23.84 -12.38 -37.37
N TYR E 400 -24.63 -11.85 -38.31
CA TYR E 400 -26.05 -12.16 -38.33
C TYR E 400 -26.30 -13.63 -38.71
N ALA E 401 -25.62 -14.13 -39.74
CA ALA E 401 -25.80 -15.52 -40.14
C ALA E 401 -25.22 -16.47 -39.10
N SER E 402 -24.09 -16.10 -38.49
CA SER E 402 -23.50 -16.91 -37.44
C SER E 402 -24.34 -16.93 -36.18
N ASN E 403 -25.22 -15.95 -35.97
CA ASN E 403 -26.22 -16.07 -34.93
C ASN E 403 -27.47 -16.80 -35.40
N LEU E 404 -27.79 -16.74 -36.69
CA LEU E 404 -28.93 -17.49 -37.20
C LEU E 404 -28.70 -18.99 -37.14
N ILE E 405 -27.44 -19.43 -37.17
CA ILE E 405 -27.14 -20.86 -36.99
C ILE E 405 -27.59 -21.33 -35.61
N THR E 406 -27.15 -20.61 -34.57
CA THR E 406 -27.49 -20.96 -33.20
C THR E 406 -28.98 -20.79 -32.93
N THR E 407 -29.62 -19.83 -33.60
CA THR E 407 -31.06 -19.69 -33.46
C THR E 407 -31.81 -20.82 -34.17
N SER E 408 -31.33 -21.24 -35.35
CA SER E 408 -32.04 -22.21 -36.16
C SER E 408 -31.94 -23.61 -35.60
N GLN E 409 -30.80 -23.95 -34.98
CA GLN E 409 -30.70 -25.23 -34.26
C GLN E 409 -31.75 -25.33 -33.16
N LEU E 410 -31.95 -24.25 -32.42
CA LEU E 410 -32.90 -24.28 -31.32
C LEU E 410 -34.34 -24.28 -31.83
N ILE E 411 -34.60 -23.59 -32.95
CA ILE E 411 -35.94 -23.61 -33.53
C ILE E 411 -36.24 -24.98 -34.13
N ALA E 412 -35.24 -25.66 -34.67
CA ALA E 412 -35.43 -27.05 -35.08
C ALA E 412 -35.64 -27.96 -33.89
N ALA E 413 -35.04 -27.63 -32.74
CA ALA E 413 -35.27 -28.39 -31.52
C ALA E 413 -36.61 -28.09 -30.86
N LYS E 414 -37.29 -27.03 -31.29
CA LYS E 414 -38.66 -26.79 -30.81
C LYS E 414 -39.60 -27.89 -31.25
N ARG E 415 -39.68 -28.12 -32.56
CA ARG E 415 -40.64 -29.05 -33.15
C ARG E 415 -40.11 -30.46 -33.27
N ARG E 416 -39.03 -30.79 -32.55
CA ARG E 416 -38.42 -32.13 -32.50
C ARG E 416 -37.97 -32.60 -33.88
N ALA E 417 -37.03 -31.86 -34.45
CA ALA E 417 -36.41 -32.23 -35.72
C ALA E 417 -34.96 -32.63 -35.50
N LYS E 418 -34.34 -33.13 -36.56
CA LYS E 418 -32.94 -33.53 -36.51
C LYS E 418 -32.04 -32.54 -37.23
N GLN E 419 -32.30 -32.27 -38.49
CA GLN E 419 -31.52 -31.35 -39.29
C GLN E 419 -32.30 -30.05 -39.48
N VAL E 420 -31.59 -28.92 -39.44
CA VAL E 420 -32.26 -27.66 -39.75
C VAL E 420 -32.54 -27.58 -41.24
N GLY E 421 -33.52 -26.78 -41.60
CA GLY E 421 -33.91 -26.66 -42.99
C GLY E 421 -34.23 -25.23 -43.38
N VAL E 422 -34.92 -25.06 -44.51
CA VAL E 422 -35.31 -23.74 -44.95
C VAL E 422 -36.44 -23.19 -44.07
N GLU E 423 -37.29 -24.09 -43.55
CA GLU E 423 -38.43 -23.72 -42.71
C GLU E 423 -38.03 -23.28 -41.30
N ASP E 424 -36.74 -23.28 -40.96
CA ASP E 424 -36.27 -22.74 -39.70
C ASP E 424 -35.34 -21.55 -39.87
N VAL E 425 -34.52 -21.53 -40.92
CA VAL E 425 -33.77 -20.33 -41.25
C VAL E 425 -34.72 -19.21 -41.66
N GLN E 426 -35.81 -19.53 -42.33
CA GLN E 426 -36.81 -18.51 -42.65
C GLN E 426 -37.65 -18.08 -41.46
N ARG E 427 -37.60 -18.79 -40.33
CA ARG E 427 -38.19 -18.29 -39.10
C ARG E 427 -37.22 -17.45 -38.30
N SER E 428 -35.94 -17.86 -38.28
CA SER E 428 -34.91 -17.08 -37.61
C SER E 428 -34.68 -15.75 -38.31
N PHE E 429 -34.83 -15.72 -39.63
CA PHE E 429 -34.76 -14.48 -40.39
C PHE E 429 -36.02 -13.64 -40.22
N LYS E 430 -37.12 -14.26 -39.78
CA LYS E 430 -38.39 -13.56 -39.58
C LYS E 430 -38.48 -12.91 -38.22
N LEU E 431 -37.98 -13.57 -37.17
CA LEU E 431 -38.11 -13.03 -35.83
C LEU E 431 -37.02 -12.00 -35.52
N PHE E 432 -35.77 -12.36 -35.78
CA PHE E 432 -34.63 -11.53 -35.39
C PHE E 432 -34.18 -10.72 -36.60
N TYR E 433 -34.35 -9.40 -36.53
CA TYR E 433 -34.01 -8.53 -37.65
C TYR E 433 -32.52 -8.34 -37.78
N ASP E 434 -32.04 -8.40 -39.03
CA ASP E 434 -30.71 -7.92 -39.35
C ASP E 434 -30.67 -6.40 -39.22
N PRO E 435 -29.48 -5.81 -38.97
CA PRO E 435 -29.43 -4.36 -38.69
C PRO E 435 -29.84 -3.45 -39.84
N ALA E 436 -29.85 -3.93 -41.09
CA ALA E 436 -30.33 -3.11 -42.19
C ALA E 436 -31.83 -2.89 -42.09
N ARG E 437 -32.59 -3.96 -41.81
CA ARG E 437 -34.02 -3.79 -41.58
C ARG E 437 -34.31 -3.08 -40.27
N SER E 438 -33.39 -3.11 -39.31
CA SER E 438 -33.59 -2.32 -38.09
C SER E 438 -33.41 -0.83 -38.38
N VAL E 439 -32.44 -0.47 -39.22
CA VAL E 439 -32.30 0.93 -39.64
C VAL E 439 -33.51 1.37 -40.44
N ARG E 440 -34.05 0.48 -41.29
CA ARG E 440 -35.28 0.80 -42.00
C ARG E 440 -36.47 0.94 -41.06
N PHE E 441 -36.51 0.14 -39.99
CA PHE E 441 -37.58 0.25 -39.00
C PHE E 441 -37.50 1.56 -38.24
N VAL E 442 -36.29 2.01 -37.92
CA VAL E 442 -36.11 3.32 -37.28
C VAL E 442 -36.51 4.45 -38.23
N GLN E 443 -36.14 4.33 -39.51
CA GLN E 443 -36.46 5.37 -40.48
C GLN E 443 -37.96 5.41 -40.82
N GLU E 444 -38.66 4.29 -40.64
CA GLU E 444 -40.09 4.24 -40.93
C GLU E 444 -40.95 4.25 -39.67
N SER E 445 -40.34 4.43 -38.50
CA SER E 445 -41.07 4.58 -37.25
C SER E 445 -40.51 5.77 -36.47
N GLU E 446 -40.43 6.92 -37.15
CA GLU E 446 -39.74 8.09 -36.60
C GLU E 446 -40.49 8.70 -35.42
N LYS E 447 -41.81 8.88 -35.56
CA LYS E 447 -42.54 9.76 -34.65
C LYS E 447 -42.75 9.17 -33.26
N ARG E 448 -42.55 7.87 -33.06
CA ARG E 448 -42.68 7.32 -31.71
C ARG E 448 -41.34 7.03 -31.05
N LEU E 449 -40.36 6.56 -31.82
CA LEU E 449 -39.00 6.43 -31.30
C LEU E 449 -38.42 7.80 -31.02
N ILE E 450 -37.75 7.94 -29.87
CA ILE E 450 -37.24 9.23 -29.43
C ILE E 450 -36.01 9.57 -30.25
N GLY E 451 -36.16 10.45 -31.24
CA GLY E 451 -35.00 10.90 -31.98
C GLY E 451 -34.15 11.83 -31.15
N ASN E 452 -34.64 13.04 -30.93
CA ASN E 452 -34.05 13.95 -29.96
C ASN E 452 -35.07 14.65 -29.07
N ASP E 453 -36.29 14.89 -29.55
CA ASP E 453 -37.19 15.80 -28.84
C ASP E 453 -38.58 15.24 -28.59
N GLY E 454 -39.15 14.53 -29.55
CA GLY E 454 -40.59 14.29 -29.58
C GLY E 454 -40.98 12.86 -29.24
N VAL E 455 -42.09 12.73 -28.52
CA VAL E 455 -42.73 11.45 -28.25
C VAL E 455 -44.21 11.60 -28.62
N VAL E 456 -44.66 10.81 -29.58
CA VAL E 456 -46.05 10.81 -30.01
C VAL E 456 -46.65 9.46 -29.65
N ASP E 457 -47.81 9.47 -28.98
CA ASP E 457 -48.43 8.24 -28.51
C ASP E 457 -49.74 8.02 -29.28
N PHE E 458 -49.61 7.35 -30.42
CA PHE E 458 -50.70 6.91 -31.32
C PHE E 458 -51.59 8.06 -31.80
N GLY F 17 28.57 23.21 -4.83
CA GLY F 17 27.96 22.70 -3.62
C GLY F 17 26.51 23.10 -3.48
N LEU F 18 25.68 22.65 -4.43
CA LEU F 18 24.25 22.95 -4.53
C LEU F 18 23.98 24.44 -4.60
N ASN F 19 24.89 25.20 -5.22
CA ASN F 19 24.69 26.64 -5.39
C ASN F 19 25.43 27.02 -6.67
N LEU F 20 24.69 27.05 -7.77
CA LEU F 20 25.25 27.30 -9.08
C LEU F 20 24.71 28.60 -9.66
N ILE F 21 25.42 29.15 -10.63
CA ILE F 21 25.14 30.49 -11.14
C ILE F 21 23.88 30.46 -11.99
N ALA F 22 22.76 30.91 -11.42
CA ALA F 22 21.50 30.99 -12.13
C ALA F 22 21.39 32.33 -12.84
N ALA F 23 20.19 32.66 -13.32
CA ALA F 23 19.99 33.97 -13.93
C ALA F 23 19.93 35.05 -12.87
N HIS F 24 19.34 34.76 -11.71
CA HIS F 24 19.21 35.74 -10.64
C HIS F 24 20.27 35.47 -9.57
N SER F 25 21.51 35.83 -9.90
CA SER F 25 22.62 35.61 -8.99
C SER F 25 23.45 36.86 -8.72
N HIS F 26 23.41 37.85 -9.60
CA HIS F 26 24.15 39.08 -9.42
C HIS F 26 23.37 40.14 -8.65
N ILE F 27 22.12 39.85 -8.28
CA ILE F 27 21.23 40.84 -7.68
C ILE F 27 21.35 40.66 -6.17
N ARG F 28 22.25 41.41 -5.56
CA ARG F 28 22.45 41.36 -4.11
C ARG F 28 21.72 42.53 -3.45
N GLY F 29 20.40 42.43 -3.41
CA GLY F 29 19.59 43.47 -2.83
C GLY F 29 19.05 44.45 -3.86
N LEU F 30 18.25 45.39 -3.38
CA LEU F 30 17.56 46.31 -4.28
C LEU F 30 18.50 47.39 -4.81
N GLY F 31 19.42 47.87 -3.97
CA GLY F 31 20.42 48.79 -4.42
C GLY F 31 19.97 50.23 -4.55
N VAL F 32 19.32 50.76 -3.53
CA VAL F 32 18.95 52.17 -3.48
C VAL F 32 19.54 52.77 -2.22
N ASP F 33 19.58 54.10 -2.18
CA ASP F 33 20.03 54.80 -1.00
C ASP F 33 18.96 54.67 0.09
N ALA F 34 19.40 54.37 1.31
CA ALA F 34 18.48 54.16 2.42
C ALA F 34 18.07 55.45 3.12
N ASP F 35 18.68 56.58 2.77
CA ASP F 35 18.40 57.84 3.45
C ASP F 35 17.32 58.64 2.73
N THR F 36 17.55 58.98 1.47
CA THR F 36 16.65 59.85 0.72
C THR F 36 15.92 59.13 -0.40
N LEU F 37 16.12 57.81 -0.53
CA LEU F 37 15.50 56.95 -1.56
C LEU F 37 15.82 57.46 -2.97
N GLU F 38 17.11 57.44 -3.30
CA GLU F 38 17.57 57.84 -4.62
C GLU F 38 18.17 56.63 -5.31
N PRO F 39 17.55 56.10 -6.36
CA PRO F 39 18.08 54.92 -7.04
C PRO F 39 19.29 55.23 -7.90
N ARG F 40 20.49 55.21 -7.33
CA ARG F 40 21.69 55.32 -8.13
C ARG F 40 21.79 54.13 -9.08
N PRO F 41 22.30 54.34 -10.33
CA PRO F 41 22.08 53.36 -11.40
C PRO F 41 22.77 52.02 -11.24
N SER F 42 24.07 52.00 -10.98
CA SER F 42 24.83 50.75 -10.90
C SER F 42 25.19 50.49 -9.45
N SER F 43 24.29 49.83 -8.73
CA SER F 43 24.52 49.51 -7.33
C SER F 43 23.84 48.19 -7.01
N GLN F 44 24.62 47.28 -6.41
CA GLN F 44 24.14 45.96 -5.95
C GLN F 44 23.54 45.14 -7.08
N GLY F 45 24.13 45.23 -8.26
CA GLY F 45 23.73 44.40 -9.37
C GLY F 45 22.72 44.99 -10.33
N LEU F 46 21.64 45.59 -9.81
CA LEU F 46 20.61 46.13 -10.67
C LEU F 46 21.10 47.38 -11.39
N VAL F 47 20.60 47.57 -12.61
CA VAL F 47 21.07 48.63 -13.51
C VAL F 47 19.87 49.37 -14.08
N GLY F 48 19.81 50.68 -13.84
CA GLY F 48 19.04 51.64 -14.62
C GLY F 48 17.55 51.43 -14.81
N GLN F 49 16.79 51.32 -13.74
CA GLN F 49 15.35 51.18 -13.81
C GLN F 49 14.73 52.06 -12.73
N GLU F 50 15.12 53.35 -12.77
CA GLU F 50 15.11 54.22 -11.60
C GLU F 50 13.72 54.43 -10.98
N LYS F 51 12.69 54.57 -11.82
CA LYS F 51 11.38 54.87 -11.26
C LYS F 51 10.74 53.63 -10.61
N ALA F 52 10.86 52.48 -11.26
CA ALA F 52 10.33 51.24 -10.68
C ALA F 52 11.10 50.85 -9.43
N ARG F 53 12.41 51.10 -9.40
CA ARG F 53 13.18 50.79 -8.20
C ARG F 53 12.89 51.76 -7.07
N LYS F 54 12.60 53.03 -7.39
CA LYS F 54 12.18 53.97 -6.37
C LYS F 54 10.83 53.58 -5.77
N ALA F 55 9.90 53.13 -6.63
CA ALA F 55 8.59 52.71 -6.13
C ALA F 55 8.70 51.44 -5.31
N ALA F 56 9.58 50.52 -5.72
CA ALA F 56 9.83 49.32 -4.91
C ALA F 56 10.50 49.67 -3.60
N ALA F 57 11.32 50.73 -3.57
CA ALA F 57 11.93 51.16 -2.32
C ALA F 57 10.90 51.76 -1.38
N VAL F 58 9.93 52.50 -1.91
CA VAL F 58 8.84 53.03 -1.08
C VAL F 58 8.00 51.89 -0.53
N VAL F 59 7.72 50.87 -1.37
CA VAL F 59 6.99 49.70 -0.91
C VAL F 59 7.76 48.96 0.18
N LEU F 60 9.07 48.78 -0.01
CA LEU F 60 9.89 48.09 0.98
C LEU F 60 9.98 48.87 2.29
N GLU F 61 10.00 50.20 2.21
CA GLU F 61 10.03 50.99 3.44
C GLU F 61 8.68 51.03 4.14
N MET F 62 7.58 50.74 3.45
CA MET F 62 6.34 50.54 4.18
C MET F 62 6.08 49.06 4.49
N ILE F 63 6.98 48.16 4.09
CA ILE F 63 6.90 46.78 4.56
C ILE F 63 7.60 46.63 5.91
N LYS F 64 8.81 47.19 6.03
CA LYS F 64 9.59 47.05 7.26
C LYS F 64 8.96 47.81 8.43
N GLN F 65 8.17 48.84 8.14
CA GLN F 65 7.41 49.50 9.20
C GLN F 65 6.32 48.59 9.74
N GLY F 66 5.64 47.86 8.86
CA GLY F 66 4.75 46.80 9.27
C GLY F 66 3.43 47.22 9.86
N LYS F 67 3.06 48.49 9.75
CA LYS F 67 1.79 48.93 10.33
C LYS F 67 0.62 48.77 9.35
N ILE F 68 0.84 49.09 8.08
CA ILE F 68 -0.23 49.20 7.11
C ILE F 68 -0.45 47.82 6.48
N ALA F 69 -1.62 47.26 6.71
CA ALA F 69 -1.87 45.84 6.47
C ALA F 69 -2.65 45.62 5.19
N GLY F 70 -2.17 44.68 4.38
CA GLY F 70 -2.93 44.18 3.26
C GLY F 70 -3.07 45.13 2.09
N ARG F 71 -1.97 45.54 1.49
CA ARG F 71 -2.03 46.25 0.23
C ARG F 71 -1.92 45.22 -0.90
N ALA F 72 -1.77 45.71 -2.12
CA ALA F 72 -1.50 44.85 -3.27
C ALA F 72 -0.80 45.67 -4.33
N VAL F 73 0.35 45.18 -4.80
CA VAL F 73 1.22 45.94 -5.68
C VAL F 73 1.48 45.10 -6.92
N LEU F 74 0.91 45.50 -8.06
CA LEU F 74 1.13 44.81 -9.31
C LEU F 74 2.31 45.42 -10.05
N ILE F 75 3.14 44.57 -10.66
CA ILE F 75 4.31 45.01 -11.40
C ILE F 75 4.09 44.59 -12.84
N ALA F 76 3.61 45.52 -13.66
CA ALA F 76 3.31 45.24 -15.06
C ALA F 76 4.55 45.50 -15.92
N GLY F 77 4.39 45.34 -17.22
CA GLY F 77 5.46 45.62 -18.15
C GLY F 77 5.71 44.51 -19.14
N PRO F 78 6.52 44.79 -20.17
CA PRO F 78 6.84 43.78 -21.18
C PRO F 78 7.70 42.67 -20.60
N PRO F 79 7.78 41.53 -21.26
CA PRO F 79 8.74 40.50 -20.84
C PRO F 79 10.17 40.93 -21.10
N SER F 80 11.09 40.28 -20.36
CA SER F 80 12.53 40.55 -20.38
C SER F 80 12.85 42.01 -20.03
N THR F 81 12.16 42.53 -19.01
CA THR F 81 12.42 43.88 -18.54
C THR F 81 12.83 43.98 -17.08
N GLY F 82 12.60 42.94 -16.28
CA GLY F 82 13.10 42.98 -14.92
C GLY F 82 12.06 42.97 -13.82
N LYS F 83 10.95 42.26 -14.05
CA LYS F 83 9.88 42.24 -13.04
C LYS F 83 10.17 41.25 -11.93
N THR F 84 10.85 40.14 -12.21
CA THR F 84 11.27 39.21 -11.17
C THR F 84 12.62 39.61 -10.59
N ALA F 85 13.39 40.41 -11.32
CA ALA F 85 14.65 40.93 -10.80
C ALA F 85 14.42 41.88 -9.63
N ILE F 86 13.45 42.78 -9.75
CA ILE F 86 13.11 43.69 -8.67
C ILE F 86 12.49 42.94 -7.50
N ALA F 87 11.77 41.85 -7.79
CA ALA F 87 11.22 41.02 -6.71
C ALA F 87 12.31 40.31 -5.93
N MET F 88 13.32 39.77 -6.62
CA MET F 88 14.43 39.15 -5.92
C MET F 88 15.30 40.19 -5.22
N GLY F 89 15.33 41.43 -5.74
CA GLY F 89 16.01 42.49 -5.03
C GLY F 89 15.30 42.88 -3.75
N MET F 90 13.96 42.88 -3.76
CA MET F 90 13.23 43.10 -2.53
C MET F 90 13.33 41.92 -1.58
N ALA F 91 13.52 40.72 -2.11
CA ALA F 91 13.68 39.56 -1.24
C ALA F 91 15.04 39.55 -0.56
N GLN F 92 16.09 39.95 -1.29
CA GLN F 92 17.42 39.98 -0.70
C GLN F 92 17.57 41.13 0.28
N SER F 93 16.93 42.26 0.00
CA SER F 93 17.06 43.43 0.87
C SER F 93 15.95 43.50 1.91
N LEU F 94 15.73 42.40 2.59
CA LEU F 94 14.97 42.37 3.84
C LEU F 94 15.70 41.63 4.94
N GLY F 95 16.53 40.65 4.59
CA GLY F 95 17.19 39.81 5.56
C GLY F 95 16.36 38.59 5.89
N GLN F 96 16.85 37.83 6.85
CA GLN F 96 16.13 36.66 7.33
C GLN F 96 15.05 36.98 8.34
N ASP F 97 14.90 38.25 8.72
CA ASP F 97 13.92 38.62 9.74
C ASP F 97 12.51 38.60 9.18
N VAL F 98 12.24 39.44 8.20
CA VAL F 98 10.90 39.55 7.62
C VAL F 98 10.72 38.44 6.58
N PRO F 99 9.63 37.69 6.59
CA PRO F 99 9.46 36.59 5.65
C PRO F 99 9.27 37.06 4.22
N PHE F 100 9.32 36.09 3.32
CA PHE F 100 9.08 36.30 1.90
C PHE F 100 8.67 34.95 1.33
N THR F 101 7.82 34.97 0.32
CA THR F 101 7.21 33.73 -0.18
C THR F 101 7.14 33.77 -1.70
N THR F 102 7.97 32.97 -2.36
CA THR F 102 8.00 32.90 -3.82
C THR F 102 7.00 31.84 -4.26
N LEU F 103 5.81 32.28 -4.66
CA LEU F 103 4.75 31.36 -5.08
C LEU F 103 4.31 31.73 -6.49
N ALA F 104 4.66 30.89 -7.46
CA ALA F 104 4.06 31.02 -8.78
C ALA F 104 2.62 30.52 -8.73
N ALA F 105 1.79 31.06 -9.63
CA ALA F 105 0.34 30.86 -9.50
C ALA F 105 -0.10 29.45 -9.86
N SER F 106 0.70 28.71 -10.61
CA SER F 106 0.32 27.35 -10.98
C SER F 106 0.50 26.34 -9.86
N GLU F 107 1.11 26.75 -8.75
CA GLU F 107 1.22 25.90 -7.58
C GLU F 107 -0.12 25.70 -6.88
N ILE F 108 -1.08 26.61 -7.10
CA ILE F 108 -2.33 26.61 -6.37
C ILE F 108 -3.27 25.51 -6.86
N PHE F 109 -3.23 25.20 -8.16
CA PHE F 109 -4.17 24.24 -8.75
C PHE F 109 -3.76 22.83 -8.35
N SER F 110 -4.21 22.42 -7.16
CA SER F 110 -3.86 21.13 -6.61
C SER F 110 -5.01 20.14 -6.75
N LEU F 111 -4.73 18.88 -6.40
CA LEU F 111 -5.70 17.80 -6.44
C LEU F 111 -5.97 17.20 -5.07
N GLU F 112 -5.45 17.77 -4.01
CA GLU F 112 -5.73 17.30 -2.67
C GLU F 112 -6.42 18.34 -1.80
N MET F 113 -6.16 19.62 -2.05
CA MET F 113 -6.84 20.72 -1.39
C MET F 113 -7.32 21.69 -2.46
N SER F 114 -8.40 22.42 -2.15
CA SER F 114 -9.02 23.27 -3.14
C SER F 114 -8.19 24.53 -3.36
N LYS F 115 -8.66 25.38 -4.28
CA LYS F 115 -7.91 26.59 -4.65
C LYS F 115 -7.97 27.63 -3.54
N THR F 116 -9.12 27.70 -2.85
CA THR F 116 -9.30 28.68 -1.78
C THR F 116 -8.39 28.39 -0.60
N GLU F 117 -8.29 27.14 -0.18
CA GLU F 117 -7.49 26.83 0.99
C GLU F 117 -6.00 26.85 0.65
N ALA F 118 -5.63 26.38 -0.54
CA ALA F 118 -4.24 26.42 -0.96
C ALA F 118 -3.78 27.83 -1.30
N LEU F 119 -4.70 28.79 -1.45
CA LEU F 119 -4.33 30.19 -1.53
C LEU F 119 -4.45 30.90 -0.19
N THR F 120 -5.23 30.38 0.75
CA THR F 120 -5.22 30.88 2.12
C THR F 120 -3.89 30.57 2.79
N GLN F 121 -3.37 29.37 2.55
CA GLN F 121 -2.07 28.98 3.10
C GLN F 121 -0.93 29.83 2.55
N ALA F 122 -1.09 30.45 1.38
CA ALA F 122 -0.10 31.41 0.93
C ALA F 122 -0.11 32.68 1.77
N PHE F 123 -1.28 33.06 2.31
CA PHE F 123 -1.30 34.20 3.22
C PHE F 123 -0.87 33.83 4.61
N ARG F 124 -1.10 32.60 5.04
CA ARG F 124 -0.74 32.22 6.40
C ARG F 124 0.76 31.96 6.57
N LYS F 125 1.51 31.82 5.47
CA LYS F 125 2.95 31.61 5.59
C LYS F 125 3.71 32.90 5.77
N SER F 126 3.19 34.01 5.24
CA SER F 126 3.95 35.25 5.19
C SER F 126 3.69 36.16 6.38
N ILE F 127 3.34 35.60 7.55
CA ILE F 127 3.22 36.36 8.78
C ILE F 127 3.94 35.58 9.88
N GLY F 128 5.01 36.15 10.41
CA GLY F 128 5.78 35.47 11.41
C GLY F 128 5.37 35.84 12.83
N VAL F 129 5.56 34.87 13.73
CA VAL F 129 5.46 35.07 15.16
C VAL F 129 6.86 34.93 15.73
N ARG F 130 7.33 35.96 16.43
CA ARG F 130 8.68 36.04 16.92
C ARG F 130 8.67 36.01 18.45
N ILE F 131 9.43 35.08 19.02
CA ILE F 131 9.42 34.83 20.46
C ILE F 131 10.83 34.49 20.92
N LYS F 132 11.28 35.14 21.99
CA LYS F 132 12.64 34.99 22.50
C LYS F 132 12.62 34.26 23.83
N GLU F 133 13.51 33.30 24.00
CA GLU F 133 13.44 32.45 25.19
C GLU F 133 14.83 31.96 25.59
N GLU F 134 14.86 31.17 26.66
CA GLU F 134 16.09 30.64 27.24
C GLU F 134 16.04 29.12 27.23
N SER F 135 16.99 28.50 26.53
CA SER F 135 17.01 27.04 26.38
C SER F 135 17.97 26.44 27.41
N GLU F 136 17.42 25.70 28.37
CA GLU F 136 18.21 25.12 29.46
C GLU F 136 18.56 23.67 29.16
N ILE F 137 19.53 23.47 28.27
CA ILE F 137 19.83 22.12 27.80
C ILE F 137 21.12 21.62 28.45
N MET F 138 21.31 20.31 28.39
CA MET F 138 22.50 19.67 28.96
C MET F 138 23.01 18.63 27.96
N GLU F 139 24.12 18.94 27.32
CA GLU F 139 24.87 17.97 26.54
C GLU F 139 25.70 17.10 27.46
N GLY F 140 26.10 15.93 26.99
CA GLY F 140 27.12 15.20 27.72
C GLY F 140 27.35 13.77 27.33
N GLU F 141 28.59 13.29 27.47
CA GLU F 141 28.91 11.90 27.18
C GLU F 141 28.80 11.07 28.45
N VAL F 142 28.07 9.95 28.35
CA VAL F 142 27.90 9.06 29.49
C VAL F 142 29.19 8.31 29.75
N VAL F 143 29.61 8.25 31.01
CA VAL F 143 30.78 7.49 31.42
C VAL F 143 30.39 6.18 32.08
N GLU F 144 29.64 6.25 33.19
CA GLU F 144 29.25 5.06 33.94
C GLU F 144 27.83 5.22 34.46
N ILE F 145 26.95 4.30 34.08
CA ILE F 145 25.62 4.21 34.66
C ILE F 145 25.72 3.45 35.97
N GLN F 146 25.33 4.09 37.07
CA GLN F 146 25.40 3.48 38.39
C GLN F 146 23.99 3.45 38.98
N ILE F 147 23.37 2.27 38.97
CA ILE F 147 22.02 2.07 39.47
C ILE F 147 22.12 1.29 40.78
N ASP F 148 21.51 1.85 41.83
CA ASP F 148 21.55 1.25 43.16
C ASP F 148 20.29 0.41 43.34
N ARG F 149 20.43 -0.91 43.15
CA ARG F 149 19.33 -1.84 43.35
C ARG F 149 19.15 -2.03 44.85
N SER F 150 18.34 -1.16 45.44
CA SER F 150 18.10 -1.19 46.88
C SER F 150 17.05 -2.22 47.25
N LYS F 156 14.23 4.09 45.41
CA LYS F 156 14.99 3.90 44.19
C LYS F 156 15.85 5.14 43.93
N GLN F 157 17.08 4.93 43.50
CA GLN F 157 18.03 6.03 43.30
C GLN F 157 19.06 5.61 42.27
N GLY F 158 19.88 6.56 41.85
CA GLY F 158 20.96 6.27 40.92
C GLY F 158 21.85 7.48 40.75
N LYS F 159 22.97 7.25 40.08
CA LYS F 159 23.92 8.32 39.79
C LYS F 159 24.37 8.24 38.35
N LEU F 160 24.41 9.39 37.67
CA LEU F 160 24.85 9.49 36.29
C LEU F 160 26.12 10.31 36.23
N THR F 161 27.16 9.75 35.61
CA THR F 161 28.43 10.43 35.41
C THR F 161 28.53 10.86 33.96
N ILE F 162 28.60 12.17 33.72
CA ILE F 162 28.72 12.68 32.36
C ILE F 162 29.94 13.57 32.25
N LYS F 163 30.55 13.57 31.08
CA LYS F 163 31.74 14.36 30.84
C LYS F 163 31.63 15.12 29.53
N THR F 164 32.47 16.14 29.41
CA THR F 164 32.73 16.85 28.17
C THR F 164 34.23 16.88 27.93
N THR F 165 34.68 17.70 26.99
CA THR F 165 36.11 17.88 26.78
C THR F 165 36.79 18.66 27.89
N ASP F 166 36.03 19.33 28.76
CA ASP F 166 36.61 20.12 29.84
C ASP F 166 36.21 19.62 31.22
N MET F 167 34.92 19.34 31.44
CA MET F 167 34.40 19.06 32.77
C MET F 167 33.99 17.60 32.88
N GLU F 168 33.59 17.21 34.09
CA GLU F 168 33.04 15.91 34.39
C GLU F 168 32.26 16.02 35.69
N ALA F 169 31.05 15.50 35.72
CA ALA F 169 30.20 15.66 36.89
C ALA F 169 29.37 14.41 37.15
N ILE F 170 28.87 14.33 38.38
CA ILE F 170 28.05 13.23 38.86
C ILE F 170 26.74 13.83 39.34
N TYR F 171 25.64 13.49 38.69
CA TYR F 171 24.33 14.00 39.06
C TYR F 171 23.45 12.89 39.59
N ASP F 172 22.64 13.22 40.58
CA ASP F 172 21.74 12.25 41.20
C ASP F 172 20.54 12.01 40.32
N MET F 173 19.91 10.86 40.51
CA MET F 173 18.63 10.51 39.90
C MET F 173 17.77 9.79 40.93
N GLY F 174 16.47 10.06 40.88
CA GLY F 174 15.52 9.46 41.80
C GLY F 174 14.87 8.20 41.26
N SER F 175 13.61 8.30 40.81
CA SER F 175 12.82 7.12 40.44
C SER F 175 12.76 6.87 38.94
N LYS F 176 12.27 7.83 38.15
CA LYS F 176 11.68 7.51 36.85
C LYS F 176 12.59 7.72 35.64
N MET F 177 13.60 8.58 35.72
CA MET F 177 14.46 8.69 34.54
C MET F 177 15.45 7.54 34.46
N ILE F 178 15.60 6.75 35.53
CA ILE F 178 16.21 5.43 35.40
C ILE F 178 15.40 4.57 34.46
N ASP F 179 14.07 4.64 34.57
CA ASP F 179 13.21 3.93 33.62
C ASP F 179 13.27 4.56 32.23
N ALA F 180 13.50 5.88 32.15
CA ALA F 180 13.69 6.49 30.84
C ALA F 180 15.00 6.05 30.19
N MET F 181 16.06 5.87 31.00
CA MET F 181 17.30 5.28 30.51
C MET F 181 17.09 3.85 30.05
N THR F 182 16.26 3.10 30.77
CA THR F 182 15.96 1.72 30.39
C THR F 182 15.20 1.66 29.07
N LYS F 183 14.21 2.53 28.89
CA LYS F 183 13.48 2.58 27.63
C LYS F 183 14.32 3.14 26.49
N GLU F 184 15.34 3.94 26.78
CA GLU F 184 16.21 4.46 25.72
C GLU F 184 17.41 3.57 25.44
N ARG F 185 17.74 2.66 26.37
CA ARG F 185 18.88 1.73 26.26
C ARG F 185 20.20 2.48 26.08
N VAL F 186 20.55 3.27 27.09
CA VAL F 186 21.75 4.09 27.05
C VAL F 186 22.94 3.28 27.58
N MET F 187 23.93 3.09 26.74
CA MET F 187 25.17 2.40 27.11
C MET F 187 26.25 3.42 27.44
N ALA F 188 27.36 2.91 27.97
CA ALA F 188 28.49 3.77 28.30
C ALA F 188 29.22 4.16 27.03
N GLY F 189 29.20 5.45 26.72
CA GLY F 189 29.80 5.97 25.49
C GLY F 189 28.85 6.77 24.61
N ASP F 190 27.58 6.88 24.97
CA ASP F 190 26.61 7.63 24.20
C ASP F 190 26.80 9.12 24.41
N ILE F 191 26.09 9.92 23.61
CA ILE F 191 26.08 11.37 23.73
C ILE F 191 24.63 11.75 24.03
N ILE F 192 24.30 11.94 25.29
CA ILE F 192 22.92 12.23 25.64
C ILE F 192 22.74 13.73 25.76
N SER F 193 21.50 14.17 25.58
CA SER F 193 21.11 15.55 25.77
C SER F 193 19.78 15.57 26.50
N ILE F 194 19.72 16.35 27.57
CA ILE F 194 18.52 16.46 28.38
C ILE F 194 18.05 17.90 28.36
N ASP F 195 16.81 18.11 27.94
CA ASP F 195 16.14 19.40 28.05
C ASP F 195 15.48 19.42 29.42
N LYS F 196 16.10 20.11 30.38
CA LYS F 196 15.63 20.08 31.76
C LYS F 196 14.31 20.80 31.98
N SER F 197 13.88 21.63 31.03
CA SER F 197 12.55 22.24 31.14
C SER F 197 11.44 21.30 30.72
N SER F 198 11.76 20.18 30.12
CA SER F 198 10.78 19.16 29.75
C SER F 198 11.15 17.78 30.27
N GLY F 199 12.43 17.44 30.31
CA GLY F 199 12.86 16.19 30.90
C GLY F 199 12.69 14.97 30.03
N LYS F 200 13.40 14.90 28.91
CA LYS F 200 13.33 13.73 28.05
C LYS F 200 14.69 13.50 27.40
N ILE F 201 15.16 12.26 27.49
CA ILE F 201 16.49 11.90 27.00
C ILE F 201 16.45 11.78 25.48
N THR F 202 17.36 12.49 24.82
CA THR F 202 17.47 12.46 23.36
C THR F 202 18.87 11.96 23.01
N LYS F 203 18.99 10.67 22.75
CA LYS F 203 20.29 10.06 22.46
C LYS F 203 20.78 10.51 21.09
N LEU F 204 21.90 11.22 21.06
CA LEU F 204 22.41 11.78 19.82
C LEU F 204 23.32 10.84 19.06
N GLY F 205 23.70 9.70 19.64
CA GLY F 205 24.63 8.81 18.98
C GLY F 205 25.77 8.38 19.87
N ARG F 206 26.91 8.03 19.28
CA ARG F 206 28.07 7.58 20.04
C ARG F 206 29.26 8.46 19.68
N SER F 207 30.36 8.26 20.40
CA SER F 207 31.54 9.10 20.24
C SER F 207 32.60 8.40 19.42
N TYR F 208 33.53 9.20 18.87
CA TYR F 208 34.65 8.64 18.12
C TYR F 208 35.66 7.93 19.01
N ALA F 209 35.63 8.18 20.32
CA ALA F 209 36.52 7.48 21.24
C ALA F 209 36.11 6.03 21.48
N ARG F 210 34.93 5.62 21.01
CA ARG F 210 34.49 4.24 21.12
C ARG F 210 34.22 3.61 19.76
N SER F 211 34.72 4.20 18.68
CA SER F 211 34.72 3.53 17.39
C SER F 211 35.77 2.44 17.31
N ARG F 212 36.81 2.54 18.14
CA ARG F 212 37.84 1.51 18.23
C ARG F 212 37.34 0.28 18.99
N ASP F 213 36.25 0.43 19.76
CA ASP F 213 35.77 -0.65 20.62
C ASP F 213 35.12 -1.76 19.80
N TYR F 214 34.02 -1.46 19.12
CA TYR F 214 33.33 -2.48 18.35
C TYR F 214 33.97 -2.62 16.97
N ASP F 215 33.58 -3.67 16.27
CA ASP F 215 34.12 -3.93 14.93
C ASP F 215 33.05 -3.96 13.86
N ALA F 216 31.94 -4.65 14.10
CA ALA F 216 30.81 -4.70 13.17
C ALA F 216 29.69 -3.87 13.76
N MET F 217 29.60 -2.61 13.35
CA MET F 217 28.63 -1.70 13.92
C MET F 217 27.23 -2.04 13.44
N GLY F 218 26.24 -1.47 14.11
CA GLY F 218 24.86 -1.63 13.73
C GLY F 218 24.46 -0.65 12.66
N VAL F 219 23.16 -0.38 12.59
CA VAL F 219 22.65 0.56 11.59
C VAL F 219 22.43 1.93 12.19
N ASP F 220 21.88 1.99 13.40
CA ASP F 220 21.40 3.25 13.98
C ASP F 220 22.51 4.13 14.51
N THR F 221 23.70 3.60 14.73
CA THR F 221 24.76 4.33 15.41
C THR F 221 25.44 5.31 14.46
N LYS F 222 25.40 6.59 14.81
CA LYS F 222 26.18 7.61 14.13
C LYS F 222 27.18 8.20 15.11
N PHE F 223 28.41 8.43 14.63
CA PHE F 223 29.47 8.92 15.49
C PHE F 223 29.52 10.44 15.51
N LEU F 224 29.83 10.99 16.68
CA LEU F 224 29.90 12.42 16.89
C LEU F 224 31.14 12.76 17.71
N GLN F 225 31.55 14.02 17.63
CA GLN F 225 32.58 14.52 18.52
C GLN F 225 32.02 14.67 19.93
N CYS F 226 32.92 14.81 20.89
CA CYS F 226 32.51 15.03 22.27
C CYS F 226 31.92 16.43 22.42
N PRO F 227 30.99 16.62 23.36
CA PRO F 227 30.51 17.97 23.65
C PRO F 227 31.61 18.82 24.26
N GLU F 228 31.54 20.12 24.03
CA GLU F 228 32.59 21.04 24.45
C GLU F 228 32.03 22.13 25.33
N GLY F 229 32.74 22.43 26.42
CA GLY F 229 32.36 23.51 27.30
C GLY F 229 31.61 23.05 28.53
N GLU F 230 30.76 23.92 29.07
CA GLU F 230 30.00 23.62 30.26
C GLU F 230 28.89 22.62 29.94
N LEU F 231 28.53 21.82 30.94
CA LEU F 231 27.39 20.91 30.80
C LEU F 231 26.09 21.69 30.66
N GLN F 232 25.75 22.48 31.67
CA GLN F 232 24.52 23.27 31.67
C GLN F 232 24.66 24.42 30.70
N LYS F 233 24.06 24.30 29.52
CA LYS F 233 24.10 25.38 28.54
C LYS F 233 22.76 26.10 28.56
N ARG F 234 22.80 27.39 28.85
CA ARG F 234 21.64 28.25 28.73
C ARG F 234 21.94 29.38 27.75
N LYS F 235 20.99 29.65 26.88
CA LYS F 235 21.19 30.58 25.77
C LYS F 235 19.85 31.18 25.40
N GLU F 236 19.85 32.49 25.12
CA GLU F 236 18.67 33.19 24.69
C GLU F 236 18.59 33.11 23.17
N VAL F 237 17.57 32.42 22.68
CA VAL F 237 17.40 32.16 21.26
C VAL F 237 16.09 32.81 20.80
N VAL F 238 16.11 33.31 19.57
CA VAL F 238 15.00 34.06 19.00
C VAL F 238 14.34 33.16 17.96
N HIS F 239 13.24 32.53 18.35
CA HIS F 239 12.47 31.71 17.44
C HIS F 239 11.56 32.58 16.59
N THR F 240 11.44 32.22 15.32
CA THR F 240 10.55 32.91 14.38
C THR F 240 9.80 31.85 13.58
N VAL F 241 8.52 31.68 13.86
CA VAL F 241 7.71 30.72 13.13
C VAL F 241 6.75 31.51 12.26
N SER F 242 5.93 30.83 11.48
CA SER F 242 4.86 31.50 10.77
C SER F 242 3.52 31.09 11.35
N LEU F 243 2.45 31.78 10.93
CA LEU F 243 1.12 31.36 11.34
C LEU F 243 0.72 30.05 10.68
N HIS F 244 1.27 29.77 9.51
CA HIS F 244 0.99 28.49 8.84
C HIS F 244 1.57 27.32 9.59
N GLU F 245 2.71 27.52 10.27
CA GLU F 245 3.27 26.49 11.14
C GLU F 245 2.31 26.17 12.28
N ILE F 246 1.75 27.19 12.91
CA ILE F 246 0.82 27.00 14.02
C ILE F 246 -0.48 26.38 13.52
N ASP F 247 -0.87 26.68 12.27
CA ASP F 247 -2.08 26.09 11.72
C ASP F 247 -1.90 24.61 11.42
N VAL F 248 -0.74 24.23 10.89
CA VAL F 248 -0.55 22.84 10.48
C VAL F 248 -0.21 21.95 11.67
N ILE F 249 0.51 22.48 12.67
CA ILE F 249 0.82 21.70 13.88
C ILE F 249 -0.46 21.40 14.65
N ASN F 250 -1.39 22.34 14.69
CA ASN F 250 -2.65 22.13 15.39
C ASN F 250 -3.70 21.43 14.54
N SER F 251 -3.35 20.93 13.36
CA SER F 251 -4.33 20.24 12.52
C SER F 251 -4.71 18.90 13.13
N ARG F 252 -3.74 18.00 13.27
CA ARG F 252 -4.00 16.70 13.87
C ARG F 252 -2.99 16.42 14.98
N THR F 253 -2.94 15.18 15.48
CA THR F 253 -2.24 14.90 16.73
C THR F 253 -0.72 14.95 16.54
N GLN F 254 -0.17 14.04 15.75
CA GLN F 254 1.24 14.10 15.40
C GLN F 254 1.44 14.83 14.08
N GLY F 255 0.84 16.00 13.97
CA GLY F 255 0.74 16.67 12.69
C GLY F 255 1.90 17.53 12.29
N PHE F 256 2.99 17.51 13.06
CA PHE F 256 4.10 18.39 12.77
C PHE F 256 4.88 17.95 11.53
N LEU F 257 4.89 16.66 11.23
CA LEU F 257 5.56 16.17 10.04
C LEU F 257 4.76 16.39 8.76
N ALA F 258 3.54 16.90 8.87
CA ALA F 258 2.72 17.14 7.68
C ALA F 258 3.25 18.32 6.87
N LEU F 259 3.83 19.31 7.51
CA LEU F 259 4.33 20.47 6.79
C LEU F 259 5.64 20.19 6.06
N PHE F 260 6.35 19.15 6.45
CA PHE F 260 7.44 18.65 5.59
C PHE F 260 6.92 17.70 4.54
N SER F 261 5.99 16.80 4.92
CA SER F 261 5.50 15.80 3.98
C SER F 261 4.55 16.39 2.97
N GLY F 262 3.48 17.05 3.43
CA GLY F 262 2.43 17.55 2.57
C GLY F 262 1.11 16.87 2.77
N ASP F 263 1.00 15.96 3.74
CA ASP F 263 -0.22 15.16 3.95
C ASP F 263 -1.19 15.96 4.84
N THR F 264 -1.65 17.08 4.30
CA THR F 264 -2.69 17.87 4.93
C THR F 264 -3.65 18.34 3.85
N GLY F 265 -4.84 18.74 4.27
CA GLY F 265 -5.89 19.11 3.35
C GLY F 265 -6.61 20.35 3.81
N GLU F 266 -7.93 20.29 3.75
CA GLU F 266 -8.80 21.41 4.12
C GLU F 266 -8.83 21.52 5.64
N ILE F 267 -8.00 22.41 6.19
CA ILE F 267 -8.07 22.70 7.61
C ILE F 267 -9.31 23.52 7.89
N ARG F 268 -10.03 23.16 8.95
CA ARG F 268 -11.28 23.82 9.31
C ARG F 268 -11.03 25.27 9.71
N SER F 269 -12.07 26.08 9.59
CA SER F 269 -11.94 27.49 9.93
C SER F 269 -11.93 27.76 11.42
N GLU F 270 -12.51 26.86 12.23
CA GLU F 270 -12.55 27.08 13.66
C GLU F 270 -11.17 26.93 14.31
N ILE F 271 -10.31 26.08 13.75
CA ILE F 271 -8.94 25.96 14.23
C ILE F 271 -8.15 27.23 13.95
N ARG F 272 -8.29 27.76 12.73
CA ARG F 272 -7.62 29.01 12.38
C ARG F 272 -8.18 30.20 13.16
N ASP F 273 -9.47 30.15 13.52
CA ASP F 273 -10.04 31.20 14.35
C ASP F 273 -9.47 31.16 15.77
N GLN F 274 -9.38 29.96 16.35
CA GLN F 274 -8.76 29.82 17.68
C GLN F 274 -7.31 30.24 17.67
N ILE F 275 -6.59 29.95 16.58
CA ILE F 275 -5.18 30.29 16.50
C ILE F 275 -4.98 31.81 16.35
N ASN F 276 -5.83 32.46 15.55
CA ASN F 276 -5.73 33.92 15.46
C ASN F 276 -6.10 34.61 16.77
N THR F 277 -7.08 34.06 17.49
CA THR F 277 -7.44 34.61 18.80
C THR F 277 -6.28 34.46 19.79
N LYS F 278 -5.62 33.31 19.79
CA LYS F 278 -4.50 33.13 20.73
C LYS F 278 -3.27 33.91 20.32
N VAL F 279 -3.08 34.19 19.02
CA VAL F 279 -1.95 35.04 18.62
C VAL F 279 -2.21 36.48 19.03
N ALA F 280 -3.46 36.94 18.93
CA ALA F 280 -3.82 38.25 19.47
C ALA F 280 -3.63 38.30 20.98
N GLU F 281 -3.92 37.20 21.67
CA GLU F 281 -3.75 37.15 23.12
C GLU F 281 -2.26 37.16 23.50
N TRP F 282 -1.41 36.48 22.71
CA TRP F 282 0.02 36.53 22.96
C TRP F 282 0.58 37.91 22.68
N LYS F 283 0.04 38.63 21.69
CA LYS F 283 0.47 39.99 21.44
C LYS F 283 0.04 40.92 22.58
N GLU F 284 -1.10 40.63 23.22
CA GLU F 284 -1.52 41.43 24.37
C GLU F 284 -0.62 41.19 25.58
N GLU F 285 -0.25 39.94 25.84
CA GLU F 285 0.52 39.60 27.03
C GLU F 285 2.03 39.77 26.84
N GLY F 286 2.47 40.29 25.70
CA GLY F 286 3.88 40.57 25.50
C GLY F 286 4.75 39.37 25.25
N LYS F 287 4.17 38.18 25.07
CA LYS F 287 4.99 37.01 24.77
C LYS F 287 5.52 37.06 23.35
N ALA F 288 4.66 37.41 22.39
CA ALA F 288 4.97 37.28 20.98
C ALA F 288 4.97 38.63 20.28
N GLU F 289 5.75 38.72 19.21
CA GLU F 289 5.73 39.88 18.34
C GLU F 289 5.36 39.43 16.93
N ILE F 290 4.35 40.05 16.35
CA ILE F 290 3.91 39.70 15.01
C ILE F 290 4.73 40.48 14.00
N VAL F 291 5.38 39.77 13.07
CA VAL F 291 6.16 40.40 12.01
C VAL F 291 5.47 40.11 10.69
N PRO F 292 4.79 41.08 10.09
CA PRO F 292 4.16 40.84 8.79
C PRO F 292 5.20 40.82 7.68
N GLY F 293 4.93 40.01 6.67
CA GLY F 293 5.89 39.81 5.61
C GLY F 293 5.33 40.08 4.24
N VAL F 294 5.90 39.44 3.22
CA VAL F 294 5.59 39.72 1.83
C VAL F 294 5.19 38.41 1.17
N LEU F 295 4.01 38.40 0.54
CA LEU F 295 3.63 37.31 -0.34
C LEU F 295 3.91 37.73 -1.77
N PHE F 296 4.61 36.88 -2.52
CA PHE F 296 4.95 37.18 -3.90
C PHE F 296 4.25 36.18 -4.82
N ILE F 297 3.21 36.64 -5.50
CA ILE F 297 2.44 35.79 -6.40
C ILE F 297 2.98 36.06 -7.80
N ASP F 298 3.90 35.20 -8.23
CA ASP F 298 4.48 35.36 -9.56
C ASP F 298 3.49 34.89 -10.61
N GLU F 299 3.38 35.67 -11.70
CA GLU F 299 2.54 35.40 -12.86
C GLU F 299 1.07 35.24 -12.44
N VAL F 300 0.52 36.35 -11.93
CA VAL F 300 -0.80 36.32 -11.31
C VAL F 300 -1.92 36.13 -12.33
N HIS F 301 -1.64 36.28 -13.63
CA HIS F 301 -2.63 36.10 -14.67
C HIS F 301 -3.06 34.66 -14.87
N MET F 302 -2.38 33.70 -14.24
CA MET F 302 -2.81 32.30 -14.32
C MET F 302 -3.94 31.99 -13.37
N LEU F 303 -4.20 32.86 -12.39
CA LEU F 303 -5.33 32.65 -11.50
C LEU F 303 -6.63 32.91 -12.24
N ASP F 304 -7.62 32.06 -11.99
CA ASP F 304 -8.95 32.29 -12.54
C ASP F 304 -9.75 33.19 -11.62
N ILE F 305 -10.97 33.54 -12.04
CA ILE F 305 -11.80 34.49 -11.30
C ILE F 305 -12.24 33.91 -9.95
N GLU F 306 -12.28 32.58 -9.85
CA GLU F 306 -12.56 31.86 -8.61
C GLU F 306 -11.46 32.05 -7.57
N CYS F 307 -10.28 32.55 -7.96
CA CYS F 307 -9.25 32.92 -7.00
C CYS F 307 -9.24 34.40 -6.68
N PHE F 308 -9.55 35.27 -7.65
CA PHE F 308 -9.58 36.70 -7.35
C PHE F 308 -10.76 37.06 -6.47
N SER F 309 -11.86 36.29 -6.56
CA SER F 309 -12.98 36.51 -5.67
C SER F 309 -12.65 36.18 -4.22
N TYR F 310 -11.59 35.42 -3.95
CA TYR F 310 -11.12 35.22 -2.59
C TYR F 310 -10.00 36.17 -2.21
N ILE F 311 -9.14 36.57 -3.16
CA ILE F 311 -8.10 37.56 -2.86
C ILE F 311 -8.73 38.89 -2.49
N ASN F 312 -9.86 39.23 -3.10
CA ASN F 312 -10.58 40.47 -2.77
C ASN F 312 -11.16 40.48 -1.36
N ARG F 313 -11.24 39.34 -0.68
CA ARG F 313 -11.67 39.32 0.71
C ARG F 313 -10.51 39.08 1.68
N ALA F 314 -9.50 38.31 1.28
CA ALA F 314 -8.36 38.04 2.16
C ALA F 314 -7.42 39.23 2.30
N LEU F 315 -7.58 40.29 1.50
CA LEU F 315 -6.84 41.53 1.68
C LEU F 315 -7.57 42.51 2.59
N GLU F 316 -8.47 42.03 3.44
CA GLU F 316 -9.23 42.88 4.32
C GLU F 316 -8.91 42.72 5.79
N SER F 317 -8.41 41.57 6.20
CA SER F 317 -8.20 41.29 7.61
C SER F 317 -6.95 42.01 8.12
N ASP F 318 -6.79 42.01 9.45
CA ASP F 318 -5.58 42.57 10.05
C ASP F 318 -4.37 41.71 9.75
N LEU F 319 -4.58 40.40 9.60
CA LEU F 319 -3.49 39.46 9.35
C LEU F 319 -3.45 39.14 7.86
N ALA F 320 -2.92 40.09 7.08
CA ALA F 320 -2.76 39.93 5.65
C ALA F 320 -1.42 40.56 5.24
N PRO F 321 -0.58 39.83 4.51
CA PRO F 321 0.71 40.38 4.10
C PRO F 321 0.58 41.34 2.94
N ILE F 322 1.59 42.19 2.78
CA ILE F 322 1.62 43.17 1.70
C ILE F 322 1.97 42.43 0.42
N VAL F 323 0.96 42.15 -0.40
CA VAL F 323 1.11 41.24 -1.53
C VAL F 323 1.74 41.99 -2.70
N ILE F 324 2.79 41.41 -3.27
CA ILE F 324 3.44 41.93 -4.47
C ILE F 324 3.29 40.88 -5.56
N MET F 325 2.75 41.28 -6.70
CA MET F 325 2.43 40.34 -7.77
C MET F 325 2.98 40.84 -9.10
N ALA F 326 3.28 39.90 -9.99
CA ALA F 326 3.87 40.22 -11.28
C ALA F 326 2.92 39.78 -12.39
N SER F 327 3.11 40.37 -13.57
CA SER F 327 2.25 40.07 -14.71
C SER F 327 2.97 40.43 -16.00
N ASN F 328 2.57 39.77 -17.07
CA ASN F 328 3.14 40.00 -18.39
C ASN F 328 2.14 40.44 -19.43
N ARG F 329 0.91 39.94 -19.37
CA ARG F 329 0.05 39.94 -20.54
C ARG F 329 -0.66 41.26 -20.72
N GLY F 330 -1.02 41.55 -21.97
CA GLY F 330 -1.73 42.77 -22.30
C GLY F 330 -3.22 42.64 -22.08
N VAL F 331 -4.01 43.14 -23.03
CA VAL F 331 -5.45 42.95 -22.97
C VAL F 331 -5.72 41.51 -23.36
N SER F 332 -5.94 40.66 -22.37
CA SER F 332 -6.06 39.22 -22.61
C SER F 332 -7.32 38.70 -21.94
N ARG F 333 -7.64 37.44 -22.21
CA ARG F 333 -8.80 36.84 -21.59
C ARG F 333 -8.48 36.44 -20.16
N ILE F 334 -9.52 36.41 -19.34
CA ILE F 334 -9.40 35.92 -17.97
C ILE F 334 -9.72 34.43 -18.00
N ARG F 335 -8.86 33.63 -17.39
CA ARG F 335 -9.12 32.20 -17.29
C ARG F 335 -10.33 31.96 -16.41
N GLY F 336 -11.12 30.93 -16.75
CA GLY F 336 -12.37 30.66 -16.10
C GLY F 336 -13.57 31.37 -16.71
N THR F 337 -13.36 32.49 -17.39
CA THR F 337 -14.44 33.21 -18.07
C THR F 337 -14.07 33.45 -19.52
N ASP F 338 -14.85 34.27 -20.23
CA ASP F 338 -14.68 34.44 -21.66
C ASP F 338 -14.77 35.89 -22.08
N TYR F 339 -14.17 36.79 -21.31
CA TYR F 339 -14.16 38.20 -21.68
C TYR F 339 -12.78 38.80 -21.44
N LYS F 340 -12.35 39.64 -22.38
CA LYS F 340 -11.03 40.24 -22.28
C LYS F 340 -11.00 41.32 -21.21
N SER F 341 -9.79 41.62 -20.76
CA SER F 341 -9.53 42.56 -19.67
C SER F 341 -8.06 42.96 -19.72
N PRO F 342 -7.72 44.13 -19.19
CA PRO F 342 -6.29 44.48 -19.11
C PRO F 342 -5.56 43.65 -18.08
N HIS F 343 -4.33 43.26 -18.43
CA HIS F 343 -3.38 42.51 -17.59
C HIS F 343 -3.90 41.13 -17.17
N GLY F 344 -4.94 40.62 -17.83
CA GLY F 344 -5.51 39.35 -17.46
C GLY F 344 -6.19 39.32 -16.11
N LEU F 345 -6.58 40.48 -15.58
CA LEU F 345 -7.15 40.57 -14.25
C LEU F 345 -8.54 41.18 -14.33
N PRO F 346 -9.46 40.78 -13.47
CA PRO F 346 -10.78 41.43 -13.46
C PRO F 346 -10.67 42.86 -12.94
N LEU F 347 -11.57 43.71 -13.42
CA LEU F 347 -11.47 45.12 -13.11
C LEU F 347 -11.88 45.45 -11.68
N ASP F 348 -12.71 44.61 -11.04
CA ASP F 348 -12.96 44.82 -9.61
C ASP F 348 -11.75 44.49 -8.76
N PHE F 349 -10.81 43.74 -9.30
CA PHE F 349 -9.52 43.53 -8.65
C PHE F 349 -8.52 44.61 -9.02
N LEU F 350 -8.55 45.12 -10.25
CA LEU F 350 -7.65 46.21 -10.61
C LEU F 350 -8.07 47.55 -10.04
N ASP F 351 -9.29 47.68 -9.53
CA ASP F 351 -9.62 48.88 -8.76
C ASP F 351 -8.98 48.88 -7.39
N ARG F 352 -8.41 47.76 -6.96
CA ARG F 352 -7.89 47.59 -5.60
C ARG F 352 -6.38 47.67 -5.51
N VAL F 353 -5.67 47.37 -6.59
CA VAL F 353 -4.22 47.26 -6.56
C VAL F 353 -3.60 48.57 -7.02
N VAL F 354 -2.30 48.71 -6.81
CA VAL F 354 -1.51 49.79 -7.40
C VAL F 354 -0.48 49.17 -8.33
N ILE F 355 -0.19 49.88 -9.42
CA ILE F 355 0.54 49.30 -10.55
C ILE F 355 1.82 50.09 -10.78
N ILE F 356 2.95 49.38 -10.82
CA ILE F 356 4.25 49.96 -11.12
C ILE F 356 4.65 49.47 -12.50
N ASN F 357 4.57 50.33 -13.50
CA ASN F 357 4.98 49.93 -14.84
C ASN F 357 6.49 49.96 -14.99
N THR F 358 6.99 49.09 -15.85
CA THR F 358 8.39 49.03 -16.21
C THR F 358 8.55 49.49 -17.66
N HIS F 359 9.80 49.55 -18.11
CA HIS F 359 10.11 50.02 -19.45
C HIS F 359 11.25 49.20 -20.02
N PRO F 360 11.33 49.07 -21.35
CA PRO F 360 12.48 48.39 -21.95
C PRO F 360 13.76 49.21 -21.81
N TYR F 361 14.87 48.57 -22.16
CA TYR F 361 16.20 49.06 -21.84
C TYR F 361 16.86 49.72 -23.04
N THR F 362 17.55 50.82 -22.77
CA THR F 362 18.42 51.45 -23.76
C THR F 362 19.68 50.59 -23.94
N PRO F 363 20.39 50.74 -25.08
CA PRO F 363 21.63 49.97 -25.26
C PRO F 363 22.73 50.31 -24.27
N ASP F 364 22.74 51.53 -23.74
CA ASP F 364 23.71 51.91 -22.71
C ASP F 364 23.49 51.11 -21.43
N GLU F 365 22.24 50.71 -21.16
CA GLU F 365 21.98 49.82 -20.05
C GLU F 365 22.23 48.36 -20.42
N LEU F 366 21.98 48.00 -21.68
CA LEU F 366 22.20 46.62 -22.13
C LEU F 366 23.66 46.23 -22.05
N ARG F 367 24.56 47.17 -22.38
CA ARG F 367 25.99 46.88 -22.35
C ARG F 367 26.48 46.57 -20.94
N GLN F 368 26.06 47.37 -19.96
CA GLN F 368 26.53 47.10 -18.61
C GLN F 368 25.75 45.99 -17.91
N ILE F 369 24.52 45.67 -18.34
CA ILE F 369 23.89 44.45 -17.83
C ILE F 369 24.61 43.21 -18.35
N LEU F 370 25.04 43.22 -19.61
CA LEU F 370 25.86 42.12 -20.10
C LEU F 370 27.23 42.10 -19.45
N SER F 371 27.76 43.26 -19.05
CA SER F 371 29.03 43.27 -18.32
C SER F 371 28.88 42.67 -16.93
N ILE F 372 27.75 42.93 -16.25
CA ILE F 372 27.51 42.33 -14.95
C ILE F 372 27.28 40.83 -15.07
N ARG F 373 26.56 40.39 -16.11
CA ARG F 373 26.42 38.96 -16.35
C ARG F 373 27.73 38.31 -16.77
N ALA F 374 28.66 39.07 -17.35
CA ALA F 374 29.98 38.54 -17.63
C ALA F 374 30.78 38.35 -16.35
N GLN F 375 30.85 39.39 -15.52
CA GLN F 375 31.64 39.31 -14.29
C GLN F 375 31.02 38.42 -13.23
N GLU F 376 29.74 38.08 -13.34
CA GLU F 376 29.17 37.08 -12.45
C GLU F 376 29.63 35.67 -12.82
N GLU F 377 29.67 35.37 -14.12
CA GLU F 377 30.05 34.07 -14.61
C GLU F 377 31.55 33.93 -14.84
N GLU F 378 32.34 34.89 -14.33
CA GLU F 378 33.81 35.03 -14.48
C GLU F 378 34.29 34.73 -15.91
N VAL F 379 33.64 35.36 -16.88
CA VAL F 379 33.96 35.24 -18.29
C VAL F 379 34.48 36.58 -18.78
N ASP F 380 35.68 36.58 -19.35
CA ASP F 380 36.30 37.81 -19.82
C ASP F 380 35.91 38.07 -21.28
N LEU F 381 35.60 39.33 -21.58
CA LEU F 381 35.13 39.73 -22.90
C LEU F 381 35.98 40.87 -23.44
N THR F 382 36.39 40.75 -24.70
CA THR F 382 36.98 41.87 -25.40
C THR F 382 35.91 42.92 -25.68
N PRO F 383 36.28 44.20 -25.81
CA PRO F 383 35.26 45.25 -26.03
C PRO F 383 34.51 45.13 -27.36
N ASP F 384 35.15 44.60 -28.40
CA ASP F 384 34.46 44.40 -29.67
C ASP F 384 33.39 43.33 -29.54
N ALA F 385 33.69 42.25 -28.79
CA ALA F 385 32.69 41.23 -28.51
C ALA F 385 31.55 41.78 -27.67
N LEU F 386 31.84 42.70 -26.76
CA LEU F 386 30.79 43.29 -25.94
C LEU F 386 29.89 44.21 -26.76
N ALA F 387 30.46 44.94 -27.72
CA ALA F 387 29.64 45.78 -28.60
C ALA F 387 28.79 44.94 -29.54
N LEU F 388 29.36 43.85 -30.08
CA LEU F 388 28.60 42.93 -30.91
C LEU F 388 27.49 42.27 -30.12
N LEU F 389 27.76 41.90 -28.87
CA LEU F 389 26.75 41.27 -28.04
C LEU F 389 25.67 42.27 -27.61
N THR F 390 26.04 43.55 -27.51
CA THR F 390 25.04 44.60 -27.28
C THR F 390 24.11 44.74 -28.47
N LYS F 391 24.66 44.67 -29.69
CA LYS F 391 23.81 44.76 -30.88
C LYS F 391 22.90 43.53 -31.01
N ILE F 392 23.42 42.34 -30.65
CA ILE F 392 22.58 41.15 -30.66
C ILE F 392 21.49 41.24 -29.61
N GLY F 393 21.80 41.81 -28.44
CA GLY F 393 20.79 41.99 -27.41
C GLY F 393 19.75 43.03 -27.76
N GLN F 394 20.13 44.05 -28.53
CA GLN F 394 19.15 45.02 -28.98
C GLN F 394 18.27 44.44 -30.07
N GLU F 395 18.80 43.55 -30.90
CA GLU F 395 18.01 42.96 -31.98
C GLU F 395 17.23 41.71 -31.56
N ALA F 396 17.53 41.11 -30.41
CA ALA F 396 16.86 39.86 -30.07
C ALA F 396 16.29 39.82 -28.64
N GLY F 397 16.90 40.57 -27.73
CA GLY F 397 16.43 40.63 -26.35
C GLY F 397 17.53 40.35 -25.36
N LEU F 398 17.16 40.38 -24.08
CA LEU F 398 18.12 40.08 -23.02
C LEU F 398 18.36 38.60 -22.84
N ARG F 399 17.30 37.79 -22.87
CA ARG F 399 17.43 36.37 -22.54
C ARG F 399 18.21 35.60 -23.59
N TYR F 400 18.32 36.11 -24.81
CA TYR F 400 19.19 35.48 -25.79
C TYR F 400 20.61 36.01 -25.74
N ALA F 401 20.79 37.29 -25.42
CA ALA F 401 22.15 37.83 -25.33
C ALA F 401 22.86 37.32 -24.09
N SER F 402 22.14 37.15 -22.99
CA SER F 402 22.74 36.59 -21.79
C SER F 402 23.05 35.10 -21.93
N ASN F 403 22.39 34.41 -22.85
CA ASN F 403 22.68 33.01 -23.13
C ASN F 403 23.79 32.83 -24.15
N LEU F 404 24.42 33.91 -24.62
CA LEU F 404 25.55 33.78 -25.52
C LEU F 404 26.89 34.00 -24.83
N ILE F 405 26.90 34.47 -23.59
CA ILE F 405 28.16 34.62 -22.87
C ILE F 405 28.73 33.24 -22.52
N THR F 406 27.86 32.35 -22.02
CA THR F 406 28.28 31.00 -21.64
C THR F 406 28.73 30.21 -22.86
N THR F 407 27.99 30.32 -23.96
CA THR F 407 28.32 29.57 -25.16
C THR F 407 29.61 30.07 -25.79
N SER F 408 29.83 31.39 -25.80
CA SER F 408 31.07 31.92 -26.35
C SER F 408 32.27 31.58 -25.48
N GLN F 409 32.09 31.58 -24.15
CA GLN F 409 33.15 31.12 -23.26
C GLN F 409 33.49 29.66 -23.50
N LEU F 410 32.47 28.84 -23.73
CA LEU F 410 32.71 27.41 -23.91
C LEU F 410 33.36 27.11 -25.27
N ILE F 411 32.95 27.83 -26.32
CA ILE F 411 33.58 27.67 -27.62
C ILE F 411 35.01 28.20 -27.60
N ALA F 412 35.28 29.26 -26.82
CA ALA F 412 36.66 29.68 -26.61
C ALA F 412 37.45 28.65 -25.82
N ALA F 413 36.79 27.90 -24.94
CA ALA F 413 37.47 26.86 -24.19
C ALA F 413 37.78 25.66 -25.06
N LYS F 414 36.98 25.41 -26.11
CA LYS F 414 37.26 24.29 -26.99
C LYS F 414 38.47 24.56 -27.89
N ARG F 415 38.63 25.80 -28.35
CA ARG F 415 39.79 26.13 -29.18
C ARG F 415 40.95 26.72 -28.36
N ARG F 416 40.84 26.67 -27.03
CA ARG F 416 41.90 27.06 -26.08
C ARG F 416 42.32 28.52 -26.26
N ALA F 417 41.37 29.41 -25.99
CA ALA F 417 41.62 30.85 -25.96
C ALA F 417 41.13 31.42 -24.64
N LYS F 418 41.87 32.38 -24.10
CA LYS F 418 41.51 32.96 -22.80
C LYS F 418 40.34 33.93 -22.94
N GLN F 419 40.52 34.98 -23.72
CA GLN F 419 39.48 35.98 -23.95
C GLN F 419 38.60 35.55 -25.11
N VAL F 420 37.29 35.68 -24.95
CA VAL F 420 36.39 35.45 -26.07
C VAL F 420 36.50 36.61 -27.05
N GLY F 421 36.10 36.35 -28.29
CA GLY F 421 36.25 37.36 -29.31
C GLY F 421 35.03 37.51 -30.18
N VAL F 422 35.19 38.23 -31.30
CA VAL F 422 34.10 38.38 -32.26
C VAL F 422 33.79 37.04 -32.92
N GLU F 423 34.81 36.21 -33.12
CA GLU F 423 34.64 34.93 -33.81
C GLU F 423 33.79 33.96 -32.99
N ASP F 424 34.01 33.92 -31.67
CA ASP F 424 33.25 33.00 -30.83
C ASP F 424 31.80 33.46 -30.67
N VAL F 425 31.56 34.76 -30.61
CA VAL F 425 30.20 35.25 -30.48
C VAL F 425 29.44 35.06 -31.80
N GLN F 426 30.12 35.25 -32.94
CA GLN F 426 29.47 34.97 -34.22
C GLN F 426 29.24 33.49 -34.43
N ARG F 427 30.12 32.63 -33.90
CA ARG F 427 29.89 31.19 -33.92
C ARG F 427 28.69 30.81 -33.08
N SER F 428 28.56 31.41 -31.89
CA SER F 428 27.43 31.13 -31.02
C SER F 428 26.13 31.66 -31.60
N PHE F 429 26.19 32.77 -32.35
CA PHE F 429 25.01 33.28 -33.02
C PHE F 429 24.65 32.42 -34.22
N LYS F 430 25.65 31.81 -34.87
CA LYS F 430 25.39 30.96 -36.01
C LYS F 430 24.77 29.64 -35.60
N LEU F 431 25.22 29.06 -34.47
CA LEU F 431 24.71 27.75 -34.06
C LEU F 431 23.30 27.87 -33.49
N PHE F 432 23.14 28.62 -32.42
CA PHE F 432 21.87 28.70 -31.72
C PHE F 432 21.03 29.84 -32.27
N TYR F 433 19.72 29.63 -32.34
CA TYR F 433 18.80 30.59 -32.92
C TYR F 433 18.09 31.40 -31.85
N ASP F 434 18.03 32.71 -32.06
CA ASP F 434 17.18 33.59 -31.29
C ASP F 434 15.71 33.33 -31.63
N PRO F 435 14.78 33.69 -30.73
CA PRO F 435 13.35 33.50 -31.04
C PRO F 435 12.81 34.38 -32.15
N ALA F 436 13.54 35.39 -32.61
CA ALA F 436 13.07 36.19 -33.73
C ALA F 436 13.21 35.45 -35.05
N ARG F 437 14.25 34.64 -35.21
CA ARG F 437 14.45 33.88 -36.44
C ARG F 437 13.77 32.52 -36.43
N SER F 438 13.42 32.00 -35.24
CA SER F 438 12.71 30.72 -35.18
C SER F 438 11.31 30.83 -35.75
N VAL F 439 10.68 32.01 -35.62
CA VAL F 439 9.35 32.20 -36.20
C VAL F 439 9.44 32.21 -37.72
N ARG F 440 10.47 32.83 -38.28
CA ARG F 440 10.67 32.79 -39.73
C ARG F 440 11.09 31.41 -40.20
N PHE F 441 11.74 30.63 -39.34
CA PHE F 441 12.03 29.24 -39.68
C PHE F 441 10.77 28.39 -39.69
N VAL F 442 9.84 28.65 -38.78
CA VAL F 442 8.59 27.92 -38.77
C VAL F 442 7.73 28.29 -39.96
N GLN F 443 7.55 29.60 -40.19
CA GLN F 443 6.74 30.06 -41.31
C GLN F 443 7.40 29.85 -42.67
N GLU F 444 8.71 29.58 -42.70
CA GLU F 444 9.36 29.26 -43.96
C GLU F 444 9.04 27.84 -44.42
N SER F 445 8.95 26.91 -43.47
CA SER F 445 8.68 25.51 -43.75
C SER F 445 7.45 25.09 -42.96
N GLU F 446 6.27 25.31 -43.54
CA GLU F 446 5.02 24.94 -42.88
C GLU F 446 4.54 23.55 -43.22
N LYS F 447 4.99 22.99 -44.35
CA LYS F 447 4.44 21.73 -44.84
C LYS F 447 4.97 20.53 -44.09
N ARG F 448 6.00 20.67 -43.27
CA ARG F 448 6.54 19.56 -42.51
C ARG F 448 6.27 19.64 -41.01
N LEU F 449 6.25 20.84 -40.45
CA LEU F 449 5.86 21.00 -39.06
C LEU F 449 4.36 20.74 -38.93
N ILE F 450 3.96 20.05 -37.88
CA ILE F 450 2.55 19.69 -37.70
C ILE F 450 1.79 20.94 -37.30
N GLY F 451 1.17 21.61 -38.26
CA GLY F 451 0.48 22.86 -37.93
C GLY F 451 -0.78 22.65 -37.15
N ASN F 452 -1.84 22.17 -37.81
CA ASN F 452 -2.99 21.61 -37.10
C ASN F 452 -3.55 20.35 -37.75
N ASP F 453 -3.35 20.12 -39.04
CA ASP F 453 -3.99 18.99 -39.71
C ASP F 453 -3.01 18.03 -40.36
N GLY F 454 -2.15 18.50 -41.26
CA GLY F 454 -1.49 17.61 -42.20
C GLY F 454 0.00 17.83 -42.29
N VAL F 455 0.71 16.72 -42.55
CA VAL F 455 2.16 16.69 -42.70
C VAL F 455 2.46 16.07 -44.06
N VAL F 456 3.47 16.60 -44.75
CA VAL F 456 3.84 16.07 -46.06
C VAL F 456 4.79 14.88 -45.93
N ASP F 457 5.81 15.00 -45.06
CA ASP F 457 6.86 14.00 -44.84
C ASP F 457 7.67 13.71 -46.10
N PHE F 458 7.72 14.67 -47.02
CA PHE F 458 8.55 14.67 -48.24
C PHE F 458 8.33 13.45 -49.13
N ASP G 529 -30.43 -25.74 12.55
CA ASP G 529 -29.65 -25.80 11.32
C ASP G 529 -28.64 -24.66 11.29
N THR G 530 -27.39 -24.97 11.60
CA THR G 530 -26.33 -23.98 11.55
C THR G 530 -25.86 -23.79 10.11
N SER G 531 -25.11 -22.71 9.89
CA SER G 531 -24.66 -22.36 8.55
C SER G 531 -23.44 -21.46 8.65
N SER G 532 -22.84 -21.19 7.50
CA SER G 532 -21.67 -20.32 7.37
C SER G 532 -21.55 -19.95 5.89
N PRO G 533 -20.84 -18.87 5.57
CA PRO G 533 -20.59 -18.56 4.17
C PRO G 533 -19.64 -19.55 3.53
N PHE G 534 -19.67 -19.58 2.21
CA PHE G 534 -18.80 -20.43 1.42
C PHE G 534 -17.34 -20.03 1.63
N PHE G 535 -16.46 -21.03 1.57
CA PHE G 535 -15.04 -20.84 1.80
C PHE G 535 -14.26 -21.27 0.56
N CYS G 536 -13.43 -20.37 0.05
CA CYS G 536 -12.77 -20.55 -1.22
C CYS G 536 -11.40 -21.23 -1.10
N GLY G 537 -10.82 -21.27 0.10
CA GLY G 537 -9.46 -21.72 0.27
C GLY G 537 -9.29 -23.22 0.41
N HIS G 538 -8.05 -23.62 0.64
CA HIS G 538 -7.66 -25.03 0.69
C HIS G 538 -7.21 -25.39 2.10
N PHE G 539 -8.07 -26.05 2.83
CA PHE G 539 -7.79 -26.52 4.18
C PHE G 539 -7.26 -27.95 4.11
N ALA G 540 -7.17 -28.62 5.25
CA ALA G 540 -6.70 -30.00 5.33
C ALA G 540 -7.81 -30.87 5.90
N GLU G 541 -8.30 -31.81 5.09
CA GLU G 541 -9.38 -32.66 5.55
C GLU G 541 -8.87 -33.71 6.52
N THR G 542 -9.65 -33.98 7.55
CA THR G 542 -9.33 -35.04 8.49
C THR G 542 -9.63 -36.39 7.87
N GLY G 543 -8.71 -37.33 8.03
CA GLY G 543 -8.85 -38.65 7.45
C GLY G 543 -9.99 -39.48 8.02
N SER G 544 -9.92 -39.81 9.31
CA SER G 544 -10.94 -40.65 9.91
C SER G 544 -11.19 -40.18 11.34
N PHE G 545 -12.29 -40.68 11.92
CA PHE G 545 -12.64 -40.35 13.29
C PHE G 545 -12.01 -41.29 14.31
N LEU G 546 -11.68 -42.52 13.89
CA LEU G 546 -11.25 -43.57 14.80
C LEU G 546 -9.74 -43.64 14.95
N ARG G 547 -9.02 -42.59 14.57
CA ARG G 547 -7.57 -42.59 14.62
C ARG G 547 -7.04 -41.59 15.63
N GLU G 548 -7.43 -40.33 15.52
CA GLU G 548 -6.99 -39.29 16.44
C GLU G 548 -8.00 -39.21 17.57
N GLY G 549 -7.77 -40.04 18.60
CA GLY G 549 -8.76 -40.28 19.63
C GLY G 549 -9.02 -39.12 20.58
N THR G 550 -8.04 -38.82 21.43
CA THR G 550 -8.26 -37.83 22.48
C THR G 550 -7.34 -36.63 22.37
N ASN G 551 -6.03 -36.83 22.32
CA ASN G 551 -5.07 -35.74 22.38
C ASN G 551 -4.65 -35.42 20.94
N VAL G 552 -5.34 -34.47 20.33
CA VAL G 552 -5.09 -34.07 18.96
C VAL G 552 -4.67 -32.60 18.98
N ALA G 553 -4.06 -32.15 17.87
CA ALA G 553 -3.59 -30.77 17.75
C ALA G 553 -4.11 -30.18 16.45
N LEU G 554 -4.89 -29.11 16.56
CA LEU G 554 -5.34 -28.40 15.36
C LEU G 554 -4.21 -27.61 14.73
N GLY G 555 -4.18 -27.62 13.41
CA GLY G 555 -3.17 -26.89 12.66
C GLY G 555 -3.84 -25.86 11.76
N TYR G 556 -3.28 -24.66 11.72
CA TYR G 556 -3.80 -23.60 10.86
C TYR G 556 -3.37 -23.91 9.43
N SER G 557 -4.21 -24.66 8.71
CA SER G 557 -3.90 -25.13 7.38
C SER G 557 -4.57 -24.32 6.28
N THR G 558 -5.10 -23.15 6.61
CA THR G 558 -5.84 -22.36 5.65
C THR G 558 -4.90 -21.74 4.63
N ARG G 559 -5.02 -22.15 3.38
CA ARG G 559 -4.26 -21.57 2.28
C ARG G 559 -5.21 -21.27 1.12
N SER G 560 -4.80 -20.34 0.28
CA SER G 560 -5.59 -19.93 -0.87
C SER G 560 -5.38 -20.87 -2.05
N LEU G 561 -6.47 -21.24 -2.71
CA LEU G 561 -6.35 -21.98 -3.97
C LEU G 561 -5.75 -21.12 -5.06
N VAL G 562 -5.97 -19.81 -5.01
CA VAL G 562 -5.22 -18.90 -5.86
C VAL G 562 -3.79 -18.84 -5.36
N GLU G 563 -2.85 -19.22 -6.20
CA GLU G 563 -1.44 -19.17 -5.85
C GLU G 563 -0.72 -18.23 -6.80
N TYR G 564 0.54 -17.96 -6.49
CA TYR G 564 1.36 -17.09 -7.32
C TYR G 564 2.80 -17.58 -7.19
N ARG G 565 3.30 -18.22 -8.24
CA ARG G 565 4.54 -18.98 -8.16
C ARG G 565 5.70 -18.10 -8.61
N LEU G 566 6.51 -17.74 -7.69
CA LEU G 566 7.72 -16.98 -7.94
C LEU G 566 8.94 -17.86 -7.77
N PRO G 567 10.02 -17.57 -8.47
CA PRO G 567 11.27 -18.30 -8.27
C PRO G 567 11.96 -17.85 -6.98
N ARG G 568 13.07 -18.50 -6.68
CA ARG G 568 13.87 -18.09 -5.53
C ARG G 568 14.93 -17.07 -5.90
N LEU G 569 14.96 -16.60 -7.14
CA LEU G 569 15.85 -15.51 -7.50
C LEU G 569 15.21 -14.14 -7.28
N ILE G 570 13.92 -14.02 -7.60
CA ILE G 570 13.23 -12.74 -7.45
C ILE G 570 12.70 -12.57 -6.05
N TRP G 571 12.03 -13.58 -5.50
CA TRP G 571 11.42 -13.41 -4.18
C TRP G 571 12.44 -13.46 -3.05
N CYS G 572 13.57 -14.12 -3.25
CA CYS G 572 14.54 -14.28 -2.17
C CYS G 572 15.87 -13.59 -2.44
N ASP G 573 16.52 -13.89 -3.57
CA ASP G 573 17.95 -13.60 -3.69
C ASP G 573 18.23 -12.14 -4.02
N GLY G 574 17.86 -11.71 -5.22
CA GLY G 574 18.26 -10.38 -5.65
C GLY G 574 17.24 -9.67 -6.49
N GLY G 575 15.99 -10.11 -6.42
CA GLY G 575 14.93 -9.48 -7.18
C GLY G 575 14.24 -8.40 -6.38
N ARG G 576 14.26 -8.53 -5.06
CA ARG G 576 13.71 -7.50 -4.20
C ARG G 576 14.73 -6.39 -4.00
N LEU G 577 14.26 -5.14 -4.10
CA LEU G 577 15.09 -3.95 -3.90
C LEU G 577 15.22 -3.55 -2.45
N ASP G 578 14.87 -4.43 -1.52
CA ASP G 578 14.89 -4.11 -0.10
C ASP G 578 15.74 -5.12 0.66
N LYS G 579 15.76 -6.36 0.18
CA LYS G 579 16.56 -7.41 0.81
C LYS G 579 18.04 -7.21 0.49
N PRO G 580 18.88 -7.01 1.50
CA PRO G 580 20.28 -6.63 1.26
C PRO G 580 21.24 -7.80 1.11
N GLY G 581 20.88 -8.76 0.27
CA GLY G 581 21.74 -9.88 0.01
C GLY G 581 22.79 -9.55 -1.03
N PRO G 582 23.68 -10.51 -1.28
CA PRO G 582 24.67 -10.33 -2.34
C PRO G 582 24.02 -10.39 -3.71
N GLY G 583 24.47 -9.52 -4.60
CA GLY G 583 23.81 -9.30 -5.87
C GLY G 583 22.94 -8.07 -5.79
N ASN G 584 22.25 -7.90 -4.66
CA ASN G 584 21.54 -6.68 -4.34
C ASN G 584 22.40 -5.80 -3.44
N LEU G 585 23.56 -5.41 -3.97
CA LEU G 585 24.55 -4.68 -3.19
C LEU G 585 24.14 -3.24 -2.88
N VAL G 586 23.11 -2.73 -3.53
CA VAL G 586 22.70 -1.34 -3.31
C VAL G 586 21.95 -1.20 -2.00
N ALA G 587 21.13 -2.20 -1.64
CA ALA G 587 20.12 -2.11 -0.59
C ALA G 587 20.67 -1.93 0.82
N GLY G 588 21.98 -2.07 1.04
CA GLY G 588 22.53 -1.77 2.35
C GLY G 588 22.96 -0.32 2.43
N PHE G 589 23.71 0.10 1.41
CA PHE G 589 24.11 1.50 1.25
C PHE G 589 22.92 2.43 1.22
N ARG G 590 21.92 2.09 0.40
CA ARG G 590 20.77 2.97 0.23
C ARG G 590 19.94 3.04 1.52
N SER G 591 19.85 1.92 2.24
CA SER G 591 19.17 1.90 3.53
C SER G 591 19.86 2.81 4.54
N LYS G 592 21.19 2.67 4.68
CA LYS G 592 21.89 3.46 5.70
C LYS G 592 21.95 4.94 5.33
N TYR G 593 22.40 5.25 4.11
CA TYR G 593 22.52 6.64 3.69
C TYR G 593 21.23 7.28 3.19
N LEU G 594 20.07 6.64 3.36
CA LEU G 594 18.82 7.37 3.26
C LEU G 594 17.99 7.34 4.53
N ASN G 595 18.30 6.48 5.50
CA ASN G 595 17.54 6.45 6.73
C ASN G 595 18.29 6.93 7.95
N HIS G 596 19.62 7.01 7.90
CA HIS G 596 20.35 7.35 9.11
C HIS G 596 21.46 8.38 8.93
N MET G 597 22.01 8.58 7.73
CA MET G 597 23.05 9.57 7.51
C MET G 597 22.51 10.84 6.87
N MET G 598 21.94 10.74 5.69
CA MET G 598 21.41 11.91 4.98
C MET G 598 19.92 12.07 5.24
N ASN G 599 19.55 12.08 6.51
CA ASN G 599 18.15 12.15 6.91
C ASN G 599 17.95 13.44 7.70
N ILE G 600 16.81 14.09 7.47
CA ILE G 600 16.55 15.38 8.08
C ILE G 600 15.77 15.19 9.38
N TRP G 601 15.63 13.95 9.82
CA TRP G 601 14.97 13.65 11.07
C TRP G 601 15.88 13.04 12.12
N THR G 602 17.13 12.72 11.78
CA THR G 602 18.07 12.27 12.78
C THR G 602 18.42 13.42 13.73
N PRO G 603 18.64 13.14 15.02
CA PRO G 603 18.80 14.23 16.00
C PRO G 603 20.02 15.11 15.79
N GLU G 604 21.09 14.59 15.18
CA GLU G 604 22.21 15.44 14.82
C GLU G 604 21.83 16.43 13.73
N ASN G 605 21.04 16.00 12.76
CA ASN G 605 20.62 16.87 11.67
C ASN G 605 19.42 17.73 12.03
N ILE G 606 18.91 17.62 13.25
CA ILE G 606 17.94 18.59 13.77
C ILE G 606 18.62 19.59 14.69
N ARG G 607 19.62 19.15 15.45
CA ARG G 607 20.27 20.00 16.46
C ARG G 607 21.01 21.18 15.83
N SER G 608 21.39 21.10 14.56
CA SER G 608 22.08 22.19 13.90
C SER G 608 21.14 23.21 13.27
N SER G 609 19.83 22.97 13.26
CA SER G 609 18.86 23.79 12.54
C SER G 609 17.67 24.11 13.42
N LEU G 610 17.93 24.65 14.61
CA LEU G 610 16.90 24.83 15.62
C LEU G 610 16.98 26.21 16.27
N GLU G 611 17.68 27.16 15.65
CA GLU G 611 18.11 28.38 16.32
C GLU G 611 17.75 29.63 15.54
N GLY G 612 16.51 29.78 15.13
CA GLY G 612 16.12 31.03 14.50
C GLY G 612 15.08 30.95 13.40
N ILE G 613 15.43 31.46 12.21
CA ILE G 613 14.54 31.36 11.05
C ILE G 613 14.56 29.97 10.44
N GLU G 614 15.43 29.09 10.92
CA GLU G 614 15.69 27.79 10.32
C GLU G 614 14.50 26.85 10.55
N ASN G 615 14.63 25.64 10.00
CA ASN G 615 13.44 24.84 9.66
C ASN G 615 12.84 24.14 10.87
N PHE G 616 13.66 23.70 11.82
CA PHE G 616 13.13 23.10 13.05
C PHE G 616 13.14 24.09 14.21
N THR G 617 12.81 25.35 13.89
CA THR G 617 12.55 26.36 14.90
C THR G 617 11.43 25.96 15.84
N TRP G 618 10.31 25.52 15.29
CA TRP G 618 9.11 25.22 16.05
C TRP G 618 9.20 23.99 16.93
N LEU G 619 10.29 23.21 16.89
CA LEU G 619 10.28 21.93 17.58
C LEU G 619 10.39 22.08 19.09
N ARG G 620 10.90 23.22 19.55
CA ARG G 620 10.99 23.46 21.00
C ARG G 620 9.62 23.63 21.62
N PHE G 621 8.65 24.12 20.87
CA PHE G 621 7.36 24.52 21.44
C PHE G 621 6.27 23.46 21.33
N VAL G 622 6.35 22.56 20.36
CA VAL G 622 5.46 21.42 20.35
C VAL G 622 5.90 20.45 21.45
N ASP G 623 4.94 19.78 22.09
CA ASP G 623 5.25 18.88 23.18
C ASP G 623 5.89 17.59 22.69
N THR G 624 7.13 17.69 22.19
CA THR G 624 7.88 16.55 21.68
C THR G 624 9.33 16.72 22.14
N SER G 625 10.19 15.87 21.61
CA SER G 625 11.62 15.94 21.82
C SER G 625 12.30 15.56 20.52
N LEU G 626 13.61 15.37 20.57
CA LEU G 626 14.30 14.86 19.39
C LEU G 626 14.03 13.38 19.20
N GLN G 627 14.00 12.62 20.30
CA GLN G 627 13.74 11.19 20.20
C GLN G 627 12.29 10.91 19.87
N GLU G 628 11.36 11.77 20.32
CA GLU G 628 9.96 11.64 19.95
C GLU G 628 9.75 11.81 18.46
N ALA G 629 10.39 12.83 17.87
CA ALA G 629 10.26 13.05 16.44
C ALA G 629 10.99 11.98 15.63
N TYR G 630 12.12 11.51 16.15
CA TYR G 630 12.86 10.47 15.42
C TYR G 630 12.15 9.13 15.46
N ARG G 631 11.41 8.83 16.54
CA ARG G 631 10.58 7.64 16.54
C ARG G 631 9.30 7.85 15.74
N ALA G 632 8.79 9.08 15.67
CA ALA G 632 7.56 9.31 14.93
C ALA G 632 7.78 9.35 13.43
N SER G 633 8.99 9.63 12.97
CA SER G 633 9.26 9.73 11.54
C SER G 633 9.95 8.49 10.98
N HIS G 634 9.88 7.36 11.67
CA HIS G 634 10.39 6.11 11.13
C HIS G 634 9.47 4.92 11.31
N THR G 635 8.56 4.92 12.27
CA THR G 635 7.68 3.78 12.49
C THR G 635 6.52 3.84 11.49
N ASP G 636 5.53 2.98 11.69
CA ASP G 636 4.39 2.90 10.79
C ASP G 636 3.36 3.94 11.22
N VAL G 637 2.16 3.83 10.65
CA VAL G 637 1.01 4.44 11.31
C VAL G 637 0.57 3.57 12.48
N PHE G 638 0.85 2.26 12.42
CA PHE G 638 0.40 1.34 13.45
C PHE G 638 1.21 1.51 14.74
N ALA G 639 2.54 1.39 14.65
CA ALA G 639 3.38 1.46 15.84
C ALA G 639 3.36 2.84 16.48
N ARG G 640 3.15 3.87 15.66
CA ARG G 640 2.96 5.21 16.20
C ARG G 640 1.62 5.32 16.94
N ALA G 641 0.61 4.56 16.51
CA ALA G 641 -0.64 4.54 17.26
C ALA G 641 -0.50 3.76 18.56
N VAL G 642 0.32 2.71 18.57
CA VAL G 642 0.60 2.00 19.81
C VAL G 642 1.38 2.90 20.78
N ASP G 643 2.28 3.74 20.25
CA ASP G 643 2.97 4.71 21.09
C ASP G 643 2.03 5.80 21.60
N LEU G 644 1.01 6.17 20.81
CA LEU G 644 -0.01 7.08 21.31
C LEU G 644 -0.89 6.41 22.36
N ALA G 645 -1.00 5.08 22.34
CA ALA G 645 -1.87 4.38 23.27
C ALA G 645 -1.37 4.39 24.71
N SER G 646 -0.15 4.84 24.97
CA SER G 646 0.40 4.91 26.32
C SER G 646 0.91 6.32 26.62
N LYS G 647 0.11 7.32 26.28
CA LYS G 647 0.42 8.71 26.60
C LYS G 647 -0.78 9.32 27.31
N GLN G 648 -0.61 9.63 28.59
CA GLN G 648 -1.68 10.20 29.39
C GLN G 648 -1.84 11.67 29.04
N ASN G 649 -3.05 12.06 28.66
CA ASN G 649 -3.32 13.43 28.27
C ASN G 649 -3.36 14.31 29.51
N ARG G 650 -2.76 15.50 29.41
CA ARG G 650 -2.75 16.44 30.51
C ARG G 650 -3.16 17.85 30.12
N LEU G 651 -3.08 18.23 28.85
CA LEU G 651 -3.44 19.59 28.46
C LEU G 651 -4.95 19.81 28.46
N GLY G 652 -5.74 18.75 28.43
CA GLY G 652 -7.16 18.92 28.70
C GLY G 652 -7.44 19.17 30.16
N HIS G 653 -6.58 18.66 31.04
CA HIS G 653 -6.76 18.84 32.48
C HIS G 653 -6.31 20.20 32.96
N MET G 654 -5.45 20.88 32.19
CA MET G 654 -5.05 22.25 32.49
C MET G 654 -6.25 23.19 32.47
N GLN G 655 -7.20 22.94 31.59
CA GLN G 655 -8.40 23.76 31.51
C GLN G 655 -9.34 23.48 32.68
N ILE G 656 -9.18 22.34 33.34
CA ILE G 656 -9.99 22.05 34.52
C ILE G 656 -9.38 22.70 35.75
N VAL G 657 -8.08 22.49 35.94
CA VAL G 657 -7.43 22.99 37.15
C VAL G 657 -7.11 24.49 37.02
N TYR G 658 -6.30 24.84 36.04
CA TYR G 658 -5.83 26.22 35.88
C TYR G 658 -6.86 27.02 35.11
N ASP G 659 -7.92 27.42 35.81
CA ASP G 659 -9.08 28.07 35.19
C ASP G 659 -9.50 29.29 36.00
N GLU G 660 -8.53 30.14 36.33
CA GLU G 660 -8.84 31.35 37.08
C GLU G 660 -8.59 32.58 36.21
N PRO G 661 -9.31 33.68 36.48
CA PRO G 661 -8.98 34.94 35.78
C PRO G 661 -7.63 35.49 36.18
N GLU G 662 -7.18 35.21 37.40
CA GLU G 662 -5.87 35.68 37.85
C GLU G 662 -4.76 34.86 37.24
N ASP G 663 -5.06 33.63 36.81
CA ASP G 663 -4.05 32.66 36.39
C ASP G 663 -3.59 32.85 34.95
N LYS G 664 -4.18 33.81 34.24
CA LYS G 664 -3.92 34.25 32.87
C LYS G 664 -3.66 33.14 31.84
N LYS G 665 -4.40 32.02 31.98
CA LYS G 665 -4.45 30.91 31.01
C LYS G 665 -3.05 30.31 30.81
N TRP G 666 -2.55 29.72 31.89
CA TRP G 666 -1.19 29.19 31.90
C TRP G 666 -1.07 27.94 31.06
N THR G 667 -0.12 27.95 30.13
CA THR G 667 0.27 26.78 29.36
C THR G 667 1.78 26.58 29.52
N PRO G 668 2.24 25.33 29.57
CA PRO G 668 3.69 25.09 29.61
C PRO G 668 4.35 25.54 28.32
N VAL G 669 5.53 26.15 28.46
CA VAL G 669 6.20 26.74 27.31
C VAL G 669 6.70 25.66 26.36
N HIS G 670 6.98 24.46 26.88
CA HIS G 670 7.31 23.34 26.02
C HIS G 670 6.09 22.67 25.40
N ALA G 671 4.89 23.22 25.62
CA ALA G 671 3.67 22.77 24.95
C ALA G 671 2.83 23.97 24.53
N LEU G 672 3.50 25.01 24.06
CA LEU G 672 2.83 26.29 23.81
C LEU G 672 2.02 26.28 22.53
N PHE G 673 2.58 25.74 21.44
CA PHE G 673 1.90 25.80 20.15
C PHE G 673 0.78 24.79 20.02
N GLN G 674 0.62 23.85 20.96
CA GLN G 674 -0.51 22.94 20.94
C GLN G 674 -1.72 23.67 21.53
N ILE G 675 -2.29 24.55 20.72
CA ILE G 675 -3.39 25.38 21.19
C ILE G 675 -4.69 24.59 21.21
N CYS G 676 -4.99 23.87 20.13
CA CYS G 676 -6.22 23.09 20.04
C CYS G 676 -6.22 21.91 21.01
N GLU G 677 -5.04 21.48 21.47
CA GLU G 677 -4.97 20.49 22.54
C GLU G 677 -5.40 21.07 23.88
N ARG G 678 -5.33 22.40 24.04
CA ARG G 678 -5.48 23.05 25.33
C ARG G 678 -6.93 23.52 25.57
N GLU G 679 -7.44 24.37 24.69
CA GLU G 679 -8.80 24.87 24.80
C GLU G 679 -9.73 23.91 24.07
N ASN G 680 -10.38 23.03 24.83
CA ASN G 680 -11.23 22.00 24.27
C ASN G 680 -12.51 21.95 25.10
N PRO G 681 -13.69 22.09 24.49
CA PRO G 681 -14.93 22.02 25.27
C PRO G 681 -15.26 20.64 25.80
N LYS G 682 -14.67 19.58 25.24
CA LYS G 682 -14.97 18.23 25.71
C LYS G 682 -14.40 17.97 27.11
N ALA G 683 -13.21 18.52 27.38
CA ALA G 683 -12.58 18.34 28.68
C ALA G 683 -13.36 19.04 29.78
N VAL G 684 -13.91 20.22 29.49
CA VAL G 684 -14.76 20.90 30.45
C VAL G 684 -16.11 20.19 30.55
N ALA G 685 -16.58 19.61 29.44
CA ALA G 685 -17.87 18.95 29.42
C ALA G 685 -17.88 17.67 30.24
N GLU G 686 -16.75 16.97 30.31
CA GLU G 686 -16.69 15.71 31.05
C GLU G 686 -16.60 15.87 32.57
N ILE G 687 -16.81 17.08 33.10
CA ILE G 687 -16.56 17.38 34.50
C ILE G 687 -17.83 17.92 35.15
N THR G 688 -18.71 18.52 34.34
CA THR G 688 -19.88 19.25 34.81
C THR G 688 -20.86 18.34 35.54
N THR G 689 -21.68 18.96 36.39
CA THR G 689 -22.60 18.20 37.23
C THR G 689 -23.73 17.59 36.41
N GLU G 690 -24.53 18.42 35.76
CA GLU G 690 -25.51 17.91 34.82
C GLU G 690 -24.83 17.60 33.50
N GLY G 691 -25.18 16.46 32.92
CA GLY G 691 -24.58 16.04 31.67
C GLY G 691 -25.31 16.58 30.46
N VAL G 692 -25.56 17.88 30.43
CA VAL G 692 -26.33 18.48 29.34
C VAL G 692 -25.48 18.67 28.10
N LEU G 693 -24.16 18.62 28.22
CA LEU G 693 -23.29 18.66 27.06
C LEU G 693 -22.64 17.32 26.77
N ARG G 694 -22.55 16.44 27.77
CA ARG G 694 -22.20 15.05 27.52
C ARG G 694 -23.33 14.25 26.89
N ASP G 695 -24.56 14.78 26.89
CA ASP G 695 -25.64 14.20 26.13
C ASP G 695 -25.80 14.83 24.76
N LEU G 696 -24.78 15.54 24.28
CA LEU G 696 -24.81 16.12 22.94
C LEU G 696 -23.56 15.73 22.17
N MET G 697 -22.46 15.49 22.88
CA MET G 697 -21.20 15.19 22.20
C MET G 697 -21.15 13.76 21.69
N ASN G 698 -21.90 12.84 22.27
CA ASN G 698 -21.95 11.46 21.79
C ASN G 698 -23.40 10.98 21.69
N ILE G 699 -24.25 11.80 21.08
CA ILE G 699 -25.64 11.41 20.87
C ILE G 699 -25.79 10.45 19.70
N ALA G 700 -24.74 10.32 18.87
CA ALA G 700 -24.76 9.33 17.80
C ALA G 700 -24.79 7.92 18.36
N ARG G 701 -24.04 7.68 19.44
CA ARG G 701 -24.03 6.37 20.07
C ARG G 701 -25.36 6.07 20.74
N VAL G 702 -25.99 7.08 21.33
CA VAL G 702 -27.27 6.87 22.01
C VAL G 702 -28.38 6.60 20.99
N LYS G 703 -28.36 7.31 19.86
CA LYS G 703 -29.35 7.04 18.83
C LYS G 703 -29.08 5.70 18.14
N TYR G 704 -27.81 5.31 18.00
CA TYR G 704 -27.49 4.03 17.41
C TYR G 704 -27.87 2.87 18.33
N ARG G 705 -27.84 3.09 19.65
CA ARG G 705 -28.23 2.03 20.58
C ARG G 705 -29.74 1.95 20.75
N GLU G 706 -30.42 3.10 20.79
CA GLU G 706 -31.86 3.10 21.04
C GLU G 706 -32.70 2.65 19.84
N LEU G 707 -32.12 2.55 18.65
CA LEU G 707 -32.85 2.01 17.52
C LEU G 707 -32.79 0.49 17.44
N GLY G 708 -31.99 -0.14 18.29
CA GLY G 708 -31.90 -1.59 18.27
C GLY G 708 -31.13 -2.13 17.07
N LEU G 709 -30.08 -1.43 16.65
CA LEU G 709 -29.24 -1.89 15.56
C LEU G 709 -28.09 -2.75 16.05
N CYS G 710 -28.06 -3.11 17.32
CA CYS G 710 -27.13 -4.11 17.83
C CYS G 710 -27.79 -5.43 18.15
N ARG G 711 -29.07 -5.42 18.54
CA ARG G 711 -29.83 -6.64 18.76
C ARG G 711 -30.53 -7.13 17.51
N LEU G 712 -30.56 -6.33 16.44
CA LEU G 712 -31.14 -6.77 15.19
C LEU G 712 -30.26 -7.84 14.55
N GLU G 713 -30.91 -8.89 14.06
CA GLU G 713 -30.18 -9.99 13.43
C GLU G 713 -29.58 -9.54 12.11
N LYS G 714 -28.38 -10.04 11.82
CA LYS G 714 -27.65 -9.59 10.64
C LYS G 714 -28.26 -10.26 9.42
N ALA G 715 -28.89 -9.46 8.56
CA ALA G 715 -29.62 -9.99 7.43
C ALA G 715 -28.69 -10.43 6.30
N ALA G 716 -27.69 -9.63 5.99
CA ALA G 716 -26.80 -9.91 4.87
C ALA G 716 -25.43 -10.36 5.36
N ARG G 717 -24.73 -11.06 4.48
CA ARG G 717 -23.38 -11.55 4.73
C ARG G 717 -22.74 -11.82 3.39
N PRO G 718 -21.40 -11.78 3.31
CA PRO G 718 -20.74 -12.11 2.04
C PRO G 718 -20.91 -13.58 1.69
N ARG G 719 -21.00 -13.84 0.38
CA ARG G 719 -21.27 -15.19 -0.10
C ARG G 719 -20.02 -16.03 -0.25
N ALA G 720 -18.84 -15.46 -0.08
CA ALA G 720 -17.60 -16.23 -0.15
C ALA G 720 -16.53 -15.52 0.66
N SER G 721 -15.73 -16.30 1.36
CA SER G 721 -14.57 -15.79 2.08
C SER G 721 -13.32 -16.47 1.53
N ALA G 722 -12.17 -15.87 1.80
CA ALA G 722 -10.92 -16.39 1.24
C ALA G 722 -9.76 -15.87 2.08
N PRO G 723 -8.71 -16.67 2.25
CA PRO G 723 -7.49 -16.16 2.84
C PRO G 723 -6.73 -15.31 1.83
N PRO G 724 -5.77 -14.48 2.27
CA PRO G 724 -5.01 -13.70 1.31
C PRO G 724 -4.06 -14.57 0.49
N ILE G 725 -3.77 -14.08 -0.72
CA ILE G 725 -2.92 -14.79 -1.64
C ILE G 725 -1.48 -14.77 -1.12
N GLU G 726 -0.82 -15.92 -1.16
CA GLU G 726 0.54 -16.06 -0.71
C GLU G 726 1.43 -16.44 -1.87
N VAL G 727 2.74 -16.32 -1.66
CA VAL G 727 3.72 -16.66 -2.68
C VAL G 727 4.19 -18.09 -2.44
N VAL G 728 4.07 -18.92 -3.47
CA VAL G 728 4.67 -20.27 -3.42
C VAL G 728 6.09 -20.10 -3.93
N CYS G 729 6.98 -19.74 -3.00
CA CYS G 729 8.41 -19.74 -3.24
C CYS G 729 9.00 -20.79 -2.32
N ASP G 730 9.91 -21.60 -2.85
CA ASP G 730 10.35 -22.82 -2.17
C ASP G 730 11.67 -22.67 -1.45
N SER G 731 11.90 -21.54 -0.82
CA SER G 731 13.02 -21.38 0.10
C SER G 731 12.52 -21.26 1.53
N ARG G 732 13.44 -21.44 2.48
CA ARG G 732 13.08 -21.24 3.88
C ARG G 732 12.92 -19.76 4.20
N SER G 733 13.63 -18.90 3.46
CA SER G 733 13.52 -17.46 3.64
C SER G 733 12.14 -16.94 3.29
N ALA G 734 11.46 -17.58 2.33
CA ALA G 734 10.11 -17.18 1.99
C ALA G 734 9.13 -17.50 3.11
N VAL G 735 9.29 -18.65 3.76
CA VAL G 735 8.40 -19.02 4.86
C VAL G 735 8.68 -18.13 6.08
N ILE G 736 9.95 -17.78 6.30
CA ILE G 736 10.29 -16.86 7.38
C ILE G 736 9.71 -15.47 7.13
N GLU G 737 9.79 -14.99 5.88
CA GLU G 737 9.24 -13.68 5.55
C GLU G 737 7.71 -13.68 5.62
N ARG G 738 7.07 -14.78 5.25
CA ARG G 738 5.62 -14.88 5.35
C ARG G 738 5.15 -14.90 6.80
N GLU G 739 5.80 -15.70 7.64
CA GLU G 739 5.41 -15.72 9.04
C GLU G 739 5.94 -14.53 9.84
N ASN G 740 6.73 -13.64 9.23
CA ASN G 740 7.08 -12.39 9.89
C ASN G 740 6.37 -11.15 9.34
N ILE G 741 5.72 -11.25 8.19
CA ILE G 741 4.92 -10.14 7.66
C ILE G 741 3.43 -10.42 7.79
N MET G 742 2.98 -11.58 7.28
CA MET G 742 1.55 -11.88 7.26
C MET G 742 1.01 -12.12 8.66
N PHE G 743 1.84 -12.59 9.58
CA PHE G 743 1.46 -12.74 10.97
C PHE G 743 2.03 -11.65 11.86
N HIS G 744 3.37 -11.45 11.84
CA HIS G 744 4.09 -10.33 12.46
C HIS G 744 3.75 -10.15 13.93
N PRO G 745 4.31 -10.96 14.83
CA PRO G 745 3.77 -11.08 16.19
C PRO G 745 3.79 -9.81 17.05
N ALA G 746 4.53 -8.79 16.64
CA ALA G 746 4.51 -7.52 17.37
C ALA G 746 3.15 -6.83 17.26
N MET G 747 2.55 -6.84 16.07
CA MET G 747 1.23 -6.25 15.92
C MET G 747 0.16 -7.09 16.60
N ARG G 748 0.33 -8.41 16.61
CA ARG G 748 -0.63 -9.28 17.30
C ARG G 748 -0.57 -9.05 18.81
N LYS G 749 0.63 -8.86 19.35
CA LYS G 749 0.81 -8.54 20.76
C LYS G 749 0.23 -7.17 21.07
N ALA G 750 0.48 -6.19 20.21
CA ALA G 750 -0.04 -4.84 20.41
C ALA G 750 -1.53 -4.72 20.15
N LEU G 751 -2.14 -5.73 19.52
CA LEU G 751 -3.56 -5.69 19.23
C LEU G 751 -4.40 -6.47 20.24
N PHE G 752 -3.96 -7.65 20.65
CA PHE G 752 -4.81 -8.49 21.50
C PHE G 752 -4.57 -8.33 22.99
N GLY G 753 -3.35 -8.05 23.42
CA GLY G 753 -3.10 -7.79 24.82
C GLY G 753 -1.89 -8.51 25.37
N PRO G 754 -1.67 -8.42 26.67
CA PRO G 754 -0.52 -9.08 27.29
C PRO G 754 -0.81 -10.51 27.72
N THR G 755 0.26 -11.29 27.75
CA THR G 755 0.21 -12.67 28.24
C THR G 755 -0.10 -12.66 29.73
N PRO G 756 -0.89 -13.63 30.23
CA PRO G 756 -1.12 -13.71 31.69
C PRO G 756 0.13 -13.94 32.51
N SER G 757 1.18 -14.56 31.95
CA SER G 757 2.46 -14.60 32.64
C SER G 757 3.06 -13.21 32.78
N GLU G 758 2.88 -12.36 31.76
CA GLU G 758 3.33 -10.98 31.85
C GLU G 758 2.50 -10.19 32.84
N ILE G 759 1.20 -10.51 32.97
CA ILE G 759 0.36 -9.85 33.95
C ILE G 759 0.77 -10.26 35.36
N LYS G 760 1.17 -11.53 35.55
CA LYS G 760 1.64 -11.97 36.86
C LYS G 760 2.98 -11.31 37.22
N GLU G 761 3.92 -11.27 36.28
CA GLU G 761 5.21 -10.64 36.60
C GLU G 761 5.13 -9.12 36.63
N ALA G 762 4.03 -8.52 36.17
CA ALA G 762 3.81 -7.09 36.31
C ALA G 762 2.91 -6.72 37.49
N SER G 763 2.22 -7.69 38.08
CA SER G 763 1.33 -7.40 39.20
C SER G 763 1.75 -8.06 40.50
N PHE G 764 2.80 -8.88 40.52
CA PHE G 764 3.36 -9.38 41.76
C PHE G 764 4.75 -8.83 42.06
N GLY G 765 5.21 -7.86 41.28
CA GLY G 765 6.52 -7.29 41.49
C GLY G 765 6.54 -6.31 42.66
N PRO G 766 7.75 -5.89 43.04
CA PRO G 766 7.86 -4.91 44.13
C PRO G 766 7.62 -3.48 43.68
N ARG G 767 7.71 -3.19 42.39
CA ARG G 767 7.56 -1.85 41.85
C ARG G 767 6.65 -1.86 40.64
N PRO G 768 5.94 -0.77 40.36
CA PRO G 768 5.09 -0.73 39.17
C PRO G 768 5.91 -0.69 37.89
N VAL G 769 5.50 -1.51 36.92
CA VAL G 769 6.18 -1.63 35.64
C VAL G 769 5.12 -1.50 34.55
N THR G 770 5.55 -1.06 33.37
CA THR G 770 4.65 -0.80 32.27
C THR G 770 4.51 -2.02 31.37
N LEU G 771 3.54 -1.97 30.46
CA LEU G 771 3.24 -3.05 29.54
C LEU G 771 3.21 -2.49 28.12
N TYR G 772 3.71 -3.28 27.16
CA TYR G 772 3.80 -2.78 25.80
C TYR G 772 2.44 -2.76 25.08
N PRO G 773 1.55 -3.75 25.27
CA PRO G 773 0.11 -3.46 25.14
C PRO G 773 -0.48 -3.03 26.47
N PRO G 774 -0.52 -1.73 26.77
CA PRO G 774 -1.02 -1.29 28.10
C PRO G 774 -2.48 -1.65 28.35
N ARG G 775 -3.26 -1.87 27.30
CA ARG G 775 -4.56 -2.51 27.37
C ARG G 775 -4.78 -3.20 26.03
N ALA G 776 -5.84 -4.00 25.97
CA ALA G 776 -6.17 -4.70 24.74
C ALA G 776 -6.69 -3.69 23.73
N LEU G 777 -5.86 -3.37 22.72
CA LEU G 777 -6.19 -2.37 21.72
C LEU G 777 -7.09 -2.90 20.61
N LEU G 778 -7.73 -4.04 20.81
CA LEU G 778 -8.82 -4.45 19.94
C LEU G 778 -9.99 -3.49 20.12
N PRO G 779 -10.57 -2.96 19.05
CA PRO G 779 -11.75 -2.10 19.21
C PRO G 779 -12.95 -2.92 19.62
N ALA G 780 -13.84 -2.28 20.37
CA ALA G 780 -15.06 -2.93 20.78
C ALA G 780 -15.96 -3.13 19.56
N PRO G 781 -16.42 -4.36 19.31
CA PRO G 781 -17.27 -4.59 18.13
C PRO G 781 -18.67 -4.00 18.34
N ASP G 782 -19.17 -3.36 17.29
CA ASP G 782 -20.42 -2.61 17.38
C ASP G 782 -21.63 -3.47 17.08
N HIS G 783 -21.49 -4.79 17.09
CA HIS G 783 -22.63 -5.69 16.93
C HIS G 783 -22.45 -6.81 17.95
N ASP G 784 -23.36 -6.89 18.91
CA ASP G 784 -23.13 -7.71 20.10
C ASP G 784 -23.30 -9.19 19.79
N LYS G 785 -24.28 -9.55 18.97
CA LYS G 785 -24.56 -10.96 18.75
C LYS G 785 -23.57 -11.62 17.80
N GLN G 786 -23.02 -10.87 16.85
CA GLN G 786 -22.14 -11.43 15.82
C GLN G 786 -20.94 -10.51 15.64
N ARG G 787 -19.84 -10.83 16.28
CA ARG G 787 -18.66 -9.97 16.29
C ARG G 787 -17.53 -10.62 15.48
N PHE G 788 -17.00 -9.87 14.51
CA PHE G 788 -15.79 -10.14 13.75
C PHE G 788 -15.82 -11.43 12.94
N THR G 789 -16.94 -12.12 12.87
CA THR G 789 -17.06 -13.36 12.12
C THR G 789 -18.19 -13.21 11.09
N ASN G 790 -18.50 -14.32 10.43
CA ASN G 790 -19.66 -14.38 9.55
C ASN G 790 -20.50 -15.62 9.85
N ILE G 791 -20.16 -16.33 10.93
CA ILE G 791 -20.85 -17.58 11.27
C ILE G 791 -22.24 -17.26 11.80
N THR G 792 -23.22 -18.07 11.40
CA THR G 792 -24.62 -17.83 11.74
C THR G 792 -25.16 -19.00 12.56
N VAL G 793 -25.79 -18.69 13.66
CA VAL G 793 -26.40 -19.69 14.56
C VAL G 793 -27.91 -19.52 14.48
N PRO G 794 -28.69 -20.59 14.29
CA PRO G 794 -30.14 -20.45 14.24
C PRO G 794 -30.72 -20.15 15.62
N SER G 795 -31.92 -19.56 15.61
CA SER G 795 -32.56 -19.11 16.83
C SER G 795 -34.08 -19.01 16.67
N PRO H 443 -9.93 -15.18 49.34
CA PRO H 443 -8.58 -15.72 49.17
C PRO H 443 -8.11 -15.67 47.74
N ASP H 444 -8.57 -14.68 46.99
CA ASP H 444 -8.18 -14.55 45.60
C ASP H 444 -6.74 -14.06 45.49
N PRO H 445 -6.02 -14.46 44.43
CA PRO H 445 -4.60 -14.08 44.35
C PRO H 445 -4.37 -12.62 44.00
N MET H 446 -5.15 -12.05 43.08
CA MET H 446 -4.86 -10.70 42.62
C MET H 446 -6.10 -9.83 42.49
N MET H 447 -7.20 -10.17 43.17
CA MET H 447 -8.44 -9.42 43.06
C MET H 447 -8.71 -8.66 44.35
N ILE H 448 -8.93 -7.35 44.21
CA ILE H 448 -9.13 -6.44 45.34
C ILE H 448 -10.62 -6.12 45.43
N ARG H 449 -11.23 -6.43 46.57
CA ARG H 449 -12.68 -6.38 46.69
C ARG H 449 -13.14 -5.01 47.20
N TRP H 450 -14.19 -4.47 46.58
CA TRP H 450 -14.90 -3.31 47.11
C TRP H 450 -16.34 -3.72 47.39
N VAL H 451 -16.85 -3.36 48.57
CA VAL H 451 -18.23 -3.68 48.93
C VAL H 451 -18.84 -2.48 49.63
N ASN H 452 -20.00 -2.03 49.12
CA ASN H 452 -20.69 -0.83 49.58
C ASN H 452 -22.08 -1.24 50.06
N ASN H 453 -22.31 -1.15 51.36
CA ASN H 453 -23.59 -1.49 51.95
C ASN H 453 -24.22 -0.25 52.57
N LYS H 454 -25.30 -0.44 53.32
CA LYS H 454 -26.04 0.68 53.88
C LYS H 454 -25.26 1.41 54.97
N MET H 455 -24.31 0.72 55.62
CA MET H 455 -23.54 1.35 56.69
C MET H 455 -22.41 2.20 56.12
N GLY H 456 -21.49 1.57 55.43
CA GLY H 456 -20.35 2.27 54.84
C GLY H 456 -19.95 1.60 53.55
N SER H 457 -18.65 1.62 53.26
CA SER H 457 -18.11 0.95 52.08
C SER H 457 -16.65 0.63 52.36
N VAL H 458 -16.28 -0.65 52.28
CA VAL H 458 -14.92 -1.04 52.61
C VAL H 458 -14.29 -1.77 51.44
N VAL H 459 -12.96 -1.69 51.39
CA VAL H 459 -12.14 -2.36 50.39
C VAL H 459 -11.26 -3.37 51.11
N ALA H 460 -11.37 -4.63 50.71
CA ALA H 460 -10.55 -5.70 51.25
C ALA H 460 -9.44 -6.04 50.26
N VAL H 461 -8.24 -6.22 50.79
CA VAL H 461 -7.06 -6.56 50.01
C VAL H 461 -6.58 -7.93 50.46
N PRO H 462 -6.23 -8.83 49.54
CA PRO H 462 -5.68 -10.13 49.95
C PRO H 462 -4.31 -9.98 50.60
N GLU H 463 -3.95 -11.00 51.38
CA GLU H 463 -2.67 -10.98 52.08
C GLU H 463 -1.50 -11.12 51.12
N GLU H 464 -1.71 -11.77 49.98
CA GLU H 464 -0.63 -12.06 49.04
C GLU H 464 -0.19 -10.85 48.24
N LEU H 465 -0.88 -9.72 48.34
CA LEU H 465 -0.54 -8.51 47.60
C LEU H 465 0.04 -7.41 48.47
N LEU H 466 0.18 -7.63 49.78
CA LEU H 466 0.67 -6.59 50.66
C LEU H 466 2.17 -6.35 50.48
N GLY H 467 2.92 -7.40 50.17
CA GLY H 467 4.34 -7.22 49.90
C GLY H 467 4.62 -6.60 48.56
N THR H 468 3.66 -6.62 47.63
CA THR H 468 3.85 -6.11 46.30
C THR H 468 3.70 -4.59 46.28
N HIS H 469 3.78 -4.02 45.07
CA HIS H 469 3.63 -2.57 44.91
C HIS H 469 2.18 -2.13 45.02
N ALA H 470 1.23 -3.04 45.04
CA ALA H 470 -0.17 -2.68 45.17
C ALA H 470 -0.56 -2.30 46.59
N GLY H 471 0.31 -2.51 47.57
CA GLY H 471 0.06 -2.13 48.94
C GLY H 471 0.63 -0.79 49.34
N VAL H 472 1.22 -0.04 48.41
CA VAL H 472 1.80 1.26 48.74
C VAL H 472 0.69 2.26 49.04
N VAL H 473 -0.42 2.19 48.30
CA VAL H 473 -1.57 3.03 48.59
C VAL H 473 -2.23 2.59 49.89
N PHE H 474 -2.42 1.28 50.07
CA PHE H 474 -3.09 0.75 51.25
C PHE H 474 -2.23 0.78 52.50
N GLY H 475 -0.96 1.16 52.39
CA GLY H 475 -0.13 1.33 53.57
C GLY H 475 0.71 0.13 53.94
N ALA H 476 1.06 -0.72 52.97
CA ALA H 476 1.93 -1.86 53.22
C ALA H 476 3.27 -1.73 52.51
N GLY H 477 3.25 -1.61 51.18
CA GLY H 477 4.45 -1.38 50.42
C GLY H 477 5.40 -2.56 50.38
N PRO H 478 6.59 -2.35 49.79
CA PRO H 478 7.62 -3.40 49.76
C PRO H 478 8.44 -3.45 51.04
N ALA I 9 64.26 -84.01 -7.53
CA ALA I 9 63.41 -82.89 -7.90
C ALA I 9 63.03 -82.08 -6.66
N GLN I 10 62.59 -82.76 -5.62
CA GLN I 10 62.23 -82.12 -4.36
C GLN I 10 63.39 -81.99 -3.40
N ALA I 11 64.61 -82.37 -3.82
CA ALA I 11 65.77 -82.28 -2.95
C ALA I 11 66.16 -80.83 -2.69
N ALA I 12 65.96 -79.94 -3.68
CA ALA I 12 66.24 -78.53 -3.46
C ALA I 12 65.25 -77.91 -2.47
N HIS I 13 63.97 -78.29 -2.58
CA HIS I 13 62.98 -77.81 -1.62
C HIS I 13 63.25 -78.37 -0.22
N GLN I 14 63.70 -79.62 -0.14
CA GLN I 14 64.06 -80.22 1.14
C GLN I 14 65.26 -79.52 1.76
N ALA I 15 66.25 -79.14 0.93
CA ALA I 15 67.40 -78.41 1.44
C ALA I 15 67.02 -76.99 1.87
N LEU I 16 66.08 -76.36 1.17
CA LEU I 16 65.60 -75.05 1.60
C LEU I 16 64.83 -75.12 2.91
N VAL I 17 64.10 -76.21 3.14
CA VAL I 17 63.44 -76.38 4.43
C VAL I 17 64.45 -76.68 5.52
N GLU I 18 65.50 -77.45 5.20
CA GLU I 18 66.48 -77.82 6.22
C GLU I 18 67.37 -76.66 6.63
N GLN I 19 67.84 -75.84 5.68
CA GLN I 19 68.76 -74.77 6.05
C GLN I 19 68.04 -73.60 6.72
N LEU I 20 66.75 -73.42 6.45
CA LEU I 20 65.94 -72.40 7.11
C LEU I 20 65.34 -73.03 8.35
N ASP I 21 66.10 -73.00 9.45
CA ASP I 21 65.68 -73.68 10.67
C ASP I 21 66.39 -73.02 11.85
N LEU I 22 65.74 -73.09 13.02
CA LEU I 22 66.33 -72.58 14.25
C LEU I 22 66.99 -73.67 15.09
N HIS I 23 66.41 -74.87 15.12
CA HIS I 23 67.00 -75.96 15.92
C HIS I 23 68.25 -76.55 15.27
N SER I 24 68.48 -76.29 13.98
CA SER I 24 69.69 -76.78 13.33
C SER I 24 70.94 -76.03 13.79
N ILE I 25 70.78 -74.81 14.27
CA ILE I 25 71.89 -74.02 14.80
C ILE I 25 71.78 -74.03 16.32
N HIS I 26 72.89 -74.39 16.98
CA HIS I 26 72.89 -74.47 18.44
C HIS I 26 72.83 -73.08 19.06
N LYS I 27 72.07 -72.96 20.14
CA LYS I 27 71.89 -71.69 20.84
C LYS I 27 73.08 -71.48 21.76
N THR I 28 74.03 -70.64 21.34
CA THR I 28 75.25 -70.41 22.09
C THR I 28 75.11 -69.29 23.12
N PHE I 29 73.94 -68.64 23.20
CA PHE I 29 73.75 -67.52 24.09
C PHE I 29 72.47 -67.58 24.92
N ARG I 30 71.57 -68.51 24.64
CA ARG I 30 70.36 -68.64 25.43
C ARG I 30 70.69 -69.22 26.80
N ASN I 31 70.16 -68.60 27.85
CA ASN I 31 70.39 -69.06 29.21
C ASN I 31 69.52 -70.27 29.49
N PRO I 32 70.10 -71.44 29.79
CA PRO I 32 69.28 -72.62 30.07
C PRO I 32 68.66 -72.62 31.45
N ASN I 33 69.09 -71.73 32.35
CA ASN I 33 68.54 -71.68 33.70
C ASN I 33 67.13 -71.10 33.68
N TRP I 34 66.80 -70.29 32.68
CA TRP I 34 65.48 -69.67 32.60
C TRP I 34 64.42 -70.70 32.24
N ARG I 35 63.25 -70.56 32.86
CA ARG I 35 62.11 -71.41 32.58
C ARG I 35 60.90 -70.54 32.28
N PRO I 36 60.16 -70.84 31.21
CA PRO I 36 59.00 -70.01 30.88
C PRO I 36 57.83 -70.27 31.82
N ASN I 37 57.02 -69.24 32.03
CA ASN I 37 55.82 -69.37 32.86
C ASN I 37 54.62 -69.69 31.98
N GLN I 38 53.62 -70.33 32.59
CA GLN I 38 52.43 -70.71 31.84
C GLN I 38 51.47 -69.53 31.67
N ARG I 39 51.33 -68.70 32.71
CA ARG I 39 50.35 -67.60 32.70
C ARG I 39 50.88 -66.42 31.89
N ARG I 40 50.98 -66.64 30.58
CA ARG I 40 51.27 -65.59 29.62
C ARG I 40 50.27 -65.66 28.47
N ASN I 41 50.55 -64.91 27.40
CA ASN I 41 49.79 -64.97 26.14
C ASN I 41 48.33 -64.59 26.34
N LYS I 42 48.10 -63.55 27.13
CA LYS I 42 46.75 -63.14 27.48
C LYS I 42 46.20 -62.17 26.44
N THR I 43 45.06 -61.55 26.74
CA THR I 43 44.44 -60.55 25.89
C THR I 43 44.49 -59.19 26.59
N ILE I 44 43.92 -58.19 25.93
CA ILE I 44 43.85 -56.85 26.52
C ILE I 44 42.84 -56.84 27.68
N LYS I 45 41.79 -57.66 27.58
CA LYS I 45 40.81 -57.75 28.66
C LYS I 45 41.42 -58.35 29.92
N ALA I 46 42.27 -59.37 29.76
CA ALA I 46 42.90 -60.00 30.92
C ALA I 46 43.91 -59.08 31.59
N ILE I 47 44.70 -58.35 30.79
CA ILE I 47 45.70 -57.46 31.34
C ILE I 47 45.03 -56.26 32.00
N LEU I 48 43.93 -55.77 31.42
CA LEU I 48 43.18 -54.69 32.05
C LEU I 48 42.46 -55.18 33.31
N GLY I 49 42.12 -56.46 33.36
CA GLY I 49 41.57 -57.01 34.59
C GLY I 49 42.61 -57.22 35.67
N GLU I 50 43.88 -57.40 35.27
CA GLU I 50 44.95 -57.50 36.25
C GLU I 50 45.18 -56.17 36.97
N SER I 51 45.12 -55.07 36.22
CA SER I 51 45.37 -53.74 36.78
C SER I 51 44.10 -53.05 37.25
N GLN I 52 43.09 -53.82 37.64
CA GLN I 52 41.84 -53.24 38.14
C GLN I 52 41.27 -54.08 39.27
N THR I 155 46.39 -44.22 30.82
CA THR I 155 47.09 -45.20 30.00
C THR I 155 46.11 -46.08 29.24
N ASN I 156 46.21 -46.01 27.90
CA ASN I 156 45.41 -46.73 26.92
C ASN I 156 43.93 -46.35 26.97
N ILE I 157 43.58 -45.27 27.66
CA ILE I 157 42.21 -44.75 27.72
C ILE I 157 42.26 -43.32 27.19
N GLU I 158 43.17 -43.05 26.25
CA GLU I 158 43.22 -41.75 25.61
C GLU I 158 42.51 -41.73 24.26
N SER I 159 41.86 -42.82 23.88
CA SER I 159 41.04 -42.81 22.67
C SER I 159 39.75 -42.03 22.93
N ALA I 160 39.38 -41.16 21.98
CA ALA I 160 38.25 -40.28 22.21
C ALA I 160 37.18 -40.44 21.14
N PRO I 161 35.91 -40.53 21.52
CA PRO I 161 34.82 -40.57 20.53
C PRO I 161 34.46 -39.19 20.00
N SER I 162 33.42 -39.12 19.18
CA SER I 162 32.98 -37.87 18.57
C SER I 162 31.51 -37.64 18.85
N LEU I 163 31.07 -36.41 18.59
CA LEU I 163 29.66 -36.04 18.69
C LEU I 163 29.40 -34.96 17.64
N ALA I 164 28.96 -35.39 16.46
CA ALA I 164 28.77 -34.54 15.30
C ALA I 164 27.88 -35.27 14.31
N PRO I 165 27.16 -34.55 13.45
CA PRO I 165 26.36 -35.23 12.42
C PRO I 165 27.25 -35.92 11.40
N MET I 166 26.98 -37.20 11.17
CA MET I 166 27.73 -38.02 10.24
C MET I 166 26.99 -38.11 8.91
N LYS I 167 27.73 -38.01 7.81
CA LYS I 167 27.13 -38.17 6.49
C LYS I 167 27.04 -39.66 6.18
N HIS I 168 25.83 -40.19 6.13
CA HIS I 168 25.64 -41.63 5.98
C HIS I 168 25.66 -42.02 4.50
N TYR I 169 26.57 -42.93 4.16
CA TYR I 169 26.76 -43.42 2.81
C TYR I 169 26.11 -44.79 2.65
N CYS I 170 26.10 -45.29 1.42
CA CYS I 170 25.58 -46.63 1.16
C CYS I 170 26.53 -47.68 1.69
N ASP I 171 25.97 -48.84 2.01
CA ASP I 171 26.77 -49.97 2.47
C ASP I 171 26.67 -51.18 1.55
N VAL I 172 25.99 -51.05 0.42
CA VAL I 172 26.07 -52.03 -0.64
C VAL I 172 27.14 -51.59 -1.62
N THR I 173 26.96 -50.42 -2.19
CA THR I 173 27.99 -49.72 -2.94
C THR I 173 28.57 -48.62 -2.06
N GLY I 174 29.46 -47.83 -2.64
CA GLY I 174 30.07 -46.74 -1.91
C GLY I 174 29.50 -45.38 -2.18
N LEU I 175 28.46 -45.27 -3.01
CA LEU I 175 27.87 -44.00 -3.38
C LEU I 175 27.12 -43.40 -2.19
N PRO I 176 26.89 -42.08 -2.18
CA PRO I 176 26.10 -41.50 -1.08
C PRO I 176 24.63 -41.87 -1.18
N ALA I 177 24.09 -42.36 -0.07
CA ALA I 177 22.72 -42.89 -0.03
C ALA I 177 21.90 -42.14 1.02
N PRO I 178 20.74 -41.64 0.67
CA PRO I 178 19.98 -40.83 1.63
C PRO I 178 18.89 -41.55 2.42
N TYR I 179 18.55 -42.81 2.11
CA TYR I 179 17.45 -43.44 2.83
C TYR I 179 17.61 -44.94 2.97
N LEU I 180 17.15 -45.47 4.11
CA LEU I 180 17.29 -46.85 4.54
C LEU I 180 15.98 -47.63 4.37
N ASP I 181 15.92 -48.83 4.94
CA ASP I 181 14.82 -49.78 4.84
C ASP I 181 14.26 -50.17 6.19
N PRO I 182 13.00 -50.65 6.24
CA PRO I 182 12.47 -51.19 7.50
C PRO I 182 12.77 -52.66 7.72
N LYS I 183 12.91 -53.45 6.66
CA LYS I 183 13.06 -54.89 6.84
C LYS I 183 14.50 -55.25 7.18
N THR I 184 15.47 -54.62 6.52
CA THR I 184 16.86 -54.99 6.68
C THR I 184 17.77 -53.86 7.15
N ARG I 185 17.28 -52.61 7.15
CA ARG I 185 18.01 -51.43 7.65
C ARG I 185 19.33 -51.20 6.90
N LEU I 186 19.24 -51.13 5.58
CA LEU I 186 20.40 -50.90 4.73
C LEU I 186 20.26 -49.58 3.99
N ARG I 187 21.30 -48.75 4.08
CA ARG I 187 21.39 -47.55 3.25
C ARG I 187 21.56 -47.98 1.80
N TYR I 188 20.85 -47.33 0.87
CA TYR I 188 20.90 -47.76 -0.52
C TYR I 188 20.67 -46.58 -1.45
N HIS I 189 21.26 -46.67 -2.64
CA HIS I 189 21.36 -45.51 -3.53
C HIS I 189 20.10 -45.34 -4.37
N ASN I 190 19.71 -46.37 -5.12
CA ASN I 190 18.53 -46.24 -5.98
C ASN I 190 17.83 -47.60 -6.08
N LYS I 191 16.95 -47.74 -7.07
CA LYS I 191 16.02 -48.87 -7.11
C LYS I 191 16.67 -50.17 -7.57
N GLU I 192 17.79 -50.11 -8.30
CA GLU I 192 18.52 -51.33 -8.61
C GLU I 192 19.12 -51.93 -7.35
N ILE I 193 19.68 -51.09 -6.49
CA ILE I 193 20.24 -51.56 -5.23
C ILE I 193 19.13 -51.97 -4.27
N PHE I 194 17.95 -51.34 -4.36
CA PHE I 194 16.82 -51.80 -3.56
C PHE I 194 16.34 -53.17 -4.02
N ALA I 195 16.36 -53.42 -5.33
CA ALA I 195 15.98 -54.73 -5.85
C ALA I 195 16.95 -55.80 -5.39
N MET I 196 18.26 -55.52 -5.49
CA MET I 196 19.26 -56.48 -5.06
C MET I 196 19.27 -56.66 -3.54
N ILE I 197 18.81 -55.67 -2.78
CA ILE I 197 18.63 -55.86 -1.36
C ILE I 197 17.43 -56.77 -1.08
N ARG I 198 16.31 -56.52 -1.75
CA ARG I 198 15.12 -57.31 -1.44
C ARG I 198 15.10 -58.69 -2.09
N ASN I 199 16.06 -59.06 -2.93
CA ASN I 199 16.12 -60.45 -3.37
C ASN I 199 17.48 -61.10 -3.11
N LEU I 200 18.18 -60.67 -2.07
CA LEU I 200 19.46 -61.32 -1.80
C LEU I 200 19.24 -62.58 -0.96
N PRO I 201 20.08 -63.60 -1.16
CA PRO I 201 19.98 -64.82 -0.34
C PRO I 201 20.29 -64.55 1.12
N GLN I 202 19.62 -65.31 1.99
CA GLN I 202 19.68 -65.08 3.42
C GLN I 202 21.05 -65.41 3.99
N GLY I 203 21.45 -64.66 5.02
CA GLY I 203 22.74 -64.82 5.64
C GLY I 203 23.77 -63.80 5.20
N MET I 204 23.39 -62.84 4.37
CA MET I 204 24.30 -61.80 3.90
C MET I 204 23.83 -60.41 4.28
N GLY I 205 22.52 -60.22 4.43
CA GLY I 205 21.97 -58.97 4.89
C GLY I 205 22.39 -58.60 6.30
N GLU I 206 22.79 -59.58 7.09
CA GLU I 206 23.48 -59.31 8.35
C GLU I 206 24.97 -59.09 8.16
N GLN I 207 25.55 -59.64 7.08
CA GLN I 207 26.98 -59.42 6.86
C GLN I 207 27.28 -58.01 6.38
N PHE I 208 26.31 -57.35 5.72
CA PHE I 208 26.52 -55.95 5.38
C PHE I 208 26.59 -55.08 6.64
N LEU I 209 25.69 -55.30 7.60
CA LEU I 209 25.78 -54.59 8.87
C LEU I 209 26.98 -55.05 9.70
N GLU I 210 27.48 -56.25 9.47
CA GLU I 210 28.69 -56.68 10.17
C GLU I 210 29.92 -55.98 9.61
N ALA I 211 29.96 -55.77 8.29
CA ALA I 211 31.05 -54.99 7.71
C ALA I 211 30.93 -53.52 8.07
N ARG I 212 29.71 -53.02 8.28
CA ARG I 212 29.54 -51.65 8.73
C ARG I 212 29.69 -51.51 10.24
N GLY I 213 29.29 -52.53 11.00
CA GLY I 213 29.47 -52.49 12.45
C GLY I 213 28.23 -52.86 13.23
N ARG J 15 22.86 -49.97 -29.81
CA ARG J 15 24.03 -49.12 -29.71
C ARG J 15 25.28 -49.92 -29.37
N ASP J 16 26.24 -49.95 -30.29
CA ASP J 16 27.51 -50.64 -30.07
C ASP J 16 28.62 -49.66 -29.69
N GLU J 17 28.31 -48.35 -29.67
CA GLU J 17 29.30 -47.31 -29.45
C GLU J 17 30.05 -47.34 -28.10
N PRO J 18 29.43 -47.56 -26.93
CA PRO J 18 30.21 -47.43 -25.68
C PRO J 18 31.25 -48.52 -25.43
N TRP J 19 31.32 -49.58 -26.25
CA TRP J 19 32.39 -50.55 -26.06
C TRP J 19 32.97 -51.05 -27.38
N LYS J 20 32.87 -50.26 -28.44
CA LYS J 20 33.49 -50.62 -29.71
C LYS J 20 34.88 -50.02 -29.84
N ARG J 21 35.02 -48.72 -29.58
CA ARG J 21 36.30 -48.03 -29.61
C ARG J 21 36.99 -48.04 -28.25
N LEU J 22 36.54 -48.88 -27.34
CA LEU J 22 37.14 -48.97 -26.01
C LEU J 22 38.45 -49.74 -26.09
N PRO J 23 39.53 -49.24 -25.52
CA PRO J 23 40.85 -49.86 -25.70
C PRO J 23 40.96 -51.18 -24.97
N PRO J 24 41.93 -52.02 -25.34
CA PRO J 24 42.16 -53.25 -24.57
C PRO J 24 42.68 -52.92 -23.19
N PRO J 25 42.36 -53.75 -22.19
CA PRO J 25 42.67 -53.39 -20.80
C PRO J 25 44.14 -53.60 -20.45
N THR J 26 44.61 -52.72 -19.56
CA THR J 26 45.94 -52.82 -18.97
C THR J 26 45.79 -53.38 -17.56
N VAL J 27 46.23 -54.61 -17.35
CA VAL J 27 45.87 -55.36 -16.15
C VAL J 27 47.11 -55.54 -15.29
N TYR J 28 46.91 -55.56 -13.97
CA TYR J 28 47.99 -55.77 -13.01
C TYR J 28 47.83 -57.11 -12.29
N PRO J 29 48.89 -57.89 -12.14
CA PRO J 29 48.80 -59.18 -11.45
C PRO J 29 48.72 -59.00 -9.94
N VAL J 30 48.64 -60.13 -9.24
CA VAL J 30 48.60 -60.14 -7.78
C VAL J 30 50.02 -60.15 -7.24
N LYS J 31 50.32 -59.22 -6.34
CA LYS J 31 51.58 -59.19 -5.63
C LYS J 31 51.33 -59.71 -4.21
N GLU J 32 51.34 -61.02 -4.05
CA GLU J 32 51.18 -61.61 -2.72
C GLU J 32 52.54 -61.64 -2.01
N ALA J 33 52.52 -61.42 -0.69
CA ALA J 33 53.75 -61.35 0.10
C ALA J 33 54.32 -62.76 0.26
N ARG J 34 55.10 -63.17 -0.74
CA ARG J 34 55.71 -64.48 -0.74
C ARG J 34 57.08 -64.41 -0.06
N PHE J 35 57.87 -65.47 -0.21
CA PHE J 35 59.21 -65.52 0.34
C PHE J 35 60.18 -64.80 -0.61
N GLU J 36 61.47 -64.86 -0.27
CA GLU J 36 62.52 -64.39 -1.16
C GLU J 36 63.78 -65.18 -0.85
N LYS J 37 64.48 -65.61 -1.90
CA LYS J 37 65.56 -66.59 -1.76
C LYS J 37 66.84 -66.01 -1.16
N TYR J 38 66.84 -65.77 0.14
CA TYR J 38 68.03 -65.28 0.82
C TYR J 38 68.15 -65.87 2.20
N ILE J 39 69.29 -66.50 2.47
CA ILE J 39 69.71 -66.83 3.82
C ILE J 39 71.14 -66.31 4.02
N PRO J 40 71.32 -65.07 4.46
CA PRO J 40 72.67 -64.60 4.80
C PRO J 40 72.96 -64.81 6.28
N PRO J 41 74.05 -65.49 6.60
CA PRO J 41 74.58 -65.44 7.98
C PRO J 41 75.60 -64.33 8.14
N GLN J 42 75.11 -63.09 8.16
CA GLN J 42 75.98 -61.90 8.12
C GLN J 42 76.80 -61.74 9.40
N LEU J 43 78.11 -61.95 9.29
CA LEU J 43 79.04 -61.83 10.41
C LEU J 43 79.99 -60.67 10.25
N ASP J 44 79.77 -59.81 9.25
CA ASP J 44 80.64 -58.66 9.00
C ASP J 44 80.23 -57.44 9.81
N GLY J 45 79.19 -57.55 10.64
CA GLY J 45 78.79 -56.43 11.47
C GLY J 45 79.43 -56.48 12.85
N ARG J 46 79.66 -57.68 13.37
CA ARG J 46 80.31 -57.81 14.67
C ARG J 46 81.78 -57.42 14.59
N GLU J 47 82.43 -57.70 13.45
CA GLU J 47 83.83 -57.33 13.28
C GLU J 47 84.01 -55.82 13.23
N ARG J 48 83.03 -55.10 12.68
CA ARG J 48 83.07 -53.63 12.73
C ARG J 48 82.59 -53.09 14.06
N ALA J 49 81.72 -53.84 14.76
CA ALA J 49 81.20 -53.37 16.03
C ALA J 49 82.23 -53.49 17.14
N LEU J 50 83.09 -54.50 17.09
CA LEU J 50 84.11 -54.68 18.10
C LEU J 50 85.31 -53.76 17.90
N ALA J 51 85.38 -53.04 16.78
CA ALA J 51 86.49 -52.14 16.50
C ALA J 51 86.25 -50.72 17.01
N GLN J 52 85.01 -50.35 17.29
CA GLN J 52 84.69 -49.02 17.77
C GLN J 52 85.00 -48.91 19.26
N PRO J 53 85.24 -47.68 19.77
CA PRO J 53 85.44 -47.51 21.21
C PRO J 53 84.16 -47.80 21.97
N PRO J 54 84.26 -48.18 23.24
CA PRO J 54 83.06 -48.51 24.02
C PRO J 54 82.23 -47.28 24.33
N GLY J 55 80.95 -47.53 24.61
CA GLY J 55 79.98 -46.48 24.82
C GLY J 55 79.32 -45.99 23.55
N GLN J 56 79.86 -46.33 22.38
CA GLN J 56 79.30 -45.89 21.10
C GLN J 56 78.92 -47.07 20.22
N VAL J 57 78.56 -48.20 20.83
CA VAL J 57 78.08 -49.38 20.12
C VAL J 57 76.79 -49.83 20.78
N ALA J 58 75.72 -49.91 20.00
CA ALA J 58 74.43 -50.38 20.50
C ALA J 58 73.64 -50.98 19.36
N ILE J 59 72.82 -51.98 19.70
CA ILE J 59 71.96 -52.66 18.73
C ILE J 59 70.56 -52.08 18.85
N VAL J 60 70.05 -51.57 17.73
CA VAL J 60 68.76 -50.89 17.70
C VAL J 60 67.75 -51.79 17.02
N ILE J 61 66.64 -52.06 17.71
CA ILE J 61 65.57 -52.90 17.21
C ILE J 61 64.28 -52.08 17.23
N ASP J 62 63.76 -51.75 16.04
CA ASP J 62 62.43 -51.17 15.92
C ASP J 62 61.42 -52.30 15.98
N ASN J 63 60.63 -52.35 17.06
CA ASN J 63 59.68 -53.44 17.27
C ASN J 63 58.36 -53.08 16.58
N GLY J 64 58.41 -53.04 15.25
CA GLY J 64 57.24 -52.68 14.48
C GLY J 64 56.26 -53.83 14.37
N SER J 65 54.97 -53.47 14.29
CA SER J 65 53.92 -54.48 14.23
C SER J 65 53.86 -55.15 12.86
N HIS J 66 54.12 -54.41 11.80
CA HIS J 66 54.17 -55.01 10.47
C HIS J 66 55.54 -55.55 10.13
N SER J 67 56.60 -54.91 10.61
CA SER J 67 57.96 -55.32 10.24
C SER J 67 58.90 -54.93 11.37
N VAL J 68 59.28 -55.92 12.18
CA VAL J 68 60.38 -55.74 13.13
C VAL J 68 61.68 -55.53 12.37
N ARG J 69 62.38 -54.45 12.69
CA ARG J 69 63.65 -54.11 12.08
C ARG J 69 64.73 -54.14 13.14
N ALA J 70 65.96 -54.45 12.71
CA ALA J 70 67.07 -54.57 13.65
C ALA J 70 68.38 -54.31 12.93
N GLY J 71 69.28 -53.64 13.64
CA GLY J 71 70.60 -53.37 13.08
C GLY J 71 71.50 -52.72 14.11
N TRP J 72 72.66 -52.27 13.63
CA TRP J 72 73.60 -51.55 14.48
C TRP J 72 73.45 -50.05 14.26
N ASN J 73 73.81 -49.28 15.28
CA ASN J 73 73.50 -47.86 15.29
C ASN J 73 74.43 -47.04 14.40
N PHE J 74 75.61 -47.55 14.06
CA PHE J 74 76.58 -46.79 13.30
C PHE J 74 76.41 -46.92 11.79
N GLU J 75 75.26 -47.40 11.34
CA GLU J 75 74.94 -47.49 9.91
C GLU J 75 73.69 -46.67 9.62
N ASP J 76 73.23 -46.75 8.36
CA ASP J 76 72.05 -46.03 7.93
C ASP J 76 70.88 -46.91 7.55
N LYS J 77 71.14 -48.12 7.03
CA LYS J 77 70.05 -49.04 6.73
C LYS J 77 70.02 -50.17 7.75
N PRO J 78 68.83 -50.66 8.12
CA PRO J 78 68.77 -51.79 9.05
C PRO J 78 69.13 -53.09 8.36
N ARG J 79 69.72 -54.00 9.14
CA ARG J 79 70.14 -55.28 8.58
C ARG J 79 68.97 -56.21 8.37
N LEU J 80 68.16 -56.43 9.41
CA LEU J 80 67.04 -57.36 9.33
C LEU J 80 65.72 -56.58 9.33
N ALA J 81 64.83 -56.95 8.42
CA ALA J 81 63.50 -56.35 8.34
C ALA J 81 62.52 -57.49 8.06
N ILE J 82 61.99 -58.09 9.13
CA ILE J 82 61.18 -59.30 8.99
C ILE J 82 59.83 -59.07 9.65
N PRO J 83 58.80 -59.79 9.22
CA PRO J 83 57.56 -59.83 10.00
C PRO J 83 57.74 -60.67 11.24
N PRO J 84 56.82 -60.56 12.20
CA PRO J 84 56.90 -61.43 13.40
C PRO J 84 56.33 -62.83 13.21
N ILE J 85 56.20 -63.28 11.95
CA ILE J 85 55.66 -64.59 11.66
C ILE J 85 56.63 -65.68 12.12
N MET J 86 56.13 -66.65 12.88
CA MET J 86 56.81 -67.92 13.08
C MET J 86 55.88 -69.05 12.71
N SER J 87 56.45 -70.24 12.58
CA SER J 87 55.66 -71.45 12.32
C SER J 87 56.47 -72.65 12.77
N LYS J 88 55.92 -73.45 13.67
CA LYS J 88 56.56 -74.68 14.13
C LYS J 88 55.65 -75.88 13.89
N TYR J 89 56.25 -76.98 13.45
CA TYR J 89 55.51 -78.20 13.12
C TYR J 89 56.49 -79.35 13.11
N ARG J 90 55.97 -80.54 12.80
CA ARG J 90 56.80 -81.74 12.68
C ARG J 90 56.13 -82.71 11.72
N ASP J 91 56.94 -83.60 11.16
CA ASP J 91 56.46 -84.59 10.20
C ASP J 91 55.62 -85.69 10.86
N LYS J 96 61.69 -85.21 13.31
CA LYS J 96 62.39 -83.94 13.15
C LYS J 96 61.41 -82.78 13.23
N THR J 97 61.78 -81.73 13.96
CA THR J 97 60.90 -80.60 14.22
C THR J 97 61.49 -79.35 13.57
N PHE J 98 60.71 -78.72 12.70
CA PHE J 98 61.07 -77.44 12.11
C PHE J 98 60.31 -76.33 12.83
N SER J 99 61.03 -75.25 13.17
CA SER J 99 60.44 -74.16 13.94
C SER J 99 60.91 -72.80 13.45
N PHE J 100 61.14 -72.64 12.15
CA PHE J 100 61.71 -71.42 11.62
C PHE J 100 60.69 -70.28 11.64
N ALA J 101 61.21 -69.05 11.60
CA ALA J 101 60.42 -67.85 11.84
C ALA J 101 60.79 -66.77 10.82
N GLY J 102 60.15 -65.61 10.97
CA GLY J 102 60.49 -64.46 10.16
C GLY J 102 59.97 -64.55 8.74
N SER J 103 60.75 -64.01 7.81
CA SER J 103 60.43 -64.04 6.38
C SER J 103 60.65 -65.41 5.76
N ASP J 104 61.24 -66.35 6.50
CA ASP J 104 61.51 -67.67 5.98
C ASP J 104 60.25 -68.51 5.85
N CYS J 105 59.20 -68.19 6.60
CA CYS J 105 57.88 -68.72 6.29
C CYS J 105 57.43 -68.17 4.94
N TYR J 106 56.70 -69.00 4.20
CA TYR J 106 56.40 -68.68 2.81
C TYR J 106 55.28 -67.65 2.67
N ALA J 107 54.69 -67.18 3.76
CA ALA J 107 53.66 -66.16 3.68
C ALA J 107 53.71 -65.25 4.92
N ALA J 111 55.44 -74.68 1.88
CA ALA J 111 54.03 -74.35 1.67
C ALA J 111 53.19 -74.82 2.85
N ARG J 112 53.78 -74.80 4.04
CA ARG J 112 53.11 -75.20 5.27
C ARG J 112 53.03 -74.00 6.19
N SER J 113 51.82 -73.73 6.70
CA SER J 113 51.57 -72.55 7.52
C SER J 113 50.92 -72.97 8.83
N HIS J 114 51.68 -72.81 9.92
CA HIS J 114 51.14 -72.87 11.27
C HIS J 114 51.40 -71.50 11.89
N ILE J 115 51.07 -70.46 11.14
CA ILE J 115 51.49 -69.10 11.43
C ILE J 115 50.69 -68.54 12.60
N ARG J 116 51.40 -68.07 13.63
CA ARG J 116 50.81 -67.22 14.66
C ARG J 116 51.77 -66.07 14.92
N ASN J 117 51.22 -64.87 15.10
CA ASN J 117 52.00 -63.65 15.14
C ASN J 117 52.25 -63.19 16.56
N ALA J 118 53.35 -62.47 16.75
CA ALA J 118 53.72 -61.98 18.08
C ALA J 118 52.82 -60.85 18.54
N PHE J 119 52.34 -60.04 17.62
CA PHE J 119 51.44 -58.94 17.93
C PHE J 119 49.99 -59.43 17.91
N GLU J 120 49.19 -58.89 18.81
CA GLU J 120 47.76 -59.15 18.77
C GLU J 120 47.16 -58.45 17.56
N ALA J 121 46.24 -59.13 16.89
CA ALA J 121 45.66 -58.63 15.64
C ALA J 121 44.81 -57.40 15.91
N GLY J 122 45.31 -56.24 15.48
CA GLY J 122 44.59 -54.99 15.60
C GLY J 122 45.14 -54.01 16.59
N THR J 123 46.19 -54.37 17.33
CA THR J 123 46.73 -53.49 18.37
C THR J 123 48.20 -53.80 18.51
N GLY J 124 49.03 -52.76 18.54
CA GLY J 124 50.47 -52.96 18.64
C GLY J 124 50.97 -53.17 20.05
N ILE J 125 50.35 -54.10 20.78
CA ILE J 125 50.77 -54.46 22.13
C ILE J 125 51.10 -55.95 22.11
N VAL J 126 52.34 -56.28 22.46
CA VAL J 126 52.82 -57.66 22.33
C VAL J 126 52.19 -58.51 23.43
N SER J 127 51.46 -59.55 23.02
CA SER J 127 50.86 -60.48 23.97
C SER J 127 50.92 -61.92 23.47
N ASN J 128 51.95 -62.27 22.71
CA ASN J 128 52.11 -63.62 22.18
C ASN J 128 53.57 -64.04 22.35
N TRP J 129 54.05 -63.98 23.61
CA TRP J 129 55.48 -63.94 23.93
C TRP J 129 56.26 -65.15 23.45
N ASP J 130 55.60 -66.29 23.28
CA ASP J 130 56.26 -67.47 22.71
C ASP J 130 56.63 -67.27 21.25
N VAL J 131 56.00 -66.32 20.57
CA VAL J 131 56.40 -65.96 19.21
C VAL J 131 57.49 -64.90 19.22
N MET J 132 57.36 -63.91 20.11
CA MET J 132 58.34 -62.82 20.19
C MET J 132 59.71 -63.33 20.62
N GLU J 133 59.74 -64.38 21.46
CA GLU J 133 61.00 -64.98 21.88
C GLU J 133 61.73 -65.60 20.69
N HIS J 134 61.00 -66.31 19.83
CA HIS J 134 61.63 -66.91 18.65
C HIS J 134 61.99 -65.86 17.60
N VAL J 135 61.24 -64.77 17.53
CA VAL J 135 61.57 -63.69 16.59
C VAL J 135 62.88 -63.01 17.02
N LEU J 136 63.00 -62.69 18.31
CA LEU J 136 64.26 -62.16 18.82
C LEU J 136 65.39 -63.16 18.70
N ASP J 137 65.09 -64.46 18.82
CA ASP J 137 66.09 -65.50 18.62
C ASP J 137 66.62 -65.47 17.18
N TYR J 138 65.70 -65.35 16.21
CA TYR J 138 66.11 -65.25 14.81
C TYR J 138 66.93 -63.99 14.55
N VAL J 139 66.58 -62.89 15.23
CA VAL J 139 67.31 -61.64 15.08
C VAL J 139 68.74 -61.78 15.59
N PHE J 140 68.90 -62.28 16.81
CA PHE J 140 70.24 -62.43 17.37
C PHE J 140 71.05 -63.52 16.67
N VAL J 141 70.41 -64.49 16.02
CA VAL J 141 71.18 -65.45 15.23
C VAL J 141 71.66 -64.81 13.93
N LYS J 142 70.76 -64.15 13.20
CA LYS J 142 71.15 -63.63 11.89
C LYS J 142 71.97 -62.34 11.98
N LEU J 143 72.04 -61.69 13.14
CA LEU J 143 73.03 -60.63 13.32
C LEU J 143 74.40 -61.20 13.61
N GLY J 144 74.45 -62.31 14.36
CA GLY J 144 75.72 -62.90 14.75
C GLY J 144 76.01 -62.72 16.21
N MET J 145 75.71 -63.75 17.02
CA MET J 145 75.94 -63.73 18.46
C MET J 145 76.54 -65.08 18.85
N ASN J 146 77.84 -65.11 19.08
CA ASN J 146 78.55 -66.32 19.47
C ASN J 146 79.41 -65.99 20.69
N GLU J 147 78.82 -66.08 21.87
CA GLU J 147 79.52 -65.75 23.11
C GLU J 147 78.89 -66.45 24.31
N ASP J 153 76.38 -59.16 24.10
CA ASP J 153 76.57 -58.30 25.26
C ASP J 153 76.68 -56.82 24.88
N MET J 154 75.79 -56.39 23.99
CA MET J 154 75.70 -55.01 23.55
C MET J 154 74.45 -54.35 24.13
N PRO J 155 74.45 -53.03 24.31
CA PRO J 155 73.23 -52.35 24.76
C PRO J 155 72.13 -52.40 23.71
N ILE J 156 70.89 -52.31 24.18
CA ILE J 156 69.71 -52.49 23.35
C ILE J 156 68.83 -51.26 23.47
N VAL J 157 68.54 -50.63 22.33
CA VAL J 157 67.56 -49.56 22.25
C VAL J 157 66.38 -50.11 21.45
N MET J 158 65.20 -50.10 22.06
CA MET J 158 64.06 -50.82 21.51
C MET J 158 62.82 -49.94 21.55
N THR J 159 61.98 -50.06 20.53
CA THR J 159 60.78 -49.25 20.41
C THR J 159 59.58 -49.98 20.97
N GLU J 160 58.54 -49.21 21.28
CA GLU J 160 57.29 -49.75 21.78
C GLU J 160 56.16 -48.84 21.33
N ALA J 161 54.95 -49.15 21.78
CA ALA J 161 53.78 -48.36 21.42
C ALA J 161 53.51 -47.30 22.47
N VAL J 162 52.68 -46.33 22.10
CA VAL J 162 52.36 -45.21 22.97
C VAL J 162 51.42 -45.67 24.06
N ALA J 163 51.73 -45.29 25.32
CA ALA J 163 50.97 -45.65 26.52
C ALA J 163 50.84 -47.17 26.66
N ASN J 164 51.99 -47.84 26.67
CA ASN J 164 52.04 -49.29 26.69
C ASN J 164 51.58 -49.82 28.04
N LEU J 165 51.01 -51.02 28.01
CA LEU J 165 50.59 -51.68 29.23
C LEU J 165 51.80 -52.10 30.04
N PRO J 166 51.72 -52.06 31.39
CA PRO J 166 52.90 -52.37 32.20
C PRO J 166 53.30 -53.83 32.17
N TYR J 167 52.34 -54.75 32.00
CA TYR J 167 52.65 -56.17 31.98
C TYR J 167 53.47 -56.54 30.74
N SER J 168 53.19 -55.87 29.62
CA SER J 168 53.94 -56.15 28.40
C SER J 168 55.38 -55.68 28.51
N ARG J 169 55.60 -54.52 29.14
CA ARG J 169 56.95 -54.03 29.34
C ARG J 169 57.70 -54.91 30.33
N LYS J 170 57.01 -55.38 31.38
CA LYS J 170 57.62 -56.29 32.34
C LYS J 170 58.03 -57.60 31.69
N SER J 171 57.16 -58.16 30.86
CA SER J 171 57.48 -59.43 30.20
C SER J 171 58.59 -59.27 29.17
N MET J 172 58.60 -58.14 28.44
CA MET J 172 59.66 -57.88 27.47
C MET J 172 61.01 -57.70 28.16
N SER J 173 61.03 -56.97 29.28
CA SER J 173 62.27 -56.79 30.02
C SER J 173 62.74 -58.12 30.63
N GLU J 174 61.80 -58.97 31.04
CA GLU J 174 62.17 -60.28 31.56
C GLU J 174 62.75 -61.16 30.47
N ILE J 175 62.23 -61.07 29.24
CA ILE J 175 62.81 -61.85 28.15
C ILE J 175 64.19 -61.29 27.75
N ILE J 176 64.38 -59.98 27.87
CA ILE J 176 65.68 -59.40 27.50
C ILE J 176 66.75 -59.78 28.53
N PHE J 177 66.45 -59.64 29.81
CA PHE J 177 67.49 -59.92 30.81
C PHE J 177 67.69 -61.41 31.05
N GLU J 178 66.60 -62.14 31.33
CA GLU J 178 66.73 -63.50 31.85
C GLU J 178 67.05 -64.51 30.76
N CYS J 179 66.44 -64.37 29.58
CA CYS J 179 66.60 -65.38 28.54
C CYS J 179 67.95 -65.25 27.85
N TYR J 180 68.28 -64.05 27.39
CA TYR J 180 69.43 -63.80 26.55
C TYR J 180 70.62 -63.27 27.34
N GLY J 181 70.42 -62.25 28.17
CA GLY J 181 71.50 -61.65 28.91
C GLY J 181 72.04 -60.42 28.21
N ALA J 182 71.69 -59.24 28.73
CA ALA J 182 72.02 -57.99 28.09
C ALA J 182 72.56 -57.01 29.13
N PRO J 183 73.47 -56.11 28.72
CA PRO J 183 73.93 -55.06 29.63
C PRO J 183 72.82 -54.08 30.02
N SER J 184 72.17 -53.51 29.01
CA SER J 184 71.12 -52.52 29.25
C SER J 184 70.21 -52.43 28.03
N LEU J 185 68.96 -52.06 28.29
CA LEU J 185 68.02 -51.74 27.22
C LEU J 185 67.21 -50.53 27.64
N VAL J 186 66.67 -49.83 26.65
CA VAL J 186 65.87 -48.64 26.89
C VAL J 186 64.76 -48.56 25.85
N TYR J 187 63.53 -48.32 26.32
CA TYR J 187 62.37 -48.27 25.46
C TYR J 187 62.09 -46.86 25.00
N GLY J 188 61.56 -46.74 23.77
CA GLY J 188 61.17 -45.44 23.25
C GLY J 188 60.07 -45.56 22.22
N ILE J 189 59.45 -44.43 21.93
CA ILE J 189 58.38 -44.37 20.93
C ILE J 189 59.01 -44.04 19.58
N ASP J 190 58.74 -44.90 18.59
CA ASP J 190 59.44 -44.84 17.30
C ASP J 190 59.08 -43.60 16.49
N SER J 191 57.84 -43.12 16.60
CA SER J 191 57.45 -41.91 15.90
C SER J 191 58.18 -40.69 16.45
N LEU J 192 58.43 -40.68 17.76
CA LEU J 192 59.20 -39.61 18.34
C LEU J 192 60.68 -39.72 17.98
N PHE J 193 61.18 -40.93 17.74
CA PHE J 193 62.54 -41.06 17.20
C PHE J 193 62.61 -40.50 15.79
N SER J 194 61.59 -40.77 14.97
CA SER J 194 61.58 -40.19 13.62
C SER J 194 61.39 -38.67 13.65
N PHE J 195 60.75 -38.17 14.71
CA PHE J 195 60.74 -36.73 14.96
C PHE J 195 62.14 -36.19 15.25
N ARG J 196 62.85 -36.84 16.18
CA ARG J 196 64.18 -36.39 16.57
C ARG J 196 65.21 -36.54 15.45
N HIS J 197 64.99 -37.46 14.51
CA HIS J 197 65.90 -37.56 13.38
C HIS J 197 65.59 -36.53 12.30
N ASN J 198 64.34 -36.07 12.23
CA ASN J 198 63.94 -35.12 11.21
C ASN J 198 64.27 -33.68 11.59
N GLN J 199 64.92 -33.49 12.74
CA GLN J 199 65.43 -32.20 13.23
C GLN J 199 64.31 -31.20 13.46
N GLY J 200 63.26 -31.64 14.15
CA GLY J 200 62.21 -30.76 14.60
C GLY J 200 62.38 -30.42 16.07
N GLN J 201 61.73 -29.35 16.50
CA GLN J 201 61.80 -28.91 17.88
C GLN J 201 60.45 -28.88 18.56
N THR J 202 59.45 -28.28 17.91
CA THR J 202 58.11 -28.16 18.50
C THR J 202 57.09 -28.29 17.38
N GLY J 203 56.21 -29.26 17.50
CA GLY J 203 55.22 -29.46 16.47
C GLY J 203 54.13 -30.41 16.90
N LEU J 204 53.47 -30.99 15.91
CA LEU J 204 52.35 -31.90 16.14
C LEU J 204 52.60 -33.12 15.27
N VAL J 205 53.20 -34.16 15.84
CA VAL J 205 53.55 -35.36 15.10
C VAL J 205 52.28 -36.19 14.90
N VAL J 206 51.85 -36.33 13.66
CA VAL J 206 50.75 -37.22 13.29
C VAL J 206 51.36 -38.39 12.54
N SER J 207 51.27 -39.58 13.13
CA SER J 207 51.91 -40.77 12.60
C SER J 207 50.88 -41.87 12.45
N SER J 208 50.60 -42.26 11.22
CA SER J 208 49.63 -43.33 10.95
C SER J 208 50.40 -44.63 10.78
N SER J 209 50.36 -45.48 11.79
CA SER J 209 51.14 -46.70 11.82
C SER J 209 50.34 -47.87 11.22
N TYR J 210 50.83 -49.08 11.45
CA TYR J 210 50.14 -50.28 11.01
C TYR J 210 49.02 -50.69 11.96
N SER J 211 49.08 -50.27 13.22
CA SER J 211 48.11 -50.68 14.22
C SER J 211 47.19 -49.56 14.67
N ALA J 212 47.71 -48.34 14.83
CA ALA J 212 46.90 -47.21 15.25
C ALA J 212 47.55 -45.93 14.75
N THR J 213 46.76 -44.88 14.63
CA THR J 213 47.23 -43.58 14.14
C THR J 213 47.33 -42.62 15.31
N HIS J 214 48.55 -42.25 15.67
CA HIS J 214 48.78 -41.41 16.83
C HIS J 214 48.89 -39.94 16.43
N VAL J 215 48.42 -39.07 17.32
CA VAL J 215 48.65 -37.63 17.25
C VAL J 215 49.27 -37.21 18.57
N ILE J 216 50.51 -36.71 18.51
CA ILE J 216 51.30 -36.40 19.69
C ILE J 216 51.81 -34.97 19.56
N PRO J 217 51.45 -34.05 20.45
CA PRO J 217 52.06 -32.71 20.42
C PRO J 217 53.39 -32.72 21.15
N VAL J 218 54.40 -32.10 20.53
CA VAL J 218 55.75 -32.06 21.09
C VAL J 218 56.14 -30.61 21.29
N TYR J 219 56.54 -30.26 22.51
CA TYR J 219 56.89 -28.89 22.88
C TYR J 219 58.33 -28.86 23.37
N ASN J 220 59.22 -28.33 22.52
CA ASN J 220 60.66 -28.20 22.77
C ASN J 220 61.31 -29.55 23.10
N ARG J 221 61.25 -30.45 22.10
CA ARG J 221 61.85 -31.78 22.14
C ARG J 221 61.32 -32.64 23.28
N LYS J 222 60.09 -32.39 23.72
CA LYS J 222 59.47 -33.16 24.78
C LYS J 222 58.05 -33.49 24.40
N ALA J 223 57.70 -34.78 24.47
CA ALA J 223 56.36 -35.21 24.10
C ALA J 223 55.38 -34.94 25.23
N LEU J 224 54.24 -34.36 24.89
CA LEU J 224 53.18 -34.11 25.86
C LEU J 224 52.21 -35.28 25.84
N LEU J 225 52.68 -36.41 26.38
CA LEU J 225 51.94 -37.66 26.33
C LEU J 225 50.75 -37.71 27.25
N SER J 226 50.50 -36.68 28.07
CA SER J 226 49.28 -36.64 28.86
C SER J 226 48.05 -36.30 28.03
N GLN J 227 48.23 -35.87 26.78
CA GLN J 227 47.11 -35.44 25.96
C GLN J 227 47.23 -35.90 24.51
N ALA J 228 48.12 -36.85 24.22
CA ALA J 228 48.17 -37.44 22.90
C ALA J 228 46.96 -38.33 22.67
N ILE J 229 46.48 -38.38 21.43
CA ILE J 229 45.27 -39.13 21.11
C ILE J 229 45.58 -40.10 19.98
N ARG J 230 45.23 -41.38 20.18
CA ARG J 230 45.38 -42.38 19.15
C ARG J 230 44.01 -42.72 18.56
N LEU J 231 43.91 -42.58 17.25
CA LEU J 231 42.81 -43.17 16.51
C LEU J 231 43.07 -44.66 16.34
N ASN J 232 41.99 -45.45 16.43
CA ASN J 232 42.08 -46.89 16.49
C ASN J 232 42.00 -47.53 15.10
N TRP J 233 42.54 -46.86 14.10
CA TRP J 233 42.51 -47.31 12.72
C TRP J 233 43.94 -47.37 12.20
N GLY J 234 44.19 -48.26 11.24
CA GLY J 234 45.54 -48.43 10.75
C GLY J 234 45.57 -49.24 9.49
N GLY J 235 46.79 -49.56 9.05
CA GLY J 235 46.97 -50.28 7.80
C GLY J 235 46.45 -51.70 7.85
N TRP J 236 46.51 -52.34 9.02
CA TRP J 236 45.89 -53.64 9.17
C TRP J 236 44.38 -53.54 9.07
N HIS J 237 43.80 -52.47 9.63
CA HIS J 237 42.37 -52.25 9.49
C HIS J 237 42.01 -51.91 8.04
N MET J 238 42.91 -51.22 7.33
CA MET J 238 42.75 -51.02 5.88
C MET J 238 42.65 -52.35 5.15
N ALA J 239 43.57 -53.27 5.45
CA ALA J 239 43.61 -54.56 4.77
C ALA J 239 42.39 -55.41 5.11
N GLU J 240 41.99 -55.45 6.38
CA GLU J 240 40.85 -56.26 6.77
C GLU J 240 39.54 -55.70 6.24
N TYR J 241 39.39 -54.37 6.24
CA TYR J 241 38.17 -53.77 5.71
C TYR J 241 38.10 -53.87 4.20
N MET J 242 39.26 -53.80 3.53
CA MET J 242 39.32 -54.04 2.09
C MET J 242 38.95 -55.49 1.76
N LEU J 243 39.37 -56.43 2.61
CA LEU J 243 38.98 -57.82 2.44
C LEU J 243 37.48 -58.01 2.61
N LYS J 244 36.89 -57.33 3.60
CA LYS J 244 35.44 -57.44 3.79
C LYS J 244 34.67 -56.83 2.62
N LEU J 245 35.15 -55.71 2.08
CA LEU J 245 34.41 -55.14 0.95
C LEU J 245 34.64 -55.89 -0.35
N LEU J 246 35.77 -56.56 -0.54
CA LEU J 246 35.87 -57.43 -1.70
C LEU J 246 35.14 -58.75 -1.49
N LYS J 247 34.91 -59.14 -0.24
CA LYS J 247 34.08 -60.31 0.04
C LYS J 247 32.62 -60.02 -0.20
N LEU J 248 32.17 -58.80 0.08
CA LEU J 248 30.77 -58.45 -0.13
C LEU J 248 30.47 -57.83 -1.50
N LYS J 249 31.49 -57.34 -2.21
CA LYS J 249 31.27 -56.86 -3.56
C LYS J 249 31.01 -58.02 -4.51
N TYR J 250 31.97 -58.94 -4.61
CA TYR J 250 31.80 -60.15 -5.41
C TYR J 250 30.97 -61.12 -4.59
N TYR J 251 29.66 -61.05 -4.81
CA TYR J 251 28.64 -61.53 -3.90
C TYR J 251 28.28 -63.00 -4.11
N THR J 252 28.20 -63.44 -5.35
CA THR J 252 27.71 -64.78 -5.69
C THR J 252 28.80 -65.84 -5.56
N GLY J 253 29.97 -65.50 -5.07
CA GLY J 253 31.05 -66.47 -4.96
C GLY J 253 32.15 -66.19 -5.96
N PHE J 254 33.33 -65.85 -5.46
CA PHE J 254 34.46 -65.55 -6.33
C PHE J 254 35.42 -66.73 -6.31
N PRO J 255 35.73 -67.36 -7.44
CA PRO J 255 36.66 -68.49 -7.43
C PRO J 255 38.10 -68.05 -7.24
N GLY J 256 38.49 -67.80 -5.99
CA GLY J 256 39.84 -67.38 -5.69
C GLY J 256 40.10 -67.21 -4.22
N LYS J 257 41.32 -67.50 -3.79
CA LYS J 257 41.67 -67.36 -2.39
C LYS J 257 41.88 -65.89 -2.07
N LEU J 258 41.03 -65.34 -1.20
CA LEU J 258 41.12 -63.93 -0.81
C LEU J 258 41.88 -63.83 0.51
N ASN J 259 43.20 -63.77 0.41
CA ASN J 259 44.04 -63.55 1.58
C ASN J 259 43.95 -62.10 2.02
N SER J 260 44.41 -61.85 3.26
CA SER J 260 44.45 -60.49 3.77
C SER J 260 45.64 -59.73 3.22
N SER J 261 46.77 -60.41 3.02
CA SER J 261 47.99 -59.75 2.61
C SER J 261 47.92 -59.26 1.16
N GLN J 262 47.23 -59.99 0.29
CA GLN J 262 47.10 -59.50 -1.08
C GLN J 262 46.15 -58.32 -1.16
N THR J 263 45.16 -58.24 -0.27
CA THR J 263 44.35 -57.03 -0.19
C THR J 263 45.16 -55.87 0.37
N GLU J 264 46.10 -56.15 1.29
CA GLU J 264 47.00 -55.11 1.77
C GLU J 264 47.88 -54.58 0.63
N HIS J 265 48.38 -55.46 -0.22
CA HIS J 265 49.15 -55.00 -1.37
C HIS J 265 48.27 -54.34 -2.44
N MET J 266 46.97 -54.62 -2.45
CA MET J 266 46.06 -53.82 -3.28
C MET J 266 45.93 -52.41 -2.73
N VAL J 267 45.79 -52.28 -1.40
CA VAL J 267 45.66 -50.97 -0.76
C VAL J 267 46.94 -50.15 -0.92
N ARG J 268 48.10 -50.80 -0.90
CA ARG J 268 49.37 -50.10 -0.96
C ARG J 268 49.58 -49.40 -2.30
N ASP J 269 49.06 -49.94 -3.40
CA ASP J 269 49.32 -49.36 -4.71
C ASP J 269 48.06 -49.02 -5.50
N PHE J 270 46.88 -49.07 -4.89
CA PHE J 270 45.67 -48.71 -5.63
C PHE J 270 44.69 -47.89 -4.80
N CYS J 271 45.16 -47.16 -3.78
CA CYS J 271 44.29 -46.33 -2.96
C CYS J 271 44.93 -44.96 -2.77
N TYR J 272 44.12 -43.91 -2.87
CA TYR J 272 44.58 -42.56 -2.62
C TYR J 272 43.47 -41.75 -1.99
N VAL J 273 43.83 -40.89 -1.05
CA VAL J 273 42.86 -40.06 -0.36
C VAL J 273 42.40 -38.94 -1.29
N SER J 274 41.11 -38.88 -1.56
CA SER J 274 40.58 -37.87 -2.45
C SER J 274 40.51 -36.52 -1.77
N LEU J 275 40.65 -35.46 -2.57
CA LEU J 275 40.70 -34.10 -2.03
C LEU J 275 39.33 -33.62 -1.57
N ASP J 276 38.36 -33.64 -2.48
CA ASP J 276 36.99 -33.21 -2.17
C ASP J 276 36.12 -34.45 -2.35
N TYR J 277 35.72 -35.06 -1.22
CA TYR J 277 35.23 -36.43 -1.26
C TYR J 277 33.79 -36.53 -1.74
N ASP J 278 32.91 -35.64 -1.27
CA ASP J 278 31.49 -35.77 -1.58
C ASP J 278 31.14 -35.41 -3.01
N ARG J 279 32.02 -34.72 -3.73
CA ARG J 279 31.78 -34.46 -5.14
C ARG J 279 32.41 -35.52 -6.03
N GLU J 280 33.59 -36.02 -5.62
CA GLU J 280 34.24 -37.08 -6.37
C GLU J 280 33.47 -38.39 -6.31
N LEU J 281 32.80 -38.64 -5.18
CA LEU J 281 32.19 -39.95 -4.95
C LEU J 281 30.90 -40.12 -5.75
N ALA J 282 30.03 -39.11 -5.74
CA ALA J 282 28.70 -39.27 -6.30
C ALA J 282 28.71 -39.36 -7.82
N GLY J 283 29.72 -38.82 -8.48
CA GLY J 283 29.82 -38.91 -9.92
C GLY J 283 30.96 -39.81 -10.34
N TYR J 284 31.31 -40.77 -9.49
CA TYR J 284 32.46 -41.61 -9.78
C TYR J 284 32.07 -42.75 -10.72
N LEU J 285 30.90 -43.36 -10.50
CA LEU J 285 30.46 -44.51 -11.27
C LEU J 285 29.63 -44.13 -12.49
N ASP J 286 29.83 -42.94 -13.04
CA ASP J 286 29.22 -42.59 -14.31
C ASP J 286 29.90 -43.37 -15.42
N TRP J 287 29.17 -43.59 -16.51
CA TRP J 287 29.69 -44.39 -17.62
C TRP J 287 30.81 -43.67 -18.36
N THR J 288 30.70 -42.35 -18.49
CA THR J 288 31.65 -41.57 -19.28
C THR J 288 32.96 -41.45 -18.50
N GLY J 289 33.93 -42.29 -18.85
CA GLY J 289 35.25 -42.22 -18.26
C GLY J 289 35.53 -43.20 -17.15
N LEU J 290 34.71 -44.23 -16.98
CA LEU J 290 34.96 -45.24 -15.96
C LEU J 290 36.15 -46.14 -16.31
N GLU J 291 36.53 -46.18 -17.59
CA GLU J 291 37.62 -47.02 -18.04
C GLU J 291 38.98 -46.60 -17.50
N ASP J 292 39.14 -45.35 -17.07
CA ASP J 292 40.39 -44.87 -16.50
C ASP J 292 40.37 -44.78 -14.98
N ARG J 293 39.19 -44.83 -14.36
CA ARG J 293 39.11 -44.91 -12.91
C ARG J 293 39.30 -46.33 -12.42
N GLU J 294 38.88 -47.30 -13.22
CA GLU J 294 38.80 -48.69 -12.80
C GLU J 294 40.19 -49.31 -12.78
N ARG J 295 40.50 -50.05 -11.71
CA ARG J 295 41.77 -50.76 -11.64
C ARG J 295 41.49 -52.24 -11.46
N ILE J 296 42.14 -53.06 -12.30
CA ILE J 296 41.76 -54.44 -12.52
C ILE J 296 42.89 -55.36 -12.09
N VAL J 297 42.53 -56.51 -11.50
CA VAL J 297 43.48 -57.42 -10.88
C VAL J 297 43.20 -58.84 -11.39
N GLN J 298 44.20 -59.49 -11.96
CA GLN J 298 44.10 -60.88 -12.39
C GLN J 298 44.15 -61.83 -11.18
N TYR J 299 44.12 -63.13 -11.47
CA TYR J 299 44.44 -64.22 -10.56
C TYR J 299 44.95 -65.38 -11.40
N PRO J 300 45.82 -66.23 -10.85
CA PRO J 300 46.28 -67.39 -11.64
C PRO J 300 45.21 -68.47 -11.82
N ASP J 603 19.05 -53.90 -20.80
CA ASP J 603 20.19 -54.81 -20.72
C ASP J 603 21.15 -54.42 -19.60
N TRP J 604 22.43 -54.74 -19.79
CA TRP J 604 23.43 -54.43 -18.77
C TRP J 604 23.90 -52.99 -18.80
N SER J 605 23.74 -52.30 -19.94
CA SER J 605 24.26 -50.94 -20.06
C SER J 605 23.44 -49.91 -19.29
N LYS J 606 22.27 -50.27 -18.79
CA LYS J 606 21.44 -49.36 -18.01
C LYS J 606 21.79 -49.40 -16.53
N SER J 607 21.94 -50.59 -15.97
CA SER J 607 22.16 -50.76 -14.54
C SER J 607 23.58 -50.38 -14.15
N LEU J 608 23.73 -49.82 -12.95
CA LEU J 608 25.03 -49.45 -12.44
C LEU J 608 25.76 -50.60 -11.75
N LEU J 609 25.04 -51.67 -11.40
CA LEU J 609 25.68 -52.78 -10.71
C LEU J 609 26.64 -53.53 -11.60
N HIS J 610 26.37 -53.57 -12.91
CA HIS J 610 27.36 -54.10 -13.83
C HIS J 610 28.56 -53.18 -13.95
N ALA J 611 28.33 -51.86 -13.87
CA ALA J 611 29.45 -50.93 -13.86
C ALA J 611 30.20 -50.98 -12.54
N PHE J 612 29.52 -51.35 -11.47
CA PHE J 612 30.16 -51.42 -10.17
C PHE J 612 30.99 -52.68 -10.00
N ARG J 613 30.46 -53.83 -10.41
CA ARG J 613 31.22 -55.07 -10.26
C ARG J 613 32.20 -55.28 -11.40
N TYR J 614 31.80 -55.01 -12.63
CA TYR J 614 32.51 -55.52 -13.80
C TYR J 614 33.14 -54.43 -14.66
N GLY J 615 32.47 -53.30 -14.85
CA GLY J 615 33.05 -52.22 -15.63
C GLY J 615 32.25 -51.91 -16.88
N PRO J 616 32.75 -50.97 -17.69
CA PRO J 616 32.02 -50.60 -18.91
C PRO J 616 32.09 -51.65 -20.01
N ARG J 617 33.02 -52.59 -19.92
CA ARG J 617 33.09 -53.71 -20.84
C ARG J 617 31.88 -54.63 -20.62
N PRO J 618 31.52 -55.45 -21.63
CA PRO J 618 30.39 -56.38 -21.44
C PRO J 618 30.64 -57.48 -20.41
N PHE J 619 29.64 -58.34 -20.25
CA PHE J 619 29.60 -59.29 -19.14
C PHE J 619 30.68 -60.36 -19.28
N ASP J 620 30.86 -61.11 -18.21
CA ASP J 620 31.79 -62.23 -18.22
C ASP J 620 31.17 -63.44 -18.89
N PRO J 621 31.77 -63.98 -19.96
CA PRO J 621 31.19 -65.16 -20.62
C PRO J 621 31.62 -66.47 -19.99
N SER J 622 32.12 -66.40 -18.74
CA SER J 622 32.70 -67.52 -18.00
C SER J 622 33.85 -68.16 -18.76
N SER J 623 34.88 -67.36 -18.98
CA SER J 623 36.11 -67.78 -19.63
C SER J 623 37.16 -68.10 -18.58
N GLN J 624 38.37 -68.44 -19.04
CA GLN J 624 39.46 -68.76 -18.12
C GLN J 624 39.98 -67.49 -17.44
N ALA J 625 40.42 -66.52 -18.23
CA ALA J 625 41.01 -65.29 -17.73
C ALA J 625 40.00 -64.14 -17.66
N GLU J 626 38.74 -64.45 -17.41
CA GLU J 626 37.74 -63.41 -17.27
C GLU J 626 36.98 -63.50 -15.95
N THR J 627 36.67 -64.70 -15.47
CA THR J 627 36.02 -64.83 -14.19
C THR J 627 36.98 -64.49 -13.05
N HIS J 628 38.26 -64.82 -13.21
CA HIS J 628 39.26 -64.58 -12.17
C HIS J 628 39.82 -63.17 -12.29
N ARG J 629 38.95 -62.18 -12.10
CA ARG J 629 39.33 -60.78 -12.12
C ARG J 629 38.60 -60.05 -11.01
N VAL J 630 39.30 -59.11 -10.37
CA VAL J 630 38.71 -58.22 -9.38
C VAL J 630 38.82 -56.80 -9.90
N HIS J 631 37.68 -56.12 -10.01
CA HIS J 631 37.64 -54.74 -10.47
C HIS J 631 37.50 -53.82 -9.25
N LEU J 632 38.19 -52.68 -9.29
CA LEU J 632 38.19 -51.73 -8.20
C LEU J 632 37.76 -50.38 -8.73
N ASN J 633 36.62 -49.88 -8.24
CA ASN J 633 36.18 -48.52 -8.54
C ASN J 633 36.15 -47.66 -7.30
N VAL J 634 35.28 -47.99 -6.33
CA VAL J 634 35.05 -47.08 -5.22
C VAL J 634 36.08 -47.32 -4.11
N GLU J 635 36.58 -48.55 -4.02
CA GLU J 635 37.55 -48.98 -3.02
C GLU J 635 38.86 -48.21 -3.10
N ARG J 636 39.13 -47.52 -4.19
CA ARG J 636 40.30 -46.66 -4.28
C ARG J 636 40.19 -45.47 -3.34
N ILE J 637 39.00 -44.89 -3.22
CA ILE J 637 38.81 -43.67 -2.44
C ILE J 637 37.93 -43.88 -1.22
N ARG J 638 37.36 -45.07 -1.03
CA ARG J 638 36.52 -45.31 0.14
C ARG J 638 37.33 -45.85 1.31
N VAL J 639 38.30 -46.71 1.04
CA VAL J 639 39.10 -47.33 2.10
C VAL J 639 40.09 -46.37 2.75
N PRO J 640 40.91 -45.57 2.05
CA PRO J 640 41.74 -44.60 2.77
C PRO J 640 41.01 -43.36 3.25
N GLU J 641 39.68 -43.31 3.15
CA GLU J 641 38.91 -42.17 3.64
C GLU J 641 38.42 -42.38 5.07
N VAL J 642 38.59 -43.59 5.61
CA VAL J 642 38.09 -43.90 6.95
C VAL J 642 38.91 -43.18 8.02
N LEU J 643 40.14 -42.77 7.70
CA LEU J 643 40.93 -41.93 8.59
C LEU J 643 40.29 -40.58 8.87
N PHE J 644 39.43 -40.09 7.99
CA PHE J 644 38.83 -38.78 8.14
C PHE J 644 37.35 -38.82 8.51
N GLN J 645 36.62 -39.86 8.11
CA GLN J 645 35.21 -40.02 8.45
C GLN J 645 34.98 -41.43 8.98
N PRO J 646 35.38 -41.71 10.22
CA PRO J 646 35.39 -43.10 10.68
C PRO J 646 34.02 -43.61 11.07
N ALA J 647 33.19 -42.74 11.62
CA ALA J 647 31.91 -43.16 12.19
C ALA J 647 30.86 -43.52 11.14
N ALA J 648 31.12 -43.25 9.88
CA ALA J 648 30.13 -43.48 8.84
C ALA J 648 30.53 -44.55 7.84
N ILE J 649 31.80 -44.61 7.46
CA ILE J 649 32.21 -45.56 6.43
C ILE J 649 32.39 -46.96 7.01
N ALA J 650 33.09 -47.06 8.15
CA ALA J 650 33.38 -48.36 8.74
C ALA J 650 32.79 -48.55 10.13
N GLY J 651 32.10 -47.56 10.68
CA GLY J 651 31.40 -47.73 11.93
C GLY J 651 32.26 -47.73 13.17
N VAL J 652 33.54 -47.40 13.06
CA VAL J 652 34.35 -47.19 14.26
C VAL J 652 33.87 -45.91 14.94
N ASP J 653 33.36 -46.04 16.15
CA ASP J 653 32.74 -44.91 16.87
C ASP J 653 33.79 -44.02 17.53
N GLN J 654 34.62 -43.40 16.69
CA GLN J 654 35.62 -42.45 17.14
C GLN J 654 35.59 -41.25 16.19
N ALA J 655 36.56 -40.37 16.33
CA ALA J 655 36.59 -39.12 15.58
C ALA J 655 37.58 -39.21 14.42
N GLY J 656 37.44 -38.29 13.48
CA GLY J 656 38.33 -38.22 12.36
C GLY J 656 39.67 -37.60 12.71
N LEU J 657 40.63 -37.76 11.80
CA LEU J 657 41.98 -37.25 12.03
C LEU J 657 41.99 -35.72 12.07
N VAL J 658 41.22 -35.08 11.17
CA VAL J 658 41.12 -33.63 11.15
C VAL J 658 40.46 -33.12 12.43
N GLU J 659 39.42 -33.80 12.90
CA GLU J 659 38.71 -33.35 14.09
C GLU J 659 39.54 -33.57 15.35
N ILE J 660 40.33 -34.63 15.40
CA ILE J 660 41.26 -34.83 16.53
C ILE J 660 42.35 -33.77 16.52
N ALA J 661 42.90 -33.45 15.35
CA ALA J 661 43.94 -32.43 15.26
C ALA J 661 43.38 -31.05 15.63
N GLY J 662 42.15 -30.76 15.23
CA GLY J 662 41.53 -29.51 15.63
C GLY J 662 41.19 -29.44 17.10
N ASP J 663 40.79 -30.58 17.69
CA ASP J 663 40.51 -30.65 19.11
C ASP J 663 41.77 -30.41 19.92
N ILE J 664 42.90 -30.89 19.45
CA ILE J 664 44.16 -30.68 20.18
C ILE J 664 44.67 -29.26 19.96
N LEU J 665 44.61 -28.74 18.73
CA LEU J 665 45.20 -27.43 18.46
C LEU J 665 44.37 -26.28 18.98
N CYS J 666 43.03 -26.38 18.94
CA CYS J 666 42.20 -25.24 19.25
C CYS J 666 41.54 -25.25 20.61
N GLN J 667 41.48 -26.40 21.29
CA GLN J 667 40.71 -26.51 22.52
C GLN J 667 41.48 -27.01 23.72
N ARG J 668 42.62 -27.69 23.53
CA ARG J 668 43.43 -28.16 24.64
C ARG J 668 44.71 -27.37 24.82
N LEU J 669 45.45 -27.12 23.74
CA LEU J 669 46.72 -26.40 23.86
C LEU J 669 46.60 -24.93 24.26
N PRO J 670 45.60 -24.14 23.87
CA PRO J 670 45.44 -22.81 24.52
C PRO J 670 45.02 -22.88 25.98
N SER J 671 44.46 -23.99 26.44
CA SER J 671 44.03 -24.12 27.82
C SER J 671 45.04 -24.84 28.70
N LEU J 672 46.27 -25.00 28.26
CA LEU J 672 47.30 -25.67 29.05
C LEU J 672 48.29 -24.64 29.56
N PRO J 673 48.46 -24.50 30.88
CA PRO J 673 49.44 -23.54 31.40
C PRO J 673 50.85 -24.07 31.31
N GLY J 674 51.79 -23.16 31.04
CA GLY J 674 53.20 -23.49 30.96
C GLY J 674 53.79 -23.35 29.58
N ILE J 675 52.98 -23.08 28.56
CA ILE J 675 53.48 -22.91 27.19
C ILE J 675 53.10 -21.51 26.72
N GLN J 676 53.92 -20.97 25.82
CA GLN J 676 53.77 -19.58 25.41
C GLN J 676 52.71 -19.40 24.33
N ASP J 677 52.93 -19.99 23.16
CA ASP J 677 52.11 -19.73 21.98
C ASP J 677 51.50 -21.06 21.52
N ALA J 678 50.18 -21.16 21.59
CA ALA J 678 49.51 -22.36 21.11
C ALA J 678 49.32 -22.38 19.59
N PRO J 679 48.87 -21.29 18.89
CA PRO J 679 48.83 -21.41 17.42
C PRO J 679 50.12 -21.00 16.73
N ASP J 680 50.93 -20.17 17.37
CA ASP J 680 52.09 -19.61 16.68
C ASP J 680 53.32 -20.53 16.72
N ALA J 681 53.26 -21.63 17.46
CA ALA J 681 54.40 -22.52 17.59
C ALA J 681 54.12 -23.93 17.07
N PHE J 682 52.98 -24.51 17.44
CA PHE J 682 52.66 -25.88 17.03
C PHE J 682 52.32 -25.98 15.56
N LEU J 683 52.01 -24.87 14.90
CA LEU J 683 51.66 -24.89 13.48
C LEU J 683 52.87 -24.65 12.59
N ARG J 684 54.05 -24.47 13.16
CA ARG J 684 55.23 -24.24 12.35
C ARG J 684 55.69 -25.51 11.63
N ASP J 685 55.46 -26.68 12.24
CA ASP J 685 55.94 -27.93 11.67
C ASP J 685 54.96 -29.03 12.08
N VAL J 686 54.01 -29.32 11.21
CA VAL J 686 53.15 -30.49 11.33
C VAL J 686 53.57 -31.44 10.23
N PHE J 687 54.24 -32.53 10.59
CA PHE J 687 54.72 -33.45 9.59
C PHE J 687 54.21 -34.85 9.88
N LEU J 688 54.22 -35.67 8.84
CA LEU J 688 53.55 -36.95 8.81
C LEU J 688 54.60 -38.06 8.76
N THR J 689 54.50 -39.00 9.70
CA THR J 689 55.60 -39.94 9.98
C THR J 689 55.34 -41.35 9.47
N GLY J 690 54.21 -41.95 9.85
CA GLY J 690 54.06 -43.39 9.85
C GLY J 690 54.01 -44.04 8.47
N GLY J 691 53.93 -45.36 8.49
CA GLY J 691 53.94 -46.12 7.25
C GLY J 691 52.65 -46.00 6.47
N ASN J 692 51.51 -45.86 7.16
CA ASN J 692 50.21 -45.70 6.51
C ASN J 692 49.96 -44.25 6.15
N THR J 693 50.90 -43.66 5.43
CA THR J 693 50.85 -42.26 5.05
C THR J 693 51.19 -42.04 3.59
N LEU J 694 51.93 -42.95 2.96
CA LEU J 694 52.40 -42.74 1.59
C LEU J 694 51.29 -42.95 0.56
N PHE J 695 50.18 -42.24 0.72
CA PHE J 695 49.10 -42.19 -0.24
C PHE J 695 49.21 -40.90 -1.02
N GLN J 696 48.74 -40.91 -2.26
CA GLN J 696 48.72 -39.69 -3.04
C GLN J 696 47.65 -38.76 -2.50
N ASN J 697 48.04 -37.50 -2.28
CA ASN J 697 47.19 -36.44 -1.70
C ASN J 697 46.66 -36.82 -0.32
N PHE J 698 47.58 -37.00 0.62
CA PHE J 698 47.22 -37.17 2.02
C PHE J 698 47.57 -35.97 2.88
N ASP J 699 48.70 -35.31 2.61
CA ASP J 699 49.04 -34.11 3.36
C ASP J 699 48.15 -32.93 2.97
N GLU J 700 47.71 -32.90 1.72
CA GLU J 700 46.90 -31.79 1.24
C GLU J 700 45.50 -31.83 1.85
N ARG J 701 44.96 -33.03 2.06
CA ARG J 701 43.67 -33.17 2.73
C ARG J 701 43.72 -32.69 4.17
N LEU J 702 44.78 -33.07 4.89
CA LEU J 702 44.95 -32.62 6.27
C LEU J 702 45.20 -31.12 6.32
N ARG J 703 45.92 -30.58 5.33
CA ARG J 703 46.16 -29.14 5.30
C ARG J 703 44.88 -28.36 5.04
N GLN J 704 44.01 -28.88 4.17
CA GLN J 704 42.74 -28.19 3.92
C GLN J 704 41.81 -28.30 5.12
N GLY J 705 41.83 -29.43 5.82
CA GLY J 705 41.02 -29.54 7.03
C GLY J 705 41.47 -28.60 8.14
N LEU J 706 42.79 -28.54 8.37
CA LEU J 706 43.30 -27.62 9.37
C LEU J 706 43.15 -26.16 8.94
N MET J 707 43.16 -25.90 7.63
CA MET J 707 42.89 -24.54 7.17
C MET J 707 41.44 -24.17 7.39
N ALA J 708 40.54 -25.14 7.30
CA ALA J 708 39.13 -24.87 7.60
C ALA J 708 38.90 -24.68 9.09
N LEU J 709 39.74 -25.28 9.95
CA LEU J 709 39.49 -25.16 11.38
C LEU J 709 40.17 -23.95 12.02
N LEU J 710 41.43 -23.70 11.68
CA LEU J 710 42.27 -22.70 12.34
C LEU J 710 41.86 -21.27 11.97
N PRO J 711 42.20 -20.29 12.79
CA PRO J 711 41.94 -18.89 12.41
C PRO J 711 42.79 -18.45 11.21
N VAL J 712 42.32 -17.36 10.59
CA VAL J 712 42.94 -16.87 9.36
C VAL J 712 44.27 -16.21 9.68
N GLY J 713 45.32 -16.61 8.97
CA GLY J 713 46.63 -16.01 9.12
C GLY J 713 47.64 -16.90 9.82
N ALA J 714 47.27 -18.10 10.23
CA ALA J 714 48.22 -18.99 10.89
C ALA J 714 49.18 -19.55 9.86
N PRO J 715 50.50 -19.48 10.08
CA PRO J 715 51.46 -20.00 9.10
C PRO J 715 51.51 -21.52 9.11
N LEU J 716 50.49 -22.16 8.53
CA LEU J 716 50.42 -23.61 8.52
C LEU J 716 51.30 -24.18 7.41
N ARG J 717 52.15 -25.13 7.76
CA ARG J 717 53.03 -25.77 6.78
C ARG J 717 53.14 -27.25 7.14
N VAL J 718 52.31 -28.08 6.50
CA VAL J 718 52.27 -29.50 6.76
C VAL J 718 53.16 -30.21 5.75
N ARG J 719 54.09 -31.02 6.26
CA ARG J 719 55.03 -31.75 5.43
C ARG J 719 55.09 -33.19 5.95
N ARG J 720 56.04 -33.97 5.42
CA ARG J 720 56.21 -35.34 5.86
C ARG J 720 57.70 -35.65 5.97
N ALA J 721 58.00 -36.79 6.58
CA ALA J 721 59.37 -37.19 6.79
C ALA J 721 60.00 -37.65 5.49
N GLN J 722 61.31 -37.90 5.55
CA GLN J 722 62.08 -38.20 4.35
C GLN J 722 62.02 -39.67 3.97
N ASP J 723 62.05 -40.56 4.96
CA ASP J 723 62.14 -42.01 4.76
C ASP J 723 61.13 -42.72 5.65
N ALA J 724 59.86 -42.31 5.53
CA ALA J 724 58.73 -42.54 6.44
C ALA J 724 58.63 -43.90 7.13
N ILE J 725 58.98 -44.98 6.44
CA ILE J 725 58.95 -46.30 7.08
C ILE J 725 60.29 -46.70 7.71
N LEU J 726 61.37 -45.97 7.44
CA LEU J 726 62.68 -46.31 7.95
C LEU J 726 63.28 -45.28 8.90
N ASP J 727 62.68 -44.09 9.02
CA ASP J 727 63.21 -43.10 9.95
C ASP J 727 62.92 -43.44 11.40
N ALA J 728 61.96 -44.32 11.65
CA ALA J 728 61.70 -44.78 13.01
C ALA J 728 62.86 -45.60 13.55
N TRP J 729 63.59 -46.28 12.67
CA TRP J 729 64.80 -46.98 13.09
C TRP J 729 65.99 -46.01 13.20
N ARG J 730 66.11 -45.09 12.24
CA ARG J 730 67.27 -44.20 12.21
C ARG J 730 67.26 -43.21 13.36
N GLY J 731 66.06 -42.85 13.83
CA GLY J 731 65.99 -41.93 14.96
C GLY J 731 66.49 -42.55 16.26
N ALA J 732 66.17 -43.81 16.50
CA ALA J 732 66.74 -44.51 17.63
C ALA J 732 68.18 -44.94 17.37
N ALA J 733 68.60 -44.99 16.10
CA ALA J 733 70.00 -45.25 15.80
C ALA J 733 70.87 -44.06 16.18
N GLY J 734 70.44 -42.85 15.84
CA GLY J 734 71.19 -41.67 16.22
C GLY J 734 71.09 -41.32 17.69
N TRP J 735 70.04 -41.77 18.36
CA TRP J 735 69.84 -41.47 19.77
C TRP J 735 70.60 -42.41 20.70
N ALA J 736 71.02 -43.57 20.19
CA ALA J 736 71.35 -44.72 21.02
C ALA J 736 72.57 -44.51 21.91
N CYS J 737 73.51 -43.68 21.49
CA CYS J 737 74.80 -43.57 22.18
C CYS J 737 75.12 -42.12 22.51
N THR J 738 74.16 -41.42 23.10
CA THR J 738 74.35 -40.04 23.53
C THR J 738 74.33 -40.00 25.06
N GLU J 739 74.47 -38.78 25.59
CA GLU J 739 74.52 -38.61 27.03
C GLU J 739 73.14 -38.73 27.67
N GLU J 740 72.09 -38.31 26.98
CA GLU J 740 70.73 -38.48 27.51
C GLU J 740 70.32 -39.94 27.48
N ALA J 741 70.78 -40.69 26.49
CA ALA J 741 70.53 -42.12 26.48
C ALA J 741 71.35 -42.84 27.53
N LYS J 742 72.58 -42.37 27.76
CA LYS J 742 73.41 -42.97 28.81
C LYS J 742 72.85 -42.66 30.19
N ALA J 743 72.17 -41.54 30.35
CA ALA J 743 71.50 -41.20 31.59
C ALA J 743 70.07 -41.73 31.64
N ALA J 744 69.72 -42.68 30.78
CA ALA J 744 68.39 -43.26 30.78
C ALA J 744 68.38 -44.78 30.59
N TRP J 745 69.54 -45.43 30.60
CA TRP J 745 69.58 -46.87 30.49
C TRP J 745 69.10 -47.54 31.78
N ILE J 746 68.76 -48.82 31.67
CA ILE J 746 68.44 -49.67 32.81
C ILE J 746 69.40 -50.84 32.76
N THR J 747 70.36 -50.87 33.69
CA THR J 747 71.33 -51.95 33.72
C THR J 747 70.73 -53.18 34.38
N ARG J 748 71.54 -54.25 34.48
CA ARG J 748 71.03 -55.53 34.97
C ARG J 748 70.78 -55.49 36.47
N GLU J 749 71.68 -54.85 37.23
CA GLU J 749 71.49 -54.76 38.68
C GLU J 749 70.34 -53.81 39.04
N GLU J 750 70.05 -52.83 38.18
CA GLU J 750 68.88 -52.00 38.39
C GLU J 750 67.60 -52.79 38.16
N TYR J 751 67.63 -53.75 37.22
CA TYR J 751 66.50 -54.65 37.04
C TYR J 751 66.39 -55.62 38.22
N LEU J 752 67.52 -56.02 38.79
CA LEU J 752 67.47 -56.93 39.94
C LEU J 752 67.00 -56.23 41.20
N GLU J 753 67.26 -54.94 41.34
CA GLU J 753 66.91 -54.21 42.56
C GLU J 753 65.56 -53.50 42.46
N LYS J 754 65.36 -52.66 41.44
CA LYS J 754 64.16 -51.84 41.37
C LYS J 754 62.91 -52.63 40.98
N GLY J 755 63.07 -53.78 40.32
CA GLY J 755 61.94 -54.58 39.90
C GLY J 755 61.88 -54.71 38.38
N GLY J 756 60.68 -54.95 37.88
CA GLY J 756 60.49 -55.15 36.45
C GLY J 756 59.91 -53.95 35.74
N GLU J 757 58.92 -53.30 36.36
CA GLU J 757 58.23 -52.17 35.75
C GLU J 757 58.87 -50.85 36.14
N TYR J 758 60.17 -50.73 35.93
CA TYR J 758 60.92 -49.53 36.29
C TYR J 758 61.13 -48.68 35.04
N ILE J 759 60.88 -47.38 35.17
CA ILE J 759 60.84 -46.46 34.03
C ILE J 759 61.83 -45.33 34.28
N LYS J 760 62.91 -45.31 33.51
CA LYS J 760 63.73 -44.10 33.42
C LYS J 760 62.95 -43.06 32.63
N GLU J 761 62.54 -41.98 33.29
CA GLU J 761 61.71 -40.97 32.64
C GLU J 761 62.52 -40.18 31.63
N HIS J 762 62.48 -40.62 30.38
CA HIS J 762 63.07 -39.91 29.26
C HIS J 762 61.98 -39.12 28.56
N ASP J 763 62.39 -38.07 27.84
CA ASP J 763 61.41 -37.20 27.18
C ASP J 763 60.77 -37.84 25.95
N LEU J 764 61.22 -39.02 25.52
CA LEU J 764 60.57 -39.74 24.45
C LEU J 764 59.71 -40.90 24.94
N GLY J 765 60.12 -41.57 26.02
CA GLY J 765 59.38 -42.68 26.55
C GLY J 765 58.11 -42.23 27.27
N ASN J 766 57.38 -43.23 27.78
CA ASN J 766 56.11 -42.96 28.43
C ASN J 766 56.33 -42.41 29.84
N ALA J 767 55.22 -42.12 30.52
CA ALA J 767 55.29 -41.53 31.85
C ALA J 767 55.73 -42.56 32.88
N PHE J 768 56.49 -42.11 33.87
CA PHE J 768 57.06 -43.01 34.86
C PHE J 768 55.99 -43.47 35.85
N ALA J 769 56.19 -44.67 36.39
CA ALA J 769 55.27 -45.25 37.35
C ALA J 769 56.02 -46.14 38.32
PB ADP K . -40.86 0.64 -21.80
O1B ADP K . -40.88 2.06 -22.26
O2B ADP K . -39.91 0.38 -20.66
O3B ADP K . -40.80 -0.40 -22.89
PA ADP K . -42.49 -0.64 -19.96
O1A ADP K . -42.04 0.03 -18.70
O2A ADP K . -41.89 -1.95 -20.39
O3A ADP K . -42.31 0.41 -21.16
O5' ADP K . -44.08 -0.77 -19.91
C5' ADP K . -44.78 0.19 -19.13
C4' ADP K . -46.17 -0.33 -18.83
O4' ADP K . -46.75 -0.87 -20.01
C3' ADP K . -46.09 -1.46 -17.83
O3' ADP K . -46.68 -1.05 -16.60
C2' ADP K . -46.88 -2.60 -18.42
O2' ADP K . -47.93 -2.96 -17.52
C1' ADP K . -47.50 -2.03 -19.68
N9 ADP K . -47.44 -3.01 -20.78
C8 ADP K . -46.65 -2.90 -21.87
N7 ADP K . -46.85 -3.95 -22.70
C5 ADP K . -47.77 -4.74 -22.14
C6 ADP K . -48.44 -5.99 -22.51
N6 ADP K . -48.12 -6.62 -23.66
N1 ADP K . -49.36 -6.49 -21.66
C2 ADP K . -49.67 -5.87 -20.51
N3 ADP K . -49.11 -4.71 -20.12
C4 ADP K . -48.17 -4.11 -20.88
PB ADP L . 10.96 12.68 -33.89
O1B ADP L . 10.25 13.70 -34.73
O2B ADP L . 10.02 11.67 -33.26
O3B ADP L . 11.99 13.24 -32.95
PA ADP L . 12.97 10.86 -34.39
O1A ADP L . 14.18 11.71 -34.11
O2A ADP L . 12.41 9.99 -33.30
O3A ADP L . 11.80 11.81 -34.93
O5' ADP L . 13.33 9.90 -35.62
C5' ADP L . 14.15 8.78 -35.30
C4' ADP L . 14.53 7.99 -36.54
O4' ADP L . 15.29 8.81 -37.43
C3' ADP L . 15.43 6.84 -36.11
O3' ADP L . 14.89 5.62 -36.62
C2' ADP L . 16.77 7.11 -36.76
O2' ADP L . 17.21 5.92 -37.38
C1' ADP L . 16.48 8.15 -37.82
N9 ADP L . 17.56 9.14 -37.94
C8 ADP L . 17.39 10.46 -37.75
N7 ADP L . 18.53 11.14 -37.93
C5 ADP L . 19.47 10.24 -38.27
C6 ADP L . 20.90 10.32 -38.61
N6 ADP L . 21.55 11.50 -38.62
N1 ADP L . 21.54 9.17 -38.90
C2 ADP L . 20.89 7.99 -38.89
N3 ADP L . 19.58 7.86 -38.59
C4 ADP L . 18.83 8.93 -38.27
PB ADP M . -17.52 46.60 -1.75
O1B ADP M . -18.30 46.85 -3.02
O2B ADP M . -16.41 45.59 -1.92
O3B ADP M . -18.34 46.39 -0.51
PA ADP M . -15.66 48.11 -0.34
O1A ADP M . -16.28 47.76 0.99
O2A ADP M . -14.45 47.38 -0.84
O3A ADP M . -16.79 48.00 -1.47
O5' ADP M . -15.30 49.67 -0.33
C5' ADP M . -13.95 50.05 -0.59
C4' ADP M . -13.48 51.09 0.40
O4' ADP M . -14.44 52.13 0.53
C3' ADP M . -13.30 50.48 1.78
O3' ADP M . -11.91 50.51 2.10
C2' ADP M . -14.03 51.39 2.73
O2' ADP M . -13.10 51.84 3.71
C1' ADP M . -14.47 52.56 1.89
N9 ADP M . -15.84 52.97 2.23
C8 ADP M . -16.95 52.49 1.64
N7 ADP M . -18.06 53.07 2.17
C5 ADP M . -17.66 53.95 3.09
C6 ADP M . -18.31 54.89 4.00
N6 ADP M . -19.66 55.00 4.01
N1 ADP M . -17.54 55.63 4.81
C2 ADP M . -16.20 55.52 4.79
N3 ADP M . -15.54 54.69 3.99
C4 ADP M . -16.20 53.89 3.13
PB ADP N . -42.65 27.98 -3.81
O1B ADP N . -42.49 28.98 -4.92
O2B ADP N . -41.37 27.56 -3.15
O3B ADP N . -43.58 26.84 -4.12
PA ADP N . -43.62 28.19 -1.20
O1A ADP N . -42.30 28.31 -0.50
O2A ADP N . -44.32 26.85 -1.30
O3A ADP N . -43.44 28.80 -2.67
O5' ADP N . -44.62 29.26 -0.55
C5' ADP N . -44.13 30.57 -0.32
C4' ADP N . -44.59 31.09 1.03
O4' ADP N . -45.94 31.54 0.94
C3' ADP N . -44.53 29.98 2.05
O3' ADP N . -43.69 30.39 3.12
C2' ADP N . -45.95 29.81 2.56
O2' ADP N . -45.97 29.95 3.98
C1' ADP N . -46.76 30.92 1.94
N9 ADP N . -47.93 30.35 1.25
C8 ADP N . -48.08 30.31 -0.08
N7 ADP N . -49.25 29.73 -0.42
C5 ADP N . -49.87 29.39 0.72
C6 ADP N . -51.14 28.74 1.06
N6 ADP N . -52.00 28.34 0.10
N1 ADP N . -51.42 28.56 2.37
C2 ADP N . -50.57 28.97 3.34
N3 ADP N . -49.39 29.56 3.08
C4 ADP N . -48.99 29.81 1.82
PB ADP O . -13.90 -7.46 -36.65
O1B ADP O . -14.95 -6.46 -37.07
O2B ADP O . -13.68 -7.52 -35.16
O3B ADP O . -12.65 -7.43 -37.47
PA ADP O . -13.90 -10.21 -36.31
O1A ADP O . -14.47 -10.34 -34.92
O2A ADP O . -12.41 -10.18 -36.53
O3A ADP O . -14.52 -8.89 -36.98
O5' ADP O . -14.54 -11.35 -37.24
C5' ADP O . -15.95 -11.40 -37.41
C4' ADP O . -16.40 -12.84 -37.35
O4' ADP O . -16.08 -13.48 -38.58
C3' ADP O . -15.67 -13.57 -36.25
O3' ADP O . -16.60 -14.07 -35.31
C2' ADP O . -14.96 -14.72 -36.90
O2' ADP O . -15.42 -15.93 -36.29
C1' ADP O . -15.41 -14.71 -38.35
N9 ADP O . -14.24 -14.75 -39.24
C8 ADP O . -13.65 -13.69 -39.82
N7 ADP O . -12.61 -14.07 -40.59
C5 ADP O . -12.53 -15.40 -40.52
C6 ADP O . -11.65 -16.43 -41.09
N6 ADP O . -10.64 -16.09 -41.92
N1 ADP O . -11.90 -17.71 -40.77
C2 ADP O . -12.91 -18.05 -39.95
N3 ADP O . -13.74 -17.16 -39.38
C4 ADP O . -13.60 -15.85 -39.63
PB ADP P . 10.52 38.99 -16.86
O1B ADP P . 9.89 40.14 -16.13
O2B ADP P . 10.42 37.66 -16.16
O3B ADP P . 10.19 38.94 -18.33
PA ADP P . 12.95 39.14 -15.50
O1A ADP P . 12.30 39.90 -14.37
O2A ADP P . 13.19 37.67 -15.33
O3A ADP P . 12.08 39.35 -16.84
O5' ADP P . 14.33 39.81 -15.93
C5' ADP P . 15.07 39.18 -16.98
C4' ADP P . 16.55 39.12 -16.66
O4' ADP P . 17.17 40.40 -16.84
C3' ADP P . 16.77 38.72 -15.23
O3' ADP P . 17.49 37.49 -15.20
C2' ADP P . 17.63 39.79 -14.60
O2' ADP P . 18.81 39.19 -14.07
C1' ADP P . 18.01 40.72 -15.74
N9 ADP P . 17.75 42.12 -15.36
C8 ADP P . 16.55 42.72 -15.46
N7 ADP P . 16.62 44.00 -15.06
C5 ADP P . 17.88 44.25 -14.70
C6 ADP P . 18.62 45.40 -14.18
N6 ADP P . 18.00 46.58 -13.96
N1 ADP P . 19.94 45.24 -13.93
C2 ADP P . 20.56 44.07 -14.16
N3 ADP P . 19.94 42.98 -14.63
C4 ADP P . 18.63 42.99 -14.91
PG ATP Q . 53.82 -49.72 14.77
O1G ATP Q . 54.76 -48.60 15.10
O2G ATP Q . 54.39 -51.10 14.99
O3G ATP Q . 52.43 -49.54 15.31
PB ATP Q . 54.88 -49.89 12.20
O1B ATP Q . 55.97 -48.90 12.48
O2B ATP Q . 55.17 -51.37 12.20
O3B ATP Q . 53.64 -49.62 13.19
PA ATP Q . 55.05 -49.69 9.43
O1A ATP Q . 56.08 -48.60 9.34
O2A ATP Q . 55.49 -51.12 9.33
O3A ATP Q . 54.22 -49.51 10.79
O5' ATP Q . 53.90 -49.42 8.34
C5' ATP Q . 53.55 -50.42 7.39
C4' ATP Q . 52.35 -49.94 6.59
O4' ATP Q . 52.79 -48.99 5.62
C3' ATP Q . 51.67 -51.06 5.83
O3' ATP Q . 50.32 -51.17 6.30
C2' ATP Q . 51.60 -50.60 4.40
O2' ATP Q . 50.26 -50.70 3.93
C1' ATP Q . 52.02 -49.15 4.43
N9 ATP Q . 52.86 -48.83 3.26
C8 ATP Q . 54.12 -49.22 3.04
N7 ATP Q . 54.58 -48.74 1.85
C5 ATP Q . 53.58 -48.02 1.30
C6 ATP Q . 53.40 -47.25 0.06
N6 ATP Q . 54.39 -47.13 -0.86
N1 ATP Q . 52.20 -46.65 -0.13
C2 ATP Q . 51.21 -46.75 0.77
N3 ATP Q . 51.31 -47.44 1.91
C4 ATP Q . 52.45 -48.09 2.23
#